data_6ZYC
#
_entry.id   6ZYC
#
_entity_poly.entity_id   1
_entity_poly.type   'polypeptide(L)'
_entity_poly.pdbx_seq_one_letter_code
;GNGKYFSKVGSAGLKQLTNKLDINECATVDELVDEINKSGTVKRKIKNQSAFDLSRECLGYPEADFITLVNNMRFKIENC
KVVNFNIENTNCLNNPSIETIYRNFNQFVSIFNVVTDVKKRLFENASGNGSGGGLNDIFEAQKIEWHE
;
_entity_poly.pdbx_strand_id   A
#
# COMPACT_ATOMS: atom_id res chain seq x y z
N GLY A 1 -17.51 4.65 -4.18
CA GLY A 1 -17.12 5.26 -2.88
C GLY A 1 -16.18 6.43 -3.07
N ASN A 2 -16.54 7.58 -2.49
CA ASN A 2 -15.72 8.79 -2.62
C ASN A 2 -14.39 8.60 -1.91
N GLY A 3 -13.31 8.83 -2.64
CA GLY A 3 -11.98 8.67 -2.06
C GLY A 3 -11.67 9.74 -1.06
N LYS A 4 -11.94 9.41 0.18
CA LYS A 4 -11.68 10.27 1.31
C LYS A 4 -10.50 9.72 2.09
N TYR A 5 -10.73 8.56 2.68
CA TYR A 5 -9.68 7.79 3.32
C TYR A 5 -8.66 7.38 2.28
N PHE A 6 -9.15 6.75 1.23
CA PHE A 6 -8.34 6.46 0.05
C PHE A 6 -8.42 7.62 -0.95
N SER A 7 -7.85 7.42 -2.12
CA SER A 7 -7.90 8.42 -3.18
C SER A 7 -7.41 7.81 -4.48
N LYS A 8 -8.00 8.24 -5.59
CA LYS A 8 -7.64 7.76 -6.93
C LYS A 8 -7.97 6.26 -7.07
N VAL A 9 -8.97 5.81 -6.31
CA VAL A 9 -9.33 4.42 -6.30
C VAL A 9 -10.60 4.16 -7.11
N GLY A 10 -11.73 4.32 -6.46
CA GLY A 10 -13.00 4.03 -7.10
C GLY A 10 -13.14 2.56 -7.41
N SER A 11 -12.86 1.72 -6.40
CA SER A 11 -12.88 0.26 -6.52
C SER A 11 -11.70 -0.27 -7.34
N ALA A 12 -11.02 0.64 -8.04
CA ALA A 12 -9.91 0.27 -8.90
C ALA A 12 -8.72 -0.22 -8.08
N GLY A 13 -8.34 0.57 -7.09
CA GLY A 13 -7.25 0.19 -6.21
C GLY A 13 -7.60 -1.04 -5.39
N LEU A 14 -8.81 -1.06 -4.86
CA LEU A 14 -9.29 -2.14 -4.01
C LEU A 14 -9.22 -3.48 -4.72
N LYS A 15 -9.65 -3.48 -5.98
CA LYS A 15 -9.67 -4.68 -6.79
C LYS A 15 -8.29 -5.29 -6.93
N GLN A 16 -7.25 -4.47 -6.95
CA GLN A 16 -5.90 -4.98 -7.03
C GLN A 16 -5.50 -5.65 -5.70
N LEU A 17 -6.08 -5.17 -4.60
CA LEU A 17 -5.92 -5.85 -3.31
C LEU A 17 -6.64 -7.16 -3.33
N THR A 18 -7.92 -7.11 -3.68
CA THR A 18 -8.75 -8.28 -3.77
C THR A 18 -8.12 -9.32 -4.70
N ASN A 19 -7.35 -8.81 -5.66
CA ASN A 19 -6.58 -9.66 -6.56
C ASN A 19 -5.49 -10.43 -5.83
N LYS A 20 -4.62 -9.71 -5.13
CA LYS A 20 -3.48 -10.34 -4.45
C LYS A 20 -3.86 -10.97 -3.12
N LEU A 21 -4.98 -10.53 -2.55
CA LEU A 21 -5.45 -11.09 -1.28
C LEU A 21 -6.43 -12.22 -1.53
N ASP A 22 -6.82 -12.31 -2.80
CA ASP A 22 -7.73 -13.35 -3.29
C ASP A 22 -9.06 -13.31 -2.54
N ILE A 23 -9.44 -12.11 -2.13
CA ILE A 23 -10.72 -11.87 -1.50
C ILE A 23 -11.72 -11.42 -2.56
N ASN A 24 -12.93 -11.15 -2.15
CA ASN A 24 -13.96 -10.69 -3.07
C ASN A 24 -13.83 -9.21 -3.32
N GLU A 25 -14.44 -8.77 -4.41
CA GLU A 25 -14.35 -7.38 -4.81
C GLU A 25 -15.05 -6.47 -3.81
N CYS A 26 -14.44 -5.33 -3.55
CA CYS A 26 -14.86 -4.45 -2.47
C CYS A 26 -15.21 -3.06 -2.99
N ALA A 27 -16.02 -2.34 -2.23
CA ALA A 27 -16.48 -1.01 -2.63
C ALA A 27 -15.65 0.10 -2.01
N THR A 28 -15.21 -0.11 -0.77
CA THR A 28 -14.41 0.89 -0.08
C THR A 28 -13.27 0.23 0.69
N VAL A 29 -12.45 1.02 1.38
CA VAL A 29 -11.43 0.44 2.23
C VAL A 29 -12.09 -0.35 3.35
N ASP A 30 -13.26 0.11 3.78
CA ASP A 30 -14.03 -0.56 4.80
C ASP A 30 -14.48 -1.94 4.32
N GLU A 31 -14.94 -2.00 3.08
CA GLU A 31 -15.33 -3.27 2.48
C GLU A 31 -14.11 -4.13 2.16
N LEU A 32 -13.01 -3.48 1.82
CA LEU A 32 -11.77 -4.15 1.49
C LEU A 32 -11.20 -4.71 2.78
N VAL A 33 -11.40 -3.93 3.83
CA VAL A 33 -11.01 -4.31 5.15
C VAL A 33 -11.90 -5.42 5.67
N ASP A 34 -13.15 -5.37 5.24
CA ASP A 34 -14.16 -6.33 5.63
C ASP A 34 -13.71 -7.76 5.34
N GLU A 35 -13.22 -7.96 4.13
CA GLU A 35 -12.72 -9.26 3.73
C GLU A 35 -11.45 -9.61 4.48
N ILE A 36 -10.57 -8.64 4.59
CA ILE A 36 -9.30 -8.85 5.28
C ILE A 36 -9.50 -9.30 6.72
N ASN A 37 -10.25 -8.52 7.50
CA ASN A 37 -10.42 -8.84 8.92
C ASN A 37 -11.19 -10.12 9.11
N LYS A 38 -11.92 -10.52 8.08
CA LYS A 38 -12.69 -11.75 8.12
C LYS A 38 -11.80 -12.90 7.71
N SER A 39 -10.74 -12.59 6.97
CA SER A 39 -9.79 -13.59 6.55
C SER A 39 -8.45 -13.34 7.23
N GLY A 40 -8.22 -14.01 8.36
CA GLY A 40 -7.04 -13.79 9.14
C GLY A 40 -5.76 -14.14 8.39
N THR A 41 -5.89 -14.93 7.34
CA THR A 41 -4.76 -15.26 6.47
C THR A 41 -4.38 -14.04 5.65
N VAL A 42 -5.41 -13.36 5.21
CA VAL A 42 -5.28 -12.16 4.42
C VAL A 42 -4.84 -10.99 5.29
N LYS A 43 -5.46 -10.86 6.46
CA LYS A 43 -5.03 -9.91 7.46
C LYS A 43 -3.59 -10.18 7.83
N ARG A 44 -3.24 -11.45 7.82
CA ARG A 44 -1.90 -11.90 8.11
C ARG A 44 -0.92 -11.42 7.03
N LYS A 45 -1.37 -11.35 5.78
CA LYS A 45 -0.54 -10.82 4.73
C LYS A 45 -0.24 -9.35 5.02
N ILE A 46 -1.26 -8.63 5.45
CA ILE A 46 -1.12 -7.25 5.85
C ILE A 46 -0.13 -7.15 7.00
N LYS A 47 -0.33 -8.05 7.93
CA LYS A 47 0.39 -8.12 9.18
C LYS A 47 1.88 -8.33 8.97
N ASN A 48 2.19 -9.31 8.13
CA ASN A 48 3.57 -9.71 7.87
C ASN A 48 4.26 -8.73 6.93
N GLN A 49 3.51 -8.24 5.97
CA GLN A 49 4.08 -7.44 4.90
C GLN A 49 4.02 -5.96 5.22
N SER A 50 4.86 -5.20 4.55
CA SER A 50 4.86 -3.77 4.71
C SER A 50 4.01 -3.13 3.62
N ALA A 51 3.30 -2.06 3.94
CA ALA A 51 2.30 -1.50 3.04
C ALA A 51 2.86 -1.24 1.65
N PHE A 52 4.06 -0.71 1.60
CA PHE A 52 4.78 -0.41 0.36
C PHE A 52 4.91 -1.67 -0.49
N ASP A 53 5.22 -2.78 0.15
CA ASP A 53 5.35 -4.05 -0.54
C ASP A 53 3.98 -4.62 -0.87
N LEU A 54 3.06 -4.49 0.08
CA LEU A 54 1.67 -4.92 -0.06
C LEU A 54 1.03 -4.41 -1.35
N SER A 55 1.17 -3.12 -1.58
CA SER A 55 0.59 -2.48 -2.75
C SER A 55 1.40 -2.81 -3.98
N ARG A 56 2.72 -2.77 -3.83
CA ARG A 56 3.63 -3.15 -4.90
C ARG A 56 3.24 -4.50 -5.51
N GLU A 57 2.96 -5.47 -4.62
CA GLU A 57 2.56 -6.81 -5.04
C GLU A 57 1.32 -6.80 -5.93
N CYS A 58 0.42 -5.88 -5.65
CA CYS A 58 -0.86 -5.83 -6.33
C CYS A 58 -0.70 -5.45 -7.79
N LEU A 59 0.44 -4.90 -8.11
CA LEU A 59 0.77 -4.51 -9.47
C LEU A 59 1.62 -5.56 -10.16
N GLY A 60 2.06 -6.55 -9.39
CA GLY A 60 3.04 -7.48 -9.89
C GLY A 60 4.38 -6.79 -10.10
N TYR A 61 4.54 -5.67 -9.39
CA TYR A 61 5.74 -4.85 -9.48
C TYR A 61 6.98 -5.62 -9.05
N PRO A 62 7.97 -5.71 -9.93
CA PRO A 62 9.26 -6.29 -9.59
C PRO A 62 9.92 -5.50 -8.46
N GLU A 63 10.32 -6.22 -7.43
CA GLU A 63 10.72 -5.61 -6.16
C GLU A 63 11.94 -4.72 -6.32
N ALA A 64 12.89 -5.16 -7.11
CA ALA A 64 14.14 -4.45 -7.29
C ALA A 64 13.91 -3.15 -8.05
N ASP A 65 13.21 -3.29 -9.16
CA ASP A 65 12.97 -2.19 -10.07
C ASP A 65 12.08 -1.16 -9.39
N PHE A 66 11.20 -1.67 -8.54
CA PHE A 66 10.28 -0.83 -7.80
C PHE A 66 11.04 -0.01 -6.77
N ILE A 67 11.94 -0.69 -6.08
CA ILE A 67 12.79 -0.08 -5.09
C ILE A 67 13.75 0.91 -5.76
N THR A 68 14.20 0.56 -6.95
CA THR A 68 15.03 1.41 -7.75
C THR A 68 14.28 2.67 -8.15
N LEU A 69 13.06 2.51 -8.65
CA LEU A 69 12.25 3.66 -9.05
C LEU A 69 12.09 4.61 -7.88
N VAL A 70 11.61 4.08 -6.76
CA VAL A 70 11.35 4.87 -5.59
C VAL A 70 12.63 5.56 -5.10
N ASN A 71 13.77 4.94 -5.43
CA ASN A 71 15.07 5.47 -5.08
C ASN A 71 15.42 6.71 -5.90
N ASN A 72 14.76 6.87 -7.05
CA ASN A 72 15.03 8.01 -7.93
C ASN A 72 13.89 9.02 -7.87
N MET A 73 12.91 8.77 -7.03
CA MET A 73 11.76 9.64 -6.92
C MET A 73 11.72 10.39 -5.59
N ARG A 74 10.66 11.17 -5.44
CA ARG A 74 10.42 11.96 -4.25
C ARG A 74 8.92 12.00 -4.01
N PHE A 75 8.49 11.85 -2.78
CA PHE A 75 7.08 11.66 -2.50
C PHE A 75 6.54 12.71 -1.55
N LYS A 76 5.25 12.93 -1.64
CA LYS A 76 4.53 13.72 -0.67
C LYS A 76 3.58 12.80 0.07
N ILE A 77 3.90 12.50 1.31
CA ILE A 77 3.09 11.58 2.09
C ILE A 77 2.05 12.35 2.90
N GLU A 78 0.87 11.79 2.98
CA GLU A 78 -0.24 12.43 3.67
C GLU A 78 -0.94 11.39 4.53
N ASN A 79 -0.80 11.51 5.84
CA ASN A 79 -1.40 10.55 6.77
C ASN A 79 -0.92 9.13 6.43
N CYS A 80 0.40 9.02 6.23
CA CYS A 80 1.07 7.77 5.90
C CYS A 80 0.70 7.25 4.51
N LYS A 81 0.04 8.10 3.73
CA LYS A 81 -0.45 7.73 2.41
C LYS A 81 0.28 8.52 1.35
N VAL A 82 0.31 8.00 0.14
CA VAL A 82 0.90 8.73 -0.97
C VAL A 82 -0.13 9.65 -1.59
N VAL A 83 0.00 10.95 -1.37
CA VAL A 83 -0.94 11.91 -1.93
C VAL A 83 -0.36 12.46 -3.22
N ASN A 84 0.96 12.58 -3.23
CA ASN A 84 1.67 12.92 -4.45
C ASN A 84 2.96 12.11 -4.57
N PHE A 85 3.33 11.84 -5.80
CA PHE A 85 4.55 11.13 -6.12
C PHE A 85 5.18 11.78 -7.34
N ASN A 86 6.49 11.83 -7.40
CA ASN A 86 7.15 12.32 -8.60
C ASN A 86 8.56 11.83 -8.61
N ILE A 87 9.11 11.70 -9.78
CA ILE A 87 10.46 11.19 -9.92
C ILE A 87 11.45 12.34 -10.01
N GLU A 88 12.62 12.12 -9.44
CA GLU A 88 13.66 13.12 -9.44
C GLU A 88 14.63 12.84 -10.58
N ASN A 89 14.85 11.56 -10.85
CA ASN A 89 15.71 11.16 -11.96
C ASN A 89 15.03 10.11 -12.83
N THR A 90 14.75 10.49 -14.06
CA THR A 90 14.00 9.63 -14.96
C THR A 90 14.93 8.74 -15.79
N ASN A 91 16.19 9.10 -15.81
CA ASN A 91 17.19 8.35 -16.56
C ASN A 91 17.27 6.91 -16.07
N CYS A 92 17.16 6.74 -14.76
CA CYS A 92 17.19 5.42 -14.18
C CYS A 92 15.94 4.62 -14.51
N LEU A 93 14.81 5.29 -14.71
CA LEU A 93 13.58 4.57 -15.05
C LEU A 93 13.59 4.15 -16.50
N ASN A 94 14.55 4.65 -17.25
CA ASN A 94 14.67 4.34 -18.68
C ASN A 94 14.66 2.83 -18.95
N ASN A 95 14.98 2.03 -17.94
CA ASN A 95 14.88 0.58 -18.05
C ASN A 95 13.42 0.18 -18.15
N PRO A 96 13.00 -0.53 -19.23
CA PRO A 96 11.60 -0.85 -19.48
C PRO A 96 10.83 -1.24 -18.22
N SER A 97 11.48 -2.03 -17.38
CA SER A 97 10.93 -2.49 -16.15
C SER A 97 10.54 -1.32 -15.23
N ILE A 98 11.45 -0.37 -15.05
CA ILE A 98 11.18 0.79 -14.21
C ILE A 98 10.06 1.64 -14.82
N GLU A 99 10.13 1.85 -16.14
CA GLU A 99 9.14 2.65 -16.85
C GLU A 99 7.77 2.03 -16.67
N THR A 100 7.75 0.71 -16.68
CA THR A 100 6.56 -0.07 -16.46
C THR A 100 5.92 0.28 -15.12
N ILE A 101 6.75 0.29 -14.10
CA ILE A 101 6.31 0.60 -12.77
C ILE A 101 5.92 2.06 -12.65
N TYR A 102 6.70 2.92 -13.29
CA TYR A 102 6.52 4.35 -13.17
C TYR A 102 5.25 4.83 -13.88
N ARG A 103 5.03 4.31 -15.07
CA ARG A 103 3.89 4.71 -15.89
C ARG A 103 2.58 4.34 -15.20
N ASN A 104 2.58 3.21 -14.54
CA ASN A 104 1.38 2.71 -13.88
C ASN A 104 1.46 2.94 -12.39
N PHE A 105 2.40 3.78 -12.00
CA PHE A 105 2.67 4.04 -10.59
C PHE A 105 1.44 4.60 -9.88
N ASN A 106 0.60 5.30 -10.63
CA ASN A 106 -0.65 5.82 -10.08
C ASN A 106 -1.50 4.70 -9.48
N GLN A 107 -1.36 3.49 -10.03
CA GLN A 107 -2.04 2.32 -9.50
C GLN A 107 -1.51 2.03 -8.10
N PHE A 108 -0.19 1.98 -7.98
CA PHE A 108 0.45 1.64 -6.72
C PHE A 108 0.07 2.62 -5.62
N VAL A 109 0.10 3.91 -5.91
CA VAL A 109 -0.23 4.89 -4.87
C VAL A 109 -1.68 4.72 -4.44
N SER A 110 -2.56 4.42 -5.39
CA SER A 110 -3.97 4.16 -5.10
C SER A 110 -4.08 2.98 -4.16
N ILE A 111 -3.47 1.90 -4.57
CA ILE A 111 -3.44 0.66 -3.82
C ILE A 111 -2.78 0.86 -2.46
N PHE A 112 -1.71 1.63 -2.46
CA PHE A 112 -0.95 1.91 -1.25
C PHE A 112 -1.81 2.68 -0.26
N ASN A 113 -2.53 3.66 -0.76
CA ASN A 113 -3.45 4.44 0.06
C ASN A 113 -4.51 3.54 0.68
N VAL A 114 -4.95 2.56 -0.09
CA VAL A 114 -5.87 1.54 0.38
C VAL A 114 -5.23 0.71 1.49
N VAL A 115 -4.07 0.14 1.16
CA VAL A 115 -3.33 -0.72 2.07
C VAL A 115 -3.05 -0.02 3.39
N THR A 116 -2.61 1.21 3.26
CA THR A 116 -2.33 2.05 4.40
C THR A 116 -3.57 2.24 5.26
N ASP A 117 -4.73 2.36 4.63
CA ASP A 117 -5.96 2.54 5.36
C ASP A 117 -6.33 1.26 6.07
N VAL A 118 -6.06 0.13 5.41
CA VAL A 118 -6.30 -1.18 6.00
C VAL A 118 -5.55 -1.34 7.30
N LYS A 119 -4.24 -1.13 7.27
CA LYS A 119 -3.42 -1.32 8.46
C LYS A 119 -3.81 -0.32 9.54
N LYS A 120 -4.21 0.87 9.14
CA LYS A 120 -4.68 1.89 10.06
C LYS A 120 -5.99 1.50 10.73
N ARG A 121 -6.81 0.72 10.04
CA ARG A 121 -8.10 0.30 10.57
C ARG A 121 -7.99 -0.93 11.47
N LEU A 122 -7.09 -1.83 11.14
CA LEU A 122 -7.04 -3.12 11.83
C LEU A 122 -5.95 -3.15 12.90
N PHE A 123 -4.74 -2.85 12.47
CA PHE A 123 -3.55 -3.12 13.27
C PHE A 123 -3.11 -1.94 14.13
N GLU A 124 -3.62 -0.77 13.84
CA GLU A 124 -3.12 0.45 14.44
C GLU A 124 -3.67 0.66 15.85
N ASN A 125 -4.85 1.24 15.96
CA ASN A 125 -5.41 1.59 17.25
C ASN A 125 -6.54 0.66 17.65
N ALA A 126 -6.99 -0.16 16.72
CA ALA A 126 -8.07 -1.10 16.97
C ALA A 126 -7.54 -2.33 17.67
N SER A 127 -7.44 -2.23 19.00
CA SER A 127 -6.77 -3.24 19.81
C SER A 127 -5.45 -3.67 19.14
N GLY A 128 -4.57 -2.70 18.99
CA GLY A 128 -3.38 -2.88 18.17
C GLY A 128 -2.29 -3.72 18.82
N ASN A 129 -2.68 -4.56 19.77
CA ASN A 129 -1.74 -5.50 20.37
C ASN A 129 -1.82 -6.82 19.63
N GLY A 130 -2.74 -6.89 18.66
CA GLY A 130 -2.89 -8.07 17.86
C GLY A 130 -4.21 -8.09 17.10
N SER A 131 -4.62 -6.90 16.64
CA SER A 131 -5.89 -6.73 15.93
C SER A 131 -7.07 -7.14 16.81
N GLY A 132 -8.26 -7.18 16.22
CA GLY A 132 -9.43 -7.64 16.94
C GLY A 132 -9.34 -9.12 17.26
N GLY A 133 -9.29 -9.94 16.23
CA GLY A 133 -9.16 -11.37 16.41
C GLY A 133 -8.30 -12.00 15.34
N GLY A 134 -7.84 -13.22 15.60
CA GLY A 134 -7.01 -13.91 14.63
C GLY A 134 -7.21 -15.40 14.70
N LEU A 135 -8.43 -15.82 15.04
CA LEU A 135 -8.74 -17.23 15.21
C LEU A 135 -8.60 -17.99 13.90
N ASN A 136 -9.22 -17.49 12.85
CA ASN A 136 -9.30 -18.19 11.58
C ASN A 136 -8.00 -18.11 10.80
N ASP A 137 -6.91 -17.93 11.52
CA ASP A 137 -5.57 -17.98 10.95
C ASP A 137 -5.19 -19.40 10.66
N ILE A 138 -5.42 -20.25 11.63
CA ILE A 138 -5.14 -21.67 11.48
C ILE A 138 -6.25 -22.35 10.70
N PHE A 139 -7.38 -21.65 10.57
CA PHE A 139 -8.53 -22.17 9.86
C PHE A 139 -8.53 -21.65 8.43
N GLU A 140 -7.33 -21.45 7.90
CA GLU A 140 -7.14 -21.07 6.51
C GLU A 140 -7.73 -22.11 5.57
N ALA A 141 -8.31 -21.67 4.48
CA ALA A 141 -8.94 -22.58 3.53
C ALA A 141 -7.94 -23.02 2.47
N GLN A 142 -7.65 -24.32 2.47
CA GLN A 142 -6.79 -24.90 1.49
C GLN A 142 -7.66 -25.51 0.39
N LYS A 143 -8.14 -24.65 -0.50
CA LYS A 143 -8.95 -25.09 -1.62
C LYS A 143 -8.07 -25.69 -2.70
N ILE A 144 -8.20 -26.99 -2.87
CA ILE A 144 -7.49 -27.70 -3.91
C ILE A 144 -7.97 -27.22 -5.27
N GLU A 145 -7.01 -27.03 -6.18
CA GLU A 145 -7.28 -26.47 -7.51
C GLU A 145 -8.05 -25.17 -7.41
N TRP A 146 -7.63 -24.37 -6.45
CA TRP A 146 -8.08 -23.01 -6.27
C TRP A 146 -7.94 -22.22 -7.56
N HIS A 147 -6.74 -22.24 -8.13
CA HIS A 147 -6.43 -21.45 -9.31
C HIS A 147 -6.96 -22.13 -10.57
N GLU A 148 -7.42 -21.32 -11.52
CA GLU A 148 -7.94 -21.83 -12.77
C GLU A 148 -6.85 -21.83 -13.84
N GLY A 1 -8.15 13.10 -5.17
CA GLY A 1 -9.21 12.91 -6.18
C GLY A 1 -9.71 11.47 -6.19
N ASN A 2 -11.03 11.30 -6.31
CA ASN A 2 -11.64 9.96 -6.33
C ASN A 2 -11.27 9.19 -5.07
N GLY A 3 -11.70 9.72 -3.94
CA GLY A 3 -11.35 9.13 -2.66
C GLY A 3 -11.12 10.19 -1.60
N LYS A 4 -11.55 9.89 -0.39
CA LYS A 4 -11.39 10.80 0.74
C LYS A 4 -10.13 10.45 1.53
N TYR A 5 -10.18 9.29 2.16
CA TYR A 5 -9.06 8.75 2.92
C TYR A 5 -7.97 8.25 1.98
N PHE A 6 -8.41 7.85 0.80
CA PHE A 6 -7.53 7.45 -0.27
C PHE A 6 -7.64 8.42 -1.44
N SER A 7 -7.03 8.08 -2.56
CA SER A 7 -7.09 8.90 -3.75
C SER A 7 -6.68 8.07 -4.97
N LYS A 8 -7.30 8.37 -6.11
CA LYS A 8 -7.05 7.66 -7.36
C LYS A 8 -7.61 6.23 -7.30
N VAL A 9 -8.49 5.97 -6.33
CA VAL A 9 -9.00 4.62 -6.13
C VAL A 9 -10.32 4.42 -6.87
N GLY A 10 -11.42 4.62 -6.17
CA GLY A 10 -12.72 4.35 -6.74
C GLY A 10 -12.91 2.89 -7.05
N SER A 11 -12.64 2.04 -6.05
CA SER A 11 -12.73 0.58 -6.18
C SER A 11 -11.55 0.02 -6.97
N ALA A 12 -10.84 0.88 -7.66
CA ALA A 12 -9.71 0.47 -8.50
C ALA A 12 -8.56 -0.04 -7.65
N GLY A 13 -8.18 0.74 -6.66
CA GLY A 13 -7.11 0.33 -5.76
C GLY A 13 -7.51 -0.90 -4.96
N LEU A 14 -8.74 -0.87 -4.46
CA LEU A 14 -9.27 -1.95 -3.64
C LEU A 14 -9.25 -3.27 -4.40
N LYS A 15 -9.72 -3.23 -5.64
CA LYS A 15 -9.78 -4.40 -6.50
C LYS A 15 -8.40 -5.05 -6.69
N GLN A 16 -7.35 -4.25 -6.67
CA GLN A 16 -6.02 -4.79 -6.82
C GLN A 16 -5.59 -5.53 -5.57
N LEU A 17 -6.12 -5.12 -4.42
CA LEU A 17 -5.94 -5.87 -3.19
C LEU A 17 -6.73 -7.15 -3.26
N THR A 18 -7.99 -7.03 -3.64
CA THR A 18 -8.86 -8.18 -3.78
C THR A 18 -8.25 -9.18 -4.75
N ASN A 19 -7.50 -8.64 -5.69
CA ASN A 19 -6.75 -9.45 -6.64
C ASN A 19 -5.68 -10.30 -5.97
N LYS A 20 -4.78 -9.66 -5.22
CA LYS A 20 -3.67 -10.36 -4.60
C LYS A 20 -4.08 -11.10 -3.32
N LEU A 21 -5.07 -10.57 -2.61
CA LEU A 21 -5.54 -11.19 -1.37
C LEU A 21 -6.53 -12.29 -1.69
N ASP A 22 -6.99 -12.27 -2.93
CA ASP A 22 -7.92 -13.26 -3.47
C ASP A 22 -9.28 -13.18 -2.77
N ILE A 23 -9.61 -11.99 -2.31
CA ILE A 23 -10.91 -11.70 -1.75
C ILE A 23 -11.83 -11.16 -2.84
N ASN A 24 -13.04 -10.83 -2.48
CA ASN A 24 -14.01 -10.35 -3.46
C ASN A 24 -13.93 -8.83 -3.54
N GLU A 25 -14.55 -8.28 -4.57
CA GLU A 25 -14.46 -6.85 -4.85
C GLU A 25 -15.04 -6.02 -3.72
N CYS A 26 -14.48 -4.84 -3.53
CA CYS A 26 -14.82 -4.00 -2.40
C CYS A 26 -15.08 -2.57 -2.83
N ALA A 27 -15.99 -1.90 -2.12
CA ALA A 27 -16.40 -0.55 -2.47
C ALA A 27 -15.55 0.53 -1.79
N THR A 28 -15.12 0.25 -0.57
CA THR A 28 -14.32 1.18 0.19
C THR A 28 -13.20 0.45 0.91
N VAL A 29 -12.34 1.17 1.62
CA VAL A 29 -11.31 0.53 2.43
C VAL A 29 -11.97 -0.27 3.54
N ASP A 30 -13.09 0.24 4.04
CA ASP A 30 -13.90 -0.46 5.03
C ASP A 30 -14.38 -1.80 4.47
N GLU A 31 -14.85 -1.80 3.23
CA GLU A 31 -15.28 -3.05 2.58
C GLU A 31 -14.09 -3.94 2.23
N LEU A 32 -12.97 -3.31 1.92
CA LEU A 32 -11.77 -4.04 1.56
C LEU A 32 -11.20 -4.65 2.82
N VAL A 33 -11.35 -3.91 3.89
CA VAL A 33 -10.96 -4.35 5.20
C VAL A 33 -11.90 -5.43 5.69
N ASP A 34 -13.14 -5.30 5.27
CA ASP A 34 -14.21 -6.21 5.64
C ASP A 34 -13.85 -7.65 5.33
N GLU A 35 -13.35 -7.88 4.13
CA GLU A 35 -12.90 -9.20 3.73
C GLU A 35 -11.65 -9.60 4.49
N ILE A 36 -10.70 -8.69 4.54
CA ILE A 36 -9.42 -8.96 5.20
C ILE A 36 -9.61 -9.37 6.66
N ASN A 37 -10.32 -8.57 7.44
CA ASN A 37 -10.45 -8.86 8.86
C ASN A 37 -11.29 -10.11 9.08
N LYS A 38 -12.03 -10.51 8.07
CA LYS A 38 -12.83 -11.71 8.14
C LYS A 38 -11.98 -12.90 7.72
N SER A 39 -10.90 -12.62 7.00
CA SER A 39 -9.99 -13.65 6.59
C SER A 39 -8.64 -13.44 7.27
N GLY A 40 -8.45 -14.11 8.39
CA GLY A 40 -7.24 -13.90 9.18
C GLY A 40 -5.98 -14.28 8.45
N THR A 41 -6.11 -15.07 7.39
CA THR A 41 -4.98 -15.42 6.54
C THR A 41 -4.59 -14.21 5.71
N VAL A 42 -5.60 -13.53 5.23
CA VAL A 42 -5.44 -12.35 4.43
C VAL A 42 -4.98 -11.18 5.29
N LYS A 43 -5.62 -11.03 6.44
CA LYS A 43 -5.22 -10.06 7.44
C LYS A 43 -3.77 -10.32 7.85
N ARG A 44 -3.43 -11.59 7.87
CA ARG A 44 -2.08 -12.02 8.20
C ARG A 44 -1.09 -11.58 7.13
N LYS A 45 -1.50 -11.57 5.88
CA LYS A 45 -0.64 -11.11 4.82
C LYS A 45 -0.35 -9.63 5.03
N ILE A 46 -1.38 -8.90 5.41
CA ILE A 46 -1.24 -7.49 5.76
C ILE A 46 -0.30 -7.34 6.92
N LYS A 47 -0.54 -8.16 7.91
CA LYS A 47 0.13 -8.09 9.19
C LYS A 47 1.63 -8.30 9.06
N ASN A 48 2.00 -9.28 8.27
CA ASN A 48 3.39 -9.70 8.17
C ASN A 48 4.12 -8.93 7.06
N GLN A 49 3.37 -8.48 6.07
CA GLN A 49 3.97 -7.81 4.92
C GLN A 49 3.97 -6.30 5.12
N SER A 50 4.90 -5.66 4.46
CA SER A 50 5.01 -4.20 4.51
C SER A 50 4.04 -3.62 3.49
N ALA A 51 3.50 -2.44 3.77
CA ALA A 51 2.50 -1.84 2.90
C ALA A 51 3.06 -1.54 1.52
N PHE A 52 4.31 -1.11 1.50
CA PHE A 52 5.06 -0.85 0.26
C PHE A 52 5.14 -2.14 -0.55
N ASP A 53 5.39 -3.23 0.15
CA ASP A 53 5.45 -4.56 -0.45
C ASP A 53 4.06 -5.02 -0.90
N LEU A 54 3.09 -4.89 0.02
CA LEU A 54 1.68 -5.23 -0.21
C LEU A 54 1.14 -4.63 -1.51
N SER A 55 1.31 -3.33 -1.66
CA SER A 55 0.79 -2.62 -2.81
C SER A 55 1.56 -3.00 -4.05
N ARG A 56 2.87 -3.04 -3.91
CA ARG A 56 3.77 -3.44 -4.97
C ARG A 56 3.33 -4.79 -5.57
N GLU A 57 3.03 -5.75 -4.70
CA GLU A 57 2.57 -7.07 -5.11
C GLU A 57 1.32 -7.01 -5.99
N CYS A 58 0.44 -6.07 -5.68
CA CYS A 58 -0.84 -5.97 -6.37
C CYS A 58 -0.63 -5.61 -7.84
N LEU A 59 0.52 -5.03 -8.12
CA LEU A 59 0.88 -4.65 -9.48
C LEU A 59 1.75 -5.69 -10.14
N GLY A 60 2.13 -6.72 -9.38
CA GLY A 60 3.10 -7.67 -9.86
C GLY A 60 4.47 -7.02 -9.99
N TYR A 61 4.67 -5.95 -9.23
CA TYR A 61 5.90 -5.17 -9.28
C TYR A 61 7.09 -5.96 -8.79
N PRO A 62 8.15 -6.01 -9.59
CA PRO A 62 9.43 -6.58 -9.17
C PRO A 62 10.15 -5.64 -8.20
N GLU A 63 10.59 -6.19 -7.08
CA GLU A 63 11.09 -5.40 -5.96
C GLU A 63 12.29 -4.55 -6.31
N ALA A 64 13.15 -5.06 -7.17
CA ALA A 64 14.43 -4.42 -7.46
C ALA A 64 14.22 -3.12 -8.21
N ASP A 65 13.50 -3.21 -9.31
CA ASP A 65 13.26 -2.08 -10.16
C ASP A 65 12.27 -1.13 -9.52
N PHE A 66 11.40 -1.71 -8.71
CA PHE A 66 10.43 -0.92 -7.96
C PHE A 66 11.14 -0.07 -6.92
N ILE A 67 12.08 -0.68 -6.23
CA ILE A 67 12.88 -0.03 -5.22
C ILE A 67 13.77 1.02 -5.88
N THR A 68 14.26 0.69 -7.07
CA THR A 68 15.05 1.60 -7.86
C THR A 68 14.25 2.83 -8.23
N LEU A 69 13.03 2.63 -8.71
CA LEU A 69 12.19 3.76 -9.09
C LEU A 69 12.02 4.70 -7.92
N VAL A 70 11.54 4.15 -6.80
CA VAL A 70 11.23 4.93 -5.62
C VAL A 70 12.49 5.65 -5.13
N ASN A 71 13.64 5.08 -5.46
CA ASN A 71 14.93 5.61 -5.04
C ASN A 71 15.22 6.94 -5.74
N ASN A 72 14.63 7.15 -6.90
CA ASN A 72 14.92 8.35 -7.70
C ASN A 72 13.72 9.28 -7.76
N MET A 73 12.73 9.04 -6.93
CA MET A 73 11.54 9.84 -6.93
C MET A 73 11.42 10.66 -5.66
N ARG A 74 10.34 11.41 -5.59
CA ARG A 74 10.00 12.22 -4.44
C ARG A 74 8.51 12.08 -4.19
N PHE A 75 8.12 11.99 -2.94
CA PHE A 75 6.73 11.76 -2.61
C PHE A 75 6.20 12.81 -1.67
N LYS A 76 4.93 13.12 -1.81
CA LYS A 76 4.25 13.94 -0.85
C LYS A 76 3.33 13.06 -0.05
N ILE A 77 3.71 12.81 1.19
CA ILE A 77 2.93 11.93 2.04
C ILE A 77 1.92 12.75 2.84
N GLU A 78 0.73 12.23 2.95
CA GLU A 78 -0.35 12.94 3.59
C GLU A 78 -1.23 11.94 4.35
N ASN A 79 -1.22 12.05 5.67
CA ASN A 79 -1.96 11.13 6.52
C ASN A 79 -1.50 9.69 6.26
N CYS A 80 -0.18 9.53 6.18
CA CYS A 80 0.47 8.24 5.93
C CYS A 80 0.14 7.69 4.54
N LYS A 81 -0.38 8.54 3.66
CA LYS A 81 -0.72 8.13 2.31
C LYS A 81 0.12 8.91 1.31
N VAL A 82 0.34 8.35 0.14
CA VAL A 82 0.95 9.11 -0.93
C VAL A 82 -0.13 9.85 -1.72
N VAL A 83 -0.19 11.15 -1.54
CA VAL A 83 -1.19 11.96 -2.20
C VAL A 83 -0.61 12.50 -3.49
N ASN A 84 0.70 12.63 -3.50
CA ASN A 84 1.43 12.96 -4.71
C ASN A 84 2.74 12.19 -4.79
N PHE A 85 3.07 11.75 -5.99
CA PHE A 85 4.32 11.07 -6.28
C PHE A 85 4.92 11.71 -7.52
N ASN A 86 6.23 11.80 -7.58
CA ASN A 86 6.90 12.29 -8.78
C ASN A 86 8.32 11.83 -8.77
N ILE A 87 8.90 11.70 -9.93
CA ILE A 87 10.26 11.25 -10.04
C ILE A 87 11.21 12.42 -10.15
N GLU A 88 12.37 12.27 -9.55
CA GLU A 88 13.38 13.31 -9.55
C GLU A 88 14.41 13.01 -10.60
N ASN A 89 14.68 11.73 -10.80
CA ASN A 89 15.61 11.31 -11.84
C ASN A 89 15.00 10.20 -12.69
N THR A 90 14.68 10.55 -13.92
CA THR A 90 14.00 9.63 -14.81
C THR A 90 14.99 8.73 -15.55
N ASN A 91 16.25 9.09 -15.49
CA ASN A 91 17.30 8.33 -16.17
C ASN A 91 17.37 6.91 -15.65
N CYS A 92 17.12 6.75 -14.36
CA CYS A 92 17.15 5.43 -13.76
C CYS A 92 15.89 4.63 -14.10
N LEU A 93 14.84 5.31 -14.53
CA LEU A 93 13.64 4.60 -14.95
C LEU A 93 13.70 4.27 -16.42
N ASN A 94 14.71 4.80 -17.08
CA ASN A 94 14.91 4.54 -18.52
C ASN A 94 14.93 3.04 -18.84
N ASN A 95 15.22 2.23 -17.83
CA ASN A 95 15.09 0.79 -17.97
C ASN A 95 13.61 0.43 -18.08
N PRO A 96 13.23 -0.28 -19.17
CA PRO A 96 11.84 -0.68 -19.45
C PRO A 96 11.10 -1.21 -18.24
N SER A 97 11.82 -1.88 -17.34
CA SER A 97 11.23 -2.42 -16.15
C SER A 97 10.73 -1.29 -15.24
N ILE A 98 11.56 -0.27 -15.07
CA ILE A 98 11.22 0.85 -14.20
C ILE A 98 10.08 1.66 -14.79
N GLU A 99 10.14 1.90 -16.10
CA GLU A 99 9.12 2.67 -16.80
C GLU A 99 7.77 2.01 -16.62
N THR A 100 7.81 0.68 -16.68
CA THR A 100 6.65 -0.14 -16.46
C THR A 100 6.00 0.15 -15.12
N ILE A 101 6.83 0.17 -14.10
CA ILE A 101 6.40 0.44 -12.75
C ILE A 101 5.97 1.89 -12.60
N TYR A 102 6.71 2.79 -13.25
CA TYR A 102 6.49 4.21 -13.12
C TYR A 102 5.22 4.64 -13.85
N ARG A 103 5.01 4.12 -15.04
CA ARG A 103 3.84 4.46 -15.85
C ARG A 103 2.56 3.98 -15.18
N ASN A 104 2.68 2.87 -14.47
CA ASN A 104 1.53 2.28 -13.80
C ASN A 104 1.57 2.62 -12.33
N PHE A 105 2.45 3.54 -11.97
CA PHE A 105 2.69 3.86 -10.57
C PHE A 105 1.45 4.45 -9.91
N ASN A 106 0.62 5.13 -10.70
CA ASN A 106 -0.64 5.67 -10.19
C ASN A 106 -1.47 4.57 -9.54
N GLN A 107 -1.32 3.35 -10.05
CA GLN A 107 -1.97 2.19 -9.47
C GLN A 107 -1.42 1.89 -8.09
N PHE A 108 -0.09 1.86 -7.98
CA PHE A 108 0.55 1.52 -6.71
C PHE A 108 0.22 2.52 -5.62
N VAL A 109 0.27 3.81 -5.92
CA VAL A 109 -0.04 4.81 -4.90
C VAL A 109 -1.50 4.68 -4.48
N SER A 110 -2.38 4.34 -5.43
CA SER A 110 -3.79 4.12 -5.15
C SER A 110 -3.93 2.95 -4.18
N ILE A 111 -3.35 1.84 -4.60
CA ILE A 111 -3.31 0.61 -3.81
C ILE A 111 -2.67 0.84 -2.46
N PHE A 112 -1.59 1.61 -2.46
CA PHE A 112 -0.86 1.91 -1.25
C PHE A 112 -1.72 2.72 -0.29
N ASN A 113 -2.47 3.66 -0.86
CA ASN A 113 -3.42 4.46 -0.08
C ASN A 113 -4.41 3.56 0.63
N VAL A 114 -4.77 2.48 -0.06
CA VAL A 114 -5.69 1.48 0.47
C VAL A 114 -5.02 0.63 1.55
N VAL A 115 -3.89 0.05 1.19
CA VAL A 115 -3.16 -0.86 2.06
C VAL A 115 -2.85 -0.22 3.40
N THR A 116 -2.38 1.01 3.32
CA THR A 116 -2.09 1.78 4.50
C THR A 116 -3.34 2.01 5.33
N ASP A 117 -4.47 2.26 4.66
CA ASP A 117 -5.72 2.50 5.36
C ASP A 117 -6.15 1.22 6.04
N VAL A 118 -5.90 0.10 5.38
CA VAL A 118 -6.20 -1.21 5.94
C VAL A 118 -5.51 -1.37 7.27
N LYS A 119 -4.20 -1.16 7.29
CA LYS A 119 -3.46 -1.32 8.51
C LYS A 119 -3.94 -0.35 9.57
N LYS A 120 -4.13 0.91 9.20
CA LYS A 120 -4.62 1.92 10.11
C LYS A 120 -5.91 1.48 10.83
N ARG A 121 -6.70 0.65 10.16
CA ARG A 121 -7.96 0.18 10.73
C ARG A 121 -7.79 -1.12 11.51
N LEU A 122 -6.80 -1.94 11.12
CA LEU A 122 -6.59 -3.24 11.77
C LEU A 122 -5.47 -3.17 12.79
N PHE A 123 -4.28 -2.83 12.32
CA PHE A 123 -3.05 -2.89 13.11
C PHE A 123 -2.64 -1.49 13.53
N GLU A 124 -2.26 -0.69 12.53
CA GLU A 124 -1.75 0.66 12.71
C GLU A 124 -0.46 0.69 13.51
N ASN A 125 0.27 1.81 13.37
CA ASN A 125 1.56 2.04 14.01
C ASN A 125 2.51 0.86 13.82
N ALA A 126 2.34 0.13 12.74
CA ALA A 126 3.22 -0.97 12.40
C ALA A 126 4.30 -0.48 11.46
N SER A 127 5.48 -0.19 12.02
CA SER A 127 6.59 0.42 11.29
C SER A 127 6.11 1.64 10.51
N GLY A 128 5.32 2.47 11.17
CA GLY A 128 4.74 3.62 10.51
C GLY A 128 4.83 4.88 11.34
N ASN A 129 5.66 4.84 12.38
CA ASN A 129 5.89 6.03 13.20
C ASN A 129 6.80 7.00 12.46
N GLY A 130 7.40 6.50 11.38
CA GLY A 130 8.23 7.33 10.54
C GLY A 130 7.57 7.60 9.21
N SER A 131 6.36 7.08 9.06
CA SER A 131 5.59 7.26 7.85
C SER A 131 4.70 8.50 7.98
N GLY A 132 5.33 9.66 8.03
CA GLY A 132 4.60 10.89 8.19
C GLY A 132 5.08 11.68 9.39
N GLY A 133 5.30 12.98 9.19
CA GLY A 133 5.75 13.82 10.26
C GLY A 133 6.87 14.74 9.82
N GLY A 134 6.63 16.04 9.90
CA GLY A 134 7.60 17.01 9.46
C GLY A 134 7.35 17.43 8.04
N LEU A 135 7.19 18.73 7.82
CA LEU A 135 6.94 19.26 6.51
C LEU A 135 8.20 19.21 5.65
N ASN A 136 8.90 20.34 5.57
CA ASN A 136 10.08 20.48 4.71
C ASN A 136 9.88 19.90 3.32
N ASP A 137 8.63 19.80 2.91
CA ASP A 137 8.26 19.21 1.62
C ASP A 137 8.89 19.95 0.47
N ILE A 138 8.66 21.25 0.45
CA ILE A 138 9.18 22.09 -0.60
C ILE A 138 10.60 22.53 -0.30
N PHE A 139 11.10 22.09 0.84
CA PHE A 139 12.37 22.57 1.37
C PHE A 139 13.50 21.58 1.10
N GLU A 140 13.13 20.36 0.76
CA GLU A 140 14.12 19.31 0.50
C GLU A 140 14.74 19.47 -0.88
N ALA A 141 16.07 19.56 -0.90
CA ALA A 141 16.85 19.70 -2.13
C ALA A 141 16.48 20.96 -2.90
N GLN A 142 17.41 21.91 -2.92
CA GLN A 142 17.20 23.17 -3.61
C GLN A 142 17.30 23.00 -5.11
N LYS A 143 16.28 22.38 -5.69
CA LYS A 143 16.22 22.19 -7.12
C LYS A 143 15.92 23.52 -7.81
N ILE A 144 16.75 23.84 -8.78
CA ILE A 144 16.62 25.08 -9.51
C ILE A 144 15.82 24.85 -10.78
N GLU A 145 14.83 25.69 -10.99
CA GLU A 145 13.92 25.53 -12.12
C GLU A 145 14.23 26.53 -13.21
N TRP A 146 15.50 26.87 -13.29
CA TRP A 146 16.02 27.84 -14.25
C TRP A 146 15.46 29.25 -14.01
N HIS A 147 16.35 30.23 -14.08
CA HIS A 147 15.96 31.63 -14.03
C HIS A 147 17.07 32.51 -14.59
N GLU A 148 16.68 33.52 -15.37
CA GLU A 148 17.64 34.42 -15.98
C GLU A 148 17.87 35.63 -15.09
N GLY A 1 -11.30 8.49 -11.39
CA GLY A 1 -10.68 8.60 -10.04
C GLY A 1 -11.72 8.81 -8.97
N ASN A 2 -11.37 8.42 -7.75
CA ASN A 2 -12.28 8.59 -6.61
C ASN A 2 -11.51 8.38 -5.31
N GLY A 3 -11.75 9.26 -4.35
CA GLY A 3 -11.12 9.17 -3.06
C GLY A 3 -11.14 10.47 -2.30
N LYS A 4 -11.82 10.42 -1.18
CA LYS A 4 -11.94 11.55 -0.28
C LYS A 4 -10.86 11.49 0.78
N TYR A 5 -10.13 10.40 0.76
CA TYR A 5 -9.10 10.11 1.74
C TYR A 5 -8.00 9.30 1.07
N PHE A 6 -8.39 8.18 0.50
CA PHE A 6 -7.58 7.54 -0.53
C PHE A 6 -7.71 8.37 -1.80
N SER A 7 -7.04 7.96 -2.87
CA SER A 7 -7.11 8.73 -4.10
C SER A 7 -6.67 7.88 -5.28
N LYS A 8 -7.20 8.22 -6.47
CA LYS A 8 -6.90 7.50 -7.70
C LYS A 8 -7.42 6.06 -7.62
N VAL A 9 -8.37 5.82 -6.70
CA VAL A 9 -8.89 4.49 -6.50
C VAL A 9 -10.13 4.25 -7.34
N GLY A 10 -11.29 4.56 -6.78
CA GLY A 10 -12.54 4.31 -7.47
C GLY A 10 -12.79 2.83 -7.67
N SER A 11 -12.63 2.07 -6.58
CA SER A 11 -12.79 0.61 -6.58
C SER A 11 -11.62 -0.08 -7.30
N ALA A 12 -10.85 0.70 -8.03
CA ALA A 12 -9.71 0.19 -8.79
C ALA A 12 -8.59 -0.27 -7.87
N GLY A 13 -8.22 0.60 -6.94
CA GLY A 13 -7.19 0.27 -5.98
C GLY A 13 -7.57 -0.92 -5.13
N LEU A 14 -8.82 -0.94 -4.69
CA LEU A 14 -9.34 -2.00 -3.83
C LEU A 14 -9.29 -3.34 -4.54
N LYS A 15 -9.73 -3.35 -5.78
CA LYS A 15 -9.76 -4.55 -6.61
C LYS A 15 -8.36 -5.16 -6.74
N GLN A 16 -7.35 -4.32 -6.73
CA GLN A 16 -5.98 -4.79 -6.78
C GLN A 16 -5.63 -5.57 -5.52
N LEU A 17 -6.15 -5.14 -4.38
CA LEU A 17 -6.00 -5.87 -3.14
C LEU A 17 -6.78 -7.17 -3.21
N THR A 18 -8.05 -7.06 -3.56
CA THR A 18 -8.91 -8.23 -3.69
C THR A 18 -8.28 -9.23 -4.64
N ASN A 19 -7.50 -8.71 -5.58
CA ASN A 19 -6.76 -9.54 -6.52
C ASN A 19 -5.68 -10.35 -5.82
N LYS A 20 -4.78 -9.68 -5.11
CA LYS A 20 -3.67 -10.36 -4.47
C LYS A 20 -4.08 -11.04 -3.16
N LEU A 21 -5.10 -10.51 -2.50
CA LEU A 21 -5.58 -11.07 -1.23
C LEU A 21 -6.54 -12.22 -1.48
N ASP A 22 -6.96 -12.30 -2.73
CA ASP A 22 -7.84 -13.37 -3.21
C ASP A 22 -9.22 -13.30 -2.53
N ILE A 23 -9.63 -12.09 -2.20
CA ILE A 23 -10.98 -11.85 -1.72
C ILE A 23 -11.83 -11.34 -2.88
N ASN A 24 -13.09 -11.03 -2.62
CA ASN A 24 -13.99 -10.57 -3.66
C ASN A 24 -13.89 -9.06 -3.81
N GLU A 25 -14.52 -8.51 -4.82
CA GLU A 25 -14.40 -7.09 -5.12
C GLU A 25 -15.08 -6.22 -4.05
N CYS A 26 -14.40 -5.15 -3.67
CA CYS A 26 -14.86 -4.28 -2.58
C CYS A 26 -15.22 -2.89 -3.10
N ALA A 27 -15.94 -2.13 -2.27
CA ALA A 27 -16.39 -0.79 -2.64
C ALA A 27 -15.58 0.31 -1.95
N THR A 28 -15.17 0.07 -0.71
CA THR A 28 -14.36 1.05 0.02
C THR A 28 -13.21 0.35 0.71
N VAL A 29 -12.31 1.09 1.34
CA VAL A 29 -11.23 0.48 2.11
C VAL A 29 -11.82 -0.30 3.26
N ASP A 30 -12.91 0.22 3.81
CA ASP A 30 -13.62 -0.41 4.91
C ASP A 30 -14.24 -1.73 4.45
N GLU A 31 -14.77 -1.75 3.22
CA GLU A 31 -15.31 -2.97 2.65
C GLU A 31 -14.18 -3.93 2.29
N LEU A 32 -13.04 -3.36 1.89
CA LEU A 32 -11.87 -4.14 1.55
C LEU A 32 -11.32 -4.73 2.84
N VAL A 33 -11.48 -3.96 3.89
CA VAL A 33 -11.09 -4.36 5.22
C VAL A 33 -12.05 -5.41 5.77
N ASP A 34 -13.31 -5.26 5.37
CA ASP A 34 -14.39 -6.13 5.82
C ASP A 34 -14.09 -7.59 5.50
N GLU A 35 -13.53 -7.82 4.33
CA GLU A 35 -13.09 -9.14 3.94
C GLU A 35 -11.81 -9.55 4.63
N ILE A 36 -10.85 -8.65 4.67
CA ILE A 36 -9.57 -8.93 5.32
C ILE A 36 -9.73 -9.34 6.78
N ASN A 37 -10.48 -8.57 7.54
CA ASN A 37 -10.66 -8.87 8.96
C ASN A 37 -11.48 -10.15 9.17
N LYS A 38 -12.08 -10.62 8.10
CA LYS A 38 -12.79 -11.90 8.12
C LYS A 38 -11.84 -13.00 7.69
N SER A 39 -10.80 -12.61 6.97
CA SER A 39 -9.82 -13.53 6.46
C SER A 39 -8.51 -13.34 7.20
N GLY A 40 -8.37 -14.01 8.34
CA GLY A 40 -7.22 -13.81 9.19
C GLY A 40 -5.89 -14.04 8.49
N THR A 41 -5.88 -14.95 7.53
CA THR A 41 -4.68 -15.20 6.72
C THR A 41 -4.33 -13.95 5.92
N VAL A 42 -5.38 -13.36 5.39
CA VAL A 42 -5.27 -12.17 4.57
C VAL A 42 -4.88 -10.97 5.43
N LYS A 43 -5.51 -10.85 6.59
CA LYS A 43 -5.15 -9.85 7.57
C LYS A 43 -3.71 -10.07 8.01
N ARG A 44 -3.33 -11.32 8.07
CA ARG A 44 -1.98 -11.71 8.42
C ARG A 44 -1.01 -11.30 7.33
N LYS A 45 -1.47 -11.27 6.09
CA LYS A 45 -0.64 -10.84 4.99
C LYS A 45 -0.34 -9.37 5.16
N ILE A 46 -1.34 -8.63 5.61
CA ILE A 46 -1.17 -7.22 5.94
C ILE A 46 -0.18 -7.06 7.06
N LYS A 47 -0.40 -7.88 8.08
CA LYS A 47 0.32 -7.82 9.32
C LYS A 47 1.81 -8.06 9.13
N ASN A 48 2.13 -9.12 8.40
CA ASN A 48 3.50 -9.59 8.28
C ASN A 48 4.21 -8.95 7.08
N GLN A 49 3.51 -8.09 6.37
CA GLN A 49 4.07 -7.45 5.19
C GLN A 49 4.08 -5.94 5.34
N SER A 50 4.95 -5.31 4.59
CA SER A 50 5.02 -3.87 4.55
C SER A 50 4.02 -3.36 3.54
N ALA A 51 3.42 -2.22 3.81
CA ALA A 51 2.41 -1.65 2.92
C ALA A 51 3.00 -1.35 1.54
N PHE A 52 4.27 -0.93 1.54
CA PHE A 52 5.03 -0.67 0.33
C PHE A 52 5.09 -1.94 -0.52
N ASP A 53 5.31 -3.06 0.16
CA ASP A 53 5.37 -4.37 -0.48
C ASP A 53 3.99 -4.83 -0.89
N LEU A 54 3.05 -4.71 0.05
CA LEU A 54 1.64 -5.08 -0.17
C LEU A 54 1.06 -4.49 -1.46
N SER A 55 1.22 -3.19 -1.64
CA SER A 55 0.71 -2.53 -2.81
C SER A 55 1.52 -2.91 -4.04
N ARG A 56 2.83 -2.88 -3.90
CA ARG A 56 3.75 -3.28 -4.96
C ARG A 56 3.33 -4.63 -5.55
N GLU A 57 3.01 -5.57 -4.67
CA GLU A 57 2.57 -6.90 -5.05
C GLU A 57 1.35 -6.87 -5.96
N CYS A 58 0.44 -5.96 -5.68
CA CYS A 58 -0.83 -5.91 -6.38
C CYS A 58 -0.63 -5.53 -7.84
N LEU A 59 0.50 -4.91 -8.10
CA LEU A 59 0.87 -4.53 -9.46
C LEU A 59 1.72 -5.59 -10.12
N GLY A 60 2.10 -6.59 -9.33
CA GLY A 60 3.07 -7.56 -9.79
C GLY A 60 4.42 -6.91 -10.00
N TYR A 61 4.64 -5.82 -9.26
CA TYR A 61 5.85 -5.03 -9.38
C TYR A 61 7.09 -5.80 -8.97
N PRO A 62 8.10 -5.82 -9.84
CA PRO A 62 9.41 -6.36 -9.51
C PRO A 62 10.06 -5.53 -8.42
N GLU A 63 10.50 -6.19 -7.36
CA GLU A 63 10.93 -5.52 -6.14
C GLU A 63 12.15 -4.65 -6.38
N ALA A 64 13.07 -5.14 -7.20
CA ALA A 64 14.33 -4.46 -7.44
C ALA A 64 14.11 -3.18 -8.22
N ASP A 65 13.35 -3.31 -9.29
CA ASP A 65 13.11 -2.19 -10.18
C ASP A 65 12.20 -1.19 -9.50
N PHE A 66 11.34 -1.71 -8.64
CA PHE A 66 10.41 -0.88 -7.90
C PHE A 66 11.17 -0.04 -6.88
N ILE A 67 12.09 -0.70 -6.20
CA ILE A 67 12.95 -0.06 -5.23
C ILE A 67 13.86 0.95 -5.94
N THR A 68 14.29 0.59 -7.14
CA THR A 68 15.09 1.44 -7.96
C THR A 68 14.33 2.71 -8.30
N LEU A 69 13.11 2.56 -8.79
CA LEU A 69 12.28 3.71 -9.13
C LEU A 69 12.13 4.63 -7.93
N VAL A 70 11.67 4.07 -6.82
CA VAL A 70 11.40 4.84 -5.62
C VAL A 70 12.67 5.52 -5.13
N ASN A 71 13.81 4.95 -5.49
CA ASN A 71 15.10 5.46 -5.11
C ASN A 71 15.43 6.76 -5.86
N ASN A 72 14.73 7.02 -6.95
CA ASN A 72 14.99 8.23 -7.76
C ASN A 72 13.80 9.18 -7.75
N MET A 73 12.83 8.94 -6.88
CA MET A 73 11.65 9.76 -6.83
C MET A 73 11.55 10.53 -5.52
N ARG A 74 10.46 11.28 -5.41
CA ARG A 74 10.13 12.07 -4.24
C ARG A 74 8.64 11.96 -4.02
N PHE A 75 8.21 11.87 -2.77
CA PHE A 75 6.82 11.60 -2.47
C PHE A 75 6.24 12.63 -1.53
N LYS A 76 4.99 12.99 -1.79
CA LYS A 76 4.23 13.80 -0.88
C LYS A 76 3.27 12.89 -0.12
N ILE A 77 3.56 12.67 1.14
CA ILE A 77 2.78 11.73 1.94
C ILE A 77 1.65 12.47 2.66
N GLU A 78 0.51 11.81 2.76
CA GLU A 78 -0.67 12.39 3.37
C GLU A 78 -1.38 11.30 4.17
N ASN A 79 -1.40 11.46 5.49
CA ASN A 79 -2.03 10.47 6.37
C ASN A 79 -1.33 9.11 6.23
N CYS A 80 -0.01 9.17 6.09
CA CYS A 80 0.82 7.97 5.93
C CYS A 80 0.61 7.32 4.56
N LYS A 81 -0.01 8.05 3.65
CA LYS A 81 -0.29 7.54 2.31
C LYS A 81 0.38 8.43 1.27
N VAL A 82 0.64 7.90 0.10
CA VAL A 82 1.18 8.73 -0.97
C VAL A 82 0.04 9.43 -1.72
N VAL A 83 -0.10 10.72 -1.50
CA VAL A 83 -1.15 11.48 -2.15
C VAL A 83 -0.60 12.04 -3.45
N ASN A 84 0.70 12.30 -3.43
CA ASN A 84 1.41 12.65 -4.64
C ASN A 84 2.76 11.96 -4.70
N PHE A 85 3.13 11.58 -5.90
CA PHE A 85 4.41 10.95 -6.17
C PHE A 85 5.03 11.66 -7.35
N ASN A 86 6.33 11.74 -7.40
CA ASN A 86 7.01 12.31 -8.55
C ASN A 86 8.43 11.83 -8.58
N ILE A 87 8.98 11.75 -9.75
CA ILE A 87 10.33 11.26 -9.90
C ILE A 87 11.31 12.42 -9.99
N GLU A 88 12.46 12.23 -9.39
CA GLU A 88 13.49 13.24 -9.38
C GLU A 88 14.46 12.99 -10.52
N ASN A 89 14.72 11.71 -10.76
CA ASN A 89 15.61 11.32 -11.86
C ASN A 89 14.96 10.26 -12.72
N THR A 90 14.62 10.64 -13.94
CA THR A 90 13.93 9.74 -14.86
C THR A 90 14.93 8.88 -15.63
N ASN A 91 16.18 9.30 -15.62
CA ASN A 91 17.24 8.60 -16.34
C ASN A 91 17.35 7.15 -15.86
N CYS A 92 17.17 6.95 -14.56
CA CYS A 92 17.25 5.60 -13.99
C CYS A 92 16.04 4.76 -14.37
N LEU A 93 14.89 5.40 -14.63
CA LEU A 93 13.70 4.65 -15.00
C LEU A 93 13.72 4.31 -16.48
N ASN A 94 14.70 4.87 -17.19
CA ASN A 94 14.85 4.63 -18.62
C ASN A 94 14.83 3.14 -18.98
N ASN A 95 15.13 2.28 -18.02
CA ASN A 95 14.98 0.85 -18.22
C ASN A 95 13.48 0.54 -18.27
N PRO A 96 13.03 -0.09 -19.38
CA PRO A 96 11.62 -0.45 -19.60
C PRO A 96 10.96 -1.04 -18.36
N SER A 97 11.74 -1.73 -17.56
CA SER A 97 11.24 -2.33 -16.34
C SER A 97 10.76 -1.25 -15.39
N ILE A 98 11.58 -0.21 -15.20
CA ILE A 98 11.24 0.87 -14.29
C ILE A 98 10.11 1.70 -14.88
N GLU A 99 10.15 1.93 -16.19
CA GLU A 99 9.12 2.71 -16.87
C GLU A 99 7.78 2.04 -16.69
N THR A 100 7.80 0.72 -16.74
CA THR A 100 6.63 -0.10 -16.52
C THR A 100 6.02 0.20 -15.16
N ILE A 101 6.86 0.22 -14.15
CA ILE A 101 6.45 0.49 -12.80
C ILE A 101 6.04 1.95 -12.64
N TYR A 102 6.78 2.82 -13.30
CA TYR A 102 6.58 4.24 -13.17
C TYR A 102 5.30 4.70 -13.85
N ARG A 103 5.07 4.20 -15.05
CA ARG A 103 3.88 4.57 -15.82
C ARG A 103 2.62 4.13 -15.09
N ASN A 104 2.69 2.97 -14.47
CA ASN A 104 1.54 2.40 -13.78
C ASN A 104 1.58 2.74 -12.32
N PHE A 105 2.52 3.61 -11.96
CA PHE A 105 2.76 3.94 -10.55
C PHE A 105 1.53 4.53 -9.89
N ASN A 106 0.70 5.19 -10.69
CA ASN A 106 -0.55 5.76 -10.18
C ASN A 106 -1.42 4.68 -9.53
N GLN A 107 -1.27 3.44 -9.99
CA GLN A 107 -1.95 2.32 -9.39
C GLN A 107 -1.37 2.01 -8.01
N PHE A 108 -0.04 1.96 -7.92
CA PHE A 108 0.61 1.63 -6.66
C PHE A 108 0.26 2.62 -5.57
N VAL A 109 0.26 3.91 -5.88
CA VAL A 109 -0.09 4.90 -4.86
C VAL A 109 -1.55 4.73 -4.46
N SER A 110 -2.41 4.42 -5.43
CA SER A 110 -3.82 4.15 -5.19
C SER A 110 -3.96 2.99 -4.22
N ILE A 111 -3.37 1.88 -4.62
CA ILE A 111 -3.37 0.65 -3.85
C ILE A 111 -2.72 0.87 -2.48
N PHE A 112 -1.66 1.67 -2.47
CA PHE A 112 -0.93 1.95 -1.25
C PHE A 112 -1.80 2.73 -0.28
N ASN A 113 -2.54 3.70 -0.81
CA ASN A 113 -3.48 4.48 -0.02
C ASN A 113 -4.50 3.57 0.64
N VAL A 114 -4.88 2.53 -0.08
CA VAL A 114 -5.81 1.53 0.42
C VAL A 114 -5.16 0.66 1.49
N VAL A 115 -4.02 0.08 1.15
CA VAL A 115 -3.27 -0.81 2.03
C VAL A 115 -2.98 -0.15 3.36
N THR A 116 -2.54 1.09 3.26
CA THR A 116 -2.26 1.89 4.42
C THR A 116 -3.51 2.07 5.27
N ASP A 117 -4.64 2.31 4.62
CA ASP A 117 -5.88 2.50 5.36
C ASP A 117 -6.26 1.21 6.06
N VAL A 118 -6.04 0.09 5.37
CA VAL A 118 -6.27 -1.23 5.94
C VAL A 118 -5.48 -1.41 7.23
N LYS A 119 -4.17 -1.23 7.15
CA LYS A 119 -3.31 -1.51 8.29
C LYS A 119 -3.66 -0.57 9.45
N LYS A 120 -4.07 0.65 9.12
CA LYS A 120 -4.48 1.61 10.13
C LYS A 120 -5.78 1.17 10.81
N ARG A 121 -6.73 0.66 10.02
CA ARG A 121 -8.04 0.27 10.56
C ARG A 121 -7.96 -1.00 11.41
N LEU A 122 -7.00 -1.86 11.12
CA LEU A 122 -6.90 -3.16 11.78
C LEU A 122 -5.87 -3.15 12.90
N PHE A 123 -4.69 -2.72 12.55
CA PHE A 123 -3.52 -2.89 13.39
C PHE A 123 -3.19 -1.64 14.18
N GLU A 124 -3.65 -0.50 13.71
CA GLU A 124 -3.28 0.77 14.31
C GLU A 124 -4.36 1.28 15.26
N ASN A 125 -5.41 1.88 14.70
CA ASN A 125 -6.51 2.37 15.50
C ASN A 125 -7.79 1.61 15.16
N ALA A 126 -7.77 0.31 15.43
CA ALA A 126 -8.89 -0.57 15.16
C ALA A 126 -10.04 -0.29 16.11
N SER A 127 -10.90 0.65 15.72
CA SER A 127 -12.02 1.12 16.53
C SER A 127 -11.58 1.38 17.98
N GLY A 128 -10.35 1.88 18.12
CA GLY A 128 -9.76 2.04 19.43
C GLY A 128 -9.54 0.72 20.13
N ASN A 129 -10.46 0.38 21.04
CA ASN A 129 -10.37 -0.85 21.83
C ASN A 129 -9.07 -0.89 22.62
N GLY A 130 -8.47 0.27 22.81
CA GLY A 130 -7.17 0.32 23.43
C GLY A 130 -6.07 0.61 22.43
N SER A 131 -6.30 1.63 21.59
CA SER A 131 -5.35 2.05 20.55
C SER A 131 -4.93 0.87 19.67
N GLY A 132 -5.92 0.19 19.09
CA GLY A 132 -5.63 -0.94 18.23
C GLY A 132 -5.69 -2.25 18.98
N GLY A 133 -6.44 -2.27 20.07
CA GLY A 133 -6.56 -3.46 20.88
C GLY A 133 -5.65 -3.40 22.09
N GLY A 134 -4.50 -4.04 22.00
CA GLY A 134 -3.57 -4.04 23.11
C GLY A 134 -3.76 -5.22 24.03
N LEU A 135 -4.99 -5.73 24.08
CA LEU A 135 -5.32 -6.87 24.89
C LEU A 135 -4.57 -8.11 24.42
N ASN A 136 -4.52 -8.27 23.10
CA ASN A 136 -3.98 -9.49 22.51
C ASN A 136 -2.46 -9.52 22.54
N ASP A 137 -1.90 -8.79 23.47
CA ASP A 137 -0.47 -8.83 23.75
C ASP A 137 -0.11 -10.19 24.31
N ILE A 138 -0.87 -10.61 25.29
CA ILE A 138 -0.63 -11.90 25.91
C ILE A 138 -1.23 -13.02 25.06
N PHE A 139 -2.09 -12.64 24.12
CA PHE A 139 -2.81 -13.60 23.29
C PHE A 139 -2.05 -13.87 21.99
N GLU A 140 -0.77 -13.47 21.96
CA GLU A 140 0.08 -13.79 20.83
C GLU A 140 0.49 -15.24 20.89
N ALA A 141 -0.20 -16.07 20.13
CA ALA A 141 0.10 -17.50 20.10
C ALA A 141 1.51 -17.74 19.58
N GLN A 142 2.31 -18.42 20.38
CA GLN A 142 3.65 -18.79 20.00
C GLN A 142 3.61 -20.00 19.09
N LYS A 143 3.18 -19.76 17.87
CA LYS A 143 3.05 -20.80 16.87
C LYS A 143 3.71 -20.38 15.57
N ILE A 144 4.55 -21.25 15.06
CA ILE A 144 5.19 -21.05 13.78
C ILE A 144 4.13 -21.08 12.67
N GLU A 145 4.30 -20.20 11.70
CA GLU A 145 3.37 -20.06 10.64
C GLU A 145 3.71 -21.00 9.50
N TRP A 146 2.74 -21.21 8.66
CA TRP A 146 2.85 -22.16 7.58
C TRP A 146 3.52 -21.53 6.37
N HIS A 147 3.93 -22.37 5.43
CA HIS A 147 4.60 -21.90 4.23
C HIS A 147 3.58 -21.58 3.16
N GLU A 148 3.73 -20.40 2.57
CA GLU A 148 2.78 -19.92 1.58
C GLU A 148 3.15 -20.43 0.19
N GLY A 1 -17.47 6.37 -7.10
CA GLY A 1 -17.03 6.73 -5.73
C GLY A 1 -15.85 7.68 -5.75
N ASN A 2 -16.04 8.87 -5.21
CA ASN A 2 -15.00 9.88 -5.19
C ASN A 2 -14.04 9.64 -4.03
N GLY A 3 -12.74 9.64 -4.33
CA GLY A 3 -11.75 9.33 -3.31
C GLY A 3 -11.43 10.51 -2.43
N LYS A 4 -11.78 10.36 -1.17
CA LYS A 4 -11.46 11.32 -0.13
C LYS A 4 -10.25 10.85 0.65
N TYR A 5 -10.47 9.80 1.44
CA TYR A 5 -9.39 9.11 2.13
C TYR A 5 -8.39 8.59 1.10
N PHE A 6 -8.91 7.88 0.11
CA PHE A 6 -8.11 7.37 -0.98
C PHE A 6 -8.18 8.29 -2.20
N SER A 7 -7.62 7.83 -3.31
CA SER A 7 -7.69 8.55 -4.57
C SER A 7 -7.25 7.63 -5.71
N LYS A 8 -7.77 7.89 -6.91
CA LYS A 8 -7.45 7.08 -8.10
C LYS A 8 -7.98 5.65 -7.96
N VAL A 9 -8.89 5.46 -7.02
CA VAL A 9 -9.41 4.15 -6.72
C VAL A 9 -10.70 3.91 -7.48
N GLY A 10 -11.83 4.17 -6.84
CA GLY A 10 -13.10 3.77 -7.43
C GLY A 10 -13.11 2.28 -7.67
N SER A 11 -12.72 1.54 -6.63
CA SER A 11 -12.57 0.08 -6.66
C SER A 11 -11.24 -0.35 -7.27
N ALA A 12 -10.51 0.60 -7.86
CA ALA A 12 -9.25 0.29 -8.55
C ALA A 12 -8.17 -0.20 -7.59
N GLY A 13 -7.92 0.56 -6.53
CA GLY A 13 -6.94 0.15 -5.54
C GLY A 13 -7.36 -1.11 -4.82
N LEU A 14 -8.64 -1.21 -4.57
CA LEU A 14 -9.20 -2.33 -3.84
C LEU A 14 -9.09 -3.61 -4.66
N LYS A 15 -9.49 -3.53 -5.92
CA LYS A 15 -9.53 -4.67 -6.83
C LYS A 15 -8.16 -5.35 -6.97
N GLN A 16 -7.09 -4.58 -6.94
CA GLN A 16 -5.76 -5.13 -7.10
C GLN A 16 -5.36 -5.89 -5.84
N LEU A 17 -5.84 -5.39 -4.71
CA LEU A 17 -5.68 -6.06 -3.43
C LEU A 17 -6.50 -7.32 -3.40
N THR A 18 -7.77 -7.20 -3.70
CA THR A 18 -8.67 -8.35 -3.78
C THR A 18 -8.06 -9.42 -4.67
N ASN A 19 -7.28 -8.97 -5.64
CA ASN A 19 -6.54 -9.84 -6.52
C ASN A 19 -5.45 -10.62 -5.79
N LYS A 20 -4.57 -9.91 -5.10
CA LYS A 20 -3.44 -10.55 -4.41
C LYS A 20 -3.85 -11.17 -3.08
N LEU A 21 -4.87 -10.61 -2.46
CA LEU A 21 -5.34 -11.10 -1.17
C LEU A 21 -6.28 -12.28 -1.37
N ASP A 22 -6.70 -12.43 -2.63
CA ASP A 22 -7.58 -13.52 -3.05
C ASP A 22 -8.94 -13.41 -2.36
N ILE A 23 -9.31 -12.17 -2.03
CA ILE A 23 -10.59 -11.88 -1.43
C ILE A 23 -11.58 -11.46 -2.51
N ASN A 24 -12.79 -11.14 -2.11
CA ASN A 24 -13.81 -10.72 -3.04
C ASN A 24 -13.68 -9.25 -3.37
N GLU A 25 -14.32 -8.86 -4.44
CA GLU A 25 -14.24 -7.47 -4.92
C GLU A 25 -14.92 -6.52 -3.94
N CYS A 26 -14.25 -5.42 -3.66
CA CYS A 26 -14.66 -4.52 -2.60
C CYS A 26 -15.05 -3.15 -3.16
N ALA A 27 -15.90 -2.45 -2.42
CA ALA A 27 -16.40 -1.13 -2.84
C ALA A 27 -15.60 0.00 -2.20
N THR A 28 -15.19 -0.19 -0.96
CA THR A 28 -14.46 0.84 -0.23
C THR A 28 -13.31 0.23 0.54
N VAL A 29 -12.52 1.05 1.22
CA VAL A 29 -11.45 0.53 2.07
C VAL A 29 -12.06 -0.29 3.19
N ASP A 30 -13.24 0.13 3.63
CA ASP A 30 -14.00 -0.58 4.65
C ASP A 30 -14.40 -1.96 4.16
N GLU A 31 -14.92 -2.03 2.93
CA GLU A 31 -15.30 -3.30 2.34
C GLU A 31 -14.06 -4.15 2.04
N LEU A 32 -12.96 -3.48 1.71
CA LEU A 32 -11.70 -4.14 1.43
C LEU A 32 -11.16 -4.67 2.74
N VAL A 33 -11.39 -3.90 3.79
CA VAL A 33 -11.03 -4.26 5.13
C VAL A 33 -11.90 -5.40 5.61
N ASP A 34 -13.14 -5.38 5.14
CA ASP A 34 -14.15 -6.38 5.49
C ASP A 34 -13.66 -7.77 5.16
N GLU A 35 -13.16 -7.94 3.95
CA GLU A 35 -12.64 -9.23 3.51
C GLU A 35 -11.40 -9.59 4.29
N ILE A 36 -10.54 -8.61 4.48
CA ILE A 36 -9.32 -8.83 5.23
C ILE A 36 -9.57 -9.31 6.65
N ASN A 37 -10.35 -8.55 7.41
CA ASN A 37 -10.54 -8.88 8.82
C ASN A 37 -11.25 -10.21 9.02
N LYS A 38 -11.92 -10.69 7.99
CA LYS A 38 -12.60 -11.97 8.07
C LYS A 38 -11.64 -13.07 7.65
N SER A 39 -10.65 -12.66 6.87
CA SER A 39 -9.64 -13.58 6.38
C SER A 39 -8.31 -13.34 7.10
N GLY A 40 -8.11 -14.04 8.20
CA GLY A 40 -6.94 -13.81 9.04
C GLY A 40 -5.63 -13.98 8.31
N THR A 41 -5.60 -14.87 7.32
CA THR A 41 -4.41 -15.06 6.50
C THR A 41 -4.11 -13.79 5.72
N VAL A 42 -5.19 -13.19 5.26
CA VAL A 42 -5.13 -11.98 4.49
C VAL A 42 -4.78 -10.80 5.36
N LYS A 43 -5.42 -10.73 6.52
CA LYS A 43 -5.07 -9.75 7.53
C LYS A 43 -3.62 -9.93 7.93
N ARG A 44 -3.20 -11.17 7.94
CA ARG A 44 -1.82 -11.53 8.24
C ARG A 44 -0.88 -11.01 7.16
N LYS A 45 -1.34 -10.99 5.91
CA LYS A 45 -0.55 -10.43 4.84
C LYS A 45 -0.34 -8.95 5.08
N ILE A 46 -1.39 -8.29 5.55
CA ILE A 46 -1.32 -6.88 5.91
C ILE A 46 -0.36 -6.70 7.06
N LYS A 47 -0.52 -7.60 8.02
CA LYS A 47 0.13 -7.52 9.30
C LYS A 47 1.64 -7.70 9.20
N ASN A 48 2.06 -8.71 8.47
CA ASN A 48 3.46 -9.09 8.42
C ASN A 48 4.20 -8.33 7.33
N GLN A 49 3.48 -7.98 6.27
CA GLN A 49 4.08 -7.32 5.13
C GLN A 49 3.99 -5.83 5.29
N SER A 50 4.88 -5.13 4.63
CA SER A 50 4.89 -3.68 4.66
C SER A 50 3.97 -3.17 3.56
N ALA A 51 3.23 -2.11 3.89
CA ALA A 51 2.21 -1.56 3.00
C ALA A 51 2.76 -1.23 1.62
N PHE A 52 4.02 -0.84 1.59
CA PHE A 52 4.73 -0.53 0.36
C PHE A 52 4.81 -1.79 -0.51
N ASP A 53 5.16 -2.91 0.12
CA ASP A 53 5.26 -4.19 -0.59
C ASP A 53 3.88 -4.74 -0.90
N LEU A 54 3.00 -4.61 0.08
CA LEU A 54 1.60 -5.01 -0.05
C LEU A 54 0.97 -4.49 -1.35
N SER A 55 1.13 -3.20 -1.58
CA SER A 55 0.59 -2.56 -2.76
C SER A 55 1.38 -2.96 -3.99
N ARG A 56 2.69 -2.91 -3.85
CA ARG A 56 3.64 -3.30 -4.91
C ARG A 56 3.25 -4.67 -5.49
N GLU A 57 2.96 -5.63 -4.60
CA GLU A 57 2.54 -6.96 -5.01
C GLU A 57 1.32 -6.92 -5.92
N CYS A 58 0.38 -6.05 -5.59
CA CYS A 58 -0.90 -6.02 -6.26
C CYS A 58 -0.78 -5.59 -7.71
N LEU A 59 0.33 -4.97 -8.03
CA LEU A 59 0.63 -4.55 -9.39
C LEU A 59 1.39 -5.61 -10.16
N GLY A 60 1.84 -6.63 -9.43
CA GLY A 60 2.74 -7.60 -10.03
C GLY A 60 4.10 -6.99 -10.22
N TYR A 61 4.33 -5.88 -9.52
CA TYR A 61 5.57 -5.11 -9.61
C TYR A 61 6.77 -5.96 -9.21
N PRO A 62 7.81 -5.94 -10.06
CA PRO A 62 9.11 -6.50 -9.70
C PRO A 62 9.76 -5.65 -8.61
N GLU A 63 10.18 -6.31 -7.55
CA GLU A 63 10.63 -5.63 -6.33
C GLU A 63 11.85 -4.76 -6.58
N ALA A 64 12.76 -5.26 -7.39
CA ALA A 64 14.04 -4.59 -7.63
C ALA A 64 13.83 -3.31 -8.40
N ASP A 65 13.08 -3.41 -9.47
CA ASP A 65 12.84 -2.27 -10.35
C ASP A 65 11.98 -1.26 -9.62
N PHE A 66 11.12 -1.78 -8.76
CA PHE A 66 10.21 -0.95 -7.99
C PHE A 66 10.99 -0.15 -6.96
N ILE A 67 11.85 -0.85 -6.24
CA ILE A 67 12.68 -0.26 -5.22
C ILE A 67 13.66 0.73 -5.83
N THR A 68 14.12 0.40 -7.03
CA THR A 68 14.97 1.26 -7.80
C THR A 68 14.24 2.52 -8.21
N LEU A 69 13.01 2.38 -8.70
CA LEU A 69 12.22 3.54 -9.07
C LEU A 69 12.07 4.48 -7.89
N VAL A 70 11.58 3.93 -6.79
CA VAL A 70 11.32 4.72 -5.60
C VAL A 70 12.63 5.36 -5.10
N ASN A 71 13.74 4.73 -5.44
CA ASN A 71 15.06 5.22 -5.07
C ASN A 71 15.39 6.52 -5.80
N ASN A 72 14.74 6.76 -6.93
CA ASN A 72 15.02 7.93 -7.75
C ASN A 72 13.92 8.98 -7.65
N MET A 73 12.89 8.70 -6.89
CA MET A 73 11.74 9.59 -6.81
C MET A 73 11.69 10.37 -5.50
N ARG A 74 10.63 11.16 -5.41
CA ARG A 74 10.35 12.00 -4.26
C ARG A 74 8.84 11.93 -4.01
N PHE A 75 8.43 11.91 -2.75
CA PHE A 75 7.04 11.66 -2.44
C PHE A 75 6.46 12.70 -1.50
N LYS A 76 5.16 12.88 -1.61
CA LYS A 76 4.41 13.67 -0.67
C LYS A 76 3.49 12.75 0.09
N ILE A 77 3.82 12.51 1.34
CA ILE A 77 3.05 11.59 2.16
C ILE A 77 1.98 12.34 2.92
N GLU A 78 0.79 11.78 2.89
CA GLU A 78 -0.38 12.40 3.48
C GLU A 78 -1.18 11.34 4.21
N ASN A 79 -1.24 11.45 5.54
CA ASN A 79 -1.93 10.46 6.36
C ASN A 79 -1.30 9.08 6.16
N CYS A 80 0.04 9.09 6.20
CA CYS A 80 0.87 7.87 6.12
C CYS A 80 0.83 7.22 4.74
N LYS A 81 0.20 7.88 3.77
CA LYS A 81 0.10 7.32 2.43
C LYS A 81 0.45 8.37 1.38
N VAL A 82 0.88 7.91 0.22
CA VAL A 82 1.33 8.79 -0.85
C VAL A 82 0.17 9.45 -1.56
N VAL A 83 0.05 10.77 -1.40
CA VAL A 83 -0.99 11.51 -2.08
C VAL A 83 -0.43 12.10 -3.36
N ASN A 84 0.86 12.36 -3.32
CA ASN A 84 1.59 12.78 -4.51
C ASN A 84 2.94 12.08 -4.61
N PHE A 85 3.33 11.77 -5.83
CA PHE A 85 4.58 11.10 -6.12
C PHE A 85 5.19 11.75 -7.35
N ASN A 86 6.51 11.81 -7.41
CA ASN A 86 7.18 12.31 -8.60
C ASN A 86 8.61 11.85 -8.59
N ILE A 87 9.17 11.67 -9.75
CA ILE A 87 10.51 11.16 -9.87
C ILE A 87 11.53 12.28 -9.97
N GLU A 88 12.67 12.07 -9.35
CA GLU A 88 13.74 13.05 -9.36
C GLU A 88 14.71 12.71 -10.47
N ASN A 89 14.92 11.42 -10.67
CA ASN A 89 15.81 10.98 -11.75
C ASN A 89 15.08 10.07 -12.70
N THR A 90 14.82 10.56 -13.89
CA THR A 90 14.04 9.83 -14.88
C THR A 90 14.96 8.99 -15.76
N ASN A 91 16.24 9.25 -15.65
CA ASN A 91 17.25 8.52 -16.39
C ASN A 91 17.28 7.06 -15.93
N CYS A 92 17.19 6.85 -14.64
CA CYS A 92 17.23 5.50 -14.10
C CYS A 92 15.95 4.72 -14.39
N LEU A 93 14.84 5.42 -14.60
CA LEU A 93 13.60 4.74 -14.92
C LEU A 93 13.59 4.30 -16.37
N ASN A 94 14.54 4.83 -17.13
CA ASN A 94 14.64 4.53 -18.57
C ASN A 94 14.71 3.04 -18.87
N ASN A 95 15.00 2.23 -17.87
CA ASN A 95 14.92 0.79 -18.03
C ASN A 95 13.44 0.40 -18.15
N PRO A 96 13.04 -0.25 -19.26
CA PRO A 96 11.64 -0.55 -19.56
C PRO A 96 10.84 -0.97 -18.34
N SER A 97 11.46 -1.78 -17.51
CA SER A 97 10.85 -2.27 -16.30
C SER A 97 10.46 -1.13 -15.35
N ILE A 98 11.39 -0.21 -15.11
CA ILE A 98 11.14 0.92 -14.23
C ILE A 98 10.04 1.81 -14.80
N GLU A 99 10.10 2.08 -16.11
CA GLU A 99 9.12 2.91 -16.80
C GLU A 99 7.74 2.32 -16.63
N THR A 100 7.70 1.01 -16.75
CA THR A 100 6.50 0.24 -16.60
C THR A 100 5.86 0.49 -15.24
N ILE A 101 6.68 0.38 -14.20
CA ILE A 101 6.24 0.61 -12.85
C ILE A 101 5.87 2.08 -12.65
N TYR A 102 6.67 2.96 -13.22
CA TYR A 102 6.52 4.39 -13.03
C TYR A 102 5.25 4.92 -13.67
N ARG A 103 4.98 4.49 -14.89
CA ARG A 103 3.82 4.96 -15.63
C ARG A 103 2.53 4.48 -14.98
N ASN A 104 2.55 3.26 -14.46
CA ASN A 104 1.38 2.69 -13.82
C ASN A 104 1.43 2.92 -12.33
N PHE A 105 2.39 3.73 -11.91
CA PHE A 105 2.65 3.98 -10.49
C PHE A 105 1.41 4.54 -9.80
N ASN A 106 0.57 5.23 -10.54
CA ASN A 106 -0.69 5.76 -10.02
C ASN A 106 -1.51 4.65 -9.37
N GLN A 107 -1.41 3.44 -9.92
CA GLN A 107 -2.08 2.28 -9.36
C GLN A 107 -1.51 1.97 -7.98
N PHE A 108 -0.19 1.93 -7.89
CA PHE A 108 0.46 1.59 -6.64
C PHE A 108 0.13 2.57 -5.53
N VAL A 109 0.21 3.87 -5.81
CA VAL A 109 -0.08 4.86 -4.78
C VAL A 109 -1.55 4.75 -4.36
N SER A 110 -2.41 4.42 -5.32
CA SER A 110 -3.83 4.23 -5.05
C SER A 110 -4.02 3.06 -4.10
N ILE A 111 -3.46 1.93 -4.50
CA ILE A 111 -3.48 0.71 -3.71
C ILE A 111 -2.84 0.96 -2.35
N PHE A 112 -1.75 1.70 -2.35
CA PHE A 112 -1.01 2.01 -1.14
C PHE A 112 -1.87 2.82 -0.19
N ASN A 113 -2.59 3.79 -0.74
CA ASN A 113 -3.52 4.61 0.06
C ASN A 113 -4.56 3.72 0.74
N VAL A 114 -5.03 2.74 -0.01
CA VAL A 114 -5.98 1.76 0.50
C VAL A 114 -5.36 0.93 1.61
N VAL A 115 -4.22 0.33 1.30
CA VAL A 115 -3.49 -0.54 2.22
C VAL A 115 -3.18 0.20 3.50
N THR A 116 -2.79 1.45 3.34
CA THR A 116 -2.52 2.32 4.46
C THR A 116 -3.76 2.53 5.31
N ASP A 117 -4.91 2.73 4.66
CA ASP A 117 -6.16 2.91 5.39
C ASP A 117 -6.50 1.62 6.12
N VAL A 118 -6.27 0.51 5.44
CA VAL A 118 -6.48 -0.82 6.02
C VAL A 118 -5.68 -1.00 7.30
N LYS A 119 -4.37 -0.78 7.22
CA LYS A 119 -3.51 -1.02 8.37
C LYS A 119 -3.87 -0.07 9.51
N LYS A 120 -4.28 1.13 9.16
CA LYS A 120 -4.65 2.12 10.15
C LYS A 120 -5.97 1.77 10.85
N ARG A 121 -6.85 1.05 10.18
CA ARG A 121 -8.10 0.64 10.80
C ARG A 121 -7.90 -0.60 11.67
N LEU A 122 -7.08 -1.53 11.21
CA LEU A 122 -6.94 -2.82 11.87
C LEU A 122 -5.81 -2.81 12.90
N PHE A 123 -4.63 -2.45 12.44
CA PHE A 123 -3.39 -2.70 13.19
C PHE A 123 -2.85 -1.47 13.89
N GLU A 124 -3.36 -0.30 13.52
CA GLU A 124 -2.83 0.97 13.97
C GLU A 124 -2.42 0.99 15.44
N ASN A 125 -1.27 1.58 15.67
CA ASN A 125 -0.69 1.61 17.00
C ASN A 125 -1.15 2.84 17.77
N ALA A 126 -1.69 3.81 17.05
CA ALA A 126 -2.30 4.98 17.69
C ALA A 126 -3.63 4.60 18.31
N SER A 127 -4.08 3.42 17.94
CA SER A 127 -5.29 2.82 18.50
C SER A 127 -4.92 1.53 19.20
N GLY A 128 -3.70 1.49 19.69
CA GLY A 128 -3.19 0.32 20.37
C GLY A 128 -1.90 0.62 21.08
N ASN A 129 -1.80 1.82 21.64
CA ASN A 129 -0.63 2.24 22.38
C ASN A 129 -0.56 1.48 23.69
N GLY A 130 -1.70 0.95 24.10
CA GLY A 130 -1.74 0.09 25.26
C GLY A 130 -1.30 -1.31 24.92
N SER A 131 -1.50 -1.70 23.67
CA SER A 131 -1.12 -3.02 23.20
C SER A 131 0.33 -3.01 22.69
N GLY A 132 1.21 -2.38 23.46
CA GLY A 132 2.61 -2.34 23.08
C GLY A 132 3.41 -3.45 23.72
N GLY A 133 3.66 -4.51 22.95
CA GLY A 133 4.41 -5.63 23.46
C GLY A 133 5.83 -5.24 23.84
N GLY A 134 6.50 -4.56 22.91
CA GLY A 134 7.83 -4.05 23.19
C GLY A 134 8.90 -5.14 23.21
N LEU A 135 8.58 -6.30 22.68
CA LEU A 135 9.55 -7.35 22.56
C LEU A 135 9.96 -7.54 21.12
N ASN A 136 10.97 -6.81 20.79
CA ASN A 136 11.54 -6.83 19.46
C ASN A 136 13.06 -6.85 19.55
N ASP A 137 13.53 -7.18 20.74
CA ASP A 137 14.96 -7.24 21.03
C ASP A 137 15.64 -8.30 20.17
N ILE A 138 15.01 -9.44 20.07
CA ILE A 138 15.56 -10.53 19.29
C ILE A 138 14.93 -10.57 17.91
N PHE A 139 14.01 -9.65 17.66
CA PHE A 139 13.26 -9.62 16.41
C PHE A 139 13.71 -8.45 15.55
N GLU A 140 15.01 -8.14 15.59
CA GLU A 140 15.55 -7.02 14.84
C GLU A 140 15.55 -7.29 13.36
N ALA A 141 15.44 -8.55 13.03
CA ALA A 141 15.34 -9.00 11.66
C ALA A 141 14.15 -9.93 11.49
N GLN A 142 13.14 -9.43 10.81
CA GLN A 142 11.92 -10.21 10.59
C GLN A 142 12.08 -11.15 9.41
N LYS A 143 12.87 -12.18 9.61
CA LYS A 143 13.07 -13.21 8.62
C LYS A 143 12.05 -14.30 8.77
N ILE A 144 11.33 -14.59 7.70
CA ILE A 144 10.38 -15.67 7.69
C ILE A 144 11.11 -17.00 7.55
N GLU A 145 10.80 -17.92 8.42
CA GLU A 145 11.47 -19.20 8.43
C GLU A 145 10.84 -20.13 7.43
N TRP A 146 11.68 -20.56 6.51
CA TRP A 146 11.29 -21.47 5.46
C TRP A 146 11.24 -22.89 6.00
N HIS A 147 10.10 -23.27 6.53
CA HIS A 147 9.86 -24.61 7.01
C HIS A 147 8.45 -25.06 6.66
N GLU A 148 8.24 -26.36 6.65
CA GLU A 148 6.94 -26.91 6.28
C GLU A 148 5.98 -26.83 7.47
N GLY A 1 -10.90 14.16 -5.50
CA GLY A 1 -10.95 12.99 -6.42
C GLY A 1 -11.74 11.85 -5.83
N ASN A 2 -11.66 10.68 -6.47
CA ASN A 2 -12.37 9.50 -5.98
C ASN A 2 -11.64 8.90 -4.79
N GLY A 3 -11.96 9.41 -3.61
CA GLY A 3 -11.38 8.91 -2.39
C GLY A 3 -11.18 9.98 -1.35
N LYS A 4 -11.62 9.68 -0.14
CA LYS A 4 -11.40 10.55 1.00
C LYS A 4 -10.04 10.26 1.61
N TYR A 5 -9.89 9.04 2.10
CA TYR A 5 -8.63 8.54 2.62
C TYR A 5 -7.70 8.20 1.48
N PHE A 6 -8.19 7.36 0.58
CA PHE A 6 -7.48 7.03 -0.63
C PHE A 6 -7.76 8.06 -1.72
N SER A 7 -7.29 7.81 -2.93
CA SER A 7 -7.54 8.70 -4.04
C SER A 7 -7.32 7.96 -5.35
N LYS A 8 -8.10 8.33 -6.37
CA LYS A 8 -8.01 7.73 -7.69
C LYS A 8 -8.29 6.21 -7.61
N VAL A 9 -9.16 5.83 -6.70
CA VAL A 9 -9.50 4.43 -6.52
C VAL A 9 -10.82 4.11 -7.21
N GLY A 10 -11.91 4.22 -6.47
CA GLY A 10 -13.20 3.83 -7.00
C GLY A 10 -13.24 2.34 -7.27
N SER A 11 -12.79 1.56 -6.27
CA SER A 11 -12.66 0.11 -6.38
C SER A 11 -11.51 -0.33 -7.28
N ALA A 12 -10.87 0.63 -7.95
CA ALA A 12 -9.75 0.34 -8.83
C ALA A 12 -8.54 -0.14 -8.03
N GLY A 13 -8.20 0.63 -7.01
CA GLY A 13 -7.13 0.22 -6.11
C GLY A 13 -7.49 -1.02 -5.34
N LEU A 14 -8.72 -1.04 -4.85
CA LEU A 14 -9.22 -2.12 -4.00
C LEU A 14 -9.19 -3.46 -4.71
N LYS A 15 -9.62 -3.45 -5.96
CA LYS A 15 -9.68 -4.67 -6.78
C LYS A 15 -8.32 -5.35 -6.89
N GLN A 16 -7.26 -4.57 -6.89
CA GLN A 16 -5.91 -5.13 -6.97
C GLN A 16 -5.58 -5.87 -5.67
N LEU A 17 -6.10 -5.35 -4.56
CA LEU A 17 -6.00 -6.04 -3.28
C LEU A 17 -6.82 -7.31 -3.32
N THR A 18 -8.08 -7.17 -3.69
CA THR A 18 -9.00 -8.28 -3.75
C THR A 18 -8.44 -9.38 -4.65
N ASN A 19 -7.65 -8.95 -5.61
CA ASN A 19 -7.02 -9.86 -6.54
C ASN A 19 -5.96 -10.70 -5.86
N LYS A 20 -4.99 -10.04 -5.22
CA LYS A 20 -3.87 -10.74 -4.62
C LYS A 20 -4.22 -11.34 -3.26
N LEU A 21 -5.17 -10.72 -2.56
CA LEU A 21 -5.61 -11.23 -1.26
C LEU A 21 -6.62 -12.35 -1.47
N ASP A 22 -7.13 -12.40 -2.71
CA ASP A 22 -8.09 -13.41 -3.13
C ASP A 22 -9.41 -13.26 -2.38
N ILE A 23 -9.73 -12.03 -2.04
CA ILE A 23 -11.02 -11.71 -1.45
C ILE A 23 -11.96 -11.24 -2.56
N ASN A 24 -13.16 -10.87 -2.20
CA ASN A 24 -14.15 -10.46 -3.19
C ASN A 24 -14.08 -8.96 -3.40
N GLU A 25 -14.72 -8.49 -4.47
CA GLU A 25 -14.63 -7.09 -4.87
C GLU A 25 -15.15 -6.15 -3.78
N CYS A 26 -14.45 -5.05 -3.59
CA CYS A 26 -14.76 -4.13 -2.51
C CYS A 26 -15.01 -2.72 -3.03
N ALA A 27 -15.93 -2.02 -2.38
CA ALA A 27 -16.32 -0.68 -2.79
C ALA A 27 -15.48 0.39 -2.12
N THR A 28 -15.08 0.15 -0.88
CA THR A 28 -14.28 1.11 -0.13
C THR A 28 -13.17 0.40 0.63
N VAL A 29 -12.33 1.16 1.33
CA VAL A 29 -11.33 0.55 2.18
C VAL A 29 -12.01 -0.21 3.31
N ASP A 30 -13.16 0.29 3.74
CA ASP A 30 -13.97 -0.38 4.75
C ASP A 30 -14.44 -1.73 4.23
N GLU A 31 -14.92 -1.76 2.99
CA GLU A 31 -15.33 -3.01 2.36
C GLU A 31 -14.13 -3.92 2.09
N LEU A 32 -12.99 -3.30 1.79
CA LEU A 32 -11.78 -4.03 1.50
C LEU A 32 -11.25 -4.60 2.81
N VAL A 33 -11.41 -3.81 3.84
CA VAL A 33 -11.06 -4.20 5.18
C VAL A 33 -12.01 -5.27 5.67
N ASP A 34 -13.25 -5.15 5.22
CA ASP A 34 -14.33 -6.06 5.57
C ASP A 34 -13.95 -7.50 5.26
N GLU A 35 -13.42 -7.71 4.07
CA GLU A 35 -12.95 -9.02 3.65
C GLU A 35 -11.73 -9.44 4.44
N ILE A 36 -10.79 -8.51 4.59
CA ILE A 36 -9.55 -8.81 5.29
C ILE A 36 -9.79 -9.28 6.72
N ASN A 37 -10.59 -8.55 7.48
CA ASN A 37 -10.82 -8.94 8.88
C ASN A 37 -11.61 -10.23 8.97
N LYS A 38 -12.18 -10.63 7.85
CA LYS A 38 -12.89 -11.91 7.76
C LYS A 38 -11.91 -12.98 7.31
N SER A 39 -10.82 -12.54 6.71
CA SER A 39 -9.81 -13.43 6.17
C SER A 39 -8.50 -13.25 6.93
N GLY A 40 -8.30 -14.03 7.99
CA GLY A 40 -7.16 -13.85 8.87
C GLY A 40 -5.82 -13.98 8.16
N THR A 41 -5.74 -14.87 7.18
CA THR A 41 -4.52 -15.06 6.40
C THR A 41 -4.21 -13.77 5.63
N VAL A 42 -5.28 -13.18 5.16
CA VAL A 42 -5.24 -11.96 4.40
C VAL A 42 -4.88 -10.78 5.29
N LYS A 43 -5.51 -10.73 6.46
CA LYS A 43 -5.15 -9.74 7.47
C LYS A 43 -3.69 -9.94 7.88
N ARG A 44 -3.28 -11.19 7.90
CA ARG A 44 -1.92 -11.55 8.25
C ARG A 44 -0.96 -11.15 7.12
N LYS A 45 -1.48 -11.04 5.90
CA LYS A 45 -0.68 -10.55 4.78
C LYS A 45 -0.36 -9.09 5.03
N ILE A 46 -1.37 -8.39 5.54
CA ILE A 46 -1.23 -7.00 5.91
C ILE A 46 -0.26 -6.86 7.06
N LYS A 47 -0.51 -7.68 8.06
CA LYS A 47 0.18 -7.62 9.33
C LYS A 47 1.67 -7.87 9.19
N ASN A 48 1.98 -8.96 8.52
CA ASN A 48 3.35 -9.46 8.46
C ASN A 48 4.18 -8.71 7.43
N GLN A 49 3.50 -8.06 6.49
CA GLN A 49 4.19 -7.39 5.41
C GLN A 49 4.11 -5.88 5.54
N SER A 50 5.04 -5.21 4.88
CA SER A 50 5.05 -3.77 4.85
C SER A 50 4.11 -3.29 3.75
N ALA A 51 3.46 -2.16 4.01
CA ALA A 51 2.44 -1.64 3.12
C ALA A 51 2.99 -1.35 1.73
N PHE A 52 4.25 -0.98 1.69
CA PHE A 52 4.98 -0.74 0.45
C PHE A 52 4.97 -2.00 -0.41
N ASP A 53 5.35 -3.11 0.21
CA ASP A 53 5.37 -4.41 -0.44
C ASP A 53 3.95 -4.88 -0.76
N LEU A 54 3.05 -4.71 0.21
CA LEU A 54 1.63 -5.05 0.03
C LEU A 54 1.04 -4.47 -1.24
N SER A 55 1.25 -3.18 -1.45
CA SER A 55 0.72 -2.51 -2.61
C SER A 55 1.52 -2.88 -3.85
N ARG A 56 2.84 -2.84 -3.72
CA ARG A 56 3.76 -3.22 -4.80
C ARG A 56 3.37 -4.58 -5.38
N GLU A 57 3.09 -5.54 -4.51
CA GLU A 57 2.72 -6.89 -4.91
C GLU A 57 1.44 -6.91 -5.72
N CYS A 58 0.54 -5.98 -5.43
CA CYS A 58 -0.76 -5.92 -6.07
C CYS A 58 -0.62 -5.52 -7.53
N LEU A 59 0.55 -5.04 -7.87
CA LEU A 59 0.87 -4.66 -9.24
C LEU A 59 1.71 -5.74 -9.92
N GLY A 60 2.14 -6.72 -9.15
CA GLY A 60 3.10 -7.68 -9.64
C GLY A 60 4.45 -7.01 -9.86
N TYR A 61 4.64 -5.90 -9.15
CA TYR A 61 5.84 -5.08 -9.28
C TYR A 61 7.09 -5.83 -8.85
N PRO A 62 8.09 -5.86 -9.74
CA PRO A 62 9.41 -6.41 -9.41
C PRO A 62 10.08 -5.55 -8.35
N GLU A 63 10.54 -6.20 -7.30
CA GLU A 63 11.04 -5.52 -6.11
C GLU A 63 12.24 -4.63 -6.41
N ALA A 64 13.12 -5.13 -7.26
CA ALA A 64 14.38 -4.44 -7.55
C ALA A 64 14.12 -3.17 -8.33
N ASP A 65 13.30 -3.32 -9.36
CA ASP A 65 13.01 -2.22 -10.25
C ASP A 65 12.14 -1.21 -9.55
N PHE A 66 11.30 -1.72 -8.67
CA PHE A 66 10.38 -0.89 -7.90
C PHE A 66 11.16 -0.05 -6.90
N ILE A 67 12.08 -0.71 -6.22
CA ILE A 67 12.95 -0.08 -5.27
C ILE A 67 13.84 0.93 -5.99
N THR A 68 14.26 0.56 -7.20
CA THR A 68 15.03 1.44 -8.04
C THR A 68 14.25 2.70 -8.35
N LEU A 69 13.01 2.53 -8.81
CA LEU A 69 12.15 3.66 -9.14
C LEU A 69 12.00 4.58 -7.95
N VAL A 70 11.59 4.02 -6.83
CA VAL A 70 11.35 4.79 -5.64
C VAL A 70 12.61 5.55 -5.22
N ASN A 71 13.77 5.03 -5.63
CA ASN A 71 15.06 5.63 -5.30
C ASN A 71 15.36 6.87 -6.14
N ASN A 72 14.66 7.05 -7.27
CA ASN A 72 14.88 8.23 -8.10
C ASN A 72 13.65 9.11 -8.17
N MET A 73 12.74 8.92 -7.22
CA MET A 73 11.54 9.75 -7.12
C MET A 73 11.51 10.52 -5.82
N ARG A 74 10.43 11.27 -5.65
CA ARG A 74 10.20 12.05 -4.44
C ARG A 74 8.70 12.06 -4.17
N PHE A 75 8.32 11.81 -2.94
CA PHE A 75 6.93 11.58 -2.62
C PHE A 75 6.36 12.61 -1.67
N LYS A 76 5.08 12.89 -1.87
CA LYS A 76 4.33 13.71 -0.95
C LYS A 76 3.40 12.79 -0.17
N ILE A 77 3.72 12.56 1.09
CA ILE A 77 2.98 11.62 1.89
C ILE A 77 1.89 12.34 2.67
N GLU A 78 0.75 11.69 2.83
CA GLU A 78 -0.39 12.27 3.48
C GLU A 78 -1.09 11.21 4.33
N ASN A 79 -1.03 11.38 5.63
CA ASN A 79 -1.60 10.43 6.57
C ASN A 79 -1.01 9.04 6.33
N CYS A 80 0.31 9.02 6.18
CA CYS A 80 1.07 7.78 5.97
C CYS A 80 0.79 7.16 4.60
N LYS A 81 0.22 7.94 3.70
CA LYS A 81 -0.14 7.46 2.37
C LYS A 81 0.36 8.40 1.30
N VAL A 82 0.91 7.88 0.21
CA VAL A 82 1.34 8.71 -0.89
C VAL A 82 0.15 9.37 -1.59
N VAL A 83 0.00 10.67 -1.39
CA VAL A 83 -1.08 11.40 -2.01
C VAL A 83 -0.61 11.97 -3.32
N ASN A 84 0.70 12.24 -3.37
CA ASN A 84 1.35 12.60 -4.60
C ASN A 84 2.71 11.94 -4.72
N PHE A 85 3.04 11.54 -5.92
CA PHE A 85 4.33 10.94 -6.23
C PHE A 85 4.91 11.69 -7.41
N ASN A 86 6.22 11.76 -7.49
CA ASN A 86 6.87 12.33 -8.66
C ASN A 86 8.29 11.84 -8.71
N ILE A 87 8.86 11.88 -9.89
CA ILE A 87 10.21 11.39 -10.09
C ILE A 87 11.21 12.54 -10.07
N GLU A 88 12.37 12.27 -9.51
CA GLU A 88 13.42 13.25 -9.40
C GLU A 88 14.39 13.11 -10.55
N ASN A 89 14.65 11.87 -10.92
CA ASN A 89 15.61 11.60 -11.99
C ASN A 89 15.16 10.41 -12.81
N THR A 90 14.52 10.71 -13.92
CA THR A 90 13.93 9.67 -14.77
C THR A 90 15.00 8.80 -15.42
N ASN A 91 16.25 9.25 -15.32
CA ASN A 91 17.40 8.54 -15.88
C ASN A 91 17.52 7.14 -15.28
N CYS A 92 17.00 6.95 -14.09
CA CYS A 92 17.04 5.65 -13.47
C CYS A 92 15.85 4.80 -13.91
N LEU A 93 14.77 5.43 -14.35
CA LEU A 93 13.59 4.69 -14.77
C LEU A 93 13.63 4.39 -16.25
N ASN A 94 14.57 5.01 -16.96
CA ASN A 94 14.63 4.84 -18.42
C ASN A 94 14.93 3.39 -18.82
N ASN A 95 15.13 2.53 -17.83
CA ASN A 95 15.10 1.10 -18.07
C ASN A 95 13.64 0.69 -18.18
N PRO A 96 13.26 0.07 -19.32
CA PRO A 96 11.88 -0.32 -19.63
C PRO A 96 11.13 -0.95 -18.47
N SER A 97 11.89 -1.64 -17.63
CA SER A 97 11.34 -2.28 -16.45
C SER A 97 10.79 -1.24 -15.48
N ILE A 98 11.56 -0.17 -15.27
CA ILE A 98 11.19 0.86 -14.32
C ILE A 98 10.07 1.72 -14.88
N GLU A 99 10.13 2.01 -16.18
CA GLU A 99 9.12 2.82 -16.84
C GLU A 99 7.77 2.14 -16.70
N THR A 100 7.81 0.82 -16.75
CA THR A 100 6.65 -0.01 -16.56
C THR A 100 6.02 0.27 -15.20
N ILE A 101 6.84 0.24 -14.17
CA ILE A 101 6.39 0.48 -12.83
C ILE A 101 5.97 1.93 -12.65
N TYR A 102 6.72 2.82 -13.27
CA TYR A 102 6.52 4.25 -13.12
C TYR A 102 5.22 4.70 -13.78
N ARG A 103 5.00 4.24 -14.99
CA ARG A 103 3.82 4.65 -15.75
C ARG A 103 2.54 4.15 -15.10
N ASN A 104 2.62 2.98 -14.48
CA ASN A 104 1.46 2.38 -13.82
C ASN A 104 1.49 2.71 -12.34
N PHE A 105 2.40 3.59 -11.97
CA PHE A 105 2.68 3.88 -10.57
C PHE A 105 1.46 4.43 -9.84
N ASN A 106 0.60 5.13 -10.56
CA ASN A 106 -0.61 5.70 -9.95
C ASN A 106 -1.44 4.59 -9.30
N GLN A 107 -1.37 3.40 -9.88
CA GLN A 107 -2.03 2.22 -9.32
C GLN A 107 -1.44 1.91 -7.95
N PHE A 108 -0.12 1.86 -7.86
CA PHE A 108 0.55 1.53 -6.61
C PHE A 108 0.19 2.51 -5.50
N VAL A 109 0.24 3.81 -5.78
CA VAL A 109 -0.05 4.80 -4.77
C VAL A 109 -1.51 4.67 -4.32
N SER A 110 -2.39 4.36 -5.27
CA SER A 110 -3.80 4.15 -4.97
C SER A 110 -3.95 2.94 -4.04
N ILE A 111 -3.34 1.85 -4.46
CA ILE A 111 -3.32 0.61 -3.69
C ILE A 111 -2.65 0.82 -2.33
N PHE A 112 -1.58 1.60 -2.33
CA PHE A 112 -0.83 1.89 -1.12
C PHE A 112 -1.69 2.64 -0.13
N ASN A 113 -2.43 3.62 -0.62
CA ASN A 113 -3.37 4.38 0.20
C ASN A 113 -4.38 3.44 0.84
N VAL A 114 -4.83 2.47 0.06
CA VAL A 114 -5.76 1.44 0.53
C VAL A 114 -5.11 0.58 1.61
N VAL A 115 -3.95 0.03 1.28
CA VAL A 115 -3.23 -0.88 2.16
C VAL A 115 -2.95 -0.22 3.49
N THR A 116 -2.51 1.01 3.41
CA THR A 116 -2.21 1.80 4.58
C THR A 116 -3.47 2.09 5.39
N ASP A 117 -4.60 2.32 4.70
CA ASP A 117 -5.85 2.56 5.40
C ASP A 117 -6.23 1.29 6.15
N VAL A 118 -6.05 0.16 5.48
CA VAL A 118 -6.33 -1.14 6.07
C VAL A 118 -5.53 -1.34 7.34
N LYS A 119 -4.22 -1.20 7.23
CA LYS A 119 -3.34 -1.52 8.35
C LYS A 119 -3.61 -0.59 9.53
N LYS A 120 -3.95 0.65 9.23
CA LYS A 120 -4.26 1.61 10.28
C LYS A 120 -5.61 1.34 10.95
N ARG A 121 -6.55 0.75 10.21
CA ARG A 121 -7.86 0.44 10.79
C ARG A 121 -7.78 -0.82 11.66
N LEU A 122 -7.21 -1.88 11.10
CA LEU A 122 -7.15 -3.16 11.79
C LEU A 122 -6.12 -3.12 12.90
N PHE A 123 -4.92 -2.69 12.52
CA PHE A 123 -3.77 -2.77 13.40
C PHE A 123 -3.53 -1.44 14.10
N GLU A 124 -2.74 -0.56 13.47
CA GLU A 124 -2.37 0.74 14.03
C GLU A 124 -1.78 0.62 15.44
N ASN A 125 -2.65 0.61 16.45
CA ASN A 125 -2.20 0.48 17.83
C ASN A 125 -1.88 -0.97 18.16
N ALA A 126 -2.40 -1.88 17.34
CA ALA A 126 -2.10 -3.30 17.48
C ALA A 126 -0.62 -3.55 17.28
N SER A 127 0.08 -3.85 18.38
CA SER A 127 1.53 -3.99 18.38
C SER A 127 2.20 -2.81 17.69
N GLY A 128 1.61 -1.64 17.86
CA GLY A 128 2.08 -0.46 17.18
C GLY A 128 2.91 0.44 18.07
N ASN A 129 3.35 -0.11 19.19
CA ASN A 129 4.32 0.57 20.04
C ASN A 129 5.62 0.73 19.27
N GLY A 130 5.78 -0.13 18.27
CA GLY A 130 6.88 0.01 17.34
C GLY A 130 6.40 0.05 15.91
N SER A 131 5.66 -0.98 15.51
CA SER A 131 5.17 -1.11 14.13
C SER A 131 6.34 -1.12 13.14
N GLY A 132 6.02 -1.06 11.86
CA GLY A 132 7.04 -0.99 10.83
C GLY A 132 7.63 -2.34 10.49
N GLY A 133 7.34 -3.35 11.30
CA GLY A 133 7.90 -4.67 11.10
C GLY A 133 9.35 -4.74 11.51
N GLY A 134 9.74 -3.83 12.39
CA GLY A 134 11.12 -3.75 12.83
C GLY A 134 11.29 -4.24 14.26
N LEU A 135 10.98 -5.51 14.49
CA LEU A 135 11.08 -6.11 15.81
C LEU A 135 12.50 -6.08 16.34
N ASN A 136 13.46 -6.39 15.48
CA ASN A 136 14.85 -6.57 15.88
C ASN A 136 15.55 -5.22 16.09
N ASP A 137 14.78 -4.25 16.53
CA ASP A 137 15.29 -2.92 16.85
C ASP A 137 16.22 -3.01 18.05
N ILE A 138 15.69 -3.48 19.17
CA ILE A 138 16.49 -3.64 20.38
C ILE A 138 16.95 -5.08 20.53
N PHE A 139 16.36 -5.97 19.75
CA PHE A 139 16.58 -7.41 19.89
C PHE A 139 17.77 -7.86 19.06
N GLU A 140 18.81 -7.04 19.06
CA GLU A 140 20.04 -7.36 18.37
C GLU A 140 20.89 -8.30 19.22
N ALA A 141 20.75 -9.59 18.96
CA ALA A 141 21.46 -10.60 19.73
C ALA A 141 22.88 -10.73 19.25
N GLN A 142 23.82 -10.39 20.13
CA GLN A 142 25.21 -10.52 19.86
C GLN A 142 25.66 -11.94 20.17
N LYS A 143 25.46 -12.84 19.21
CA LYS A 143 25.96 -14.21 19.31
C LYS A 143 27.44 -14.22 19.68
N ILE A 144 27.74 -14.83 20.80
CA ILE A 144 29.10 -14.90 21.29
C ILE A 144 29.86 -16.04 20.62
N GLU A 145 31.16 -15.83 20.46
CA GLU A 145 32.01 -16.79 19.84
C GLU A 145 32.26 -17.98 20.74
N TRP A 146 31.74 -19.09 20.31
CA TRP A 146 31.80 -20.32 21.06
C TRP A 146 33.17 -20.97 20.96
N HIS A 147 33.86 -21.07 22.09
CA HIS A 147 35.15 -21.75 22.15
C HIS A 147 35.37 -22.34 23.53
N GLU A 148 35.76 -23.59 23.58
CA GLU A 148 35.96 -24.27 24.84
C GLU A 148 37.45 -24.34 25.19
N GLY A 1 -15.75 13.25 -3.15
CA GLY A 1 -15.31 13.28 -4.57
C GLY A 1 -14.96 11.90 -5.08
N ASN A 2 -13.67 11.59 -5.18
CA ASN A 2 -13.23 10.27 -5.61
C ASN A 2 -12.99 9.38 -4.40
N GLY A 3 -12.22 9.89 -3.44
CA GLY A 3 -11.92 9.14 -2.25
C GLY A 3 -11.52 10.04 -1.11
N LYS A 4 -11.79 9.58 0.10
CA LYS A 4 -11.38 10.30 1.29
C LYS A 4 -10.15 9.63 1.90
N TYR A 5 -10.38 8.45 2.44
CA TYR A 5 -9.31 7.61 2.98
C TYR A 5 -8.35 7.22 1.87
N PHE A 6 -8.91 7.02 0.68
CA PHE A 6 -8.13 6.73 -0.51
C PHE A 6 -8.22 7.88 -1.50
N SER A 7 -7.62 7.68 -2.67
CA SER A 7 -7.69 8.65 -3.74
C SER A 7 -7.25 8.00 -5.04
N LYS A 8 -7.95 8.35 -6.13
CA LYS A 8 -7.62 7.87 -7.48
C LYS A 8 -7.93 6.37 -7.62
N VAL A 9 -8.73 5.86 -6.69
CA VAL A 9 -9.07 4.44 -6.66
C VAL A 9 -10.36 4.18 -7.42
N GLY A 10 -11.47 4.39 -6.75
CA GLY A 10 -12.78 4.11 -7.33
C GLY A 10 -12.98 2.62 -7.51
N SER A 11 -12.70 1.86 -6.45
CA SER A 11 -12.77 0.40 -6.45
C SER A 11 -11.69 -0.25 -7.31
N ALA A 12 -11.03 0.56 -8.12
CA ALA A 12 -9.99 0.08 -9.02
C ALA A 12 -8.79 -0.43 -8.24
N GLY A 13 -8.31 0.39 -7.32
CA GLY A 13 -7.21 0.00 -6.47
C GLY A 13 -7.56 -1.17 -5.57
N LEU A 14 -8.78 -1.13 -5.02
CA LEU A 14 -9.24 -2.14 -4.09
C LEU A 14 -9.23 -3.52 -4.73
N LYS A 15 -9.69 -3.59 -5.97
CA LYS A 15 -9.73 -4.84 -6.72
C LYS A 15 -8.34 -5.45 -6.86
N GLN A 16 -7.31 -4.63 -6.94
CA GLN A 16 -5.95 -5.12 -7.02
C GLN A 16 -5.52 -5.74 -5.69
N LEU A 17 -6.11 -5.25 -4.61
CA LEU A 17 -5.97 -5.89 -3.30
C LEU A 17 -6.72 -7.20 -3.28
N THR A 18 -7.98 -7.14 -3.67
CA THR A 18 -8.85 -8.31 -3.69
C THR A 18 -8.23 -9.40 -4.54
N ASN A 19 -7.46 -8.95 -5.52
CA ASN A 19 -6.75 -9.85 -6.42
C ASN A 19 -5.67 -10.62 -5.68
N LYS A 20 -4.76 -9.90 -5.03
CA LYS A 20 -3.65 -10.50 -4.34
C LYS A 20 -4.07 -11.15 -3.01
N LEU A 21 -5.06 -10.56 -2.34
CA LEU A 21 -5.53 -11.09 -1.06
C LEU A 21 -6.49 -12.24 -1.30
N ASP A 22 -6.92 -12.35 -2.55
CA ASP A 22 -7.79 -13.43 -3.02
C ASP A 22 -9.17 -13.33 -2.35
N ILE A 23 -9.54 -12.10 -2.01
CA ILE A 23 -10.87 -11.79 -1.50
C ILE A 23 -11.75 -11.32 -2.66
N ASN A 24 -12.98 -10.97 -2.35
CA ASN A 24 -13.92 -10.55 -3.38
C ASN A 24 -13.89 -9.05 -3.53
N GLU A 25 -14.48 -8.56 -4.61
CA GLU A 25 -14.41 -7.14 -4.97
C GLU A 25 -15.00 -6.25 -3.88
N CYS A 26 -14.29 -5.17 -3.60
CA CYS A 26 -14.65 -4.27 -2.52
C CYS A 26 -14.92 -2.86 -3.04
N ALA A 27 -15.89 -2.20 -2.44
CA ALA A 27 -16.31 -0.87 -2.86
C ALA A 27 -15.49 0.23 -2.19
N THR A 28 -15.10 0.00 -0.95
CA THR A 28 -14.34 0.97 -0.19
C THR A 28 -13.23 0.30 0.59
N VAL A 29 -12.45 1.06 1.35
CA VAL A 29 -11.44 0.44 2.21
C VAL A 29 -12.13 -0.31 3.34
N ASP A 30 -13.28 0.19 3.75
CA ASP A 30 -14.11 -0.48 4.74
C ASP A 30 -14.60 -1.82 4.22
N GLU A 31 -14.98 -1.86 2.94
CA GLU A 31 -15.35 -3.13 2.31
C GLU A 31 -14.13 -4.00 2.07
N LEU A 32 -13.01 -3.38 1.75
CA LEU A 32 -11.77 -4.07 1.50
C LEU A 32 -11.28 -4.65 2.81
N VAL A 33 -11.54 -3.91 3.86
CA VAL A 33 -11.23 -4.31 5.20
C VAL A 33 -12.20 -5.38 5.66
N ASP A 34 -13.42 -5.29 5.16
CA ASP A 34 -14.49 -6.21 5.50
C ASP A 34 -14.11 -7.64 5.20
N GLU A 35 -13.52 -7.85 4.04
CA GLU A 35 -13.02 -9.16 3.65
C GLU A 35 -11.81 -9.53 4.50
N ILE A 36 -10.86 -8.62 4.60
CA ILE A 36 -9.65 -8.86 5.34
C ILE A 36 -9.92 -9.25 6.79
N ASN A 37 -10.69 -8.42 7.49
CA ASN A 37 -10.94 -8.66 8.90
C ASN A 37 -11.76 -9.91 9.13
N LYS A 38 -12.37 -10.40 8.06
CA LYS A 38 -13.14 -11.63 8.12
C LYS A 38 -12.24 -12.81 7.77
N SER A 39 -11.13 -12.50 7.11
CA SER A 39 -10.18 -13.52 6.71
C SER A 39 -8.83 -13.28 7.38
N GLY A 40 -8.61 -13.95 8.50
CA GLY A 40 -7.41 -13.73 9.29
C GLY A 40 -6.13 -14.02 8.54
N THR A 41 -6.21 -14.89 7.54
CA THR A 41 -5.07 -15.19 6.67
C THR A 41 -4.72 -13.96 5.85
N VAL A 42 -5.77 -13.30 5.40
CA VAL A 42 -5.66 -12.11 4.58
C VAL A 42 -5.21 -10.93 5.41
N LYS A 43 -5.77 -10.81 6.61
CA LYS A 43 -5.31 -9.83 7.57
C LYS A 43 -3.85 -10.10 7.90
N ARG A 44 -3.51 -11.37 7.92
CA ARG A 44 -2.14 -11.81 8.18
C ARG A 44 -1.22 -11.42 7.03
N LYS A 45 -1.78 -11.34 5.81
CA LYS A 45 -1.01 -10.88 4.67
C LYS A 45 -0.60 -9.44 4.93
N ILE A 46 -1.56 -8.67 5.42
CA ILE A 46 -1.33 -7.28 5.79
C ILE A 46 -0.32 -7.19 6.91
N LYS A 47 -0.57 -7.99 7.92
CA LYS A 47 0.14 -7.95 9.17
C LYS A 47 1.63 -8.23 9.00
N ASN A 48 1.93 -9.29 8.29
CA ASN A 48 3.30 -9.78 8.17
C ASN A 48 4.08 -9.00 7.12
N GLN A 49 3.38 -8.32 6.24
CA GLN A 49 4.01 -7.66 5.11
C GLN A 49 4.00 -6.16 5.30
N SER A 50 4.95 -5.52 4.65
CA SER A 50 5.04 -4.08 4.66
C SER A 50 4.05 -3.52 3.65
N ALA A 51 3.48 -2.37 3.94
CA ALA A 51 2.45 -1.78 3.08
C ALA A 51 3.00 -1.46 1.69
N PHE A 52 4.22 -0.95 1.66
CA PHE A 52 4.92 -0.62 0.43
C PHE A 52 5.17 -1.88 -0.38
N ASP A 53 5.36 -2.98 0.35
CA ASP A 53 5.52 -4.30 -0.25
C ASP A 53 4.17 -4.83 -0.74
N LEU A 54 3.19 -4.76 0.17
CA LEU A 54 1.80 -5.18 -0.09
C LEU A 54 1.24 -4.60 -1.38
N SER A 55 1.35 -3.28 -1.52
CA SER A 55 0.80 -2.58 -2.66
C SER A 55 1.59 -2.91 -3.92
N ARG A 56 2.90 -2.81 -3.81
CA ARG A 56 3.81 -3.19 -4.89
C ARG A 56 3.45 -4.56 -5.46
N GLU A 57 3.13 -5.50 -4.57
CA GLU A 57 2.78 -6.85 -4.95
C GLU A 57 1.49 -6.90 -5.77
N CYS A 58 0.60 -5.95 -5.53
CA CYS A 58 -0.70 -5.92 -6.19
C CYS A 58 -0.57 -5.52 -7.64
N LEU A 59 0.59 -5.00 -7.98
CA LEU A 59 0.88 -4.58 -9.35
C LEU A 59 1.62 -5.67 -10.11
N GLY A 60 2.19 -6.61 -9.37
CA GLY A 60 3.13 -7.54 -9.97
C GLY A 60 4.47 -6.88 -10.14
N TYR A 61 4.66 -5.80 -9.38
CA TYR A 61 5.87 -5.00 -9.44
C TYR A 61 7.08 -5.78 -9.00
N PRO A 62 8.12 -5.78 -9.83
CA PRO A 62 9.42 -6.32 -9.46
C PRO A 62 10.05 -5.47 -8.37
N GLU A 63 10.46 -6.11 -7.29
CA GLU A 63 10.90 -5.42 -6.09
C GLU A 63 12.14 -4.57 -6.34
N ALA A 64 13.03 -5.07 -7.19
CA ALA A 64 14.29 -4.40 -7.46
C ALA A 64 14.07 -3.11 -8.22
N ASP A 65 13.32 -3.22 -9.29
CA ASP A 65 13.09 -2.09 -10.18
C ASP A 65 12.19 -1.09 -9.49
N PHE A 66 11.31 -1.61 -8.63
CA PHE A 66 10.39 -0.78 -7.88
C PHE A 66 11.16 0.04 -6.85
N ILE A 67 12.07 -0.63 -6.15
CA ILE A 67 12.89 -0.01 -5.15
C ILE A 67 13.84 1.00 -5.78
N THR A 68 14.27 0.68 -6.99
CA THR A 68 15.08 1.56 -7.77
C THR A 68 14.30 2.80 -8.16
N LEU A 69 13.10 2.61 -8.70
CA LEU A 69 12.26 3.73 -9.10
C LEU A 69 12.05 4.67 -7.92
N VAL A 70 11.59 4.11 -6.82
CA VAL A 70 11.33 4.90 -5.63
C VAL A 70 12.60 5.62 -5.18
N ASN A 71 13.75 5.06 -5.56
CA ASN A 71 15.04 5.62 -5.22
C ASN A 71 15.38 6.84 -6.11
N ASN A 72 14.74 6.96 -7.27
CA ASN A 72 14.94 8.13 -8.14
C ASN A 72 13.74 9.07 -8.12
N MET A 73 12.79 8.82 -7.23
CA MET A 73 11.61 9.66 -7.12
C MET A 73 11.58 10.43 -5.81
N ARG A 74 10.51 11.19 -5.66
CA ARG A 74 10.27 11.97 -4.47
C ARG A 74 8.77 11.97 -4.20
N PHE A 75 8.38 11.81 -2.95
CA PHE A 75 6.99 11.60 -2.63
C PHE A 75 6.45 12.65 -1.68
N LYS A 76 5.15 12.84 -1.76
CA LYS A 76 4.42 13.60 -0.76
C LYS A 76 3.58 12.62 0.03
N ILE A 77 4.00 12.35 1.25
CA ILE A 77 3.29 11.42 2.09
C ILE A 77 2.28 12.17 2.93
N GLU A 78 1.09 11.60 3.02
CA GLU A 78 -0.01 12.24 3.70
C GLU A 78 -0.70 11.19 4.56
N ASN A 79 -0.58 11.33 5.87
CA ASN A 79 -1.14 10.36 6.80
C ASN A 79 -0.59 8.96 6.46
N CYS A 80 0.71 8.91 6.17
CA CYS A 80 1.42 7.67 5.82
C CYS A 80 1.00 7.14 4.44
N LYS A 81 0.27 7.94 3.69
CA LYS A 81 -0.20 7.54 2.37
C LYS A 81 0.40 8.44 1.31
N VAL A 82 0.85 7.87 0.20
CA VAL A 82 1.35 8.69 -0.89
C VAL A 82 0.17 9.39 -1.58
N VAL A 83 0.06 10.69 -1.33
CA VAL A 83 -1.01 11.47 -1.92
C VAL A 83 -0.50 12.07 -3.22
N ASN A 84 0.81 12.28 -3.25
CA ASN A 84 1.48 12.67 -4.46
C ASN A 84 2.82 11.98 -4.63
N PHE A 85 3.14 11.64 -5.86
CA PHE A 85 4.40 11.00 -6.20
C PHE A 85 4.97 11.72 -7.42
N ASN A 86 6.28 11.79 -7.51
CA ASN A 86 6.92 12.33 -8.69
C ASN A 86 8.34 11.85 -8.73
N ILE A 87 8.92 11.84 -9.89
CA ILE A 87 10.27 11.36 -10.05
C ILE A 87 11.26 12.51 -10.07
N GLU A 88 12.42 12.27 -9.49
CA GLU A 88 13.46 13.26 -9.42
C GLU A 88 14.43 13.06 -10.57
N ASN A 89 14.67 11.80 -10.90
CA ASN A 89 15.55 11.46 -12.01
C ASN A 89 14.89 10.44 -12.93
N THR A 90 14.56 10.88 -14.13
CA THR A 90 13.86 10.03 -15.07
C THR A 90 14.83 9.15 -15.86
N ASN A 91 16.08 9.57 -15.89
CA ASN A 91 17.13 8.84 -16.57
C ASN A 91 17.23 7.43 -16.01
N CYS A 92 16.99 7.29 -14.72
CA CYS A 92 17.05 5.99 -14.07
C CYS A 92 15.82 5.14 -14.38
N LEU A 93 14.68 5.77 -14.69
CA LEU A 93 13.49 5.00 -15.01
C LEU A 93 13.53 4.50 -16.44
N ASN A 94 14.47 5.04 -17.21
CA ASN A 94 14.60 4.72 -18.63
C ASN A 94 14.73 3.22 -18.92
N ASN A 95 15.06 2.44 -17.89
CA ASN A 95 15.02 0.98 -18.02
C ASN A 95 13.57 0.55 -18.16
N PRO A 96 13.22 -0.19 -19.24
CA PRO A 96 11.83 -0.54 -19.55
C PRO A 96 11.03 -0.93 -18.32
N SER A 97 11.66 -1.71 -17.45
CA SER A 97 11.04 -2.17 -16.23
C SER A 97 10.62 -1.02 -15.33
N ILE A 98 11.52 -0.05 -15.15
CA ILE A 98 11.23 1.09 -14.30
C ILE A 98 10.11 1.94 -14.92
N GLU A 99 10.16 2.11 -16.25
CA GLU A 99 9.14 2.87 -16.96
C GLU A 99 7.79 2.21 -16.78
N THR A 100 7.81 0.89 -16.83
CA THR A 100 6.65 0.07 -16.59
C THR A 100 6.02 0.38 -15.23
N ILE A 101 6.86 0.36 -14.21
CA ILE A 101 6.44 0.61 -12.87
C ILE A 101 6.01 2.06 -12.69
N TYR A 102 6.74 2.96 -13.33
CA TYR A 102 6.52 4.38 -13.18
C TYR A 102 5.22 4.83 -13.82
N ARG A 103 4.96 4.34 -15.02
CA ARG A 103 3.75 4.72 -15.74
C ARG A 103 2.51 4.21 -15.04
N ASN A 104 2.61 3.00 -14.50
CA ASN A 104 1.48 2.37 -13.82
C ASN A 104 1.53 2.69 -12.35
N PHE A 105 2.44 3.57 -11.98
CA PHE A 105 2.69 3.90 -10.58
C PHE A 105 1.45 4.45 -9.91
N ASN A 106 0.60 5.11 -10.68
CA ASN A 106 -0.66 5.64 -10.17
C ASN A 106 -1.47 4.54 -9.49
N GLN A 107 -1.38 3.34 -10.06
CA GLN A 107 -2.03 2.17 -9.50
C GLN A 107 -1.47 1.87 -8.11
N PHE A 108 -0.15 1.86 -7.99
CA PHE A 108 0.50 1.53 -6.73
C PHE A 108 0.13 2.52 -5.63
N VAL A 109 0.19 3.81 -5.90
CA VAL A 109 -0.11 4.79 -4.87
C VAL A 109 -1.56 4.66 -4.43
N SER A 110 -2.45 4.35 -5.38
CA SER A 110 -3.84 4.10 -5.09
C SER A 110 -3.98 2.90 -4.16
N ILE A 111 -3.34 1.81 -4.54
CA ILE A 111 -3.32 0.59 -3.77
C ILE A 111 -2.67 0.80 -2.42
N PHE A 112 -1.60 1.56 -2.41
CA PHE A 112 -0.86 1.84 -1.20
C PHE A 112 -1.71 2.62 -0.21
N ASN A 113 -2.44 3.60 -0.73
CA ASN A 113 -3.37 4.38 0.09
C ASN A 113 -4.38 3.46 0.77
N VAL A 114 -4.82 2.47 0.02
CA VAL A 114 -5.74 1.45 0.53
C VAL A 114 -5.08 0.61 1.62
N VAL A 115 -3.94 0.04 1.27
CA VAL A 115 -3.20 -0.85 2.16
C VAL A 115 -2.87 -0.15 3.47
N THR A 116 -2.42 1.07 3.34
CA THR A 116 -2.09 1.90 4.47
C THR A 116 -3.33 2.15 5.33
N ASP A 117 -4.49 2.34 4.69
CA ASP A 117 -5.71 2.58 5.43
C ASP A 117 -6.07 1.35 6.23
N VAL A 118 -5.97 0.20 5.58
CA VAL A 118 -6.23 -1.09 6.21
C VAL A 118 -5.37 -1.31 7.44
N LYS A 119 -4.06 -1.16 7.30
CA LYS A 119 -3.18 -1.43 8.42
C LYS A 119 -3.48 -0.47 9.57
N LYS A 120 -3.84 0.77 9.24
CA LYS A 120 -4.25 1.74 10.25
C LYS A 120 -5.62 1.39 10.83
N ARG A 121 -6.45 0.77 10.00
CA ARG A 121 -7.78 0.35 10.39
C ARG A 121 -7.77 -0.86 11.33
N LEU A 122 -6.93 -1.85 11.04
CA LEU A 122 -7.00 -3.12 11.74
C LEU A 122 -5.98 -3.23 12.86
N PHE A 123 -4.76 -2.82 12.56
CA PHE A 123 -3.62 -3.11 13.40
C PHE A 123 -3.20 -1.92 14.26
N GLU A 124 -3.59 -0.74 13.85
CA GLU A 124 -3.14 0.48 14.50
C GLU A 124 -3.89 0.77 15.80
N ASN A 125 -5.04 1.42 15.68
CA ASN A 125 -5.83 1.77 16.86
C ASN A 125 -6.86 0.70 17.14
N ALA A 126 -6.88 -0.32 16.30
CA ALA A 126 -7.70 -1.50 16.52
C ALA A 126 -6.78 -2.65 16.89
N SER A 127 -7.26 -3.53 17.77
CA SER A 127 -6.43 -4.63 18.26
C SER A 127 -5.14 -4.08 18.86
N GLY A 128 -5.25 -2.89 19.43
CA GLY A 128 -4.09 -2.20 19.95
C GLY A 128 -4.02 -2.26 21.44
N ASN A 129 -2.93 -2.78 21.96
CA ASN A 129 -2.72 -2.86 23.40
C ASN A 129 -2.11 -1.57 23.90
N GLY A 130 -1.54 -0.81 22.97
CA GLY A 130 -0.96 0.48 23.30
C GLY A 130 -1.68 1.61 22.60
N SER A 131 -2.30 1.29 21.48
CA SER A 131 -3.04 2.28 20.70
C SER A 131 -4.52 1.93 20.70
N GLY A 132 -5.35 2.94 20.94
CA GLY A 132 -6.78 2.72 20.94
C GLY A 132 -7.52 3.89 21.57
N GLY A 133 -7.08 5.09 21.27
CA GLY A 133 -7.71 6.27 21.80
C GLY A 133 -8.75 6.84 20.86
N GLY A 134 -10.01 6.53 21.13
CA GLY A 134 -11.09 6.98 20.28
C GLY A 134 -11.38 8.46 20.44
N LEU A 135 -11.33 8.93 21.67
CA LEU A 135 -11.59 10.34 21.95
C LEU A 135 -10.29 11.14 21.86
N ASN A 136 -9.85 11.70 22.99
CA ASN A 136 -8.65 12.58 23.09
C ASN A 136 -8.46 13.50 21.90
N ASP A 137 -9.56 13.91 21.27
CA ASP A 137 -9.49 14.75 20.09
C ASP A 137 -9.16 16.19 20.45
N ILE A 138 -10.00 16.80 21.27
CA ILE A 138 -9.76 18.18 21.69
C ILE A 138 -8.67 18.21 22.76
N PHE A 139 -8.36 17.04 23.29
CA PHE A 139 -7.37 16.88 24.34
C PHE A 139 -6.02 16.60 23.71
N GLU A 140 -5.76 17.28 22.59
CA GLU A 140 -4.60 17.05 21.75
C GLU A 140 -4.53 15.61 21.27
N ALA A 141 -5.01 15.40 20.06
CA ALA A 141 -5.03 14.08 19.45
C ALA A 141 -3.64 13.49 19.40
N GLN A 142 -3.54 12.25 19.84
CA GLN A 142 -2.27 11.56 19.90
C GLN A 142 -1.86 11.07 18.53
N LYS A 143 -1.50 12.01 17.68
CA LYS A 143 -1.06 11.72 16.32
C LYS A 143 0.09 10.73 16.33
N ILE A 144 -0.20 9.52 15.86
CA ILE A 144 0.77 8.45 15.82
C ILE A 144 1.85 8.73 14.80
N GLU A 145 3.08 8.44 15.17
CA GLU A 145 4.21 8.69 14.32
C GLU A 145 4.50 7.49 13.45
N TRP A 146 4.59 7.76 12.17
CA TRP A 146 4.82 6.75 11.17
C TRP A 146 6.17 6.07 11.40
N HIS A 147 6.11 4.76 11.60
CA HIS A 147 7.31 3.94 11.72
C HIS A 147 7.05 2.59 11.10
N GLU A 148 8.07 2.02 10.47
CA GLU A 148 7.94 0.75 9.82
C GLU A 148 8.03 -0.39 10.84
N GLY A 1 -10.79 7.49 -11.03
CA GLY A 1 -10.39 7.00 -9.70
C GLY A 1 -10.33 8.11 -8.67
N ASN A 2 -11.30 8.12 -7.76
CA ASN A 2 -11.36 9.14 -6.72
C ASN A 2 -10.89 8.56 -5.39
N GLY A 3 -11.13 9.30 -4.31
CA GLY A 3 -10.84 8.79 -2.99
C GLY A 3 -10.80 9.88 -1.94
N LYS A 4 -11.43 9.60 -0.82
CA LYS A 4 -11.37 10.49 0.33
C LYS A 4 -10.32 9.99 1.31
N TYR A 5 -10.50 8.75 1.71
CA TYR A 5 -9.56 8.04 2.57
C TYR A 5 -8.43 7.51 1.71
N PHE A 6 -8.81 6.82 0.65
CA PHE A 6 -7.87 6.39 -0.38
C PHE A 6 -7.77 7.47 -1.46
N SER A 7 -7.13 7.15 -2.57
CA SER A 7 -7.00 8.08 -3.68
C SER A 7 -6.67 7.33 -4.96
N LYS A 8 -7.16 7.85 -6.09
CA LYS A 8 -6.88 7.30 -7.42
C LYS A 8 -7.49 5.91 -7.59
N VAL A 9 -8.42 5.56 -6.71
CA VAL A 9 -8.95 4.20 -6.68
C VAL A 9 -10.09 4.04 -7.68
N GLY A 10 -11.30 4.34 -7.23
CA GLY A 10 -12.47 4.09 -8.05
C GLY A 10 -12.70 2.61 -8.24
N SER A 11 -12.65 1.87 -7.13
CA SER A 11 -12.79 0.41 -7.12
C SER A 11 -11.57 -0.27 -7.75
N ALA A 12 -10.72 0.51 -8.39
CA ALA A 12 -9.56 0.01 -9.10
C ALA A 12 -8.48 -0.48 -8.14
N GLY A 13 -8.12 0.38 -7.20
CA GLY A 13 -7.09 0.05 -6.22
C GLY A 13 -7.47 -1.16 -5.41
N LEU A 14 -8.70 -1.15 -4.89
CA LEU A 14 -9.19 -2.22 -4.04
C LEU A 14 -9.15 -3.56 -4.75
N LYS A 15 -9.58 -3.56 -6.00
CA LYS A 15 -9.61 -4.76 -6.82
C LYS A 15 -8.22 -5.39 -6.94
N GLN A 16 -7.19 -4.57 -6.94
CA GLN A 16 -5.83 -5.08 -7.00
C GLN A 16 -5.46 -5.76 -5.67
N LEU A 17 -6.02 -5.26 -4.59
CA LEU A 17 -5.90 -5.93 -3.29
C LEU A 17 -6.62 -7.26 -3.33
N THR A 18 -7.90 -7.21 -3.71
CA THR A 18 -8.72 -8.39 -3.80
C THR A 18 -8.06 -9.42 -4.70
N ASN A 19 -7.28 -8.92 -5.65
CA ASN A 19 -6.50 -9.77 -6.54
C ASN A 19 -5.39 -10.52 -5.79
N LYS A 20 -4.53 -9.78 -5.09
CA LYS A 20 -3.41 -10.40 -4.41
C LYS A 20 -3.81 -11.04 -3.08
N LEU A 21 -4.83 -10.49 -2.43
CA LEU A 21 -5.31 -11.03 -1.17
C LEU A 21 -6.23 -12.22 -1.44
N ASP A 22 -6.67 -12.29 -2.69
CA ASP A 22 -7.49 -13.39 -3.17
C ASP A 22 -8.86 -13.40 -2.47
N ILE A 23 -9.27 -12.20 -2.06
CA ILE A 23 -10.57 -12.01 -1.44
C ILE A 23 -11.60 -11.66 -2.50
N ASN A 24 -12.82 -11.42 -2.06
CA ASN A 24 -13.88 -11.00 -2.97
C ASN A 24 -13.74 -9.52 -3.31
N GLU A 25 -14.63 -9.04 -4.14
CA GLU A 25 -14.57 -7.66 -4.59
C GLU A 25 -14.93 -6.69 -3.45
N CYS A 26 -14.46 -5.47 -3.58
CA CYS A 26 -14.66 -4.48 -2.53
C CYS A 26 -14.94 -3.10 -3.12
N ALA A 27 -15.88 -2.39 -2.51
CA ALA A 27 -16.30 -1.08 -3.00
C ALA A 27 -15.53 0.05 -2.34
N THR A 28 -15.09 -0.17 -1.10
CA THR A 28 -14.37 0.85 -0.34
C THR A 28 -13.23 0.22 0.44
N VAL A 29 -12.46 1.02 1.16
CA VAL A 29 -11.41 0.47 2.02
C VAL A 29 -12.05 -0.32 3.15
N ASP A 30 -13.20 0.15 3.62
CA ASP A 30 -13.97 -0.54 4.64
C ASP A 30 -14.45 -1.89 4.14
N GLU A 31 -14.88 -1.93 2.88
CA GLU A 31 -15.29 -3.20 2.27
C GLU A 31 -14.08 -4.08 1.98
N LEU A 32 -12.97 -3.44 1.67
CA LEU A 32 -11.73 -4.15 1.40
C LEU A 32 -11.22 -4.71 2.72
N VAL A 33 -11.49 -3.96 3.75
CA VAL A 33 -11.17 -4.34 5.10
C VAL A 33 -12.12 -5.43 5.57
N ASP A 34 -13.34 -5.38 5.07
CA ASP A 34 -14.39 -6.33 5.41
C ASP A 34 -13.94 -7.76 5.11
N GLU A 35 -13.35 -7.94 3.94
CA GLU A 35 -12.81 -9.24 3.57
C GLU A 35 -11.57 -9.57 4.39
N ILE A 36 -10.67 -8.62 4.51
CA ILE A 36 -9.45 -8.84 5.26
C ILE A 36 -9.73 -9.26 6.70
N ASN A 37 -10.58 -8.52 7.40
CA ASN A 37 -10.86 -8.83 8.80
C ASN A 37 -11.60 -10.16 8.94
N LYS A 38 -12.13 -10.65 7.83
CA LYS A 38 -12.81 -11.93 7.82
C LYS A 38 -11.82 -13.02 7.45
N SER A 39 -10.76 -12.61 6.78
CA SER A 39 -9.71 -13.53 6.38
C SER A 39 -8.43 -13.25 7.15
N GLY A 40 -8.26 -13.93 8.27
CA GLY A 40 -7.12 -13.67 9.14
C GLY A 40 -5.79 -13.90 8.48
N THR A 41 -5.74 -14.80 7.50
CA THR A 41 -4.52 -15.04 6.72
C THR A 41 -4.17 -13.79 5.93
N VAL A 42 -5.20 -13.17 5.43
CA VAL A 42 -5.11 -11.99 4.62
C VAL A 42 -4.75 -10.78 5.49
N LYS A 43 -5.43 -10.66 6.61
CA LYS A 43 -5.10 -9.66 7.62
C LYS A 43 -3.67 -9.86 8.10
N ARG A 44 -3.27 -11.11 8.15
CA ARG A 44 -1.92 -11.48 8.57
C ARG A 44 -0.91 -11.08 7.51
N LYS A 45 -1.33 -11.00 6.25
CA LYS A 45 -0.47 -10.58 5.19
C LYS A 45 -0.24 -9.08 5.32
N ILE A 46 -1.29 -8.38 5.73
CA ILE A 46 -1.19 -6.96 6.03
C ILE A 46 -0.22 -6.75 7.16
N LYS A 47 -0.40 -7.59 8.17
CA LYS A 47 0.30 -7.49 9.42
C LYS A 47 1.80 -7.73 9.28
N ASN A 48 2.14 -8.79 8.55
CA ASN A 48 3.53 -9.24 8.47
C ASN A 48 4.25 -8.63 7.27
N GLN A 49 3.57 -7.82 6.50
CA GLN A 49 4.17 -7.22 5.32
C GLN A 49 4.14 -5.71 5.41
N SER A 50 5.05 -5.10 4.70
CA SER A 50 5.10 -3.65 4.63
C SER A 50 4.09 -3.19 3.60
N ALA A 51 3.40 -2.09 3.91
CA ALA A 51 2.36 -1.56 3.05
C ALA A 51 2.89 -1.25 1.66
N PHE A 52 4.14 -0.80 1.63
CA PHE A 52 4.88 -0.54 0.39
C PHE A 52 4.88 -1.79 -0.49
N ASP A 53 5.24 -2.90 0.13
CA ASP A 53 5.31 -4.18 -0.55
C ASP A 53 3.92 -4.74 -0.82
N LEU A 54 3.02 -4.59 0.16
CA LEU A 54 1.62 -4.98 0.02
C LEU A 54 1.00 -4.44 -1.27
N SER A 55 1.16 -3.15 -1.49
CA SER A 55 0.60 -2.50 -2.66
C SER A 55 1.40 -2.84 -3.89
N ARG A 56 2.72 -2.77 -3.78
CA ARG A 56 3.64 -3.16 -4.84
C ARG A 56 3.24 -4.51 -5.45
N GLU A 57 2.93 -5.46 -4.58
CA GLU A 57 2.54 -6.80 -5.00
C GLU A 57 1.30 -6.77 -5.88
N CYS A 58 0.38 -5.89 -5.55
CA CYS A 58 -0.90 -5.82 -6.22
C CYS A 58 -0.75 -5.35 -7.66
N LEU A 59 0.41 -4.80 -7.95
CA LEU A 59 0.75 -4.39 -9.30
C LEU A 59 1.55 -5.47 -10.02
N GLY A 60 1.96 -6.48 -9.26
CA GLY A 60 2.89 -7.46 -9.78
C GLY A 60 4.26 -6.85 -9.97
N TYR A 61 4.48 -5.75 -9.23
CA TYR A 61 5.71 -4.98 -9.33
C TYR A 61 6.92 -5.77 -8.89
N PRO A 62 7.91 -5.89 -9.77
CA PRO A 62 9.19 -6.48 -9.44
C PRO A 62 9.89 -5.64 -8.39
N GLU A 63 10.30 -6.29 -7.31
CA GLU A 63 10.81 -5.60 -6.13
C GLU A 63 12.06 -4.79 -6.45
N ALA A 64 12.88 -5.31 -7.35
CA ALA A 64 14.14 -4.68 -7.69
C ALA A 64 13.91 -3.38 -8.42
N ASP A 65 13.11 -3.45 -9.46
CA ASP A 65 12.87 -2.32 -10.32
C ASP A 65 12.01 -1.30 -9.61
N PHE A 66 11.15 -1.80 -8.73
CA PHE A 66 10.26 -0.96 -7.96
C PHE A 66 11.06 -0.14 -6.96
N ILE A 67 11.95 -0.84 -6.27
CA ILE A 67 12.80 -0.23 -5.29
C ILE A 67 13.77 0.75 -5.96
N THR A 68 14.20 0.39 -7.15
CA THR A 68 15.03 1.25 -7.96
C THR A 68 14.28 2.52 -8.34
N LEU A 69 13.04 2.39 -8.81
CA LEU A 69 12.25 3.55 -9.16
C LEU A 69 12.12 4.48 -7.98
N VAL A 70 11.66 3.95 -6.86
CA VAL A 70 11.43 4.71 -5.66
C VAL A 70 12.74 5.36 -5.20
N ASN A 71 13.84 4.73 -5.58
CA ASN A 71 15.18 5.20 -5.23
C ASN A 71 15.56 6.45 -6.03
N ASN A 72 14.73 6.82 -7.00
CA ASN A 72 15.01 8.00 -7.83
C ASN A 72 13.85 8.98 -7.83
N MET A 73 12.92 8.81 -6.90
CA MET A 73 11.75 9.66 -6.84
C MET A 73 11.68 10.41 -5.51
N ARG A 74 10.61 11.18 -5.37
CA ARG A 74 10.36 11.95 -4.17
C ARG A 74 8.85 11.99 -3.94
N PHE A 75 8.42 11.86 -2.70
CA PHE A 75 7.00 11.64 -2.41
C PHE A 75 6.45 12.66 -1.43
N LYS A 76 5.19 12.98 -1.61
CA LYS A 76 4.43 13.70 -0.62
C LYS A 76 3.52 12.74 0.11
N ILE A 77 3.87 12.44 1.34
CA ILE A 77 3.12 11.48 2.13
C ILE A 77 2.06 12.18 2.97
N GLU A 78 0.90 11.56 3.04
CA GLU A 78 -0.23 12.11 3.74
C GLU A 78 -0.92 11.00 4.52
N ASN A 79 -0.86 11.07 5.84
CA ASN A 79 -1.44 10.05 6.70
C ASN A 79 -0.83 8.68 6.39
N CYS A 80 0.48 8.68 6.17
CA CYS A 80 1.25 7.47 5.87
C CYS A 80 0.93 6.93 4.47
N LYS A 81 0.26 7.76 3.68
CA LYS A 81 -0.13 7.39 2.32
C LYS A 81 0.57 8.30 1.33
N VAL A 82 0.73 7.85 0.11
CA VAL A 82 1.29 8.72 -0.91
C VAL A 82 0.16 9.45 -1.62
N VAL A 83 0.04 10.74 -1.34
CA VAL A 83 -1.00 11.56 -1.94
C VAL A 83 -0.44 12.16 -3.20
N ASN A 84 0.86 12.37 -3.19
CA ASN A 84 1.58 12.81 -4.37
C ASN A 84 2.90 12.07 -4.53
N PHE A 85 3.25 11.80 -5.77
CA PHE A 85 4.48 11.09 -6.10
C PHE A 85 5.11 11.76 -7.30
N ASN A 86 6.43 11.79 -7.35
CA ASN A 86 7.13 12.35 -8.50
C ASN A 86 8.53 11.83 -8.53
N ILE A 87 9.10 11.76 -9.71
CA ILE A 87 10.43 11.26 -9.86
C ILE A 87 11.45 12.39 -9.92
N GLU A 88 12.61 12.13 -9.37
CA GLU A 88 13.68 13.10 -9.35
C GLU A 88 14.63 12.84 -10.49
N ASN A 89 14.86 11.56 -10.78
CA ASN A 89 15.75 11.16 -11.86
C ASN A 89 15.09 10.12 -12.75
N THR A 90 14.73 10.53 -13.96
CA THR A 90 13.99 9.68 -14.88
C THR A 90 14.93 8.78 -15.69
N ASN A 91 16.19 9.15 -15.72
CA ASN A 91 17.21 8.38 -16.44
C ASN A 91 17.31 6.97 -15.90
N CYS A 92 16.97 6.80 -14.64
CA CYS A 92 17.01 5.50 -14.03
C CYS A 92 15.73 4.71 -14.29
N LEU A 93 14.66 5.40 -14.69
CA LEU A 93 13.42 4.70 -14.98
C LEU A 93 13.33 4.34 -16.45
N ASN A 94 14.20 4.95 -17.27
CA ASN A 94 14.14 4.74 -18.72
C ASN A 94 14.44 3.28 -19.11
N ASN A 95 14.70 2.46 -18.10
CA ASN A 95 14.73 1.02 -18.27
C ASN A 95 13.29 0.52 -18.36
N PRO A 96 12.91 -0.20 -19.44
CA PRO A 96 11.52 -0.59 -19.68
C PRO A 96 10.80 -1.07 -18.43
N SER A 97 11.51 -1.82 -17.60
CA SER A 97 10.99 -2.36 -16.38
C SER A 97 10.55 -1.25 -15.42
N ILE A 98 11.37 -0.21 -15.29
CA ILE A 98 11.07 0.87 -14.36
C ILE A 98 9.93 1.74 -14.90
N GLU A 99 9.97 2.02 -16.21
CA GLU A 99 8.94 2.84 -16.85
C GLU A 99 7.60 2.16 -16.68
N THR A 100 7.62 0.84 -16.76
CA THR A 100 6.46 0.02 -16.54
C THR A 100 5.84 0.29 -15.17
N ILE A 101 6.69 0.29 -14.16
CA ILE A 101 6.27 0.55 -12.81
C ILE A 101 5.86 2.01 -12.64
N TYR A 102 6.61 2.90 -13.27
CA TYR A 102 6.43 4.33 -13.11
C TYR A 102 5.14 4.81 -13.77
N ARG A 103 4.90 4.33 -14.98
CA ARG A 103 3.72 4.75 -15.73
C ARG A 103 2.44 4.33 -15.01
N ASN A 104 2.49 3.16 -14.40
CA ASN A 104 1.34 2.60 -13.72
C ASN A 104 1.41 2.91 -12.24
N PHE A 105 2.36 3.77 -11.89
CA PHE A 105 2.66 4.05 -10.49
C PHE A 105 1.48 4.63 -9.75
N ASN A 106 0.62 5.35 -10.47
CA ASN A 106 -0.57 5.93 -9.85
C ASN A 106 -1.43 4.83 -9.23
N GLN A 107 -1.38 3.65 -9.85
CA GLN A 107 -2.05 2.48 -9.31
C GLN A 107 -1.47 2.10 -7.96
N PHE A 108 -0.14 2.07 -7.87
CA PHE A 108 0.52 1.71 -6.63
C PHE A 108 0.19 2.68 -5.52
N VAL A 109 0.25 3.98 -5.80
CA VAL A 109 -0.05 4.96 -4.77
C VAL A 109 -1.52 4.79 -4.34
N SER A 110 -2.38 4.45 -5.29
CA SER A 110 -3.79 4.19 -5.01
C SER A 110 -3.92 3.01 -4.06
N ILE A 111 -3.35 1.91 -4.49
CA ILE A 111 -3.34 0.67 -3.73
C ILE A 111 -2.66 0.87 -2.38
N PHE A 112 -1.61 1.66 -2.37
CA PHE A 112 -0.87 1.96 -1.17
C PHE A 112 -1.74 2.74 -0.19
N ASN A 113 -2.48 3.71 -0.74
CA ASN A 113 -3.43 4.48 0.05
C ASN A 113 -4.47 3.56 0.68
N VAL A 114 -4.89 2.57 -0.09
CA VAL A 114 -5.82 1.54 0.38
C VAL A 114 -5.19 0.71 1.49
N VAL A 115 -4.02 0.16 1.20
CA VAL A 115 -3.30 -0.72 2.11
C VAL A 115 -3.05 -0.03 3.43
N THR A 116 -2.61 1.21 3.32
CA THR A 116 -2.35 2.02 4.47
C THR A 116 -3.62 2.29 5.28
N ASP A 117 -4.74 2.48 4.59
CA ASP A 117 -6.00 2.70 5.27
C ASP A 117 -6.39 1.44 6.01
N VAL A 118 -6.16 0.30 5.35
CA VAL A 118 -6.42 -1.00 5.95
C VAL A 118 -5.65 -1.16 7.24
N LYS A 119 -4.34 -0.97 7.17
CA LYS A 119 -3.51 -1.19 8.34
C LYS A 119 -3.90 -0.26 9.47
N LYS A 120 -4.26 0.97 9.13
CA LYS A 120 -4.68 1.96 10.12
C LYS A 120 -5.99 1.58 10.82
N ARG A 121 -6.87 0.87 10.11
CA ARG A 121 -8.17 0.51 10.69
C ARG A 121 -8.05 -0.73 11.56
N LEU A 122 -7.18 -1.65 11.18
CA LEU A 122 -7.06 -2.93 11.88
C LEU A 122 -5.93 -2.87 12.91
N PHE A 123 -4.78 -2.42 12.45
CA PHE A 123 -3.55 -2.48 13.23
C PHE A 123 -3.14 -1.10 13.76
N GLU A 124 -2.63 -0.28 12.86
CA GLU A 124 -2.13 1.07 13.13
C GLU A 124 -0.99 1.07 14.14
N ASN A 125 -1.29 0.90 15.42
CA ASN A 125 -0.25 0.79 16.44
C ASN A 125 0.50 -0.52 16.26
N ALA A 126 -0.13 -1.46 15.57
CA ALA A 126 0.52 -2.68 15.16
C ALA A 126 1.02 -2.51 13.73
N SER A 127 2.25 -2.97 13.46
CA SER A 127 2.89 -2.80 12.15
C SER A 127 2.76 -1.36 11.66
N GLY A 128 3.00 -0.42 12.56
CA GLY A 128 2.81 0.98 12.25
C GLY A 128 4.11 1.75 12.21
N ASN A 129 4.90 1.62 13.28
CA ASN A 129 6.16 2.36 13.46
C ASN A 129 6.02 3.83 13.07
N GLY A 130 4.84 4.38 13.31
CA GLY A 130 4.58 5.77 12.98
C GLY A 130 3.39 5.94 12.06
N SER A 131 2.43 5.02 12.14
CA SER A 131 1.25 5.07 11.29
C SER A 131 0.06 5.67 12.03
N GLY A 132 0.33 6.42 13.08
CA GLY A 132 -0.73 7.03 13.85
C GLY A 132 -0.71 8.55 13.77
N GLY A 133 0.46 9.12 13.98
CA GLY A 133 0.59 10.56 13.94
C GLY A 133 2.02 11.00 13.69
N GLY A 134 2.37 12.17 14.20
CA GLY A 134 3.70 12.70 13.99
C GLY A 134 4.59 12.50 15.19
N LEU A 135 4.18 13.06 16.32
CA LEU A 135 4.93 12.95 17.54
C LEU A 135 4.01 12.37 18.62
N ASN A 136 3.88 13.06 19.76
CA ASN A 136 3.00 12.65 20.87
C ASN A 136 3.09 11.17 21.20
N ASP A 137 4.25 10.60 20.95
CA ASP A 137 4.47 9.18 21.19
C ASP A 137 4.88 8.93 22.63
N ILE A 138 5.98 9.55 23.04
CA ILE A 138 6.49 9.35 24.39
C ILE A 138 6.02 10.46 25.32
N PHE A 139 5.38 11.46 24.73
CA PHE A 139 5.00 12.66 25.46
C PHE A 139 3.54 12.61 25.91
N GLU A 140 3.11 11.43 26.34
CA GLU A 140 1.76 11.25 26.84
C GLU A 140 1.77 11.33 28.35
N ALA A 141 0.98 12.25 28.90
CA ALA A 141 0.90 12.40 30.35
C ALA A 141 0.15 11.23 30.96
N GLN A 142 0.83 10.55 31.87
CA GLN A 142 0.28 9.40 32.55
C GLN A 142 -0.25 9.82 33.90
N LYS A 143 -0.82 11.00 33.92
CA LYS A 143 -1.31 11.62 35.13
C LYS A 143 -2.67 11.04 35.51
N ILE A 144 -2.62 9.94 36.23
CA ILE A 144 -3.82 9.28 36.72
C ILE A 144 -4.56 10.19 37.69
N GLU A 145 -5.86 10.28 37.53
CA GLU A 145 -6.66 11.10 38.41
C GLU A 145 -7.15 10.27 39.56
N TRP A 146 -6.71 10.64 40.74
CA TRP A 146 -6.95 9.86 41.94
C TRP A 146 -7.56 10.72 43.03
N HIS A 147 -8.68 10.26 43.56
CA HIS A 147 -9.32 10.92 44.69
C HIS A 147 -9.67 9.90 45.76
N GLU A 148 -9.41 10.27 47.00
CA GLU A 148 -9.66 9.40 48.14
C GLU A 148 -11.15 9.05 48.24
N GLY A 1 -17.06 6.05 -7.97
CA GLY A 1 -17.13 6.27 -6.51
C GLY A 1 -16.46 7.56 -6.10
N ASN A 2 -16.03 7.65 -4.85
CA ASN A 2 -15.31 8.81 -4.36
C ASN A 2 -13.88 8.42 -4.04
N GLY A 3 -13.08 9.41 -3.65
CA GLY A 3 -11.74 9.14 -3.21
C GLY A 3 -11.28 10.08 -2.14
N LYS A 4 -11.47 9.67 -0.91
CA LYS A 4 -11.09 10.46 0.25
C LYS A 4 -10.09 9.70 1.10
N TYR A 5 -10.51 8.52 1.52
CA TYR A 5 -9.64 7.58 2.22
C TYR A 5 -8.62 7.02 1.25
N PHE A 6 -9.10 6.71 0.05
CA PHE A 6 -8.27 6.34 -1.07
C PHE A 6 -8.19 7.48 -2.07
N SER A 7 -7.63 7.20 -3.24
CA SER A 7 -7.56 8.20 -4.29
C SER A 7 -7.16 7.53 -5.60
N LYS A 8 -7.84 7.93 -6.69
CA LYS A 8 -7.57 7.38 -8.03
C LYS A 8 -7.87 5.87 -8.07
N VAL A 9 -8.82 5.46 -7.24
CA VAL A 9 -9.18 4.06 -7.12
C VAL A 9 -10.44 3.77 -7.91
N GLY A 10 -11.57 4.10 -7.34
CA GLY A 10 -12.84 3.82 -7.96
C GLY A 10 -13.11 2.33 -8.00
N SER A 11 -12.85 1.67 -6.86
CA SER A 11 -12.99 0.22 -6.72
C SER A 11 -11.92 -0.54 -7.51
N ALA A 12 -11.18 0.18 -8.33
CA ALA A 12 -10.14 -0.40 -9.16
C ALA A 12 -8.94 -0.82 -8.33
N GLY A 13 -8.45 0.10 -7.51
CA GLY A 13 -7.33 -0.19 -6.64
C GLY A 13 -7.67 -1.29 -5.65
N LEU A 14 -8.88 -1.21 -5.09
CA LEU A 14 -9.36 -2.20 -4.14
C LEU A 14 -9.37 -3.58 -4.77
N LYS A 15 -9.82 -3.64 -6.02
CA LYS A 15 -9.83 -4.87 -6.80
C LYS A 15 -8.42 -5.45 -6.91
N GLN A 16 -7.42 -4.58 -7.02
CA GLN A 16 -6.04 -5.01 -7.07
C GLN A 16 -5.59 -5.60 -5.74
N LEU A 17 -6.15 -5.09 -4.64
CA LEU A 17 -5.95 -5.72 -3.34
C LEU A 17 -6.60 -7.09 -3.34
N THR A 18 -7.88 -7.12 -3.69
CA THR A 18 -8.64 -8.34 -3.72
C THR A 18 -7.97 -9.38 -4.61
N ASN A 19 -7.25 -8.87 -5.60
CA ASN A 19 -6.44 -9.69 -6.50
C ASN A 19 -5.36 -10.44 -5.74
N LYS A 20 -4.52 -9.70 -5.03
CA LYS A 20 -3.40 -10.29 -4.31
C LYS A 20 -3.83 -10.93 -2.99
N LEU A 21 -4.87 -10.40 -2.38
CA LEU A 21 -5.36 -10.92 -1.11
C LEU A 21 -6.22 -12.14 -1.34
N ASP A 22 -6.65 -12.27 -2.59
CA ASP A 22 -7.46 -13.40 -3.04
C ASP A 22 -8.82 -13.40 -2.35
N ILE A 23 -9.28 -12.21 -2.02
CA ILE A 23 -10.62 -12.01 -1.49
C ILE A 23 -11.55 -11.62 -2.63
N ASN A 24 -12.79 -11.37 -2.30
CA ASN A 24 -13.76 -10.95 -3.31
C ASN A 24 -13.65 -9.46 -3.51
N GLU A 25 -14.21 -8.96 -4.59
CA GLU A 25 -14.02 -7.58 -4.97
C GLU A 25 -14.77 -6.62 -4.06
N CYS A 26 -14.06 -5.57 -3.65
CA CYS A 26 -14.54 -4.66 -2.64
C CYS A 26 -14.89 -3.29 -3.23
N ALA A 27 -15.65 -2.52 -2.46
CA ALA A 27 -16.18 -1.25 -2.92
C ALA A 27 -15.57 -0.08 -2.17
N THR A 28 -15.10 -0.34 -0.94
CA THR A 28 -14.48 0.70 -0.14
C THR A 28 -13.27 0.14 0.60
N VAL A 29 -12.53 0.97 1.33
CA VAL A 29 -11.43 0.44 2.14
C VAL A 29 -12.01 -0.37 3.29
N ASP A 30 -13.14 0.08 3.81
CA ASP A 30 -13.84 -0.63 4.87
C ASP A 30 -14.31 -1.99 4.38
N GLU A 31 -14.82 -2.03 3.15
CA GLU A 31 -15.24 -3.27 2.52
C GLU A 31 -14.04 -4.12 2.09
N LEU A 32 -12.95 -3.46 1.73
CA LEU A 32 -11.72 -4.17 1.41
C LEU A 32 -11.18 -4.75 2.70
N VAL A 33 -11.42 -4.01 3.76
CA VAL A 33 -11.09 -4.41 5.10
C VAL A 33 -12.06 -5.49 5.58
N ASP A 34 -13.29 -5.38 5.09
CA ASP A 34 -14.38 -6.27 5.47
C ASP A 34 -14.07 -7.71 5.12
N GLU A 35 -13.39 -7.87 4.00
CA GLU A 35 -12.84 -9.17 3.63
C GLU A 35 -11.62 -9.53 4.46
N ILE A 36 -10.70 -8.60 4.57
CA ILE A 36 -9.45 -8.85 5.28
C ILE A 36 -9.69 -9.29 6.71
N ASN A 37 -10.50 -8.54 7.45
CA ASN A 37 -10.77 -8.86 8.84
C ASN A 37 -11.50 -10.18 8.99
N LYS A 38 -12.09 -10.65 7.89
CA LYS A 38 -12.77 -11.93 7.89
C LYS A 38 -11.78 -13.03 7.55
N SER A 39 -10.71 -12.64 6.89
CA SER A 39 -9.69 -13.57 6.45
C SER A 39 -8.38 -13.31 7.17
N GLY A 40 -8.17 -14.02 8.28
CA GLY A 40 -7.02 -13.77 9.13
C GLY A 40 -5.70 -13.96 8.40
N THR A 41 -5.64 -14.88 7.45
CA THR A 41 -4.44 -15.08 6.65
C THR A 41 -4.12 -13.82 5.86
N VAL A 42 -5.18 -13.23 5.36
CA VAL A 42 -5.12 -12.04 4.56
C VAL A 42 -4.76 -10.83 5.41
N LYS A 43 -5.40 -10.75 6.56
CA LYS A 43 -5.06 -9.73 7.55
C LYS A 43 -3.62 -9.91 7.99
N ARG A 44 -3.20 -11.15 8.06
CA ARG A 44 -1.84 -11.49 8.43
C ARG A 44 -0.85 -11.06 7.35
N LYS A 45 -1.30 -11.06 6.09
CA LYS A 45 -0.50 -10.55 5.00
C LYS A 45 -0.22 -9.07 5.25
N ILE A 46 -1.28 -8.36 5.61
CA ILE A 46 -1.19 -6.95 5.94
C ILE A 46 -0.23 -6.75 7.10
N LYS A 47 -0.43 -7.60 8.08
CA LYS A 47 0.24 -7.51 9.35
C LYS A 47 1.74 -7.67 9.22
N ASN A 48 2.13 -8.72 8.52
CA ASN A 48 3.53 -9.12 8.46
C ASN A 48 4.27 -8.34 7.38
N GLN A 49 3.56 -7.94 6.35
CA GLN A 49 4.18 -7.28 5.22
C GLN A 49 4.06 -5.77 5.35
N SER A 50 5.00 -5.09 4.73
CA SER A 50 4.99 -3.65 4.70
C SER A 50 4.05 -3.19 3.60
N ALA A 51 3.39 -2.06 3.85
CA ALA A 51 2.38 -1.53 2.95
C ALA A 51 2.94 -1.26 1.57
N PHE A 52 4.22 -0.94 1.53
CA PHE A 52 4.96 -0.74 0.30
C PHE A 52 4.93 -1.99 -0.56
N ASP A 53 5.27 -3.13 0.05
CA ASP A 53 5.29 -4.42 -0.65
C ASP A 53 3.87 -4.85 -0.94
N LEU A 54 3.00 -4.67 0.05
CA LEU A 54 1.57 -4.99 -0.07
C LEU A 54 0.95 -4.42 -1.34
N SER A 55 1.16 -3.14 -1.57
CA SER A 55 0.61 -2.48 -2.73
C SER A 55 1.42 -2.83 -3.97
N ARG A 56 2.73 -2.84 -3.81
CA ARG A 56 3.66 -3.23 -4.87
C ARG A 56 3.23 -4.57 -5.49
N GLU A 57 2.84 -5.51 -4.64
CA GLU A 57 2.42 -6.83 -5.09
C GLU A 57 1.16 -6.77 -5.95
N CYS A 58 0.28 -5.84 -5.64
CA CYS A 58 -1.00 -5.73 -6.30
C CYS A 58 -0.84 -5.31 -7.75
N LEU A 59 0.34 -4.82 -8.07
CA LEU A 59 0.69 -4.41 -9.42
C LEU A 59 1.52 -5.48 -10.12
N GLY A 60 1.91 -6.51 -9.37
CA GLY A 60 2.85 -7.47 -9.89
C GLY A 60 4.22 -6.85 -10.08
N TYR A 61 4.44 -5.77 -9.32
CA TYR A 61 5.65 -4.98 -9.43
C TYR A 61 6.89 -5.77 -9.05
N PRO A 62 7.88 -5.80 -9.94
CA PRO A 62 9.19 -6.37 -9.65
C PRO A 62 9.90 -5.56 -8.57
N GLU A 63 10.36 -6.26 -7.55
CA GLU A 63 10.84 -5.64 -6.31
C GLU A 63 12.04 -4.73 -6.55
N ALA A 64 12.98 -5.18 -7.36
CA ALA A 64 14.24 -4.47 -7.55
C ALA A 64 14.00 -3.19 -8.30
N ASP A 65 13.23 -3.31 -9.36
CA ASP A 65 12.97 -2.20 -10.24
C ASP A 65 12.05 -1.21 -9.54
N PHE A 66 11.21 -1.75 -8.68
CA PHE A 66 10.27 -0.93 -7.91
C PHE A 66 11.04 -0.12 -6.87
N ILE A 67 11.92 -0.80 -6.16
CA ILE A 67 12.74 -0.20 -5.14
C ILE A 67 13.69 0.83 -5.76
N THR A 68 14.16 0.51 -6.96
CA THR A 68 15.00 1.40 -7.71
C THR A 68 14.24 2.64 -8.13
N LEU A 69 13.02 2.46 -8.63
CA LEU A 69 12.20 3.61 -9.00
C LEU A 69 12.04 4.55 -7.83
N VAL A 70 11.55 4.00 -6.73
CA VAL A 70 11.27 4.79 -5.53
C VAL A 70 12.55 5.45 -5.02
N ASN A 71 13.68 4.84 -5.36
CA ASN A 71 14.99 5.36 -4.98
C ASN A 71 15.31 6.65 -5.76
N ASN A 72 14.72 6.79 -6.94
CA ASN A 72 14.99 7.94 -7.80
C ASN A 72 13.83 8.92 -7.81
N MET A 73 12.88 8.74 -6.92
CA MET A 73 11.72 9.61 -6.85
C MET A 73 11.66 10.36 -5.53
N ARG A 74 10.60 11.16 -5.41
CA ARG A 74 10.30 11.90 -4.20
C ARG A 74 8.80 11.86 -3.96
N PHE A 75 8.40 11.80 -2.70
CA PHE A 75 7.00 11.60 -2.39
C PHE A 75 6.51 12.62 -1.38
N LYS A 76 5.25 12.99 -1.54
CA LYS A 76 4.56 13.76 -0.53
C LYS A 76 3.64 12.82 0.20
N ILE A 77 3.98 12.50 1.42
CA ILE A 77 3.20 11.57 2.20
C ILE A 77 2.18 12.33 3.04
N GLU A 78 0.98 11.79 3.09
CA GLU A 78 -0.12 12.42 3.78
C GLU A 78 -0.80 11.38 4.66
N ASN A 79 -0.67 11.51 5.97
CA ASN A 79 -1.19 10.51 6.91
C ASN A 79 -0.73 9.10 6.52
N CYS A 80 0.58 9.00 6.24
CA CYS A 80 1.22 7.72 5.87
C CYS A 80 0.81 7.24 4.47
N LYS A 81 0.16 8.10 3.69
CA LYS A 81 -0.27 7.74 2.35
C LYS A 81 0.41 8.62 1.32
N VAL A 82 0.79 8.06 0.19
CA VAL A 82 1.33 8.88 -0.90
C VAL A 82 0.20 9.65 -1.56
N VAL A 83 0.17 10.95 -1.34
CA VAL A 83 -0.86 11.80 -1.93
C VAL A 83 -0.29 12.43 -3.18
N ASN A 84 1.02 12.56 -3.18
CA ASN A 84 1.74 12.97 -4.37
C ASN A 84 3.02 12.17 -4.52
N PHE A 85 3.34 11.84 -5.76
CA PHE A 85 4.56 11.13 -6.09
C PHE A 85 5.19 11.83 -7.29
N ASN A 86 6.51 11.85 -7.35
CA ASN A 86 7.20 12.43 -8.49
C ASN A 86 8.58 11.86 -8.55
N ILE A 87 9.16 11.85 -9.71
CA ILE A 87 10.47 11.29 -9.89
C ILE A 87 11.54 12.38 -9.93
N GLU A 88 12.71 12.04 -9.43
CA GLU A 88 13.85 12.94 -9.42
C GLU A 88 14.74 12.62 -10.60
N ASN A 89 14.93 11.34 -10.85
CA ASN A 89 15.80 10.89 -11.94
C ASN A 89 15.05 9.95 -12.87
N THR A 90 14.78 10.40 -14.08
CA THR A 90 13.97 9.64 -15.02
C THR A 90 14.85 8.75 -15.90
N ASN A 91 16.14 9.01 -15.90
CA ASN A 91 17.08 8.20 -16.64
C ASN A 91 17.12 6.81 -16.04
N CYS A 92 16.99 6.76 -14.74
CA CYS A 92 17.00 5.51 -14.02
C CYS A 92 15.67 4.76 -14.16
N LEU A 93 14.63 5.43 -14.65
CA LEU A 93 13.39 4.71 -14.95
C LEU A 93 13.37 4.26 -16.39
N ASN A 94 14.32 4.76 -17.17
CA ASN A 94 14.41 4.45 -18.61
C ASN A 94 14.50 2.94 -18.88
N ASN A 95 14.85 2.17 -17.86
CA ASN A 95 14.75 0.72 -17.93
C ASN A 95 13.28 0.35 -18.06
N PRO A 96 12.96 -0.47 -19.09
CA PRO A 96 11.58 -0.87 -19.42
C PRO A 96 10.78 -1.30 -18.20
N SER A 97 11.45 -1.91 -17.25
CA SER A 97 10.80 -2.37 -16.04
C SER A 97 10.36 -1.19 -15.20
N ILE A 98 11.28 -0.24 -15.00
CA ILE A 98 11.01 0.91 -14.17
C ILE A 98 9.92 1.78 -14.80
N GLU A 99 9.99 1.98 -16.12
CA GLU A 99 8.99 2.78 -16.83
C GLU A 99 7.62 2.14 -16.67
N THR A 100 7.61 0.82 -16.74
CA THR A 100 6.42 0.05 -16.52
C THR A 100 5.81 0.35 -15.16
N ILE A 101 6.66 0.29 -14.15
CA ILE A 101 6.26 0.57 -12.79
C ILE A 101 5.86 2.02 -12.62
N TYR A 102 6.60 2.90 -13.28
CA TYR A 102 6.40 4.32 -13.15
C TYR A 102 5.13 4.80 -13.83
N ARG A 103 4.89 4.28 -15.03
CA ARG A 103 3.71 4.68 -15.79
C ARG A 103 2.44 4.19 -15.09
N ASN A 104 2.55 3.06 -14.43
CA ASN A 104 1.41 2.49 -13.73
C ASN A 104 1.49 2.84 -12.25
N PHE A 105 2.39 3.75 -11.93
CA PHE A 105 2.65 4.09 -10.54
C PHE A 105 1.43 4.69 -9.88
N ASN A 106 0.59 5.35 -10.67
CA ASN A 106 -0.66 5.90 -10.16
C ASN A 106 -1.48 4.82 -9.51
N GLN A 107 -1.41 3.61 -10.06
CA GLN A 107 -2.10 2.46 -9.51
C GLN A 107 -1.53 2.10 -8.15
N PHE A 108 -0.20 2.09 -8.02
CA PHE A 108 0.44 1.74 -6.77
C PHE A 108 0.09 2.72 -5.67
N VAL A 109 0.17 4.02 -5.93
CA VAL A 109 -0.13 5.00 -4.90
C VAL A 109 -1.59 4.85 -4.46
N SER A 110 -2.49 4.55 -5.41
CA SER A 110 -3.88 4.30 -5.13
C SER A 110 -4.02 3.11 -4.19
N ILE A 111 -3.42 2.00 -4.59
CA ILE A 111 -3.41 0.78 -3.83
C ILE A 111 -2.75 0.97 -2.47
N PHE A 112 -1.66 1.73 -2.46
CA PHE A 112 -0.93 2.02 -1.25
C PHE A 112 -1.79 2.81 -0.27
N ASN A 113 -2.53 3.77 -0.82
CA ASN A 113 -3.48 4.54 -0.01
C ASN A 113 -4.50 3.63 0.63
N VAL A 114 -4.92 2.62 -0.12
CA VAL A 114 -5.84 1.61 0.37
C VAL A 114 -5.20 0.78 1.48
N VAL A 115 -4.04 0.21 1.15
CA VAL A 115 -3.31 -0.67 2.06
C VAL A 115 -3.03 0.02 3.38
N THR A 116 -2.60 1.27 3.27
CA THR A 116 -2.32 2.09 4.41
C THR A 116 -3.58 2.31 5.25
N ASP A 117 -4.72 2.48 4.58
CA ASP A 117 -5.97 2.67 5.29
C ASP A 117 -6.33 1.39 6.02
N VAL A 118 -6.10 0.26 5.35
CA VAL A 118 -6.34 -1.04 5.95
C VAL A 118 -5.56 -1.21 7.25
N LYS A 119 -4.25 -1.03 7.19
CA LYS A 119 -3.42 -1.28 8.36
C LYS A 119 -3.80 -0.35 9.50
N LYS A 120 -4.19 0.87 9.15
CA LYS A 120 -4.61 1.84 10.15
C LYS A 120 -5.96 1.48 10.76
N ARG A 121 -6.82 0.81 9.99
CA ARG A 121 -8.12 0.39 10.49
C ARG A 121 -8.01 -0.81 11.42
N LEU A 122 -7.15 -1.75 11.08
CA LEU A 122 -7.11 -3.03 11.76
C LEU A 122 -6.09 -3.06 12.87
N PHE A 123 -4.90 -2.61 12.55
CA PHE A 123 -3.73 -2.86 13.41
C PHE A 123 -3.35 -1.65 14.25
N GLU A 124 -3.74 -0.46 13.81
CA GLU A 124 -3.26 0.77 14.42
C GLU A 124 -3.94 1.02 15.77
N ASN A 125 -5.20 1.45 15.72
CA ASN A 125 -5.92 1.79 16.94
C ASN A 125 -6.93 0.70 17.29
N ALA A 126 -6.96 -0.35 16.49
CA ALA A 126 -7.86 -1.47 16.73
C ALA A 126 -7.08 -2.63 17.35
N SER A 127 -7.20 -2.79 18.66
CA SER A 127 -6.39 -3.75 19.39
C SER A 127 -4.92 -3.55 19.06
N GLY A 128 -4.45 -2.31 19.23
CA GLY A 128 -3.09 -1.96 18.87
C GLY A 128 -2.06 -2.77 19.63
N ASN A 129 -1.42 -3.69 18.93
CA ASN A 129 -0.36 -4.49 19.52
C ASN A 129 0.91 -3.65 19.64
N GLY A 130 0.97 -2.61 18.83
CA GLY A 130 2.11 -1.71 18.85
C GLY A 130 1.74 -0.32 19.32
N SER A 131 0.44 -0.01 19.29
CA SER A 131 -0.04 1.30 19.71
C SER A 131 -1.26 1.14 20.62
N GLY A 132 -1.12 0.29 21.63
CA GLY A 132 -2.20 0.07 22.56
C GLY A 132 -1.77 0.35 23.98
N GLY A 133 -0.87 1.30 24.12
CA GLY A 133 -0.36 1.66 25.43
C GLY A 133 1.11 1.98 25.39
N GLY A 134 1.88 1.16 24.69
CA GLY A 134 3.31 1.35 24.62
C GLY A 134 3.79 1.62 23.21
N LEU A 135 3.16 2.60 22.55
CA LEU A 135 3.57 2.99 21.22
C LEU A 135 4.97 3.57 21.24
N ASN A 136 5.20 4.50 22.16
CA ASN A 136 6.45 5.23 22.23
C ASN A 136 7.53 4.41 22.93
N ASP A 137 7.43 3.11 22.78
CA ASP A 137 8.42 2.20 23.32
C ASP A 137 9.62 2.16 22.40
N ILE A 138 9.35 2.19 21.12
CA ILE A 138 10.40 2.21 20.12
C ILE A 138 10.67 3.62 19.63
N PHE A 139 9.63 4.45 19.69
CA PHE A 139 9.70 5.83 19.22
C PHE A 139 10.22 6.74 20.34
N GLU A 140 11.21 6.24 21.07
CA GLU A 140 11.78 6.95 22.22
C GLU A 140 12.11 8.40 21.89
N ALA A 141 11.75 9.30 22.80
CA ALA A 141 11.94 10.75 22.63
C ALA A 141 11.03 11.31 21.55
N GLN A 142 10.60 12.53 21.77
CA GLN A 142 9.67 13.19 20.86
C GLN A 142 10.40 13.79 19.68
N LYS A 143 11.17 12.96 19.00
CA LYS A 143 11.91 13.39 17.83
C LYS A 143 11.21 12.94 16.56
N ILE A 144 10.06 13.55 16.34
CA ILE A 144 9.30 13.37 15.14
C ILE A 144 9.99 14.11 14.00
N GLU A 145 9.84 13.61 12.77
CA GLU A 145 10.43 14.24 11.62
C GLU A 145 9.95 15.67 11.48
N TRP A 146 10.88 16.57 11.60
CA TRP A 146 10.58 17.98 11.60
C TRP A 146 11.32 18.68 10.48
N HIS A 147 10.57 19.06 9.46
CA HIS A 147 11.12 19.77 8.32
C HIS A 147 10.31 21.04 8.08
N GLU A 148 10.82 21.89 7.22
CA GLU A 148 10.07 23.04 6.77
C GLU A 148 9.16 22.63 5.62
N GLY A 1 -13.40 14.70 -3.86
CA GLY A 1 -12.50 13.85 -4.69
C GLY A 1 -12.88 12.40 -4.62
N ASN A 2 -12.18 11.55 -5.36
CA ASN A 2 -12.47 10.12 -5.37
C ASN A 2 -11.84 9.45 -4.15
N GLY A 3 -12.53 9.50 -3.03
CA GLY A 3 -12.01 8.91 -1.82
C GLY A 3 -11.77 9.95 -0.75
N LYS A 4 -12.29 9.70 0.44
CA LYS A 4 -12.10 10.58 1.58
C LYS A 4 -10.78 10.26 2.28
N TYR A 5 -10.38 9.01 2.14
CA TYR A 5 -9.17 8.51 2.77
C TYR A 5 -8.20 8.12 1.67
N PHE A 6 -8.62 7.18 0.85
CA PHE A 6 -7.94 6.85 -0.38
C PHE A 6 -8.18 7.94 -1.43
N SER A 7 -7.68 7.72 -2.63
CA SER A 7 -7.87 8.67 -3.71
C SER A 7 -7.53 8.00 -5.03
N LYS A 8 -8.32 8.31 -6.07
CA LYS A 8 -8.16 7.73 -7.40
C LYS A 8 -8.34 6.21 -7.33
N VAL A 9 -9.35 5.78 -6.60
CA VAL A 9 -9.63 4.37 -6.43
C VAL A 9 -10.96 4.03 -7.11
N GLY A 10 -12.04 4.18 -6.37
CA GLY A 10 -13.34 3.78 -6.87
C GLY A 10 -13.38 2.30 -7.14
N SER A 11 -12.96 1.52 -6.14
CA SER A 11 -12.86 0.07 -6.23
C SER A 11 -11.73 -0.38 -7.17
N ALA A 12 -11.05 0.57 -7.79
CA ALA A 12 -9.93 0.25 -8.67
C ALA A 12 -8.73 -0.23 -7.87
N GLY A 13 -8.36 0.56 -6.88
CA GLY A 13 -7.28 0.17 -6.00
C GLY A 13 -7.64 -1.04 -5.18
N LEU A 14 -8.85 -1.02 -4.64
CA LEU A 14 -9.36 -2.10 -3.81
C LEU A 14 -9.31 -3.43 -4.55
N LYS A 15 -9.73 -3.40 -5.80
CA LYS A 15 -9.78 -4.59 -6.65
C LYS A 15 -8.42 -5.27 -6.76
N GLN A 16 -7.36 -4.48 -6.75
CA GLN A 16 -6.02 -5.04 -6.86
C GLN A 16 -5.66 -5.80 -5.60
N LEU A 17 -6.22 -5.35 -4.48
CA LEU A 17 -6.12 -6.07 -3.23
C LEU A 17 -6.97 -7.33 -3.31
N THR A 18 -8.23 -7.16 -3.66
CA THR A 18 -9.16 -8.27 -3.76
C THR A 18 -8.61 -9.34 -4.70
N ASN A 19 -7.81 -8.89 -5.64
CA ASN A 19 -7.14 -9.76 -6.60
C ASN A 19 -6.05 -10.59 -5.93
N LYS A 20 -5.10 -9.92 -5.28
CA LYS A 20 -3.98 -10.60 -4.65
C LYS A 20 -4.34 -11.24 -3.31
N LEU A 21 -5.32 -10.67 -2.63
CA LEU A 21 -5.75 -11.19 -1.33
C LEU A 21 -6.73 -12.33 -1.53
N ASP A 22 -7.22 -12.43 -2.77
CA ASP A 22 -8.12 -13.48 -3.19
C ASP A 22 -9.44 -13.40 -2.44
N ILE A 23 -9.79 -12.18 -2.04
CA ILE A 23 -11.07 -11.90 -1.41
C ILE A 23 -12.06 -11.48 -2.48
N ASN A 24 -13.26 -11.14 -2.06
CA ASN A 24 -14.27 -10.70 -3.01
C ASN A 24 -14.22 -9.19 -3.19
N GLU A 25 -14.98 -8.68 -4.14
CA GLU A 25 -14.96 -7.26 -4.47
C GLU A 25 -15.23 -6.39 -3.25
N CYS A 26 -14.70 -5.18 -3.28
CA CYS A 26 -14.87 -4.25 -2.17
C CYS A 26 -15.17 -2.85 -2.69
N ALA A 27 -16.10 -2.17 -2.02
CA ALA A 27 -16.54 -0.85 -2.42
C ALA A 27 -15.70 0.25 -1.78
N THR A 28 -15.22 0.00 -0.58
CA THR A 28 -14.43 0.98 0.15
C THR A 28 -13.28 0.30 0.87
N VAL A 29 -12.44 1.08 1.54
CA VAL A 29 -11.38 0.52 2.35
C VAL A 29 -11.98 -0.26 3.50
N ASP A 30 -13.09 0.23 4.02
CA ASP A 30 -13.85 -0.45 5.06
C ASP A 30 -14.33 -1.81 4.57
N GLU A 31 -14.82 -1.86 3.34
CA GLU A 31 -15.25 -3.12 2.74
C GLU A 31 -14.05 -4.01 2.40
N LEU A 32 -12.95 -3.38 2.04
CA LEU A 32 -11.74 -4.09 1.67
C LEU A 32 -11.14 -4.67 2.94
N VAL A 33 -11.25 -3.88 3.99
CA VAL A 33 -10.85 -4.27 5.31
C VAL A 33 -11.77 -5.35 5.85
N ASP A 34 -13.04 -5.22 5.47
CA ASP A 34 -14.08 -6.15 5.88
C ASP A 34 -13.71 -7.58 5.53
N GLU A 35 -13.25 -7.77 4.30
CA GLU A 35 -12.82 -9.07 3.84
C GLU A 35 -11.52 -9.50 4.50
N ILE A 36 -10.59 -8.58 4.60
CA ILE A 36 -9.32 -8.88 5.22
C ILE A 36 -9.48 -9.41 6.64
N ASN A 37 -10.17 -8.67 7.50
CA ASN A 37 -10.32 -9.08 8.89
C ASN A 37 -11.14 -10.36 9.00
N LYS A 38 -11.89 -10.66 7.95
CA LYS A 38 -12.71 -11.86 7.92
C LYS A 38 -11.87 -13.03 7.44
N SER A 39 -10.79 -12.71 6.78
CA SER A 39 -9.85 -13.71 6.31
C SER A 39 -8.49 -13.52 6.98
N GLY A 40 -8.28 -14.22 8.09
CA GLY A 40 -7.08 -14.06 8.89
C GLY A 40 -5.80 -14.30 8.12
N THR A 41 -5.85 -15.14 7.09
CA THR A 41 -4.70 -15.38 6.24
C THR A 41 -4.35 -14.12 5.48
N VAL A 42 -5.39 -13.46 5.04
CA VAL A 42 -5.30 -12.24 4.29
C VAL A 42 -4.88 -11.09 5.18
N LYS A 43 -5.50 -11.01 6.35
CA LYS A 43 -5.10 -10.06 7.38
C LYS A 43 -3.64 -10.30 7.75
N ARG A 44 -3.26 -11.55 7.73
CA ARG A 44 -1.89 -11.96 8.01
C ARG A 44 -0.95 -11.50 6.90
N LYS A 45 -1.46 -11.47 5.67
CA LYS A 45 -0.67 -10.95 4.56
C LYS A 45 -0.34 -9.49 4.80
N ILE A 46 -1.35 -8.76 5.28
CA ILE A 46 -1.18 -7.37 5.66
C ILE A 46 -0.17 -7.25 6.77
N LYS A 47 -0.37 -8.11 7.74
CA LYS A 47 0.35 -8.10 8.98
C LYS A 47 1.84 -8.35 8.77
N ASN A 48 2.12 -9.39 7.99
CA ASN A 48 3.50 -9.85 7.80
C ASN A 48 4.23 -8.94 6.82
N GLN A 49 3.49 -8.41 5.87
CA GLN A 49 4.08 -7.65 4.79
C GLN A 49 4.03 -6.16 5.09
N SER A 50 4.86 -5.40 4.41
CA SER A 50 4.85 -3.97 4.54
C SER A 50 3.93 -3.37 3.50
N ALA A 51 3.28 -2.26 3.81
CA ALA A 51 2.26 -1.70 2.92
C ALA A 51 2.84 -1.40 1.54
N PHE A 52 4.02 -0.80 1.54
CA PHE A 52 4.76 -0.47 0.33
C PHE A 52 4.96 -1.72 -0.52
N ASP A 53 5.24 -2.84 0.15
CA ASP A 53 5.39 -4.12 -0.49
C ASP A 53 4.03 -4.65 -0.96
N LEU A 54 3.05 -4.58 -0.05
CA LEU A 54 1.67 -5.02 -0.32
C LEU A 54 1.09 -4.45 -1.63
N SER A 55 1.19 -3.14 -1.78
CA SER A 55 0.60 -2.46 -2.92
C SER A 55 1.42 -2.70 -4.17
N ARG A 56 2.73 -2.68 -4.01
CA ARG A 56 3.67 -3.01 -5.07
C ARG A 56 3.31 -4.38 -5.67
N GLU A 57 3.10 -5.34 -4.78
CA GLU A 57 2.79 -6.70 -5.15
C GLU A 57 1.53 -6.83 -5.98
N CYS A 58 0.58 -5.94 -5.73
CA CYS A 58 -0.72 -6.02 -6.37
C CYS A 58 -0.61 -5.72 -7.85
N LEU A 59 0.50 -5.09 -8.21
CA LEU A 59 0.79 -4.70 -9.57
C LEU A 59 1.79 -5.64 -10.22
N GLY A 60 2.20 -6.64 -9.47
CA GLY A 60 3.21 -7.55 -9.94
C GLY A 60 4.55 -6.86 -10.06
N TYR A 61 4.65 -5.72 -9.39
CA TYR A 61 5.85 -4.89 -9.44
C TYR A 61 7.06 -5.63 -8.91
N PRO A 62 8.09 -5.78 -9.76
CA PRO A 62 9.35 -6.38 -9.36
C PRO A 62 10.02 -5.53 -8.29
N GLU A 63 10.40 -6.18 -7.19
CA GLU A 63 10.83 -5.50 -5.98
C GLU A 63 12.04 -4.61 -6.23
N ALA A 64 12.98 -5.10 -7.02
CA ALA A 64 14.23 -4.40 -7.25
C ALA A 64 13.99 -3.16 -8.08
N ASP A 65 13.24 -3.34 -9.14
CA ASP A 65 12.96 -2.27 -10.08
C ASP A 65 12.08 -1.23 -9.42
N PHE A 66 11.23 -1.71 -8.52
CA PHE A 66 10.31 -0.85 -7.81
C PHE A 66 11.07 -0.01 -6.80
N ILE A 67 11.92 -0.67 -6.03
CA ILE A 67 12.74 -0.02 -5.03
C ILE A 67 13.68 0.98 -5.70
N THR A 68 14.10 0.63 -6.90
CA THR A 68 14.92 1.49 -7.72
C THR A 68 14.15 2.73 -8.13
N LEU A 69 12.91 2.54 -8.59
CA LEU A 69 12.09 3.69 -9.00
C LEU A 69 11.94 4.67 -7.86
N VAL A 70 11.47 4.16 -6.74
CA VAL A 70 11.25 4.97 -5.56
C VAL A 70 12.55 5.68 -5.15
N ASN A 71 13.66 5.08 -5.55
CA ASN A 71 14.98 5.59 -5.25
C ASN A 71 15.32 6.86 -6.06
N ASN A 72 14.65 7.05 -7.21
CA ASN A 72 14.93 8.22 -8.04
C ASN A 72 13.72 9.14 -8.14
N MET A 73 12.76 8.98 -7.24
CA MET A 73 11.59 9.83 -7.19
C MET A 73 11.51 10.61 -5.89
N ARG A 74 10.44 11.37 -5.78
CA ARG A 74 10.13 12.15 -4.60
C ARG A 74 8.65 11.98 -4.30
N PHE A 75 8.27 12.00 -3.03
CA PHE A 75 6.90 11.69 -2.66
C PHE A 75 6.34 12.69 -1.68
N LYS A 76 5.05 12.93 -1.81
CA LYS A 76 4.32 13.65 -0.80
C LYS A 76 3.48 12.65 -0.02
N ILE A 77 3.89 12.37 1.21
CA ILE A 77 3.20 11.40 2.03
C ILE A 77 2.23 12.10 2.97
N GLU A 78 1.04 11.55 3.03
CA GLU A 78 -0.02 12.10 3.84
C GLU A 78 -0.65 11.00 4.66
N ASN A 79 -0.47 11.04 5.97
CA ASN A 79 -1.02 10.01 6.87
C ASN A 79 -0.61 8.61 6.41
N CYS A 80 0.68 8.46 6.09
CA CYS A 80 1.25 7.18 5.65
C CYS A 80 0.74 6.77 4.27
N LYS A 81 0.16 7.72 3.54
CA LYS A 81 -0.32 7.47 2.18
C LYS A 81 0.43 8.34 1.20
N VAL A 82 0.72 7.84 0.02
CA VAL A 82 1.27 8.67 -1.02
C VAL A 82 0.15 9.38 -1.75
N VAL A 83 0.04 10.67 -1.51
CA VAL A 83 -1.01 11.47 -2.12
C VAL A 83 -0.47 12.16 -3.36
N ASN A 84 0.84 12.29 -3.39
CA ASN A 84 1.52 12.76 -4.58
C ASN A 84 2.85 12.04 -4.74
N PHE A 85 3.21 11.77 -5.98
CA PHE A 85 4.46 11.14 -6.31
C PHE A 85 5.02 11.84 -7.54
N ASN A 86 6.32 11.93 -7.64
CA ASN A 86 6.96 12.48 -8.83
C ASN A 86 8.39 12.01 -8.86
N ILE A 87 8.95 11.90 -10.03
CA ILE A 87 10.30 11.42 -10.18
C ILE A 87 11.28 12.60 -10.09
N GLU A 88 12.45 12.32 -9.55
CA GLU A 88 13.47 13.33 -9.39
C GLU A 88 14.52 13.18 -10.47
N ASN A 89 14.78 11.93 -10.83
CA ASN A 89 15.75 11.64 -11.87
C ASN A 89 15.31 10.45 -12.70
N THR A 90 14.80 10.73 -13.88
CA THR A 90 14.18 9.70 -14.71
C THR A 90 15.22 8.74 -15.28
N ASN A 91 16.48 9.09 -15.11
CA ASN A 91 17.59 8.29 -15.62
C ASN A 91 17.51 6.86 -15.09
N CYS A 92 17.19 6.71 -13.82
CA CYS A 92 17.17 5.40 -13.21
C CYS A 92 15.93 4.61 -13.61
N LEU A 93 14.88 5.29 -14.06
CA LEU A 93 13.68 4.58 -14.48
C LEU A 93 13.79 4.15 -15.92
N ASN A 94 14.81 4.64 -16.60
CA ASN A 94 15.02 4.33 -18.02
C ASN A 94 15.05 2.84 -18.31
N ASN A 95 15.36 2.03 -17.30
CA ASN A 95 15.20 0.58 -17.40
C ASN A 95 13.72 0.29 -17.62
N PRO A 96 13.40 -0.45 -18.71
CA PRO A 96 12.02 -0.77 -19.10
C PRO A 96 11.15 -1.23 -17.95
N SER A 97 11.76 -1.93 -17.00
CA SER A 97 11.04 -2.44 -15.86
C SER A 97 10.59 -1.29 -14.98
N ILE A 98 11.48 -0.34 -14.76
CA ILE A 98 11.18 0.82 -13.94
C ILE A 98 10.13 1.69 -14.60
N GLU A 99 10.27 1.89 -15.92
CA GLU A 99 9.31 2.69 -16.68
C GLU A 99 7.94 2.06 -16.59
N THR A 100 7.93 0.73 -16.64
CA THR A 100 6.73 -0.06 -16.48
C THR A 100 6.06 0.25 -15.14
N ILE A 101 6.86 0.27 -14.09
CA ILE A 101 6.39 0.56 -12.77
C ILE A 101 5.98 2.02 -12.65
N TYR A 102 6.75 2.89 -13.27
CA TYR A 102 6.56 4.32 -13.16
C TYR A 102 5.30 4.78 -13.90
N ARG A 103 5.12 4.27 -15.11
CA ARG A 103 3.97 4.64 -15.94
C ARG A 103 2.66 4.25 -15.25
N ASN A 104 2.67 3.11 -14.60
CA ASN A 104 1.49 2.58 -13.96
C ASN A 104 1.51 2.88 -12.48
N PHE A 105 2.45 3.74 -12.08
CA PHE A 105 2.69 4.02 -10.67
C PHE A 105 1.45 4.56 -9.97
N ASN A 106 0.60 5.24 -10.74
CA ASN A 106 -0.66 5.76 -10.22
C ASN A 106 -1.47 4.65 -9.55
N GLN A 107 -1.34 3.43 -10.07
CA GLN A 107 -2.00 2.27 -9.51
C GLN A 107 -1.44 1.99 -8.12
N PHE A 108 -0.11 1.95 -8.01
CA PHE A 108 0.53 1.63 -6.74
C PHE A 108 0.14 2.61 -5.65
N VAL A 109 0.18 3.90 -5.94
CA VAL A 109 -0.16 4.89 -4.93
C VAL A 109 -1.63 4.75 -4.51
N SER A 110 -2.49 4.41 -5.48
CA SER A 110 -3.91 4.18 -5.20
C SER A 110 -4.05 3.00 -4.25
N ILE A 111 -3.47 1.88 -4.67
CA ILE A 111 -3.47 0.65 -3.90
C ILE A 111 -2.82 0.87 -2.54
N PHE A 112 -1.75 1.63 -2.52
CA PHE A 112 -1.03 1.92 -1.29
C PHE A 112 -1.90 2.72 -0.34
N ASN A 113 -2.60 3.71 -0.87
CA ASN A 113 -3.54 4.51 -0.09
C ASN A 113 -4.58 3.61 0.58
N VAL A 114 -4.95 2.56 -0.13
CA VAL A 114 -5.87 1.56 0.40
C VAL A 114 -5.21 0.72 1.47
N VAL A 115 -4.08 0.14 1.13
CA VAL A 115 -3.33 -0.74 2.03
C VAL A 115 -3.01 -0.02 3.32
N THR A 116 -2.63 1.23 3.19
CA THR A 116 -2.35 2.07 4.34
C THR A 116 -3.60 2.27 5.19
N ASP A 117 -4.76 2.47 4.56
CA ASP A 117 -6.00 2.62 5.32
C ASP A 117 -6.27 1.33 6.06
N VAL A 118 -5.98 0.22 5.40
CA VAL A 118 -6.11 -1.10 5.99
C VAL A 118 -5.28 -1.20 7.27
N LYS A 119 -3.99 -0.91 7.16
CA LYS A 119 -3.11 -1.01 8.31
C LYS A 119 -3.50 -0.01 9.39
N LYS A 120 -3.98 1.15 8.98
CA LYS A 120 -4.43 2.18 9.92
C LYS A 120 -5.65 1.71 10.72
N ARG A 121 -6.52 0.93 10.10
CA ARG A 121 -7.73 0.46 10.76
C ARG A 121 -7.48 -0.80 11.58
N LEU A 122 -6.60 -1.66 11.08
CA LEU A 122 -6.41 -2.97 11.68
C LEU A 122 -5.24 -2.98 12.66
N PHE A 123 -4.07 -2.64 12.15
CA PHE A 123 -2.81 -2.93 12.84
C PHE A 123 -2.21 -1.72 13.54
N GLU A 124 -2.72 -0.55 13.26
CA GLU A 124 -2.10 0.69 13.73
C GLU A 124 -1.98 0.72 15.25
N ASN A 125 -3.09 0.88 15.93
CA ASN A 125 -3.10 0.89 17.39
C ASN A 125 -3.54 -0.46 17.93
N ALA A 126 -4.06 -1.29 17.05
CA ALA A 126 -4.56 -2.61 17.44
C ALA A 126 -3.53 -3.68 17.11
N SER A 127 -2.30 -3.24 16.93
CA SER A 127 -1.17 -4.12 16.68
C SER A 127 0.10 -3.28 16.71
N GLY A 128 0.28 -2.57 17.81
CA GLY A 128 1.40 -1.66 17.96
C GLY A 128 2.73 -2.37 18.03
N ASN A 129 3.21 -2.80 16.88
CA ASN A 129 4.54 -3.37 16.75
C ASN A 129 5.54 -2.24 16.61
N GLY A 130 5.07 -1.13 16.07
CA GLY A 130 5.90 0.05 15.96
C GLY A 130 5.78 0.93 17.19
N SER A 131 4.53 1.24 17.56
CA SER A 131 4.25 2.09 18.71
C SER A 131 4.99 3.41 18.62
N GLY A 132 4.85 4.08 17.48
CA GLY A 132 5.56 5.34 17.26
C GLY A 132 4.81 6.53 17.80
N GLY A 133 4.39 6.44 19.05
CA GLY A 133 3.64 7.51 19.67
C GLY A 133 4.51 8.43 20.49
N GLY A 134 5.65 7.91 20.93
CA GLY A 134 6.57 8.69 21.74
C GLY A 134 7.48 9.53 20.89
N LEU A 135 8.71 9.09 20.74
CA LEU A 135 9.69 9.79 19.94
C LEU A 135 9.84 9.13 18.57
N ASN A 136 11.02 8.55 18.32
CA ASN A 136 11.37 7.95 17.03
C ASN A 136 11.15 8.92 15.87
N ASP A 137 11.17 10.22 16.19
CA ASP A 137 10.96 11.24 15.18
C ASP A 137 12.26 11.58 14.50
N ILE A 138 13.22 12.04 15.28
CA ILE A 138 14.53 12.34 14.76
C ILE A 138 15.28 11.06 14.46
N PHE A 139 15.20 10.16 15.41
CA PHE A 139 15.98 8.94 15.41
C PHE A 139 15.33 7.88 14.52
N GLU A 140 14.81 8.31 13.38
CA GLU A 140 14.28 7.40 12.38
C GLU A 140 15.43 6.77 11.63
N ALA A 141 16.55 7.43 11.71
CA ALA A 141 17.77 6.98 11.07
C ALA A 141 18.56 6.09 12.02
N GLN A 142 18.58 4.82 11.70
CA GLN A 142 19.38 3.87 12.43
C GLN A 142 20.70 3.68 11.71
N LYS A 143 21.58 4.66 11.89
CA LYS A 143 22.84 4.75 11.15
C LYS A 143 22.57 5.16 9.71
N ILE A 144 23.25 6.21 9.29
CA ILE A 144 23.08 6.78 7.98
C ILE A 144 23.28 5.72 6.90
N GLU A 145 22.36 5.70 5.95
CA GLU A 145 22.39 4.72 4.89
C GLU A 145 23.59 4.97 4.00
N TRP A 146 24.44 3.96 3.98
CA TRP A 146 25.69 3.98 3.26
C TRP A 146 25.47 4.19 1.76
N HIS A 147 24.63 3.35 1.18
CA HIS A 147 24.40 3.41 -0.24
C HIS A 147 23.29 4.40 -0.57
N GLU A 148 23.27 4.87 -1.79
CA GLU A 148 22.22 5.76 -2.24
C GLU A 148 21.13 4.97 -2.95
N GLY A 1 -17.41 6.10 -6.27
CA GLY A 1 -16.50 6.13 -5.10
C GLY A 1 -15.05 6.04 -5.51
N ASN A 2 -14.54 7.10 -6.11
CA ASN A 2 -13.14 7.16 -6.52
C ASN A 2 -12.24 7.12 -5.30
N GLY A 3 -12.65 7.83 -4.26
CA GLY A 3 -11.94 7.79 -3.01
C GLY A 3 -11.58 9.16 -2.48
N LYS A 4 -11.73 9.32 -1.18
CA LYS A 4 -11.26 10.50 -0.50
C LYS A 4 -9.95 10.21 0.21
N TYR A 5 -9.97 9.14 0.97
CA TYR A 5 -8.83 8.70 1.77
C TYR A 5 -7.92 7.80 0.92
N PHE A 6 -8.27 7.69 -0.34
CA PHE A 6 -7.52 6.92 -1.29
C PHE A 6 -7.49 7.61 -2.64
N SER A 7 -8.65 7.75 -3.23
CA SER A 7 -8.84 8.56 -4.45
C SER A 7 -8.27 7.87 -5.68
N LYS A 8 -8.93 8.11 -6.83
CA LYS A 8 -8.53 7.54 -8.12
C LYS A 8 -8.58 6.01 -8.09
N VAL A 9 -9.38 5.49 -7.18
CA VAL A 9 -9.55 4.07 -7.03
C VAL A 9 -10.82 3.62 -7.72
N GLY A 10 -11.94 3.89 -7.09
CA GLY A 10 -13.22 3.49 -7.63
C GLY A 10 -13.35 1.99 -7.73
N SER A 11 -12.95 1.32 -6.63
CA SER A 11 -12.95 -0.15 -6.54
C SER A 11 -11.80 -0.76 -7.33
N ALA A 12 -11.19 0.03 -8.20
CA ALA A 12 -10.09 -0.45 -9.05
C ALA A 12 -8.87 -0.82 -8.22
N GLY A 13 -8.46 0.12 -7.35
CA GLY A 13 -7.35 -0.14 -6.46
C GLY A 13 -7.64 -1.26 -5.50
N LEU A 14 -8.86 -1.27 -4.98
CA LEU A 14 -9.29 -2.29 -4.02
C LEU A 14 -9.24 -3.67 -4.65
N LYS A 15 -9.72 -3.76 -5.88
CA LYS A 15 -9.71 -5.00 -6.65
C LYS A 15 -8.29 -5.55 -6.82
N GLN A 16 -7.32 -4.67 -6.88
CA GLN A 16 -5.93 -5.10 -6.93
C GLN A 16 -5.54 -5.80 -5.64
N LEU A 17 -6.08 -5.33 -4.52
CA LEU A 17 -5.92 -6.00 -3.23
C LEU A 17 -6.65 -7.33 -3.25
N THR A 18 -7.91 -7.28 -3.64
CA THR A 18 -8.74 -8.48 -3.71
C THR A 18 -8.07 -9.52 -4.60
N ASN A 19 -7.30 -9.02 -5.55
CA ASN A 19 -6.52 -9.86 -6.45
C ASN A 19 -5.44 -10.64 -5.71
N LYS A 20 -4.58 -9.92 -4.99
CA LYS A 20 -3.47 -10.55 -4.30
C LYS A 20 -3.89 -11.19 -2.98
N LEU A 21 -4.89 -10.62 -2.34
CA LEU A 21 -5.36 -11.14 -1.06
C LEU A 21 -6.32 -12.30 -1.29
N ASP A 22 -6.75 -12.43 -2.55
CA ASP A 22 -7.62 -13.52 -2.99
C ASP A 22 -8.98 -13.43 -2.30
N ILE A 23 -9.34 -12.22 -1.92
CA ILE A 23 -10.63 -11.95 -1.33
C ILE A 23 -11.61 -11.55 -2.40
N ASN A 24 -12.83 -11.25 -2.00
CA ASN A 24 -13.86 -10.87 -2.95
C ASN A 24 -13.79 -9.39 -3.23
N GLU A 25 -14.63 -8.96 -4.13
CA GLU A 25 -14.60 -7.58 -4.63
C GLU A 25 -15.16 -6.62 -3.60
N CYS A 26 -14.58 -5.43 -3.55
CA CYS A 26 -14.87 -4.47 -2.51
C CYS A 26 -15.09 -3.06 -3.08
N ALA A 27 -16.03 -2.33 -2.47
CA ALA A 27 -16.41 -1.00 -2.95
C ALA A 27 -15.57 0.10 -2.31
N THR A 28 -15.23 -0.06 -1.04
CA THR A 28 -14.46 0.93 -0.32
C THR A 28 -13.33 0.28 0.45
N VAL A 29 -12.51 1.07 1.13
CA VAL A 29 -11.45 0.52 1.97
C VAL A 29 -12.07 -0.27 3.10
N ASP A 30 -13.20 0.21 3.59
CA ASP A 30 -13.96 -0.46 4.64
C ASP A 30 -14.46 -1.82 4.15
N GLU A 31 -14.93 -1.87 2.90
CA GLU A 31 -15.37 -3.13 2.30
C GLU A 31 -14.17 -4.03 1.99
N LEU A 32 -13.05 -3.40 1.67
CA LEU A 32 -11.83 -4.12 1.36
C LEU A 32 -11.28 -4.67 2.67
N VAL A 33 -11.50 -3.91 3.71
CA VAL A 33 -11.14 -4.29 5.05
C VAL A 33 -12.07 -5.39 5.54
N ASP A 34 -13.30 -5.32 5.07
CA ASP A 34 -14.35 -6.27 5.41
C ASP A 34 -13.93 -7.70 5.11
N GLU A 35 -13.36 -7.89 3.94
CA GLU A 35 -12.85 -9.20 3.55
C GLU A 35 -11.62 -9.56 4.37
N ILE A 36 -10.71 -8.62 4.49
CA ILE A 36 -9.48 -8.83 5.23
C ILE A 36 -9.73 -9.24 6.68
N ASN A 37 -10.57 -8.48 7.38
CA ASN A 37 -10.82 -8.73 8.78
C ASN A 37 -11.54 -10.07 8.98
N LYS A 38 -12.11 -10.58 7.91
CA LYS A 38 -12.78 -11.88 7.97
C LYS A 38 -11.79 -12.96 7.57
N SER A 39 -10.73 -12.55 6.89
CA SER A 39 -9.70 -13.47 6.46
C SER A 39 -8.40 -13.19 7.23
N GLY A 40 -8.23 -13.86 8.36
CA GLY A 40 -7.10 -13.60 9.24
C GLY A 40 -5.76 -13.81 8.58
N THR A 41 -5.68 -14.71 7.61
CA THR A 41 -4.45 -14.93 6.85
C THR A 41 -4.12 -13.70 6.05
N VAL A 42 -5.17 -13.11 5.53
CA VAL A 42 -5.10 -11.94 4.71
C VAL A 42 -4.76 -10.72 5.55
N LYS A 43 -5.44 -10.60 6.67
CA LYS A 43 -5.11 -9.58 7.67
C LYS A 43 -3.67 -9.77 8.11
N ARG A 44 -3.25 -11.01 8.20
CA ARG A 44 -1.90 -11.36 8.58
C ARG A 44 -0.90 -10.91 7.52
N LYS A 45 -1.31 -10.96 6.25
CA LYS A 45 -0.48 -10.45 5.19
C LYS A 45 -0.24 -8.97 5.40
N ILE A 46 -1.31 -8.26 5.74
CA ILE A 46 -1.22 -6.84 6.06
C ILE A 46 -0.28 -6.62 7.21
N LYS A 47 -0.44 -7.48 8.20
CA LYS A 47 0.23 -7.40 9.45
C LYS A 47 1.73 -7.61 9.31
N ASN A 48 2.08 -8.66 8.58
CA ASN A 48 3.46 -9.10 8.48
C ASN A 48 4.22 -8.34 7.39
N GLN A 49 3.50 -7.95 6.35
CA GLN A 49 4.12 -7.31 5.20
C GLN A 49 4.12 -5.80 5.37
N SER A 50 5.00 -5.16 4.63
CA SER A 50 5.06 -3.71 4.62
C SER A 50 4.07 -3.19 3.58
N ALA A 51 3.45 -2.06 3.89
CA ALA A 51 2.41 -1.50 3.01
C ALA A 51 2.97 -1.22 1.63
N PHE A 52 4.24 -0.86 1.59
CA PHE A 52 4.95 -0.62 0.34
C PHE A 52 4.91 -1.87 -0.52
N ASP A 53 5.25 -3.00 0.07
CA ASP A 53 5.30 -4.28 -0.63
C ASP A 53 3.89 -4.80 -0.89
N LEU A 54 3.03 -4.62 0.10
CA LEU A 54 1.62 -4.97 0.00
C LEU A 54 0.97 -4.44 -1.29
N SER A 55 1.16 -3.16 -1.54
CA SER A 55 0.63 -2.53 -2.73
C SER A 55 1.43 -2.97 -3.95
N ARG A 56 2.75 -2.92 -3.82
CA ARG A 56 3.68 -3.33 -4.86
C ARG A 56 3.28 -4.69 -5.45
N GLU A 57 2.93 -5.63 -4.57
CA GLU A 57 2.52 -6.96 -4.99
C GLU A 57 1.28 -6.92 -5.86
N CYS A 58 0.35 -6.03 -5.53
CA CYS A 58 -0.93 -5.96 -6.21
C CYS A 58 -0.76 -5.56 -7.67
N LEU A 59 0.40 -4.97 -7.96
CA LEU A 59 0.74 -4.56 -9.31
C LEU A 59 1.54 -5.62 -10.05
N GLY A 60 1.95 -6.64 -9.32
CA GLY A 60 2.88 -7.61 -9.88
C GLY A 60 4.23 -6.98 -10.09
N TYR A 61 4.47 -5.89 -9.37
CA TYR A 61 5.69 -5.11 -9.50
C TYR A 61 6.91 -5.92 -9.11
N PRO A 62 7.95 -5.86 -9.95
CA PRO A 62 9.26 -6.42 -9.62
C PRO A 62 9.94 -5.54 -8.57
N GLU A 63 10.40 -6.17 -7.50
CA GLU A 63 10.91 -5.44 -6.34
C GLU A 63 12.16 -4.63 -6.67
N ALA A 64 12.98 -5.16 -7.55
CA ALA A 64 14.24 -4.52 -7.88
C ALA A 64 14.01 -3.23 -8.61
N ASP A 65 13.18 -3.31 -9.64
CA ASP A 65 12.90 -2.18 -10.49
C ASP A 65 12.03 -1.18 -9.73
N PHE A 66 11.19 -1.72 -8.85
CA PHE A 66 10.29 -0.90 -8.05
C PHE A 66 11.07 -0.11 -7.02
N ILE A 67 11.95 -0.82 -6.32
CA ILE A 67 12.78 -0.23 -5.29
C ILE A 67 13.74 0.78 -5.91
N THR A 68 14.18 0.49 -7.13
CA THR A 68 14.99 1.38 -7.89
C THR A 68 14.22 2.65 -8.24
N LEU A 69 12.99 2.49 -8.75
CA LEU A 69 12.17 3.64 -9.11
C LEU A 69 12.01 4.56 -7.92
N VAL A 70 11.54 4.00 -6.82
CA VAL A 70 11.31 4.77 -5.62
C VAL A 70 12.60 5.46 -5.16
N ASN A 71 13.74 4.87 -5.56
CA ASN A 71 15.05 5.41 -5.23
C ASN A 71 15.38 6.66 -6.06
N ASN A 72 14.79 6.77 -7.26
CA ASN A 72 15.01 7.96 -8.10
C ASN A 72 13.83 8.93 -8.05
N MET A 73 12.87 8.65 -7.18
CA MET A 73 11.73 9.53 -7.00
C MET A 73 11.74 10.19 -5.64
N ARG A 74 10.68 10.95 -5.39
CA ARG A 74 10.47 11.60 -4.11
C ARG A 74 8.97 11.69 -3.86
N PHE A 75 8.56 11.57 -2.61
CA PHE A 75 7.16 11.40 -2.32
C PHE A 75 6.64 12.42 -1.33
N LYS A 76 5.35 12.67 -1.43
CA LYS A 76 4.66 13.48 -0.45
C LYS A 76 3.64 12.62 0.24
N ILE A 77 3.93 12.31 1.48
CA ILE A 77 3.09 11.39 2.24
C ILE A 77 2.05 12.16 3.04
N GLU A 78 0.86 11.61 3.08
CA GLU A 78 -0.26 12.23 3.75
C GLU A 78 -1.02 11.18 4.52
N ASN A 79 -0.99 11.26 5.84
CA ASN A 79 -1.67 10.29 6.70
C ASN A 79 -1.21 8.86 6.37
N CYS A 80 0.12 8.72 6.24
CA CYS A 80 0.77 7.43 5.95
C CYS A 80 0.47 6.96 4.53
N LYS A 81 -0.07 7.83 3.71
CA LYS A 81 -0.43 7.49 2.33
C LYS A 81 0.38 8.34 1.38
N VAL A 82 0.69 7.83 0.20
CA VAL A 82 1.27 8.68 -0.82
C VAL A 82 0.16 9.46 -1.51
N VAL A 83 0.09 10.74 -1.22
CA VAL A 83 -0.92 11.59 -1.81
C VAL A 83 -0.35 12.19 -3.07
N ASN A 84 0.96 12.38 -3.06
CA ASN A 84 1.67 12.78 -4.24
C ASN A 84 3.00 12.04 -4.38
N PHE A 85 3.32 11.69 -5.60
CA PHE A 85 4.57 11.02 -5.95
C PHE A 85 5.19 11.77 -7.12
N ASN A 86 6.49 11.81 -7.18
CA ASN A 86 7.16 12.43 -8.31
C ASN A 86 8.56 11.90 -8.43
N ILE A 87 9.08 11.91 -9.63
CA ILE A 87 10.40 11.39 -9.88
C ILE A 87 11.41 12.52 -9.87
N GLU A 88 12.59 12.20 -9.40
CA GLU A 88 13.68 13.16 -9.34
C GLU A 88 14.61 12.93 -10.50
N ASN A 89 14.82 11.67 -10.85
CA ASN A 89 15.66 11.32 -11.98
C ASN A 89 15.00 10.27 -12.85
N THR A 90 14.60 10.69 -14.04
CA THR A 90 13.88 9.82 -14.94
C THR A 90 14.83 8.95 -15.75
N ASN A 91 16.08 9.35 -15.77
CA ASN A 91 17.12 8.61 -16.47
C ASN A 91 17.31 7.22 -15.87
N CYS A 92 17.05 7.14 -14.58
CA CYS A 92 17.13 5.87 -13.88
C CYS A 92 15.93 4.99 -14.20
N LEU A 93 14.79 5.59 -14.55
CA LEU A 93 13.61 4.80 -14.88
C LEU A 93 13.64 4.38 -16.34
N ASN A 94 14.62 4.90 -17.08
CA ASN A 94 14.75 4.59 -18.51
C ASN A 94 14.69 3.09 -18.78
N ASN A 95 15.12 2.28 -17.82
CA ASN A 95 14.96 0.83 -17.91
C ASN A 95 13.47 0.51 -18.08
N PRO A 96 13.13 -0.24 -19.15
CA PRO A 96 11.76 -0.56 -19.52
C PRO A 96 10.91 -1.02 -18.34
N SER A 97 11.55 -1.70 -17.41
CA SER A 97 10.86 -2.21 -16.24
C SER A 97 10.43 -1.05 -15.34
N ILE A 98 11.35 -0.13 -15.11
CA ILE A 98 11.08 1.02 -14.25
C ILE A 98 9.99 1.90 -14.87
N GLU A 99 10.07 2.10 -16.19
CA GLU A 99 9.09 2.92 -16.90
C GLU A 99 7.71 2.31 -16.76
N THR A 100 7.69 0.99 -16.84
CA THR A 100 6.50 0.21 -16.66
C THR A 100 5.88 0.50 -15.29
N ILE A 101 6.69 0.42 -14.27
CA ILE A 101 6.27 0.66 -12.92
C ILE A 101 5.88 2.11 -12.72
N TYR A 102 6.66 3.00 -13.32
CA TYR A 102 6.47 4.43 -13.15
C TYR A 102 5.18 4.92 -13.80
N ARG A 103 4.94 4.48 -15.02
CA ARG A 103 3.76 4.90 -15.75
C ARG A 103 2.50 4.37 -15.08
N ASN A 104 2.62 3.19 -14.50
CA ASN A 104 1.50 2.55 -13.82
C ASN A 104 1.56 2.81 -12.33
N PHE A 105 2.45 3.72 -11.94
CA PHE A 105 2.70 4.00 -10.53
C PHE A 105 1.45 4.57 -9.86
N ASN A 106 0.63 5.25 -10.65
CA ASN A 106 -0.64 5.79 -10.16
C ASN A 106 -1.48 4.69 -9.51
N GLN A 107 -1.34 3.48 -10.03
CA GLN A 107 -2.02 2.33 -9.45
C GLN A 107 -1.46 2.04 -8.06
N PHE A 108 -0.14 1.95 -7.95
CA PHE A 108 0.50 1.62 -6.68
C PHE A 108 0.17 2.62 -5.59
N VAL A 109 0.23 3.91 -5.88
CA VAL A 109 -0.06 4.90 -4.87
C VAL A 109 -1.51 4.76 -4.40
N SER A 110 -2.43 4.49 -5.34
CA SER A 110 -3.81 4.28 -5.01
C SER A 110 -3.99 3.04 -4.13
N ILE A 111 -3.40 1.95 -4.57
CA ILE A 111 -3.42 0.70 -3.84
C ILE A 111 -2.75 0.87 -2.48
N PHE A 112 -1.67 1.64 -2.46
CA PHE A 112 -0.94 1.92 -1.24
C PHE A 112 -1.82 2.71 -0.28
N ASN A 113 -2.53 3.70 -0.82
CA ASN A 113 -3.49 4.48 -0.04
C ASN A 113 -4.53 3.56 0.60
N VAL A 114 -4.93 2.54 -0.15
CA VAL A 114 -5.84 1.52 0.34
C VAL A 114 -5.21 0.72 1.46
N VAL A 115 -4.03 0.17 1.16
CA VAL A 115 -3.30 -0.68 2.09
C VAL A 115 -3.04 0.03 3.40
N THR A 116 -2.59 1.26 3.30
CA THR A 116 -2.36 2.11 4.44
C THR A 116 -3.65 2.30 5.24
N ASP A 117 -4.77 2.45 4.55
CA ASP A 117 -6.04 2.64 5.23
C ASP A 117 -6.39 1.37 5.99
N VAL A 118 -6.17 0.24 5.34
CA VAL A 118 -6.41 -1.06 5.94
C VAL A 118 -5.62 -1.22 7.23
N LYS A 119 -4.31 -1.03 7.14
CA LYS A 119 -3.45 -1.27 8.28
C LYS A 119 -3.78 -0.33 9.43
N LYS A 120 -4.17 0.90 9.11
CA LYS A 120 -4.54 1.86 10.13
C LYS A 120 -5.88 1.53 10.80
N ARG A 121 -6.79 0.91 10.06
CA ARG A 121 -8.10 0.56 10.61
C ARG A 121 -8.01 -0.67 11.50
N LEU A 122 -7.29 -1.69 11.04
CA LEU A 122 -7.22 -2.95 11.76
C LEU A 122 -6.16 -2.88 12.85
N PHE A 123 -4.99 -2.43 12.46
CA PHE A 123 -3.82 -2.49 13.32
C PHE A 123 -3.52 -1.12 13.94
N GLU A 124 -2.89 -0.26 13.14
CA GLU A 124 -2.40 1.04 13.58
C GLU A 124 -1.60 0.95 14.88
N ASN A 125 -2.26 1.11 16.01
CA ASN A 125 -1.60 1.02 17.30
C ASN A 125 -1.17 -0.42 17.57
N ALA A 126 -1.72 -1.34 16.79
CA ALA A 126 -1.36 -2.75 16.90
C ALA A 126 -0.02 -3.04 16.25
N SER A 127 0.64 -1.98 15.82
CA SER A 127 1.99 -2.08 15.31
C SER A 127 2.90 -1.22 16.15
N GLY A 128 2.41 -0.93 17.34
CA GLY A 128 3.12 -0.13 18.30
C GLY A 128 2.95 -0.70 19.69
N ASN A 129 3.46 0.00 20.69
CA ASN A 129 3.45 -0.49 22.06
C ASN A 129 4.20 -1.82 22.11
N GLY A 130 5.23 -1.91 21.27
CA GLY A 130 5.99 -3.14 21.14
C GLY A 130 6.29 -3.43 19.70
N SER A 131 5.36 -3.07 18.83
CA SER A 131 5.52 -3.23 17.38
C SER A 131 5.65 -4.71 17.01
N GLY A 132 4.77 -5.52 17.57
CA GLY A 132 4.73 -6.94 17.22
C GLY A 132 3.81 -7.18 16.04
N GLY A 133 3.76 -6.21 15.14
CA GLY A 133 2.92 -6.33 13.96
C GLY A 133 3.59 -7.15 12.89
N GLY A 134 4.64 -6.62 12.30
CA GLY A 134 5.34 -7.32 11.25
C GLY A 134 6.75 -7.66 11.65
N LEU A 135 6.90 -8.30 12.81
CA LEU A 135 8.20 -8.68 13.30
C LEU A 135 8.40 -10.17 13.06
N ASN A 136 8.92 -10.84 14.08
CA ASN A 136 9.36 -12.23 13.99
C ASN A 136 10.01 -12.59 12.67
N ASP A 137 10.73 -11.63 12.10
CA ASP A 137 11.43 -11.84 10.85
C ASP A 137 12.73 -12.58 11.09
N ILE A 138 13.46 -12.12 12.10
CA ILE A 138 14.70 -12.75 12.48
C ILE A 138 14.44 -13.88 13.47
N PHE A 139 13.18 -14.02 13.85
CA PHE A 139 12.78 -14.98 14.87
C PHE A 139 12.19 -16.24 14.24
N GLU A 140 12.51 -16.47 12.97
CA GLU A 140 12.02 -17.66 12.29
C GLU A 140 12.81 -18.89 12.69
N ALA A 141 12.32 -19.58 13.70
CA ALA A 141 12.97 -20.78 14.20
C ALA A 141 11.94 -21.73 14.78
N GLN A 142 11.72 -22.81 14.06
CA GLN A 142 10.73 -23.81 14.45
C GLN A 142 11.41 -25.09 14.86
N LYS A 143 12.16 -25.00 15.96
CA LYS A 143 12.91 -26.13 16.50
C LYS A 143 14.02 -26.56 15.56
N ILE A 144 15.25 -26.25 15.94
CA ILE A 144 16.41 -26.66 15.21
C ILE A 144 16.51 -28.17 15.18
N GLU A 145 16.88 -28.72 14.04
CA GLU A 145 16.89 -30.14 13.83
C GLU A 145 18.04 -30.80 14.56
N TRP A 146 17.68 -31.59 15.54
CA TRP A 146 18.64 -32.29 16.37
C TRP A 146 18.92 -33.69 15.83
N HIS A 147 20.19 -34.07 15.85
CA HIS A 147 20.60 -35.42 15.51
C HIS A 147 21.98 -35.71 16.08
N GLU A 148 22.22 -36.98 16.41
CA GLU A 148 23.49 -37.39 16.95
C GLU A 148 24.34 -38.05 15.87
N GLY A 1 -10.28 15.01 -4.23
CA GLY A 1 -10.82 14.60 -5.54
C GLY A 1 -11.57 13.29 -5.47
N ASN A 2 -11.17 12.34 -6.30
CA ASN A 2 -11.82 11.03 -6.34
C ASN A 2 -11.27 10.13 -5.25
N GLY A 3 -11.64 10.39 -4.01
CA GLY A 3 -11.17 9.59 -2.91
C GLY A 3 -10.77 10.43 -1.72
N LYS A 4 -11.11 9.95 -0.54
CA LYS A 4 -10.72 10.63 0.69
C LYS A 4 -9.64 9.83 1.40
N TYR A 5 -10.02 8.66 1.89
CA TYR A 5 -9.06 7.72 2.47
C TYR A 5 -8.12 7.21 1.39
N PHE A 6 -8.59 7.25 0.16
CA PHE A 6 -7.78 6.92 -0.99
C PHE A 6 -7.84 8.02 -2.03
N SER A 7 -7.40 7.74 -3.24
CA SER A 7 -7.50 8.67 -4.34
C SER A 7 -7.32 7.95 -5.67
N LYS A 8 -8.22 8.21 -6.60
CA LYS A 8 -8.20 7.59 -7.94
C LYS A 8 -8.32 6.07 -7.82
N VAL A 9 -9.38 5.62 -7.17
CA VAL A 9 -9.61 4.22 -6.99
C VAL A 9 -10.91 3.81 -7.67
N GLY A 10 -12.01 4.05 -6.98
CA GLY A 10 -13.31 3.65 -7.49
C GLY A 10 -13.42 2.15 -7.64
N SER A 11 -13.04 1.45 -6.56
CA SER A 11 -13.03 -0.01 -6.51
C SER A 11 -11.92 -0.60 -7.38
N ALA A 12 -11.25 0.24 -8.14
CA ALA A 12 -10.21 -0.19 -9.07
C ALA A 12 -8.96 -0.65 -8.32
N GLY A 13 -8.48 0.19 -7.43
CA GLY A 13 -7.31 -0.14 -6.64
C GLY A 13 -7.60 -1.23 -5.65
N LEU A 14 -8.80 -1.19 -5.13
CA LEU A 14 -9.27 -2.17 -4.16
C LEU A 14 -9.26 -3.56 -4.76
N LYS A 15 -9.74 -3.65 -5.99
CA LYS A 15 -9.75 -4.91 -6.72
C LYS A 15 -8.34 -5.49 -6.85
N GLN A 16 -7.34 -4.64 -6.95
CA GLN A 16 -5.96 -5.10 -7.04
C GLN A 16 -5.55 -5.77 -5.73
N LEU A 17 -6.08 -5.26 -4.61
CA LEU A 17 -5.93 -5.94 -3.33
C LEU A 17 -6.66 -7.26 -3.35
N THR A 18 -7.94 -7.20 -3.71
CA THR A 18 -8.78 -8.38 -3.77
C THR A 18 -8.16 -9.44 -4.66
N ASN A 19 -7.38 -8.97 -5.61
CA ASN A 19 -6.65 -9.84 -6.53
C ASN A 19 -5.54 -10.59 -5.80
N LYS A 20 -4.66 -9.85 -5.12
CA LYS A 20 -3.52 -10.45 -4.44
C LYS A 20 -3.91 -11.08 -3.11
N LEU A 21 -4.90 -10.52 -2.45
CA LEU A 21 -5.38 -11.05 -1.17
C LEU A 21 -6.34 -12.20 -1.43
N ASP A 22 -6.78 -12.28 -2.68
CA ASP A 22 -7.66 -13.33 -3.16
C ASP A 22 -9.01 -13.27 -2.45
N ILE A 23 -9.41 -12.07 -2.08
CA ILE A 23 -10.72 -11.82 -1.51
C ILE A 23 -11.67 -11.38 -2.62
N ASN A 24 -12.90 -11.08 -2.28
CA ASN A 24 -13.88 -10.67 -3.26
C ASN A 24 -13.82 -9.15 -3.43
N GLU A 25 -14.48 -8.67 -4.47
CA GLU A 25 -14.41 -7.25 -4.84
C GLU A 25 -14.86 -6.35 -3.70
N CYS A 26 -14.34 -5.14 -3.65
CA CYS A 26 -14.56 -4.24 -2.54
C CYS A 26 -14.89 -2.83 -3.04
N ALA A 27 -15.78 -2.15 -2.31
CA ALA A 27 -16.24 -0.81 -2.70
C ALA A 27 -15.42 0.28 -2.06
N THR A 28 -14.94 0.03 -0.84
CA THR A 28 -14.16 1.01 -0.11
C THR A 28 -12.99 0.36 0.59
N VAL A 29 -12.18 1.14 1.31
CA VAL A 29 -11.13 0.57 2.12
C VAL A 29 -11.72 -0.28 3.22
N ASP A 30 -12.87 0.15 3.73
CA ASP A 30 -13.58 -0.57 4.77
C ASP A 30 -14.12 -1.89 4.24
N GLU A 31 -14.57 -1.90 2.99
CA GLU A 31 -14.99 -3.14 2.35
C GLU A 31 -13.80 -4.03 2.04
N LEU A 32 -12.67 -3.39 1.72
CA LEU A 32 -11.43 -4.09 1.48
C LEU A 32 -11.02 -4.73 2.78
N VAL A 33 -11.31 -4.00 3.82
CA VAL A 33 -11.05 -4.42 5.17
C VAL A 33 -12.00 -5.52 5.59
N ASP A 34 -13.22 -5.42 5.11
CA ASP A 34 -14.31 -6.33 5.47
C ASP A 34 -13.93 -7.76 5.17
N GLU A 35 -13.35 -7.99 4.01
CA GLU A 35 -12.90 -9.32 3.62
C GLU A 35 -11.66 -9.72 4.39
N ILE A 36 -10.75 -8.78 4.54
CA ILE A 36 -9.50 -9.05 5.23
C ILE A 36 -9.73 -9.51 6.67
N ASN A 37 -10.53 -8.77 7.42
CA ASN A 37 -10.76 -9.15 8.82
C ASN A 37 -11.49 -10.48 8.91
N LYS A 38 -12.10 -10.88 7.82
CA LYS A 38 -12.79 -12.16 7.75
C LYS A 38 -11.80 -13.23 7.29
N SER A 39 -10.77 -12.78 6.60
CA SER A 39 -9.74 -13.66 6.11
C SER A 39 -8.45 -13.45 6.91
N GLY A 40 -8.32 -14.16 8.02
CA GLY A 40 -7.20 -13.94 8.91
C GLY A 40 -5.85 -14.16 8.27
N THR A 41 -5.78 -15.04 7.28
CA THR A 41 -4.56 -15.29 6.52
C THR A 41 -4.18 -14.04 5.74
N VAL A 42 -5.21 -13.39 5.25
CA VAL A 42 -5.09 -12.19 4.46
C VAL A 42 -4.71 -11.01 5.34
N LYS A 43 -5.39 -10.91 6.47
CA LYS A 43 -5.05 -9.95 7.50
C LYS A 43 -3.61 -10.19 7.96
N ARG A 44 -3.25 -11.45 7.97
CA ARG A 44 -1.92 -11.89 8.38
C ARG A 44 -0.87 -11.47 7.36
N LYS A 45 -1.28 -11.27 6.11
CA LYS A 45 -0.39 -10.78 5.10
C LYS A 45 -0.16 -9.29 5.34
N ILE A 46 -1.24 -8.60 5.66
CA ILE A 46 -1.17 -7.19 6.03
C ILE A 46 -0.26 -7.01 7.23
N LYS A 47 -0.46 -7.91 8.17
CA LYS A 47 0.18 -7.86 9.46
C LYS A 47 1.69 -7.95 9.35
N ASN A 48 2.15 -8.91 8.56
CA ASN A 48 3.57 -9.22 8.46
C ASN A 48 4.25 -8.37 7.40
N GLN A 49 3.51 -7.98 6.39
CA GLN A 49 4.09 -7.29 5.24
C GLN A 49 4.01 -5.79 5.42
N SER A 50 4.95 -5.13 4.77
CA SER A 50 4.98 -3.68 4.77
C SER A 50 4.06 -3.17 3.67
N ALA A 51 3.39 -2.05 3.96
CA ALA A 51 2.38 -1.49 3.08
C ALA A 51 2.94 -1.19 1.70
N PHE A 52 4.20 -0.81 1.66
CA PHE A 52 4.92 -0.56 0.42
C PHE A 52 4.94 -1.81 -0.44
N ASP A 53 5.30 -2.93 0.18
CA ASP A 53 5.36 -4.21 -0.50
C ASP A 53 3.95 -4.71 -0.82
N LEU A 54 3.06 -4.56 0.17
CA LEU A 54 1.65 -4.93 0.03
C LEU A 54 1.01 -4.38 -1.24
N SER A 55 1.16 -3.08 -1.46
CA SER A 55 0.61 -2.43 -2.62
C SER A 55 1.43 -2.74 -3.86
N ARG A 56 2.74 -2.75 -3.68
CA ARG A 56 3.68 -3.11 -4.73
C ARG A 56 3.28 -4.45 -5.37
N GLU A 57 2.92 -5.41 -4.54
CA GLU A 57 2.51 -6.73 -5.00
C GLU A 57 1.25 -6.69 -5.84
N CYS A 58 0.39 -5.71 -5.58
CA CYS A 58 -0.90 -5.65 -6.22
C CYS A 58 -0.76 -5.29 -7.69
N LEU A 59 0.41 -4.79 -8.03
CA LEU A 59 0.72 -4.41 -9.41
C LEU A 59 1.59 -5.46 -10.09
N GLY A 60 1.97 -6.48 -9.34
CA GLY A 60 2.94 -7.43 -9.84
C GLY A 60 4.29 -6.77 -10.01
N TYR A 61 4.50 -5.70 -9.25
CA TYR A 61 5.71 -4.89 -9.34
C TYR A 61 6.93 -5.67 -8.94
N PRO A 62 7.91 -5.75 -9.83
CA PRO A 62 9.21 -6.34 -9.52
C PRO A 62 9.91 -5.54 -8.43
N GLU A 63 10.34 -6.25 -7.39
CA GLU A 63 10.80 -5.63 -6.15
C GLU A 63 12.01 -4.75 -6.37
N ALA A 64 12.93 -5.21 -7.19
CA ALA A 64 14.19 -4.51 -7.41
C ALA A 64 13.94 -3.24 -8.21
N ASP A 65 13.15 -3.40 -9.25
CA ASP A 65 12.86 -2.35 -10.18
C ASP A 65 11.98 -1.31 -9.51
N PHE A 66 11.14 -1.79 -8.60
CA PHE A 66 10.24 -0.93 -7.85
C PHE A 66 11.03 -0.09 -6.87
N ILE A 67 11.92 -0.75 -6.15
CA ILE A 67 12.77 -0.12 -5.18
C ILE A 67 13.71 0.87 -5.87
N THR A 68 14.13 0.50 -7.07
CA THR A 68 14.93 1.35 -7.91
C THR A 68 14.17 2.64 -8.23
N LEU A 69 12.95 2.50 -8.71
CA LEU A 69 12.15 3.66 -9.06
C LEU A 69 12.02 4.60 -7.89
N VAL A 70 11.54 4.06 -6.78
CA VAL A 70 11.27 4.84 -5.59
C VAL A 70 12.54 5.54 -5.10
N ASN A 71 13.69 4.95 -5.45
CA ASN A 71 14.98 5.48 -5.05
C ASN A 71 15.30 6.78 -5.79
N ASN A 72 14.65 6.97 -6.95
CA ASN A 72 14.96 8.12 -7.80
C ASN A 72 13.82 9.12 -7.85
N MET A 73 12.82 8.92 -7.02
CA MET A 73 11.67 9.80 -7.02
C MET A 73 11.58 10.64 -5.76
N ARG A 74 10.53 11.42 -5.72
CA ARG A 74 10.22 12.31 -4.63
C ARG A 74 8.74 12.15 -4.29
N PHE A 75 8.41 12.12 -3.02
CA PHE A 75 7.05 11.82 -2.62
C PHE A 75 6.52 12.82 -1.63
N LYS A 76 5.24 13.09 -1.74
CA LYS A 76 4.53 13.82 -0.73
C LYS A 76 3.61 12.86 -0.02
N ILE A 77 3.95 12.53 1.21
CA ILE A 77 3.15 11.62 1.98
C ILE A 77 2.13 12.41 2.79
N GLU A 78 0.94 11.87 2.89
CA GLU A 78 -0.15 12.54 3.55
C GLU A 78 -0.90 11.54 4.40
N ASN A 79 -0.80 11.68 5.71
CA ASN A 79 -1.48 10.77 6.62
C ASN A 79 -1.06 9.32 6.34
N CYS A 80 0.24 9.14 6.15
CA CYS A 80 0.84 7.83 5.87
C CYS A 80 0.46 7.31 4.48
N LYS A 81 -0.05 8.19 3.63
CA LYS A 81 -0.49 7.81 2.29
C LYS A 81 0.30 8.59 1.25
N VAL A 82 0.47 8.01 0.07
CA VAL A 82 1.07 8.74 -1.03
C VAL A 82 0.01 9.64 -1.67
N VAL A 83 0.13 10.94 -1.44
CA VAL A 83 -0.83 11.88 -1.98
C VAL A 83 -0.28 12.48 -3.26
N ASN A 84 1.04 12.59 -3.31
CA ASN A 84 1.73 12.96 -4.53
C ASN A 84 3.04 12.21 -4.68
N PHE A 85 3.36 11.88 -5.92
CA PHE A 85 4.59 11.20 -6.27
C PHE A 85 5.15 11.83 -7.53
N ASN A 86 6.46 11.96 -7.63
CA ASN A 86 7.09 12.44 -8.86
C ASN A 86 8.55 12.03 -8.87
N ILE A 87 9.06 11.74 -10.04
CA ILE A 87 10.41 11.24 -10.16
C ILE A 87 11.42 12.39 -10.24
N GLU A 88 12.58 12.16 -9.66
CA GLU A 88 13.65 13.13 -9.68
C GLU A 88 14.68 12.76 -10.73
N ASN A 89 14.92 11.47 -10.85
CA ASN A 89 15.86 10.96 -11.85
C ASN A 89 15.20 9.91 -12.71
N THR A 90 15.00 10.23 -13.98
CA THR A 90 14.25 9.36 -14.88
C THR A 90 15.19 8.44 -15.64
N ASN A 91 16.47 8.76 -15.61
CA ASN A 91 17.49 7.99 -16.30
C ASN A 91 17.56 6.58 -15.72
N CYS A 92 17.15 6.44 -14.48
CA CYS A 92 17.11 5.14 -13.86
C CYS A 92 15.81 4.42 -14.17
N LEU A 93 14.73 5.16 -14.44
CA LEU A 93 13.45 4.52 -14.72
C LEU A 93 13.37 4.07 -16.16
N ASN A 94 14.24 4.61 -17.00
CA ASN A 94 14.16 4.34 -18.44
C ASN A 94 14.48 2.89 -18.78
N ASN A 95 14.73 2.09 -17.76
CA ASN A 95 14.72 0.65 -17.91
C ASN A 95 13.27 0.22 -18.06
N PRO A 96 12.92 -0.54 -19.11
CA PRO A 96 11.54 -0.92 -19.40
C PRO A 96 10.74 -1.29 -18.16
N SER A 97 11.39 -2.04 -17.27
CA SER A 97 10.77 -2.52 -16.05
C SER A 97 10.35 -1.34 -15.18
N ILE A 98 11.26 -0.39 -14.98
CA ILE A 98 11.00 0.75 -14.12
C ILE A 98 9.93 1.64 -14.72
N GLU A 99 10.01 1.87 -16.04
CA GLU A 99 9.03 2.70 -16.74
C GLU A 99 7.66 2.09 -16.60
N THR A 100 7.63 0.76 -16.65
CA THR A 100 6.43 0.00 -16.44
C THR A 100 5.82 0.34 -15.09
N ILE A 101 6.65 0.30 -14.06
CA ILE A 101 6.24 0.59 -12.72
C ILE A 101 5.86 2.06 -12.59
N TYR A 102 6.65 2.92 -13.20
CA TYR A 102 6.49 4.34 -13.07
C TYR A 102 5.21 4.83 -13.75
N ARG A 103 4.95 4.31 -14.94
CA ARG A 103 3.78 4.72 -15.70
C ARG A 103 2.50 4.26 -15.02
N ASN A 104 2.57 3.08 -14.41
CA ASN A 104 1.41 2.51 -13.74
C ASN A 104 1.44 2.85 -12.27
N PHE A 105 2.38 3.72 -11.90
CA PHE A 105 2.62 4.05 -10.50
C PHE A 105 1.37 4.64 -9.85
N ASN A 106 0.54 5.28 -10.65
CA ASN A 106 -0.74 5.83 -10.18
C ASN A 106 -1.56 4.75 -9.49
N GLN A 107 -1.44 3.51 -9.97
CA GLN A 107 -2.11 2.38 -9.37
C GLN A 107 -1.55 2.10 -7.99
N PHE A 108 -0.22 2.05 -7.89
CA PHE A 108 0.43 1.73 -6.63
C PHE A 108 0.08 2.73 -5.54
N VAL A 109 0.17 4.01 -5.83
CA VAL A 109 -0.12 5.01 -4.79
C VAL A 109 -1.57 4.90 -4.34
N SER A 110 -2.48 4.63 -5.27
CA SER A 110 -3.87 4.42 -4.95
C SER A 110 -4.05 3.19 -4.07
N ILE A 111 -3.44 2.11 -4.50
CA ILE A 111 -3.45 0.86 -3.75
C ILE A 111 -2.78 1.03 -2.40
N PHE A 112 -1.71 1.81 -2.38
CA PHE A 112 -0.98 2.09 -1.17
C PHE A 112 -1.84 2.87 -0.19
N ASN A 113 -2.59 3.84 -0.74
CA ASN A 113 -3.55 4.59 0.05
C ASN A 113 -4.53 3.65 0.74
N VAL A 114 -4.92 2.61 0.01
CA VAL A 114 -5.80 1.58 0.51
C VAL A 114 -5.13 0.77 1.62
N VAL A 115 -3.94 0.28 1.32
CA VAL A 115 -3.18 -0.56 2.23
C VAL A 115 -2.76 0.20 3.48
N THR A 116 -2.49 1.47 3.32
CA THR A 116 -2.26 2.32 4.46
C THR A 116 -3.49 2.36 5.35
N ASP A 117 -4.66 2.35 4.73
CA ASP A 117 -5.89 2.48 5.48
C ASP A 117 -6.22 1.16 6.16
N VAL A 118 -6.00 0.04 5.47
CA VAL A 118 -6.27 -1.27 6.05
C VAL A 118 -5.51 -1.47 7.35
N LYS A 119 -4.21 -1.25 7.30
CA LYS A 119 -3.37 -1.44 8.48
C LYS A 119 -3.76 -0.47 9.60
N LYS A 120 -4.20 0.72 9.24
CA LYS A 120 -4.69 1.69 10.21
C LYS A 120 -6.01 1.25 10.85
N ARG A 121 -6.89 0.64 10.06
CA ARG A 121 -8.22 0.26 10.54
C ARG A 121 -8.17 -1.02 11.36
N LEU A 122 -7.33 -1.97 10.96
CA LEU A 122 -7.26 -3.26 11.64
C LEU A 122 -6.26 -3.25 12.76
N PHE A 123 -5.05 -2.84 12.42
CA PHE A 123 -3.92 -2.99 13.29
C PHE A 123 -3.63 -1.68 14.02
N GLU A 124 -2.47 -1.14 13.75
CA GLU A 124 -1.96 0.09 14.35
C GLU A 124 -2.11 0.09 15.87
N ASN A 125 -3.24 0.60 16.38
CA ASN A 125 -3.49 0.61 17.82
C ASN A 125 -3.71 -0.80 18.33
N ALA A 126 -4.03 -1.71 17.41
CA ALA A 126 -4.26 -3.11 17.75
C ALA A 126 -2.96 -3.89 17.75
N SER A 127 -1.87 -3.17 17.90
CA SER A 127 -0.56 -3.77 17.98
C SER A 127 0.39 -2.80 18.68
N GLY A 128 -0.20 -1.95 19.51
CA GLY A 128 0.55 -0.92 20.19
C GLY A 128 1.38 -0.08 19.25
N ASN A 129 2.56 0.30 19.69
CA ASN A 129 3.53 0.95 18.83
C ASN A 129 4.57 -0.06 18.39
N GLY A 130 4.14 -1.32 18.33
CA GLY A 130 5.04 -2.41 17.99
C GLY A 130 5.00 -3.51 19.03
N SER A 131 4.21 -3.31 20.07
CA SER A 131 4.10 -4.27 21.14
C SER A 131 2.72 -4.91 21.16
N GLY A 132 2.69 -6.23 21.05
CA GLY A 132 1.43 -6.95 21.10
C GLY A 132 0.87 -7.24 19.72
N GLY A 133 0.24 -8.40 19.60
CA GLY A 133 -0.36 -8.77 18.33
C GLY A 133 -1.49 -9.78 18.53
N GLY A 134 -1.13 -11.06 18.48
CA GLY A 134 -2.13 -12.11 18.59
C GLY A 134 -2.75 -12.21 19.96
N LEU A 135 -2.25 -11.43 20.91
CA LEU A 135 -2.77 -11.41 22.27
C LEU A 135 -4.26 -11.07 22.29
N ASN A 136 -4.66 -10.11 21.48
CA ASN A 136 -6.05 -9.63 21.51
C ASN A 136 -7.00 -10.58 20.77
N ASP A 137 -6.64 -11.85 20.68
CA ASP A 137 -7.51 -12.86 20.08
C ASP A 137 -8.70 -13.11 20.99
N ILE A 138 -8.42 -13.52 22.21
CA ILE A 138 -9.47 -13.64 23.20
C ILE A 138 -9.48 -12.40 24.09
N PHE A 139 -8.34 -11.72 24.15
CA PHE A 139 -8.17 -10.54 25.00
C PHE A 139 -8.53 -9.27 24.25
N GLU A 140 -9.57 -9.33 23.43
CA GLU A 140 -10.04 -8.15 22.73
C GLU A 140 -10.59 -7.14 23.73
N ALA A 141 -10.41 -5.87 23.44
CA ALA A 141 -10.81 -4.82 24.36
C ALA A 141 -11.20 -3.55 23.61
N GLN A 142 -12.09 -2.80 24.22
CA GLN A 142 -12.56 -1.54 23.66
C GLN A 142 -11.61 -0.42 24.06
N LYS A 143 -10.35 -0.64 23.77
CA LYS A 143 -9.29 0.29 24.11
C LYS A 143 -9.20 1.38 23.05
N ILE A 144 -9.41 2.61 23.48
CA ILE A 144 -9.32 3.75 22.61
C ILE A 144 -7.90 3.94 22.12
N GLU A 145 -7.78 4.30 20.85
CA GLU A 145 -6.48 4.50 20.21
C GLU A 145 -5.72 5.62 20.87
N TRP A 146 -4.75 5.22 21.67
CA TRP A 146 -3.89 6.14 22.39
C TRP A 146 -4.67 6.93 23.45
N HIS A 147 -4.32 6.72 24.71
CA HIS A 147 -4.90 7.46 25.80
C HIS A 147 -4.05 7.30 27.06
N GLU A 148 -3.78 8.41 27.72
CA GLU A 148 -2.98 8.41 28.92
C GLU A 148 -3.86 8.18 30.14
N GLY A 1 -15.64 7.54 -6.93
CA GLY A 1 -15.76 8.99 -6.66
C GLY A 1 -14.45 9.59 -6.20
N ASN A 2 -14.52 10.80 -5.67
CA ASN A 2 -13.32 11.48 -5.16
C ASN A 2 -12.75 10.72 -3.98
N GLY A 3 -11.53 10.24 -4.12
CA GLY A 3 -10.91 9.50 -3.04
C GLY A 3 -10.56 10.38 -1.87
N LYS A 4 -10.97 9.97 -0.70
CA LYS A 4 -10.67 10.68 0.53
C LYS A 4 -9.67 9.90 1.35
N TYR A 5 -10.00 8.66 1.63
CA TYR A 5 -9.10 7.73 2.28
C TYR A 5 -8.14 7.13 1.26
N PHE A 6 -8.53 7.25 -0.01
CA PHE A 6 -7.72 6.83 -1.13
C PHE A 6 -7.68 7.92 -2.19
N SER A 7 -7.25 7.56 -3.40
CA SER A 7 -7.27 8.49 -4.52
C SER A 7 -7.18 7.73 -5.84
N LYS A 8 -8.07 8.08 -6.77
CA LYS A 8 -8.12 7.46 -8.10
C LYS A 8 -8.28 5.94 -8.00
N VAL A 9 -9.26 5.52 -7.21
CA VAL A 9 -9.54 4.10 -7.03
C VAL A 9 -10.77 3.71 -7.83
N GLY A 10 -11.93 3.93 -7.25
CA GLY A 10 -13.17 3.51 -7.86
C GLY A 10 -13.27 2.01 -7.92
N SER A 11 -12.97 1.37 -6.79
CA SER A 11 -12.94 -0.08 -6.65
C SER A 11 -11.78 -0.71 -7.44
N ALA A 12 -11.11 0.09 -8.25
CA ALA A 12 -10.00 -0.37 -9.07
C ALA A 12 -8.81 -0.74 -8.20
N GLY A 13 -8.42 0.18 -7.31
CA GLY A 13 -7.35 -0.08 -6.38
C GLY A 13 -7.66 -1.24 -5.47
N LEU A 14 -8.88 -1.26 -4.95
CA LEU A 14 -9.34 -2.30 -4.05
C LEU A 14 -9.28 -3.67 -4.71
N LYS A 15 -9.73 -3.73 -5.95
CA LYS A 15 -9.71 -4.97 -6.73
C LYS A 15 -8.30 -5.54 -6.86
N GLN A 16 -7.31 -4.68 -6.90
CA GLN A 16 -5.93 -5.15 -6.94
C GLN A 16 -5.57 -5.86 -5.64
N LEU A 17 -6.13 -5.39 -4.54
CA LEU A 17 -5.98 -6.06 -3.25
C LEU A 17 -6.73 -7.38 -3.28
N THR A 18 -8.00 -7.32 -3.63
CA THR A 18 -8.85 -8.48 -3.69
C THR A 18 -8.23 -9.54 -4.59
N ASN A 19 -7.45 -9.06 -5.54
CA ASN A 19 -6.73 -9.92 -6.47
C ASN A 19 -5.63 -10.70 -5.78
N LYS A 20 -4.73 -9.98 -5.10
CA LYS A 20 -3.59 -10.61 -4.46
C LYS A 20 -3.96 -11.25 -3.12
N LEU A 21 -4.98 -10.72 -2.46
CA LEU A 21 -5.41 -11.24 -1.17
C LEU A 21 -6.38 -12.40 -1.37
N ASP A 22 -6.86 -12.51 -2.60
CA ASP A 22 -7.75 -13.60 -3.01
C ASP A 22 -9.10 -13.50 -2.29
N ILE A 23 -9.46 -12.28 -1.94
CA ILE A 23 -10.76 -11.99 -1.37
C ILE A 23 -11.70 -11.57 -2.48
N ASN A 24 -12.93 -11.24 -2.13
CA ASN A 24 -13.93 -10.86 -3.11
C ASN A 24 -13.90 -9.35 -3.29
N GLU A 25 -14.54 -8.90 -4.36
CA GLU A 25 -14.48 -7.50 -4.77
C GLU A 25 -15.12 -6.59 -3.74
N CYS A 26 -14.50 -5.43 -3.53
CA CYS A 26 -14.89 -4.53 -2.46
C CYS A 26 -15.22 -3.15 -3.00
N ALA A 27 -16.06 -2.41 -2.27
CA ALA A 27 -16.50 -1.10 -2.70
C ALA A 27 -15.65 0.02 -2.12
N THR A 28 -15.20 -0.14 -0.89
CA THR A 28 -14.40 0.87 -0.23
C THR A 28 -13.23 0.23 0.53
N VAL A 29 -12.40 1.04 1.16
CA VAL A 29 -11.34 0.50 2.00
C VAL A 29 -11.94 -0.26 3.16
N ASP A 30 -13.05 0.26 3.67
CA ASP A 30 -13.79 -0.39 4.74
C ASP A 30 -14.31 -1.75 4.29
N GLU A 31 -14.81 -1.84 3.07
CA GLU A 31 -15.25 -3.11 2.52
C GLU A 31 -14.08 -4.03 2.21
N LEU A 32 -12.96 -3.42 1.81
CA LEU A 32 -11.76 -4.15 1.48
C LEU A 32 -11.19 -4.69 2.77
N VAL A 33 -11.33 -3.89 3.80
CA VAL A 33 -10.97 -4.25 5.14
C VAL A 33 -11.90 -5.34 5.67
N ASP A 34 -13.14 -5.27 5.22
CA ASP A 34 -14.19 -6.17 5.66
C ASP A 34 -13.86 -7.62 5.30
N GLU A 35 -13.28 -7.81 4.14
CA GLU A 35 -12.83 -9.14 3.74
C GLU A 35 -11.59 -9.53 4.51
N ILE A 36 -10.67 -8.60 4.62
CA ILE A 36 -9.43 -8.85 5.32
C ILE A 36 -9.66 -9.26 6.78
N ASN A 37 -10.45 -8.48 7.49
CA ASN A 37 -10.63 -8.72 8.92
C ASN A 37 -11.34 -10.04 9.18
N LYS A 38 -12.02 -10.57 8.17
CA LYS A 38 -12.70 -11.83 8.32
C LYS A 38 -11.81 -12.94 7.85
N SER A 39 -10.82 -12.57 7.06
CA SER A 39 -9.84 -13.51 6.54
C SER A 39 -8.49 -13.28 7.22
N GLY A 40 -8.27 -13.97 8.33
CA GLY A 40 -7.07 -13.77 9.12
C GLY A 40 -5.78 -14.06 8.38
N THR A 41 -5.86 -14.90 7.35
CA THR A 41 -4.71 -15.17 6.49
C THR A 41 -4.39 -13.92 5.69
N VAL A 42 -5.44 -13.28 5.25
CA VAL A 42 -5.37 -12.08 4.46
C VAL A 42 -4.94 -10.91 5.31
N LYS A 43 -5.49 -10.83 6.51
CA LYS A 43 -5.04 -9.86 7.50
C LYS A 43 -3.57 -10.09 7.81
N ARG A 44 -3.18 -11.36 7.79
CA ARG A 44 -1.79 -11.74 8.02
C ARG A 44 -0.91 -11.28 6.86
N LYS A 45 -1.48 -11.22 5.66
CA LYS A 45 -0.76 -10.71 4.50
C LYS A 45 -0.38 -9.27 4.78
N ILE A 46 -1.36 -8.53 5.32
CA ILE A 46 -1.18 -7.14 5.70
C ILE A 46 -0.15 -7.04 6.81
N LYS A 47 -0.35 -7.88 7.80
CA LYS A 47 0.39 -7.85 9.03
C LYS A 47 1.87 -8.10 8.83
N ASN A 48 2.17 -9.14 8.09
CA ASN A 48 3.54 -9.60 7.94
C ASN A 48 4.30 -8.79 6.90
N GLN A 49 3.56 -8.16 5.99
CA GLN A 49 4.18 -7.44 4.89
C GLN A 49 4.09 -5.94 5.13
N SER A 50 5.00 -5.21 4.54
CA SER A 50 5.02 -3.77 4.65
C SER A 50 4.09 -3.18 3.61
N ALA A 51 3.39 -2.10 3.95
CA ALA A 51 2.37 -1.54 3.06
C ALA A 51 2.93 -1.27 1.67
N PHE A 52 4.13 -0.70 1.64
CA PHE A 52 4.82 -0.37 0.39
C PHE A 52 4.94 -1.60 -0.50
N ASP A 53 5.28 -2.74 0.11
CA ASP A 53 5.39 -3.99 -0.62
C ASP A 53 4.02 -4.55 -0.95
N LEU A 54 3.12 -4.45 0.03
CA LEU A 54 1.72 -4.91 -0.11
C LEU A 54 1.08 -4.38 -1.40
N SER A 55 1.15 -3.08 -1.62
CA SER A 55 0.59 -2.48 -2.80
C SER A 55 1.42 -2.81 -4.04
N ARG A 56 2.73 -2.78 -3.87
CA ARG A 56 3.68 -3.16 -4.92
C ARG A 56 3.31 -4.54 -5.48
N GLU A 57 2.98 -5.46 -4.57
CA GLU A 57 2.57 -6.80 -4.92
C GLU A 57 1.31 -6.82 -5.77
N CYS A 58 0.43 -5.87 -5.54
CA CYS A 58 -0.87 -5.84 -6.18
C CYS A 58 -0.75 -5.49 -7.64
N LEU A 59 0.38 -4.89 -7.99
CA LEU A 59 0.67 -4.55 -9.37
C LEU A 59 1.42 -5.67 -10.06
N GLY A 60 1.87 -6.64 -9.27
CA GLY A 60 2.80 -7.62 -9.78
C GLY A 60 4.15 -6.99 -10.02
N TYR A 61 4.36 -5.85 -9.39
CA TYR A 61 5.58 -5.06 -9.55
C TYR A 61 6.80 -5.87 -9.16
N PRO A 62 7.84 -5.82 -10.00
CA PRO A 62 9.14 -6.39 -9.67
C PRO A 62 9.78 -5.59 -8.54
N GLU A 63 10.20 -6.30 -7.50
CA GLU A 63 10.66 -5.69 -6.26
C GLU A 63 11.89 -4.81 -6.48
N ALA A 64 12.78 -5.29 -7.32
CA ALA A 64 14.05 -4.63 -7.55
C ALA A 64 13.85 -3.34 -8.32
N ASP A 65 13.09 -3.43 -9.39
CA ASP A 65 12.85 -2.31 -10.28
C ASP A 65 12.02 -1.28 -9.56
N PHE A 66 11.15 -1.77 -8.68
CA PHE A 66 10.27 -0.92 -7.91
C PHE A 66 11.08 -0.12 -6.90
N ILE A 67 11.92 -0.84 -6.18
CA ILE A 67 12.78 -0.25 -5.17
C ILE A 67 13.75 0.73 -5.82
N THR A 68 14.19 0.39 -7.03
CA THR A 68 15.02 1.25 -7.82
C THR A 68 14.30 2.54 -8.18
N LEU A 69 13.08 2.42 -8.69
CA LEU A 69 12.30 3.59 -9.06
C LEU A 69 12.16 4.54 -7.89
N VAL A 70 11.66 4.00 -6.78
CA VAL A 70 11.38 4.79 -5.60
C VAL A 70 12.66 5.46 -5.09
N ASN A 71 13.80 4.86 -5.42
CA ASN A 71 15.09 5.34 -4.98
C ASN A 71 15.46 6.64 -5.69
N ASN A 72 14.76 6.95 -6.78
CA ASN A 72 15.07 8.13 -7.58
C ASN A 72 13.89 9.09 -7.64
N MET A 73 12.90 8.88 -6.79
CA MET A 73 11.73 9.72 -6.80
C MET A 73 11.61 10.54 -5.53
N ARG A 74 10.53 11.29 -5.46
CA ARG A 74 10.23 12.15 -4.35
C ARG A 74 8.74 12.05 -4.08
N PHE A 75 8.34 12.02 -2.83
CA PHE A 75 6.94 11.74 -2.51
C PHE A 75 6.33 12.77 -1.60
N LYS A 76 5.06 13.02 -1.82
CA LYS A 76 4.26 13.77 -0.87
C LYS A 76 3.43 12.80 -0.07
N ILE A 77 3.81 12.62 1.17
CA ILE A 77 3.13 11.70 2.05
C ILE A 77 2.19 12.46 2.95
N GLU A 78 0.96 12.04 2.95
CA GLU A 78 -0.07 12.70 3.70
C GLU A 78 -0.83 11.67 4.52
N ASN A 79 -0.72 11.76 5.84
CA ASN A 79 -1.39 10.82 6.74
C ASN A 79 -0.91 9.40 6.50
N CYS A 80 0.39 9.26 6.28
CA CYS A 80 1.07 7.97 6.14
C CYS A 80 0.76 7.32 4.79
N LYS A 81 0.17 8.07 3.88
CA LYS A 81 -0.12 7.56 2.54
C LYS A 81 0.31 8.55 1.48
N VAL A 82 0.68 8.05 0.31
CA VAL A 82 1.15 8.90 -0.77
C VAL A 82 -0.01 9.54 -1.52
N VAL A 83 -0.13 10.85 -1.38
CA VAL A 83 -1.17 11.58 -2.07
C VAL A 83 -0.62 12.09 -3.39
N ASN A 84 0.69 12.24 -3.43
CA ASN A 84 1.37 12.59 -4.66
C ASN A 84 2.76 11.97 -4.70
N PHE A 85 3.18 11.62 -5.90
CA PHE A 85 4.50 11.05 -6.15
C PHE A 85 5.10 11.79 -7.34
N ASN A 86 6.40 11.82 -7.40
CA ASN A 86 7.09 12.39 -8.55
C ASN A 86 8.50 11.88 -8.57
N ILE A 87 9.10 11.84 -9.72
CA ILE A 87 10.45 11.34 -9.84
C ILE A 87 11.46 12.47 -9.86
N GLU A 88 12.62 12.20 -9.28
CA GLU A 88 13.69 13.16 -9.22
C GLU A 88 14.70 12.88 -10.32
N ASN A 89 14.90 11.60 -10.58
CA ASN A 89 15.82 11.19 -11.64
C ASN A 89 15.21 10.11 -12.51
N THR A 90 14.90 10.47 -13.74
CA THR A 90 14.21 9.57 -14.66
C THR A 90 15.21 8.66 -15.39
N ASN A 91 16.47 9.03 -15.31
CA ASN A 91 17.56 8.28 -15.94
C ASN A 91 17.59 6.84 -15.44
N CYS A 92 17.15 6.63 -14.22
CA CYS A 92 17.12 5.29 -13.68
C CYS A 92 15.83 4.56 -14.03
N LEU A 93 14.78 5.31 -14.36
CA LEU A 93 13.52 4.67 -14.69
C LEU A 93 13.50 4.26 -16.14
N ASN A 94 14.40 4.83 -16.93
CA ASN A 94 14.36 4.65 -18.38
C ASN A 94 14.65 3.20 -18.79
N ASN A 95 14.87 2.33 -17.82
CA ASN A 95 14.86 0.90 -18.06
C ASN A 95 13.42 0.45 -18.21
N PRO A 96 13.05 -0.21 -19.33
CA PRO A 96 11.65 -0.58 -19.64
C PRO A 96 10.88 -1.05 -18.41
N SER A 97 11.54 -1.82 -17.58
CA SER A 97 10.97 -2.36 -16.38
C SER A 97 10.53 -1.25 -15.43
N ILE A 98 11.41 -0.29 -15.19
CA ILE A 98 11.13 0.81 -14.27
C ILE A 98 10.04 1.71 -14.84
N GLU A 99 10.12 2.02 -16.14
CA GLU A 99 9.15 2.89 -16.80
C GLU A 99 7.77 2.27 -16.69
N THR A 100 7.74 0.95 -16.79
CA THR A 100 6.55 0.18 -16.62
C THR A 100 5.91 0.45 -15.25
N ILE A 101 6.74 0.38 -14.24
CA ILE A 101 6.33 0.63 -12.88
C ILE A 101 5.95 2.10 -12.69
N TYR A 102 6.72 2.98 -13.29
CA TYR A 102 6.56 4.39 -13.11
C TYR A 102 5.30 4.92 -13.79
N ARG A 103 5.06 4.49 -15.01
CA ARG A 103 3.88 4.91 -15.76
C ARG A 103 2.61 4.49 -15.04
N ASN A 104 2.64 3.29 -14.47
CA ASN A 104 1.47 2.72 -13.81
C ASN A 104 1.53 2.98 -12.32
N PHE A 105 2.47 3.83 -11.93
CA PHE A 105 2.74 4.08 -10.51
C PHE A 105 1.53 4.64 -9.81
N ASN A 106 0.69 5.37 -10.55
CA ASN A 106 -0.54 5.93 -9.99
C ASN A 106 -1.42 4.81 -9.43
N GLN A 107 -1.30 3.62 -9.99
CA GLN A 107 -1.99 2.45 -9.48
C GLN A 107 -1.44 2.08 -8.11
N PHE A 108 -0.11 2.03 -7.99
CA PHE A 108 0.54 1.66 -6.74
C PHE A 108 0.19 2.62 -5.62
N VAL A 109 0.27 3.93 -5.87
CA VAL A 109 -0.02 4.89 -4.83
C VAL A 109 -1.49 4.76 -4.39
N SER A 110 -2.35 4.46 -5.37
CA SER A 110 -3.77 4.26 -5.10
C SER A 110 -3.95 3.05 -4.19
N ILE A 111 -3.39 1.94 -4.63
CA ILE A 111 -3.41 0.70 -3.87
C ILE A 111 -2.73 0.88 -2.52
N PHE A 112 -1.66 1.66 -2.50
CA PHE A 112 -0.92 1.94 -1.28
C PHE A 112 -1.79 2.68 -0.29
N ASN A 113 -2.52 3.67 -0.79
CA ASN A 113 -3.48 4.41 0.02
C ASN A 113 -4.50 3.46 0.64
N VAL A 114 -4.94 2.50 -0.16
CA VAL A 114 -5.85 1.47 0.31
C VAL A 114 -5.20 0.62 1.40
N VAL A 115 -4.04 0.08 1.08
CA VAL A 115 -3.28 -0.79 1.99
C VAL A 115 -3.00 -0.06 3.30
N THR A 116 -2.57 1.17 3.16
CA THR A 116 -2.29 2.02 4.29
C THR A 116 -3.54 2.23 5.13
N ASP A 117 -4.68 2.42 4.47
CA ASP A 117 -5.92 2.61 5.20
C ASP A 117 -6.27 1.33 5.94
N VAL A 118 -6.04 0.21 5.27
CA VAL A 118 -6.27 -1.10 5.87
C VAL A 118 -5.46 -1.26 7.15
N LYS A 119 -4.16 -1.06 7.06
CA LYS A 119 -3.29 -1.27 8.21
C LYS A 119 -3.62 -0.30 9.35
N LYS A 120 -4.03 0.91 8.99
CA LYS A 120 -4.37 1.92 9.99
C LYS A 120 -5.69 1.61 10.70
N ARG A 121 -6.62 0.96 10.00
CA ARG A 121 -7.91 0.61 10.58
C ARG A 121 -7.82 -0.65 11.43
N LEU A 122 -7.01 -1.60 10.98
CA LEU A 122 -6.91 -2.90 11.64
C LEU A 122 -5.82 -2.90 12.68
N PHE A 123 -4.62 -2.57 12.24
CA PHE A 123 -3.43 -2.75 13.03
C PHE A 123 -3.06 -1.47 13.76
N GLU A 124 -2.07 -0.75 13.23
CA GLU A 124 -1.57 0.48 13.81
C GLU A 124 -1.23 0.30 15.29
N ASN A 125 -2.19 0.59 16.16
CA ASN A 125 -1.99 0.45 17.60
C ASN A 125 -2.26 -0.99 18.04
N ALA A 126 -1.82 -1.93 17.23
CA ALA A 126 -1.98 -3.34 17.52
C ALA A 126 -0.63 -3.94 17.88
N SER A 127 -0.36 -4.03 19.18
CA SER A 127 0.93 -4.48 19.71
C SER A 127 2.10 -3.72 19.08
N GLY A 128 1.89 -2.43 18.86
CA GLY A 128 2.89 -1.60 18.23
C GLY A 128 3.17 -2.01 16.81
N ASN A 129 4.45 -2.09 16.47
CA ASN A 129 4.90 -2.45 15.11
C ASN A 129 4.64 -1.32 14.12
N GLY A 130 3.55 -0.60 14.33
CA GLY A 130 3.22 0.54 13.50
C GLY A 130 2.28 1.49 14.21
N SER A 131 2.43 1.58 15.52
CA SER A 131 1.56 2.41 16.33
C SER A 131 1.99 3.88 16.27
N GLY A 132 1.75 4.51 15.14
CA GLY A 132 2.04 5.91 15.01
C GLY A 132 0.79 6.75 15.14
N GLY A 133 -0.12 6.58 14.21
CA GLY A 133 -1.39 7.29 14.27
C GLY A 133 -1.45 8.44 13.29
N GLY A 134 -1.73 9.61 13.80
CA GLY A 134 -1.86 10.79 12.96
C GLY A 134 -3.03 11.64 13.38
N LEU A 135 -2.75 12.83 13.89
CA LEU A 135 -3.80 13.73 14.33
C LEU A 135 -4.59 14.27 13.14
N ASN A 136 -3.88 14.75 12.15
CA ASN A 136 -4.50 15.36 10.98
C ASN A 136 -4.92 14.31 9.98
N ASP A 137 -5.03 13.09 10.46
CA ASP A 137 -5.48 11.97 9.64
C ASP A 137 -6.96 12.06 9.43
N ILE A 138 -7.66 12.28 10.53
CA ILE A 138 -9.11 12.41 10.49
C ILE A 138 -9.51 13.85 10.27
N PHE A 139 -8.62 14.75 10.65
CA PHE A 139 -8.88 16.18 10.54
C PHE A 139 -8.34 16.73 9.23
N GLU A 140 -7.87 15.83 8.38
CA GLU A 140 -7.38 16.14 7.03
C GLU A 140 -6.58 17.44 6.94
N ALA A 141 -5.29 17.32 7.20
CA ALA A 141 -4.34 18.43 7.15
C ALA A 141 -4.63 19.49 8.22
N GLN A 142 -3.67 20.37 8.43
CA GLN A 142 -3.81 21.43 9.41
C GLN A 142 -3.64 22.79 8.76
N LYS A 143 -4.21 22.91 7.56
CA LYS A 143 -4.09 24.11 6.73
C LYS A 143 -2.64 24.29 6.28
N ILE A 144 -2.47 24.30 4.97
CA ILE A 144 -1.16 24.38 4.34
C ILE A 144 -0.33 25.53 4.91
N GLU A 145 0.94 25.23 5.14
CA GLU A 145 1.88 26.14 5.75
C GLU A 145 2.00 27.43 4.95
N TRP A 146 1.60 28.50 5.62
CA TRP A 146 1.64 29.85 5.08
C TRP A 146 3.06 30.24 4.65
N HIS A 147 4.01 30.13 5.58
CA HIS A 147 5.37 30.53 5.28
C HIS A 147 6.08 29.46 4.45
N GLU A 148 6.71 29.91 3.37
CA GLU A 148 7.41 29.01 2.47
C GLU A 148 8.86 28.82 2.92
N GLY A 1 -14.58 12.49 -8.18
CA GLY A 1 -14.57 11.83 -6.86
C GLY A 1 -14.55 10.32 -6.98
N ASN A 2 -13.36 9.75 -7.15
CA ASN A 2 -13.20 8.31 -7.24
C ASN A 2 -12.42 7.82 -6.04
N GLY A 3 -12.67 8.44 -4.90
CA GLY A 3 -11.99 8.07 -3.68
C GLY A 3 -12.14 9.12 -2.61
N LYS A 4 -12.51 8.68 -1.43
CA LYS A 4 -12.66 9.55 -0.28
C LYS A 4 -11.39 9.54 0.57
N TYR A 5 -11.11 8.38 1.11
CA TYR A 5 -9.89 8.13 1.88
C TYR A 5 -8.74 7.78 0.94
N PHE A 6 -9.11 7.41 -0.27
CA PHE A 6 -8.15 7.11 -1.32
C PHE A 6 -8.43 7.97 -2.55
N SER A 7 -7.77 7.66 -3.65
CA SER A 7 -8.00 8.38 -4.89
C SER A 7 -7.51 7.52 -6.05
N LYS A 8 -8.08 7.76 -7.24
CA LYS A 8 -7.73 7.00 -8.45
C LYS A 8 -8.17 5.53 -8.28
N VAL A 9 -9.10 5.29 -7.38
CA VAL A 9 -9.54 3.95 -7.07
C VAL A 9 -10.82 3.63 -7.84
N GLY A 10 -11.96 3.93 -7.22
CA GLY A 10 -13.23 3.55 -7.79
C GLY A 10 -13.36 2.04 -7.89
N SER A 11 -13.05 1.37 -6.78
CA SER A 11 -13.04 -0.10 -6.68
C SER A 11 -11.85 -0.71 -7.44
N ALA A 12 -11.20 0.09 -8.25
CA ALA A 12 -10.08 -0.37 -9.06
C ALA A 12 -8.88 -0.72 -8.18
N GLY A 13 -8.52 0.20 -7.29
CA GLY A 13 -7.42 -0.05 -6.38
C GLY A 13 -7.72 -1.18 -5.44
N LEU A 14 -8.95 -1.23 -4.95
CA LEU A 14 -9.38 -2.26 -4.02
C LEU A 14 -9.31 -3.63 -4.67
N LYS A 15 -9.79 -3.72 -5.90
CA LYS A 15 -9.76 -4.97 -6.66
C LYS A 15 -8.32 -5.49 -6.80
N GLN A 16 -7.36 -4.57 -6.86
CA GLN A 16 -5.96 -4.95 -6.96
C GLN A 16 -5.54 -5.72 -5.70
N LEU A 17 -6.07 -5.30 -4.56
CA LEU A 17 -5.85 -5.99 -3.30
C LEU A 17 -6.55 -7.32 -3.32
N THR A 18 -7.82 -7.30 -3.71
CA THR A 18 -8.63 -8.49 -3.73
C THR A 18 -8.01 -9.52 -4.66
N ASN A 19 -7.29 -9.01 -5.64
CA ASN A 19 -6.53 -9.84 -6.56
C ASN A 19 -5.42 -10.57 -5.82
N LYS A 20 -4.57 -9.81 -5.12
CA LYS A 20 -3.40 -10.39 -4.44
C LYS A 20 -3.76 -11.12 -3.14
N LEU A 21 -4.78 -10.63 -2.43
CA LEU A 21 -5.20 -11.27 -1.18
C LEU A 21 -6.10 -12.45 -1.50
N ASP A 22 -6.57 -12.44 -2.75
CA ASP A 22 -7.48 -13.45 -3.26
C ASP A 22 -8.83 -13.37 -2.54
N ILE A 23 -9.16 -12.17 -2.08
CA ILE A 23 -10.48 -11.92 -1.54
C ILE A 23 -11.40 -11.46 -2.66
N ASN A 24 -12.65 -11.19 -2.33
CA ASN A 24 -13.63 -10.81 -3.33
C ASN A 24 -13.61 -9.30 -3.49
N GLU A 25 -14.15 -8.84 -4.61
CA GLU A 25 -14.07 -7.44 -4.99
C GLU A 25 -14.81 -6.55 -4.00
N CYS A 26 -14.20 -5.43 -3.68
CA CYS A 26 -14.69 -4.57 -2.61
C CYS A 26 -14.97 -3.16 -3.11
N ALA A 27 -15.95 -2.52 -2.49
CA ALA A 27 -16.41 -1.19 -2.91
C ALA A 27 -15.69 -0.07 -2.19
N THR A 28 -15.29 -0.31 -0.95
CA THR A 28 -14.60 0.70 -0.15
C THR A 28 -13.47 0.07 0.65
N VAL A 29 -12.71 0.87 1.38
CA VAL A 29 -11.69 0.31 2.27
C VAL A 29 -12.37 -0.49 3.37
N ASP A 30 -13.55 -0.05 3.77
CA ASP A 30 -14.34 -0.74 4.77
C ASP A 30 -14.75 -2.12 4.26
N GLU A 31 -15.15 -2.18 2.99
CA GLU A 31 -15.49 -3.45 2.36
C GLU A 31 -14.24 -4.29 2.07
N LEU A 32 -13.14 -3.61 1.76
CA LEU A 32 -11.88 -4.27 1.48
C LEU A 32 -11.32 -4.81 2.78
N VAL A 33 -11.58 -4.06 3.83
CA VAL A 33 -11.22 -4.43 5.16
C VAL A 33 -12.12 -5.56 5.66
N ASP A 34 -13.35 -5.53 5.17
CA ASP A 34 -14.37 -6.52 5.53
C ASP A 34 -13.89 -7.92 5.22
N GLU A 35 -13.27 -8.08 4.07
CA GLU A 35 -12.70 -9.36 3.67
C GLU A 35 -11.45 -9.68 4.47
N ILE A 36 -10.59 -8.70 4.60
CA ILE A 36 -9.35 -8.87 5.32
C ILE A 36 -9.60 -9.30 6.77
N ASN A 37 -10.44 -8.57 7.48
CA ASN A 37 -10.70 -8.86 8.89
C ASN A 37 -11.42 -10.19 9.05
N LYS A 38 -11.94 -10.71 7.95
CA LYS A 38 -12.57 -12.02 7.96
C LYS A 38 -11.53 -13.10 7.77
N SER A 39 -10.41 -12.73 7.16
CA SER A 39 -9.36 -13.68 6.86
C SER A 39 -8.07 -13.27 7.57
N GLY A 40 -7.78 -13.94 8.67
CA GLY A 40 -6.60 -13.60 9.46
C GLY A 40 -5.31 -13.83 8.69
N THR A 41 -5.36 -14.62 7.64
CA THR A 41 -4.22 -14.83 6.76
C THR A 41 -3.98 -13.58 5.93
N VAL A 42 -5.08 -13.07 5.42
CA VAL A 42 -5.07 -11.87 4.62
C VAL A 42 -4.76 -10.64 5.47
N LYS A 43 -5.33 -10.62 6.66
CA LYS A 43 -5.00 -9.59 7.64
C LYS A 43 -3.54 -9.70 8.02
N ARG A 44 -3.04 -10.92 8.03
CA ARG A 44 -1.64 -11.19 8.31
C ARG A 44 -0.77 -10.71 7.17
N LYS A 45 -1.31 -10.75 5.95
CA LYS A 45 -0.62 -10.22 4.78
C LYS A 45 -0.36 -8.74 5.02
N ILE A 46 -1.36 -8.08 5.58
CA ILE A 46 -1.28 -6.67 5.92
C ILE A 46 -0.29 -6.46 7.05
N LYS A 47 -0.46 -7.29 8.05
CA LYS A 47 0.22 -7.18 9.32
C LYS A 47 1.72 -7.39 9.19
N ASN A 48 2.08 -8.44 8.49
CA ASN A 48 3.46 -8.89 8.43
C ASN A 48 4.24 -8.16 7.34
N GLN A 49 3.54 -7.73 6.31
CA GLN A 49 4.19 -7.09 5.18
C GLN A 49 4.06 -5.58 5.26
N SER A 50 4.98 -4.90 4.62
CA SER A 50 4.97 -3.46 4.56
C SER A 50 3.94 -3.02 3.54
N ALA A 51 3.23 -1.94 3.86
CA ALA A 51 2.20 -1.41 2.98
C ALA A 51 2.75 -1.12 1.59
N PHE A 52 4.00 -0.70 1.56
CA PHE A 52 4.75 -0.46 0.34
C PHE A 52 4.75 -1.72 -0.53
N ASP A 53 5.13 -2.82 0.07
CA ASP A 53 5.18 -4.11 -0.60
C ASP A 53 3.79 -4.65 -0.89
N LEU A 54 2.90 -4.47 0.08
CA LEU A 54 1.48 -4.84 -0.06
C LEU A 54 0.87 -4.32 -1.35
N SER A 55 1.03 -3.04 -1.60
CA SER A 55 0.49 -2.42 -2.78
C SER A 55 1.32 -2.77 -4.00
N ARG A 56 2.64 -2.71 -3.84
CA ARG A 56 3.59 -3.09 -4.89
C ARG A 56 3.24 -4.46 -5.48
N GLU A 57 2.89 -5.41 -4.61
CA GLU A 57 2.50 -6.75 -5.03
C GLU A 57 1.28 -6.73 -5.95
N CYS A 58 0.34 -5.85 -5.65
CA CYS A 58 -0.93 -5.81 -6.35
C CYS A 58 -0.75 -5.44 -7.82
N LEU A 59 0.35 -4.80 -8.12
CA LEU A 59 0.67 -4.38 -9.47
C LEU A 59 1.46 -5.45 -10.21
N GLY A 60 1.90 -6.46 -9.48
CA GLY A 60 2.83 -7.42 -10.06
C GLY A 60 4.21 -6.81 -10.19
N TYR A 61 4.40 -5.71 -9.47
CA TYR A 61 5.65 -4.96 -9.51
C TYR A 61 6.82 -5.79 -9.06
N PRO A 62 7.89 -5.80 -9.85
CA PRO A 62 9.14 -6.42 -9.46
C PRO A 62 9.81 -5.58 -8.38
N GLU A 63 10.18 -6.24 -7.30
CA GLU A 63 10.68 -5.56 -6.10
C GLU A 63 11.95 -4.77 -6.40
N ALA A 64 12.76 -5.30 -7.29
CA ALA A 64 14.05 -4.70 -7.62
C ALA A 64 13.86 -3.41 -8.38
N ASP A 65 13.04 -3.49 -9.41
CA ASP A 65 12.82 -2.38 -10.29
C ASP A 65 11.98 -1.33 -9.60
N PHE A 66 11.11 -1.80 -8.72
CA PHE A 66 10.24 -0.92 -7.95
C PHE A 66 11.07 -0.13 -6.95
N ILE A 67 11.97 -0.84 -6.30
CA ILE A 67 12.88 -0.24 -5.35
C ILE A 67 13.82 0.73 -6.06
N THR A 68 14.18 0.37 -7.29
CA THR A 68 14.98 1.24 -8.14
C THR A 68 14.23 2.52 -8.45
N LEU A 69 12.98 2.40 -8.89
CA LEU A 69 12.19 3.58 -9.21
C LEU A 69 12.08 4.48 -8.00
N VAL A 70 11.63 3.90 -6.90
CA VAL A 70 11.40 4.65 -5.68
C VAL A 70 12.70 5.30 -5.19
N ASN A 71 13.82 4.69 -5.59
CA ASN A 71 15.14 5.18 -5.22
C ASN A 71 15.42 6.53 -5.88
N ASN A 72 14.81 6.75 -7.04
CA ASN A 72 15.07 7.94 -7.83
C ASN A 72 13.94 8.94 -7.75
N MET A 73 12.96 8.70 -6.88
CA MET A 73 11.81 9.57 -6.78
C MET A 73 11.74 10.29 -5.44
N ARG A 74 10.69 11.08 -5.29
CA ARG A 74 10.40 11.82 -4.08
C ARG A 74 8.91 11.73 -3.82
N PHE A 75 8.52 11.59 -2.57
CA PHE A 75 7.12 11.37 -2.24
C PHE A 75 6.62 12.34 -1.20
N LYS A 76 5.43 12.87 -1.44
CA LYS A 76 4.73 13.62 -0.42
C LYS A 76 3.77 12.67 0.27
N ILE A 77 4.07 12.33 1.50
CA ILE A 77 3.26 11.40 2.25
C ILE A 77 2.22 12.17 3.06
N GLU A 78 1.04 11.60 3.16
CA GLU A 78 -0.07 12.24 3.83
C GLU A 78 -0.81 11.18 4.62
N ASN A 79 -0.73 11.25 5.94
CA ASN A 79 -1.37 10.27 6.82
C ASN A 79 -0.94 8.85 6.43
N CYS A 80 0.38 8.69 6.28
CA CYS A 80 1.01 7.40 5.94
C CYS A 80 0.62 6.93 4.53
N LYS A 81 0.14 7.85 3.71
CA LYS A 81 -0.24 7.53 2.34
C LYS A 81 0.54 8.41 1.38
N VAL A 82 0.76 7.94 0.17
CA VAL A 82 1.35 8.80 -0.84
C VAL A 82 0.27 9.63 -1.50
N VAL A 83 0.26 10.92 -1.18
CA VAL A 83 -0.73 11.82 -1.74
C VAL A 83 -0.16 12.42 -3.00
N ASN A 84 1.15 12.55 -3.03
CA ASN A 84 1.85 12.91 -4.24
C ASN A 84 3.13 12.11 -4.39
N PHE A 85 3.43 11.77 -5.63
CA PHE A 85 4.64 11.04 -5.98
C PHE A 85 5.26 11.74 -7.18
N ASN A 86 6.57 11.78 -7.25
CA ASN A 86 7.24 12.33 -8.41
C ASN A 86 8.66 11.84 -8.45
N ILE A 87 9.20 11.71 -9.62
CA ILE A 87 10.54 11.20 -9.77
C ILE A 87 11.55 12.33 -9.79
N GLU A 88 12.71 12.06 -9.23
CA GLU A 88 13.79 13.02 -9.20
C GLU A 88 14.75 12.75 -10.35
N ASN A 89 14.93 11.48 -10.64
CA ASN A 89 15.81 11.07 -11.73
C ASN A 89 15.11 10.07 -12.65
N THR A 90 14.84 10.50 -13.86
CA THR A 90 14.12 9.67 -14.82
C THR A 90 15.09 8.80 -15.62
N ASN A 91 16.36 9.11 -15.50
CA ASN A 91 17.41 8.37 -16.19
C ASN A 91 17.36 6.89 -15.85
N CYS A 92 17.30 6.58 -14.57
CA CYS A 92 17.31 5.19 -14.13
C CYS A 92 16.04 4.46 -14.52
N LEU A 93 14.92 5.18 -14.69
CA LEU A 93 13.67 4.50 -15.03
C LEU A 93 13.64 4.13 -16.50
N ASN A 94 14.64 4.62 -17.24
CA ASN A 94 14.75 4.32 -18.67
C ASN A 94 14.85 2.82 -18.96
N ASN A 95 15.06 2.02 -17.92
CA ASN A 95 14.92 0.58 -18.04
C ASN A 95 13.44 0.25 -18.16
N PRO A 96 13.04 -0.43 -19.27
CA PRO A 96 11.65 -0.74 -19.59
C PRO A 96 10.83 -1.20 -18.40
N SER A 97 11.49 -1.90 -17.48
CA SER A 97 10.81 -2.39 -16.29
C SER A 97 10.39 -1.22 -15.41
N ILE A 98 11.28 -0.25 -15.23
CA ILE A 98 11.00 0.88 -14.35
C ILE A 98 9.94 1.78 -14.97
N GLU A 99 10.04 2.02 -16.28
CA GLU A 99 9.08 2.86 -16.98
C GLU A 99 7.70 2.26 -16.83
N THR A 100 7.65 0.94 -16.89
CA THR A 100 6.44 0.18 -16.69
C THR A 100 5.84 0.48 -15.32
N ILE A 101 6.66 0.39 -14.29
CA ILE A 101 6.24 0.66 -12.94
C ILE A 101 5.86 2.13 -12.78
N TYR A 102 6.65 2.99 -13.37
CA TYR A 102 6.49 4.42 -13.23
C TYR A 102 5.22 4.91 -13.91
N ARG A 103 4.98 4.43 -15.11
CA ARG A 103 3.80 4.84 -15.88
C ARG A 103 2.52 4.39 -15.20
N ASN A 104 2.58 3.25 -14.55
CA ASN A 104 1.42 2.68 -13.88
C ASN A 104 1.50 2.95 -12.40
N PHE A 105 2.40 3.84 -12.01
CA PHE A 105 2.67 4.10 -10.61
C PHE A 105 1.46 4.70 -9.92
N ASN A 106 0.64 5.42 -10.68
CA ASN A 106 -0.60 5.99 -10.16
C ASN A 106 -1.46 4.90 -9.52
N GLN A 107 -1.34 3.68 -10.02
CA GLN A 107 -2.05 2.55 -9.46
C GLN A 107 -1.47 2.18 -8.11
N PHE A 108 -0.15 2.13 -7.99
CA PHE A 108 0.50 1.76 -6.73
C PHE A 108 0.15 2.74 -5.63
N VAL A 109 0.23 4.03 -5.90
CA VAL A 109 -0.09 5.02 -4.88
C VAL A 109 -1.57 4.88 -4.48
N SER A 110 -2.42 4.59 -5.46
CA SER A 110 -3.83 4.36 -5.22
C SER A 110 -4.02 3.18 -4.27
N ILE A 111 -3.46 2.06 -4.68
CA ILE A 111 -3.48 0.83 -3.91
C ILE A 111 -2.84 1.01 -2.54
N PHE A 112 -1.75 1.77 -2.51
CA PHE A 112 -1.05 2.05 -1.27
C PHE A 112 -1.95 2.83 -0.32
N ASN A 113 -2.65 3.82 -0.87
CA ASN A 113 -3.60 4.61 -0.09
C ASN A 113 -4.68 3.72 0.52
N VAL A 114 -5.02 2.66 -0.21
CA VAL A 114 -5.96 1.65 0.28
C VAL A 114 -5.34 0.86 1.41
N VAL A 115 -4.16 0.31 1.14
CA VAL A 115 -3.45 -0.56 2.07
C VAL A 115 -3.22 0.13 3.39
N THR A 116 -2.77 1.36 3.31
CA THR A 116 -2.54 2.17 4.48
C THR A 116 -3.83 2.39 5.28
N ASP A 117 -4.96 2.51 4.59
CA ASP A 117 -6.23 2.71 5.28
C ASP A 117 -6.58 1.45 6.04
N VAL A 118 -6.32 0.31 5.40
CA VAL A 118 -6.54 -1.00 6.01
C VAL A 118 -5.73 -1.14 7.28
N LYS A 119 -4.43 -0.92 7.18
CA LYS A 119 -3.55 -1.12 8.32
C LYS A 119 -3.95 -0.22 9.48
N LYS A 120 -4.39 1.00 9.16
CA LYS A 120 -4.83 1.94 10.18
C LYS A 120 -6.16 1.52 10.81
N ARG A 121 -7.00 0.84 10.06
CA ARG A 121 -8.29 0.39 10.59
C ARG A 121 -8.12 -0.79 11.53
N LEU A 122 -7.34 -1.77 11.12
CA LEU A 122 -7.24 -3.02 11.86
C LEU A 122 -6.16 -2.92 12.93
N PHE A 123 -5.03 -2.40 12.52
CA PHE A 123 -3.83 -2.40 13.35
C PHE A 123 -3.58 -1.01 13.93
N GLU A 124 -3.10 -0.11 13.07
CA GLU A 124 -2.66 1.22 13.45
C GLU A 124 -1.63 1.15 14.58
N ASN A 125 -2.10 1.24 15.81
CA ASN A 125 -1.22 1.05 16.95
C ASN A 125 -0.85 -0.41 17.07
N ALA A 126 -1.81 -1.26 17.36
CA ALA A 126 -1.57 -2.70 17.48
C ALA A 126 -0.42 -2.97 18.44
N SER A 127 0.47 -3.87 18.05
CA SER A 127 1.71 -4.08 18.77
C SER A 127 2.76 -3.04 18.38
N GLY A 128 2.34 -1.78 18.34
CA GLY A 128 3.19 -0.71 17.88
C GLY A 128 3.01 0.57 18.66
N ASN A 129 1.88 1.23 18.39
CA ASN A 129 1.59 2.54 18.95
C ASN A 129 2.66 3.53 18.52
N GLY A 130 3.08 3.39 17.28
CA GLY A 130 4.10 4.27 16.72
C GLY A 130 5.28 3.51 16.16
N SER A 131 5.04 2.27 15.75
CA SER A 131 6.10 1.43 15.21
C SER A 131 5.90 1.21 13.72
N GLY A 132 6.97 1.33 12.96
CA GLY A 132 6.91 1.13 11.54
C GLY A 132 8.20 0.57 10.99
N GLY A 133 8.28 0.47 9.68
CA GLY A 133 9.47 -0.06 9.04
C GLY A 133 10.40 1.04 8.59
N GLY A 134 11.45 1.27 9.35
CA GLY A 134 12.39 2.31 9.01
C GLY A 134 13.80 1.98 9.45
N LEU A 135 14.17 0.71 9.33
CA LEU A 135 15.52 0.28 9.69
C LEU A 135 16.54 0.91 8.75
N ASN A 136 16.22 0.91 7.47
CA ASN A 136 17.15 1.35 6.45
C ASN A 136 17.21 2.86 6.34
N ASP A 137 16.87 3.53 7.44
CA ASP A 137 16.96 4.99 7.49
C ASP A 137 18.40 5.42 7.54
N ILE A 138 19.13 4.93 8.54
CA ILE A 138 20.55 5.21 8.63
C ILE A 138 21.36 4.08 8.01
N PHE A 139 20.69 2.95 7.78
CA PHE A 139 21.34 1.76 7.23
C PHE A 139 21.12 1.66 5.72
N GLU A 140 20.96 2.81 5.08
CA GLU A 140 20.77 2.84 3.64
C GLU A 140 22.10 2.85 2.91
N ALA A 141 22.11 2.27 1.73
CA ALA A 141 23.28 2.29 0.87
C ALA A 141 22.85 2.41 -0.58
N GLN A 142 22.88 3.63 -1.07
CA GLN A 142 22.44 3.95 -2.40
C GLN A 142 23.60 3.89 -3.38
N LYS A 143 24.16 2.70 -3.53
CA LYS A 143 25.31 2.46 -4.37
C LYS A 143 26.50 3.31 -3.94
N ILE A 144 27.08 2.92 -2.82
CA ILE A 144 28.28 3.52 -2.33
C ILE A 144 29.47 2.95 -3.09
N GLU A 145 30.36 3.81 -3.52
CA GLU A 145 31.46 3.38 -4.36
C GLU A 145 32.73 3.27 -3.53
N TRP A 146 33.30 2.10 -3.58
CA TRP A 146 34.49 1.79 -2.79
C TRP A 146 35.58 1.18 -3.66
N HIS A 147 35.28 0.04 -4.27
CA HIS A 147 36.30 -0.66 -5.05
C HIS A 147 36.52 0.01 -6.39
N GLU A 148 37.73 -0.09 -6.92
CA GLU A 148 38.04 0.50 -8.21
C GLU A 148 37.80 -0.50 -9.33
N GLY A 1 -12.70 11.05 -9.25
CA GLY A 1 -13.95 10.25 -9.35
C GLY A 1 -14.53 9.94 -7.99
N ASN A 2 -14.42 8.69 -7.59
CA ASN A 2 -14.98 8.23 -6.31
C ASN A 2 -13.89 7.93 -5.31
N GLY A 3 -13.83 8.72 -4.25
CA GLY A 3 -12.88 8.49 -3.20
C GLY A 3 -12.96 9.51 -2.10
N LYS A 4 -12.99 9.00 -0.88
CA LYS A 4 -13.05 9.82 0.31
C LYS A 4 -11.74 9.72 1.07
N TYR A 5 -11.55 8.56 1.69
CA TYR A 5 -10.29 8.20 2.32
C TYR A 5 -9.22 7.94 1.27
N PHE A 6 -9.67 7.61 0.07
CA PHE A 6 -8.80 7.45 -1.09
C PHE A 6 -9.22 8.41 -2.20
N SER A 7 -8.63 8.26 -3.37
CA SER A 7 -8.98 9.07 -4.52
C SER A 7 -8.59 8.35 -5.81
N LYS A 8 -9.41 8.52 -6.84
CA LYS A 8 -9.19 7.90 -8.14
C LYS A 8 -9.19 6.37 -8.01
N VAL A 9 -10.07 5.87 -7.16
CA VAL A 9 -10.18 4.45 -6.92
C VAL A 9 -11.47 3.92 -7.49
N GLY A 10 -12.55 4.05 -6.73
CA GLY A 10 -13.82 3.50 -7.13
C GLY A 10 -13.73 2.00 -7.32
N SER A 11 -13.21 1.32 -6.30
CA SER A 11 -13.01 -0.13 -6.32
C SER A 11 -11.83 -0.55 -7.19
N ALA A 12 -11.26 0.40 -7.92
CA ALA A 12 -10.13 0.10 -8.81
C ALA A 12 -8.90 -0.35 -8.04
N GLY A 13 -8.53 0.45 -7.05
CA GLY A 13 -7.39 0.11 -6.23
C GLY A 13 -7.68 -1.06 -5.32
N LEU A 14 -8.92 -1.11 -4.88
CA LEU A 14 -9.38 -2.14 -3.96
C LEU A 14 -9.34 -3.52 -4.61
N LYS A 15 -9.79 -3.58 -5.84
CA LYS A 15 -9.78 -4.80 -6.64
C LYS A 15 -8.37 -5.38 -6.75
N GLN A 16 -7.39 -4.51 -6.81
CA GLN A 16 -6.00 -4.94 -6.85
C GLN A 16 -5.64 -5.76 -5.61
N LEU A 17 -6.18 -5.34 -4.47
CA LEU A 17 -6.00 -6.07 -3.22
C LEU A 17 -6.76 -7.38 -3.27
N THR A 18 -8.03 -7.29 -3.61
CA THR A 18 -8.88 -8.46 -3.70
C THR A 18 -8.28 -9.48 -4.64
N ASN A 19 -7.50 -8.97 -5.58
CA ASN A 19 -6.79 -9.78 -6.55
C ASN A 19 -5.66 -10.57 -5.91
N LYS A 20 -4.75 -9.86 -5.23
CA LYS A 20 -3.61 -10.50 -4.60
C LYS A 20 -3.97 -11.22 -3.29
N LEU A 21 -4.98 -10.72 -2.58
CA LEU A 21 -5.37 -11.29 -1.30
C LEU A 21 -6.35 -12.43 -1.49
N ASP A 22 -6.85 -12.53 -2.71
CA ASP A 22 -7.77 -13.60 -3.13
C ASP A 22 -9.10 -13.51 -2.38
N ILE A 23 -9.44 -12.29 -1.98
CA ILE A 23 -10.74 -12.00 -1.41
C ILE A 23 -11.68 -11.56 -2.52
N ASN A 24 -12.90 -11.23 -2.18
CA ASN A 24 -13.86 -10.81 -3.18
C ASN A 24 -13.87 -9.29 -3.31
N GLU A 25 -14.50 -8.80 -4.36
CA GLU A 25 -14.45 -7.38 -4.69
C GLU A 25 -14.98 -6.51 -3.55
N CYS A 26 -14.56 -5.26 -3.53
CA CYS A 26 -14.88 -4.36 -2.42
C CYS A 26 -15.15 -2.95 -2.93
N ALA A 27 -16.06 -2.25 -2.26
CA ALA A 27 -16.48 -0.92 -2.68
C ALA A 27 -15.65 0.18 -2.03
N THR A 28 -15.25 -0.03 -0.78
CA THR A 28 -14.46 0.96 -0.05
C THR A 28 -13.33 0.28 0.71
N VAL A 29 -12.48 1.05 1.39
CA VAL A 29 -11.47 0.45 2.24
C VAL A 29 -12.12 -0.32 3.36
N ASP A 30 -13.26 0.18 3.81
CA ASP A 30 -14.06 -0.49 4.83
C ASP A 30 -14.51 -1.85 4.33
N GLU A 31 -14.95 -1.90 3.07
CA GLU A 31 -15.36 -3.15 2.45
C GLU A 31 -14.15 -4.04 2.13
N LEU A 32 -13.03 -3.41 1.79
CA LEU A 32 -11.82 -4.13 1.47
C LEU A 32 -11.26 -4.70 2.75
N VAL A 33 -11.41 -3.91 3.79
CA VAL A 33 -11.04 -4.31 5.12
C VAL A 33 -11.98 -5.39 5.63
N ASP A 34 -13.23 -5.28 5.19
CA ASP A 34 -14.29 -6.20 5.58
C ASP A 34 -13.91 -7.63 5.29
N GLU A 35 -13.39 -7.86 4.10
CA GLU A 35 -12.93 -9.18 3.70
C GLU A 35 -11.68 -9.58 4.47
N ILE A 36 -10.78 -8.63 4.61
CA ILE A 36 -9.53 -8.89 5.32
C ILE A 36 -9.76 -9.32 6.76
N ASN A 37 -10.57 -8.56 7.50
CA ASN A 37 -10.77 -8.88 8.92
C ASN A 37 -11.54 -10.17 9.08
N LYS A 38 -12.15 -10.65 8.02
CA LYS A 38 -12.84 -11.92 8.03
C LYS A 38 -11.87 -13.02 7.63
N SER A 39 -10.84 -12.60 6.89
CA SER A 39 -9.82 -13.51 6.42
C SER A 39 -8.51 -13.24 7.16
N GLY A 40 -8.34 -13.89 8.32
CA GLY A 40 -7.17 -13.64 9.16
C GLY A 40 -5.85 -13.90 8.45
N THR A 41 -5.87 -14.80 7.49
CA THR A 41 -4.68 -15.08 6.68
C THR A 41 -4.34 -13.87 5.83
N VAL A 42 -5.38 -13.24 5.35
CA VAL A 42 -5.29 -12.08 4.52
C VAL A 42 -4.86 -10.87 5.34
N LYS A 43 -5.46 -10.73 6.52
CA LYS A 43 -5.04 -9.73 7.49
C LYS A 43 -3.58 -9.96 7.87
N ARG A 44 -3.22 -11.22 7.92
CA ARG A 44 -1.85 -11.63 8.23
C ARG A 44 -0.91 -11.26 7.09
N LYS A 45 -1.45 -11.23 5.87
CA LYS A 45 -0.68 -10.84 4.73
C LYS A 45 -0.40 -9.34 4.81
N ILE A 46 -1.35 -8.61 5.38
CA ILE A 46 -1.16 -7.20 5.68
C ILE A 46 -0.11 -7.05 6.77
N LYS A 47 -0.29 -7.86 7.80
CA LYS A 47 0.51 -7.79 9.00
C LYS A 47 1.98 -8.03 8.74
N ASN A 48 2.25 -9.09 8.00
CA ASN A 48 3.61 -9.56 7.79
C ASN A 48 4.36 -8.71 6.79
N GLN A 49 3.62 -7.94 6.01
CA GLN A 49 4.23 -7.21 4.91
C GLN A 49 4.13 -5.70 5.12
N SER A 50 5.04 -5.00 4.49
CA SER A 50 5.03 -3.55 4.49
C SER A 50 4.00 -3.08 3.47
N ALA A 51 3.31 -2.02 3.79
CA ALA A 51 2.26 -1.49 2.93
C ALA A 51 2.80 -1.13 1.56
N PHE A 52 4.04 -0.67 1.57
CA PHE A 52 4.77 -0.33 0.35
C PHE A 52 4.89 -1.56 -0.55
N ASP A 53 5.25 -2.68 0.05
CA ASP A 53 5.38 -3.94 -0.66
C ASP A 53 4.02 -4.54 -0.98
N LEU A 54 3.09 -4.43 -0.02
CA LEU A 54 1.71 -4.89 -0.18
C LEU A 54 1.08 -4.38 -1.46
N SER A 55 1.15 -3.08 -1.68
CA SER A 55 0.58 -2.46 -2.85
C SER A 55 1.41 -2.76 -4.08
N ARG A 56 2.73 -2.67 -3.92
CA ARG A 56 3.68 -3.03 -4.96
C ARG A 56 3.33 -4.41 -5.55
N GLU A 57 3.08 -5.36 -4.66
CA GLU A 57 2.70 -6.71 -5.05
C GLU A 57 1.46 -6.74 -5.92
N CYS A 58 0.54 -5.81 -5.69
CA CYS A 58 -0.75 -5.84 -6.36
C CYS A 58 -0.58 -5.57 -7.85
N LEU A 59 0.49 -4.87 -8.17
CA LEU A 59 0.78 -4.53 -9.55
C LEU A 59 1.66 -5.59 -10.20
N GLY A 60 2.04 -6.59 -9.42
CA GLY A 60 3.03 -7.55 -9.88
C GLY A 60 4.37 -6.87 -10.09
N TYR A 61 4.58 -5.80 -9.34
CA TYR A 61 5.78 -4.99 -9.45
C TYR A 61 7.00 -5.77 -9.01
N PRO A 62 8.03 -5.76 -9.84
CA PRO A 62 9.34 -6.30 -9.48
C PRO A 62 9.96 -5.48 -8.36
N GLU A 63 10.38 -6.15 -7.30
CA GLU A 63 10.78 -5.50 -6.06
C GLU A 63 12.01 -4.62 -6.24
N ALA A 64 12.97 -5.09 -7.03
CA ALA A 64 14.22 -4.37 -7.21
C ALA A 64 13.99 -3.11 -8.03
N ASP A 65 13.29 -3.29 -9.14
CA ASP A 65 13.06 -2.20 -10.08
C ASP A 65 12.16 -1.17 -9.45
N PHE A 66 11.28 -1.65 -8.57
CA PHE A 66 10.35 -0.79 -7.86
C PHE A 66 11.10 0.08 -6.87
N ILE A 67 12.01 -0.56 -6.16
CA ILE A 67 12.84 0.11 -5.18
C ILE A 67 13.79 1.08 -5.88
N THR A 68 14.25 0.69 -7.05
CA THR A 68 15.06 1.53 -7.89
C THR A 68 14.29 2.79 -8.29
N LEU A 69 13.05 2.61 -8.77
CA LEU A 69 12.23 3.75 -9.13
C LEU A 69 12.09 4.70 -7.95
N VAL A 70 11.63 4.15 -6.83
CA VAL A 70 11.34 4.94 -5.65
C VAL A 70 12.62 5.64 -5.16
N ASN A 71 13.76 5.04 -5.50
CA ASN A 71 15.06 5.57 -5.11
C ASN A 71 15.33 6.91 -5.79
N ASN A 72 14.75 7.11 -6.97
CA ASN A 72 15.03 8.29 -7.78
C ASN A 72 13.88 9.29 -7.75
N MET A 73 12.88 9.00 -6.96
CA MET A 73 11.70 9.84 -6.90
C MET A 73 11.64 10.60 -5.58
N ARG A 74 10.57 11.37 -5.44
CA ARG A 74 10.27 12.08 -4.20
C ARG A 74 8.77 12.03 -3.97
N PHE A 75 8.38 11.78 -2.74
CA PHE A 75 6.97 11.57 -2.43
C PHE A 75 6.46 12.56 -1.40
N LYS A 76 5.19 12.90 -1.52
CA LYS A 76 4.50 13.59 -0.45
C LYS A 76 3.64 12.57 0.27
N ILE A 77 4.04 12.22 1.47
CA ILE A 77 3.29 11.24 2.25
C ILE A 77 2.30 11.97 3.13
N GLU A 78 1.11 11.40 3.22
CA GLU A 78 0.01 12.03 3.92
C GLU A 78 -0.77 10.96 4.67
N ASN A 79 -0.69 10.99 5.99
CA ASN A 79 -1.33 9.98 6.83
C ASN A 79 -0.85 8.59 6.43
N CYS A 80 0.46 8.48 6.25
CA CYS A 80 1.13 7.21 5.89
C CYS A 80 0.82 6.79 4.46
N LYS A 81 0.20 7.68 3.68
CA LYS A 81 -0.16 7.37 2.31
C LYS A 81 0.60 8.26 1.35
N VAL A 82 0.80 7.81 0.12
CA VAL A 82 1.35 8.67 -0.90
C VAL A 82 0.23 9.47 -1.55
N VAL A 83 0.21 10.76 -1.26
CA VAL A 83 -0.82 11.62 -1.79
C VAL A 83 -0.28 12.30 -3.03
N ASN A 84 1.03 12.41 -3.07
CA ASN A 84 1.70 12.87 -4.27
C ASN A 84 3.00 12.09 -4.47
N PHE A 85 3.32 11.84 -5.72
CA PHE A 85 4.53 11.12 -6.10
C PHE A 85 5.10 11.78 -7.34
N ASN A 86 6.41 11.86 -7.42
CA ASN A 86 7.06 12.39 -8.61
C ASN A 86 8.50 11.93 -8.65
N ILE A 87 9.02 11.78 -9.85
CA ILE A 87 10.38 11.31 -10.00
C ILE A 87 11.35 12.48 -10.13
N GLU A 88 12.53 12.28 -9.61
CA GLU A 88 13.57 13.29 -9.67
C GLU A 88 14.59 12.92 -10.72
N ASN A 89 14.84 11.63 -10.84
CA ASN A 89 15.79 11.14 -11.84
C ASN A 89 15.16 10.04 -12.69
N THR A 90 14.86 10.38 -13.92
CA THR A 90 14.16 9.46 -14.81
C THR A 90 15.15 8.57 -15.57
N ASN A 91 16.42 8.93 -15.49
CA ASN A 91 17.48 8.20 -16.19
C ASN A 91 17.58 6.78 -15.67
N CYS A 92 17.13 6.55 -14.45
CA CYS A 92 17.11 5.21 -13.94
C CYS A 92 15.84 4.47 -14.35
N LEU A 93 14.75 5.21 -14.55
CA LEU A 93 13.49 4.56 -14.86
C LEU A 93 13.43 4.16 -16.32
N ASN A 94 14.32 4.73 -17.13
CA ASN A 94 14.29 4.48 -18.57
C ASN A 94 14.61 3.02 -18.91
N ASN A 95 14.83 2.22 -17.89
CA ASN A 95 14.84 0.77 -18.03
C ASN A 95 13.40 0.29 -18.13
N PRO A 96 13.04 -0.46 -19.18
CA PRO A 96 11.65 -0.87 -19.44
C PRO A 96 10.91 -1.28 -18.18
N SER A 97 11.59 -2.01 -17.31
CA SER A 97 11.01 -2.50 -16.08
C SER A 97 10.56 -1.35 -15.20
N ILE A 98 11.40 -0.33 -15.06
CA ILE A 98 11.10 0.80 -14.20
C ILE A 98 9.99 1.65 -14.80
N GLU A 99 10.07 1.89 -16.11
CA GLU A 99 9.06 2.68 -16.80
C GLU A 99 7.71 2.03 -16.65
N THR A 100 7.72 0.70 -16.69
CA THR A 100 6.55 -0.11 -16.46
C THR A 100 5.93 0.20 -15.11
N ILE A 101 6.77 0.23 -14.08
CA ILE A 101 6.35 0.53 -12.75
C ILE A 101 5.93 1.99 -12.62
N TYR A 102 6.67 2.87 -13.26
CA TYR A 102 6.46 4.29 -13.14
C TYR A 102 5.20 4.75 -13.87
N ARG A 103 4.99 4.23 -15.05
CA ARG A 103 3.83 4.59 -15.87
C ARG A 103 2.53 4.19 -15.17
N ASN A 104 2.57 3.04 -14.52
CA ASN A 104 1.39 2.52 -13.86
C ASN A 104 1.43 2.85 -12.39
N PHE A 105 2.36 3.73 -12.03
CA PHE A 105 2.63 4.04 -10.64
C PHE A 105 1.40 4.60 -9.93
N ASN A 106 0.54 5.27 -10.67
CA ASN A 106 -0.71 5.79 -10.10
C ASN A 106 -1.49 4.66 -9.43
N GLN A 107 -1.45 3.48 -10.04
CA GLN A 107 -2.10 2.31 -9.48
C GLN A 107 -1.50 1.99 -8.12
N PHE A 108 -0.18 1.92 -8.04
CA PHE A 108 0.49 1.60 -6.79
C PHE A 108 0.12 2.57 -5.69
N VAL A 109 0.20 3.88 -5.95
CA VAL A 109 -0.09 4.85 -4.91
C VAL A 109 -1.54 4.72 -4.44
N SER A 110 -2.46 4.46 -5.38
CA SER A 110 -3.86 4.26 -5.06
C SER A 110 -4.03 3.03 -4.17
N ILE A 111 -3.42 1.94 -4.60
CA ILE A 111 -3.42 0.69 -3.86
C ILE A 111 -2.75 0.87 -2.51
N PHE A 112 -1.68 1.65 -2.49
CA PHE A 112 -0.95 1.93 -1.28
C PHE A 112 -1.80 2.73 -0.31
N ASN A 113 -2.53 3.69 -0.85
CA ASN A 113 -3.47 4.48 -0.05
C ASN A 113 -4.51 3.56 0.58
N VAL A 114 -4.92 2.55 -0.17
CA VAL A 114 -5.84 1.54 0.33
C VAL A 114 -5.20 0.67 1.40
N VAL A 115 -4.06 0.09 1.05
CA VAL A 115 -3.33 -0.82 1.93
C VAL A 115 -3.02 -0.16 3.26
N THR A 116 -2.57 1.08 3.17
CA THR A 116 -2.27 1.87 4.32
C THR A 116 -3.51 2.08 5.17
N ASP A 117 -4.65 2.34 4.53
CA ASP A 117 -5.89 2.56 5.25
C ASP A 117 -6.28 1.29 5.99
N VAL A 118 -6.03 0.16 5.33
CA VAL A 118 -6.26 -1.16 5.93
C VAL A 118 -5.48 -1.32 7.22
N LYS A 119 -4.17 -1.12 7.14
CA LYS A 119 -3.33 -1.34 8.30
C LYS A 119 -3.64 -0.34 9.41
N LYS A 120 -4.02 0.87 9.03
CA LYS A 120 -4.42 1.89 9.99
C LYS A 120 -5.73 1.51 10.69
N ARG A 121 -6.61 0.81 9.99
CA ARG A 121 -7.88 0.37 10.56
C ARG A 121 -7.72 -0.84 11.46
N LEU A 122 -7.05 -1.87 10.96
CA LEU A 122 -6.97 -3.15 11.65
C LEU A 122 -5.94 -3.11 12.75
N PHE A 123 -4.75 -2.69 12.36
CA PHE A 123 -3.58 -2.80 13.22
C PHE A 123 -3.36 -1.51 14.00
N GLU A 124 -2.65 -0.56 13.40
CA GLU A 124 -2.26 0.70 14.04
C GLU A 124 -2.07 0.53 15.54
N ASN A 125 -2.92 1.19 16.31
CA ASN A 125 -3.08 0.90 17.71
C ASN A 125 -4.57 0.69 17.95
N ALA A 126 -5.22 0.26 16.88
CA ALA A 126 -6.66 0.08 16.84
C ALA A 126 -7.02 -1.30 17.36
N SER A 127 -7.38 -1.35 18.65
CA SER A 127 -7.65 -2.60 19.35
C SER A 127 -6.55 -3.62 19.06
N GLY A 128 -5.31 -3.17 19.12
CA GLY A 128 -4.17 -4.00 18.80
C GLY A 128 -3.20 -4.12 19.93
N ASN A 129 -3.58 -3.59 21.09
CA ASN A 129 -2.75 -3.70 22.28
C ASN A 129 -2.86 -5.10 22.87
N GLY A 130 -3.78 -5.89 22.33
CA GLY A 130 -3.92 -7.25 22.75
C GLY A 130 -3.15 -8.21 21.87
N SER A 131 -3.16 -7.93 20.57
CA SER A 131 -2.50 -8.80 19.61
C SER A 131 -1.04 -8.39 19.40
N GLY A 132 -0.28 -8.32 20.48
CA GLY A 132 1.13 -7.97 20.38
C GLY A 132 1.34 -6.48 20.27
N GLY A 133 0.60 -5.72 21.05
CA GLY A 133 0.73 -4.28 21.04
C GLY A 133 1.11 -3.71 22.39
N GLY A 134 0.54 -4.27 23.44
CA GLY A 134 0.84 -3.81 24.78
C GLY A 134 2.16 -4.34 25.29
N LEU A 135 2.76 -5.25 24.53
CA LEU A 135 4.04 -5.81 24.87
C LEU A 135 5.12 -4.73 24.79
N ASN A 136 5.54 -4.38 23.58
CA ASN A 136 6.58 -3.37 23.37
C ASN A 136 6.05 -1.96 23.69
N ASP A 137 4.95 -1.91 24.41
CA ASP A 137 4.40 -0.66 24.89
C ASP A 137 5.05 -0.26 26.19
N ILE A 138 5.15 -1.23 27.09
CA ILE A 138 5.83 -0.99 28.36
C ILE A 138 7.27 -1.49 28.28
N PHE A 139 7.50 -2.49 27.44
CA PHE A 139 8.83 -3.07 27.27
C PHE A 139 9.59 -2.33 26.18
N GLU A 140 9.44 -1.00 26.19
CA GLU A 140 10.11 -0.15 25.21
C GLU A 140 11.62 -0.31 25.28
N ALA A 141 12.26 -0.27 24.13
CA ALA A 141 13.69 -0.49 24.02
C ALA A 141 14.22 0.09 22.73
N GLN A 142 15.53 0.10 22.62
CA GLN A 142 16.20 0.54 21.44
C GLN A 142 16.13 -0.56 20.39
N LYS A 143 14.92 -0.77 19.88
CA LYS A 143 14.66 -1.78 18.88
C LYS A 143 15.13 -1.31 17.52
N ILE A 144 15.89 -2.17 16.86
CA ILE A 144 16.36 -1.93 15.52
C ILE A 144 15.18 -1.68 14.59
N GLU A 145 15.39 -0.78 13.62
CA GLU A 145 14.35 -0.36 12.69
C GLU A 145 13.58 -1.55 12.16
N TRP A 146 12.33 -1.59 12.55
CA TRP A 146 11.44 -2.67 12.21
C TRP A 146 10.85 -2.49 10.82
N HIS A 147 11.11 -3.46 9.97
CA HIS A 147 10.52 -3.49 8.65
C HIS A 147 9.71 -4.76 8.48
N GLU A 148 8.50 -4.60 7.98
CA GLU A 148 7.62 -5.72 7.76
C GLU A 148 8.02 -6.44 6.46
N GLY A 1 -8.76 12.60 -7.21
CA GLY A 1 -9.65 11.84 -8.10
C GLY A 1 -10.68 11.04 -7.32
N ASN A 2 -11.02 9.86 -7.81
CA ASN A 2 -11.97 8.98 -7.13
C ASN A 2 -11.35 8.44 -5.84
N GLY A 3 -11.78 9.01 -4.72
CA GLY A 3 -11.26 8.58 -3.44
C GLY A 3 -11.30 9.67 -2.39
N LYS A 4 -11.64 9.27 -1.18
CA LYS A 4 -11.62 10.16 -0.03
C LYS A 4 -10.28 10.09 0.67
N TYR A 5 -10.03 8.94 1.28
CA TYR A 5 -8.75 8.64 1.89
C TYR A 5 -7.71 8.37 0.81
N PHE A 6 -8.17 7.72 -0.24
CA PHE A 6 -7.32 7.37 -1.37
C PHE A 6 -7.66 8.23 -2.58
N SER A 7 -7.10 7.88 -3.72
CA SER A 7 -7.39 8.55 -4.97
C SER A 7 -6.98 7.64 -6.12
N LYS A 8 -7.60 7.82 -7.28
CA LYS A 8 -7.38 6.96 -8.43
C LYS A 8 -7.86 5.55 -8.11
N VAL A 9 -8.96 5.46 -7.38
CA VAL A 9 -9.51 4.21 -6.95
C VAL A 9 -10.89 4.01 -7.54
N GLY A 10 -11.93 4.22 -6.75
CA GLY A 10 -13.26 3.84 -7.19
C GLY A 10 -13.31 2.35 -7.46
N SER A 11 -12.86 1.59 -6.47
CA SER A 11 -12.74 0.13 -6.55
C SER A 11 -11.57 -0.29 -7.44
N ALA A 12 -10.88 0.68 -8.04
CA ALA A 12 -9.74 0.39 -8.92
C ALA A 12 -8.55 -0.12 -8.11
N GLY A 13 -8.20 0.61 -7.07
CA GLY A 13 -7.13 0.20 -6.19
C GLY A 13 -7.52 -1.03 -5.40
N LEU A 14 -8.74 -1.00 -4.87
CA LEU A 14 -9.26 -2.07 -4.05
C LEU A 14 -9.23 -3.41 -4.78
N LYS A 15 -9.62 -3.39 -6.04
CA LYS A 15 -9.64 -4.59 -6.88
C LYS A 15 -8.27 -5.26 -6.95
N GLN A 16 -7.21 -4.48 -6.92
CA GLN A 16 -5.88 -5.05 -6.99
C GLN A 16 -5.53 -5.77 -5.69
N LEU A 17 -6.10 -5.26 -4.60
CA LEU A 17 -6.01 -5.96 -3.32
C LEU A 17 -6.77 -7.27 -3.40
N THR A 18 -8.02 -7.17 -3.80
CA THR A 18 -8.89 -8.33 -3.91
C THR A 18 -8.26 -9.38 -4.81
N ASN A 19 -7.47 -8.89 -5.75
CA ASN A 19 -6.74 -9.75 -6.67
C ASN A 19 -5.66 -10.56 -5.96
N LYS A 20 -4.76 -9.87 -5.26
CA LYS A 20 -3.64 -10.52 -4.59
C LYS A 20 -4.07 -11.19 -3.28
N LEU A 21 -5.02 -10.57 -2.61
CA LEU A 21 -5.53 -11.09 -1.33
C LEU A 21 -6.53 -12.20 -1.58
N ASP A 22 -6.94 -12.28 -2.83
CA ASP A 22 -7.85 -13.33 -3.31
C ASP A 22 -9.20 -13.24 -2.60
N ILE A 23 -9.55 -12.03 -2.21
CA ILE A 23 -10.84 -11.76 -1.61
C ILE A 23 -11.81 -11.29 -2.69
N ASN A 24 -13.02 -10.98 -2.30
CA ASN A 24 -14.03 -10.56 -3.27
C ASN A 24 -13.99 -9.05 -3.44
N GLU A 25 -14.68 -8.57 -4.45
CA GLU A 25 -14.63 -7.15 -4.82
C GLU A 25 -15.11 -6.26 -3.68
N CYS A 26 -14.58 -5.04 -3.67
CA CYS A 26 -14.84 -4.12 -2.58
C CYS A 26 -15.15 -2.72 -3.09
N ALA A 27 -15.92 -1.96 -2.31
CA ALA A 27 -16.33 -0.62 -2.69
C ALA A 27 -15.49 0.45 -2.02
N THR A 28 -15.07 0.18 -0.79
CA THR A 28 -14.27 1.14 -0.03
C THR A 28 -13.12 0.42 0.66
N VAL A 29 -12.29 1.15 1.40
CA VAL A 29 -11.26 0.50 2.20
C VAL A 29 -11.91 -0.33 3.28
N ASP A 30 -13.06 0.12 3.74
CA ASP A 30 -13.80 -0.56 4.79
C ASP A 30 -14.35 -1.88 4.28
N GLU A 31 -14.81 -1.88 3.03
CA GLU A 31 -15.27 -3.11 2.38
C GLU A 31 -14.08 -4.01 2.06
N LEU A 32 -12.95 -3.38 1.75
CA LEU A 32 -11.74 -4.09 1.42
C LEU A 32 -11.18 -4.67 2.71
N VAL A 33 -11.39 -3.93 3.77
CA VAL A 33 -11.00 -4.31 5.09
C VAL A 33 -11.91 -5.42 5.60
N ASP A 34 -13.16 -5.34 5.17
CA ASP A 34 -14.20 -6.28 5.55
C ASP A 34 -13.80 -7.70 5.25
N GLU A 35 -13.29 -7.91 4.05
CA GLU A 35 -12.80 -9.20 3.63
C GLU A 35 -11.53 -9.58 4.36
N ILE A 36 -10.60 -8.64 4.44
CA ILE A 36 -9.33 -8.89 5.09
C ILE A 36 -9.49 -9.34 6.52
N ASN A 37 -10.20 -8.58 7.32
CA ASN A 37 -10.32 -8.90 8.75
C ASN A 37 -11.04 -10.23 8.94
N LYS A 38 -11.80 -10.63 7.94
CA LYS A 38 -12.53 -11.89 8.00
C LYS A 38 -11.61 -13.02 7.52
N SER A 39 -10.59 -12.63 6.78
CA SER A 39 -9.63 -13.57 6.25
C SER A 39 -8.31 -13.41 6.99
N GLY A 40 -8.17 -14.11 8.11
CA GLY A 40 -7.03 -13.90 9.00
C GLY A 40 -5.68 -14.05 8.32
N THR A 41 -5.59 -14.90 7.31
CA THR A 41 -4.35 -15.05 6.55
C THR A 41 -4.06 -13.80 5.76
N VAL A 42 -5.11 -13.29 5.17
CA VAL A 42 -5.07 -12.09 4.38
C VAL A 42 -4.77 -10.88 5.27
N LYS A 43 -5.44 -10.84 6.41
CA LYS A 43 -5.18 -9.83 7.42
C LYS A 43 -3.75 -9.95 7.91
N ARG A 44 -3.28 -11.18 7.97
CA ARG A 44 -1.92 -11.46 8.38
C ARG A 44 -0.94 -11.01 7.30
N LYS A 45 -1.39 -11.02 6.06
CA LYS A 45 -0.56 -10.52 4.96
C LYS A 45 -0.35 -9.02 5.14
N ILE A 46 -1.40 -8.35 5.58
CA ILE A 46 -1.31 -6.94 5.91
C ILE A 46 -0.38 -6.73 7.08
N LYS A 47 -0.60 -7.57 8.07
CA LYS A 47 0.05 -7.47 9.35
C LYS A 47 1.56 -7.61 9.26
N ASN A 48 2.00 -8.65 8.58
CA ASN A 48 3.40 -9.02 8.58
C ASN A 48 4.16 -8.41 7.42
N GLN A 49 3.44 -7.81 6.49
CA GLN A 49 4.06 -7.23 5.31
C GLN A 49 4.02 -5.72 5.40
N SER A 50 4.97 -5.11 4.73
CA SER A 50 5.04 -3.66 4.67
C SER A 50 4.05 -3.18 3.62
N ALA A 51 3.40 -2.06 3.90
CA ALA A 51 2.37 -1.54 3.01
C ALA A 51 2.92 -1.23 1.64
N PHE A 52 4.16 -0.77 1.62
CA PHE A 52 4.90 -0.48 0.40
C PHE A 52 5.01 -1.76 -0.44
N ASP A 53 5.28 -2.87 0.25
CA ASP A 53 5.40 -4.17 -0.38
C ASP A 53 4.03 -4.70 -0.78
N LEU A 54 3.08 -4.58 0.16
CA LEU A 54 1.68 -4.97 -0.04
C LEU A 54 1.10 -4.41 -1.34
N SER A 55 1.24 -3.11 -1.54
CA SER A 55 0.73 -2.47 -2.72
C SER A 55 1.55 -2.86 -3.94
N ARG A 56 2.86 -2.87 -3.77
CA ARG A 56 3.79 -3.28 -4.81
C ARG A 56 3.38 -4.63 -5.38
N GLU A 57 2.98 -5.55 -4.51
CA GLU A 57 2.53 -6.87 -4.91
C GLU A 57 1.27 -6.80 -5.76
N CYS A 58 0.43 -5.82 -5.51
CA CYS A 58 -0.88 -5.73 -6.14
C CYS A 58 -0.75 -5.35 -7.60
N LEU A 59 0.42 -4.85 -7.96
CA LEU A 59 0.73 -4.51 -9.33
C LEU A 59 1.52 -5.60 -10.02
N GLY A 60 1.92 -6.60 -9.25
CA GLY A 60 2.86 -7.58 -9.75
C GLY A 60 4.20 -6.93 -9.99
N TYR A 61 4.49 -5.90 -9.21
CA TYR A 61 5.71 -5.12 -9.35
C TYR A 61 6.93 -5.92 -8.98
N PRO A 62 7.96 -5.86 -9.83
CA PRO A 62 9.28 -6.38 -9.49
C PRO A 62 9.92 -5.53 -8.40
N GLU A 63 10.39 -6.21 -7.35
CA GLU A 63 10.85 -5.55 -6.13
C GLU A 63 12.05 -4.64 -6.36
N ALA A 64 13.00 -5.12 -7.15
CA ALA A 64 14.25 -4.38 -7.34
C ALA A 64 14.01 -3.14 -8.16
N ASP A 65 13.28 -3.31 -9.24
CA ASP A 65 13.01 -2.24 -10.18
C ASP A 65 12.11 -1.22 -9.50
N PHE A 66 11.27 -1.71 -8.61
CA PHE A 66 10.34 -0.88 -7.87
C PHE A 66 11.10 -0.02 -6.89
N ILE A 67 11.98 -0.66 -6.15
CA ILE A 67 12.80 -0.01 -5.16
C ILE A 67 13.74 0.99 -5.82
N THR A 68 14.17 0.64 -7.03
CA THR A 68 15.00 1.48 -7.84
C THR A 68 14.23 2.73 -8.25
N LEU A 69 12.99 2.55 -8.72
CA LEU A 69 12.17 3.69 -9.10
C LEU A 69 12.03 4.65 -7.94
N VAL A 70 11.56 4.13 -6.82
CA VAL A 70 11.30 4.93 -5.64
C VAL A 70 12.58 5.63 -5.17
N ASN A 71 13.72 5.03 -5.52
CA ASN A 71 15.03 5.58 -5.20
C ASN A 71 15.30 6.86 -6.00
N ASN A 72 14.67 6.98 -7.17
CA ASN A 72 14.91 8.13 -8.05
C ASN A 72 13.77 9.13 -7.98
N MET A 73 12.82 8.91 -7.10
CA MET A 73 11.66 9.75 -7.01
C MET A 73 11.60 10.54 -5.70
N ARG A 74 10.53 11.29 -5.56
CA ARG A 74 10.26 12.08 -4.38
C ARG A 74 8.77 12.00 -4.10
N PHE A 75 8.39 11.88 -2.83
CA PHE A 75 7.01 11.66 -2.48
C PHE A 75 6.52 12.66 -1.46
N LYS A 76 5.23 12.95 -1.53
CA LYS A 76 4.57 13.67 -0.47
C LYS A 76 3.55 12.76 0.19
N ILE A 77 3.86 12.39 1.42
CA ILE A 77 3.06 11.44 2.14
C ILE A 77 2.00 12.16 2.97
N GLU A 78 0.84 11.57 3.05
CA GLU A 78 -0.29 12.17 3.72
C GLU A 78 -1.08 11.10 4.45
N ASN A 79 -1.06 11.16 5.77
CA ASN A 79 -1.68 10.16 6.62
C ASN A 79 -1.09 8.78 6.34
N CYS A 80 0.24 8.75 6.17
CA CYS A 80 0.99 7.52 5.89
C CYS A 80 0.66 6.98 4.50
N LYS A 81 0.08 7.82 3.65
CA LYS A 81 -0.29 7.42 2.31
C LYS A 81 0.33 8.36 1.29
N VAL A 82 0.79 7.83 0.16
CA VAL A 82 1.30 8.68 -0.90
C VAL A 82 0.15 9.36 -1.63
N VAL A 83 -0.01 10.65 -1.39
CA VAL A 83 -1.05 11.42 -2.05
C VAL A 83 -0.46 12.05 -3.29
N ASN A 84 0.84 12.31 -3.21
CA ASN A 84 1.59 12.79 -4.34
C ASN A 84 2.89 12.05 -4.50
N PHE A 85 3.24 11.80 -5.75
CA PHE A 85 4.47 11.10 -6.11
C PHE A 85 5.04 11.78 -7.35
N ASN A 86 6.36 11.85 -7.44
CA ASN A 86 6.99 12.38 -8.63
C ASN A 86 8.42 11.90 -8.68
N ILE A 87 8.95 11.81 -9.88
CA ILE A 87 10.29 11.30 -10.06
C ILE A 87 11.29 12.45 -10.18
N GLU A 88 12.45 12.25 -9.60
CA GLU A 88 13.48 13.25 -9.60
C GLU A 88 14.50 12.93 -10.67
N ASN A 89 14.71 11.65 -10.88
CA ASN A 89 15.62 11.20 -11.93
C ASN A 89 14.95 10.18 -12.83
N THR A 90 14.56 10.63 -14.00
CA THR A 90 13.85 9.79 -14.95
C THR A 90 14.82 8.92 -15.75
N ASN A 91 16.10 9.26 -15.63
CA ASN A 91 17.15 8.56 -16.34
C ASN A 91 17.15 7.08 -15.97
N CYS A 92 17.11 6.80 -14.68
CA CYS A 92 17.21 5.42 -14.22
C CYS A 92 15.91 4.64 -14.43
N LEU A 93 14.79 5.33 -14.66
CA LEU A 93 13.55 4.61 -14.94
C LEU A 93 13.53 4.12 -16.37
N ASN A 94 14.47 4.60 -17.17
CA ASN A 94 14.57 4.23 -18.59
C ASN A 94 14.61 2.71 -18.79
N ASN A 95 14.95 1.96 -17.75
CA ASN A 95 14.82 0.52 -17.79
C ASN A 95 13.33 0.18 -17.92
N PRO A 96 12.98 -0.61 -18.96
CA PRO A 96 11.59 -0.98 -19.27
C PRO A 96 10.79 -1.41 -18.06
N SER A 97 11.46 -2.04 -17.11
CA SER A 97 10.82 -2.49 -15.90
C SER A 97 10.40 -1.29 -15.05
N ILE A 98 11.32 -0.36 -14.87
CA ILE A 98 11.06 0.82 -14.07
C ILE A 98 9.98 1.68 -14.72
N GLU A 99 10.06 1.84 -16.04
CA GLU A 99 9.08 2.63 -16.77
C GLU A 99 7.70 2.03 -16.60
N THR A 100 7.66 0.71 -16.64
CA THR A 100 6.45 -0.04 -16.41
C THR A 100 5.87 0.28 -15.05
N ILE A 101 6.73 0.23 -14.03
CA ILE A 101 6.33 0.52 -12.69
C ILE A 101 5.93 1.99 -12.54
N TYR A 102 6.65 2.85 -13.22
CA TYR A 102 6.45 4.28 -13.11
C TYR A 102 5.17 4.73 -13.81
N ARG A 103 4.96 4.27 -15.03
CA ARG A 103 3.78 4.64 -15.81
C ARG A 103 2.50 4.14 -15.13
N ASN A 104 2.66 3.02 -14.46
CA ASN A 104 1.56 2.32 -13.81
C ASN A 104 1.57 2.65 -12.32
N PHE A 105 2.49 3.53 -11.94
CA PHE A 105 2.70 3.89 -10.54
C PHE A 105 1.46 4.49 -9.90
N ASN A 106 0.65 5.17 -10.71
CA ASN A 106 -0.61 5.74 -10.23
C ASN A 106 -1.47 4.67 -9.57
N GLN A 107 -1.34 3.43 -10.03
CA GLN A 107 -2.06 2.33 -9.42
C GLN A 107 -1.47 2.00 -8.04
N PHE A 108 -0.14 1.98 -7.94
CA PHE A 108 0.50 1.64 -6.68
C PHE A 108 0.17 2.62 -5.58
N VAL A 109 0.22 3.92 -5.87
CA VAL A 109 -0.10 4.91 -4.85
C VAL A 109 -1.57 4.77 -4.44
N SER A 110 -2.42 4.45 -5.42
CA SER A 110 -3.84 4.18 -5.18
C SER A 110 -3.98 3.04 -4.19
N ILE A 111 -3.40 1.92 -4.57
CA ILE A 111 -3.40 0.70 -3.79
C ILE A 111 -2.75 0.91 -2.43
N PHE A 112 -1.68 1.69 -2.43
CA PHE A 112 -0.92 1.95 -1.22
C PHE A 112 -1.78 2.72 -0.22
N ASN A 113 -2.51 3.72 -0.73
CA ASN A 113 -3.45 4.48 0.09
C ASN A 113 -4.48 3.55 0.71
N VAL A 114 -4.90 2.55 -0.06
CA VAL A 114 -5.81 1.53 0.42
C VAL A 114 -5.17 0.71 1.53
N VAL A 115 -3.99 0.17 1.22
CA VAL A 115 -3.27 -0.73 2.11
C VAL A 115 -3.00 -0.07 3.45
N THR A 116 -2.52 1.16 3.39
CA THR A 116 -2.25 1.94 4.56
C THR A 116 -3.53 2.17 5.37
N ASP A 117 -4.64 2.41 4.68
CA ASP A 117 -5.90 2.66 5.38
C ASP A 117 -6.35 1.38 6.06
N VAL A 118 -6.12 0.25 5.40
CA VAL A 118 -6.38 -1.06 5.97
C VAL A 118 -5.60 -1.25 7.26
N LYS A 119 -4.29 -1.11 7.18
CA LYS A 119 -3.41 -1.39 8.30
C LYS A 119 -3.77 -0.52 9.50
N LYS A 120 -4.15 0.73 9.23
CA LYS A 120 -4.54 1.66 10.27
C LYS A 120 -5.90 1.31 10.89
N ARG A 121 -6.78 0.68 10.14
CA ARG A 121 -8.09 0.29 10.67
C ARG A 121 -7.98 -0.96 11.54
N LEU A 122 -7.23 -1.95 11.06
CA LEU A 122 -7.16 -3.23 11.76
C LEU A 122 -6.12 -3.17 12.86
N PHE A 123 -4.94 -2.70 12.49
CA PHE A 123 -3.78 -2.75 13.37
C PHE A 123 -3.50 -1.37 13.98
N GLU A 124 -2.90 -0.48 13.18
CA GLU A 124 -2.50 0.85 13.61
C GLU A 124 -1.51 0.83 14.79
N ASN A 125 -0.77 1.90 14.93
CA ASN A 125 0.21 2.03 15.97
C ASN A 125 0.07 3.39 16.60
N ALA A 126 1.08 3.75 17.36
CA ALA A 126 1.11 4.99 18.14
C ALA A 126 -0.04 5.04 19.15
N SER A 127 -0.64 3.88 19.38
CA SER A 127 -1.76 3.71 20.30
C SER A 127 -2.00 2.23 20.54
N GLY A 128 -0.91 1.47 20.59
CA GLY A 128 -1.03 0.04 20.77
C GLY A 128 0.16 -0.53 21.51
N ASN A 129 -0.10 -1.57 22.29
CA ASN A 129 0.96 -2.26 23.01
C ASN A 129 1.67 -3.22 22.07
N GLY A 130 0.96 -3.60 21.02
CA GLY A 130 1.51 -4.51 20.04
C GLY A 130 0.51 -4.83 18.95
N SER A 131 -0.24 -3.82 18.52
CA SER A 131 -1.26 -4.00 17.51
C SER A 131 -0.65 -4.04 16.10
N GLY A 132 0.13 -5.08 15.84
CA GLY A 132 0.78 -5.22 14.57
C GLY A 132 2.02 -6.07 14.69
N GLY A 133 3.01 -5.79 13.85
CA GLY A 133 4.24 -6.56 13.89
C GLY A 133 4.01 -8.02 13.59
N GLY A 134 4.68 -8.88 14.32
CA GLY A 134 4.52 -10.30 14.12
C GLY A 134 5.73 -10.92 13.48
N LEU A 135 6.17 -12.03 14.02
CA LEU A 135 7.27 -12.77 13.46
C LEU A 135 6.83 -13.51 12.19
N ASN A 136 6.43 -14.77 12.35
CA ASN A 136 6.01 -15.64 11.26
C ASN A 136 6.91 -15.50 10.01
N ASP A 137 8.21 -15.26 10.24
CA ASP A 137 9.16 -15.06 9.14
C ASP A 137 9.58 -16.40 8.56
N ILE A 138 10.09 -17.25 9.42
CA ILE A 138 10.52 -18.55 9.00
C ILE A 138 9.33 -19.42 8.65
N PHE A 139 8.20 -19.10 9.27
CA PHE A 139 7.05 -19.99 9.31
C PHE A 139 5.94 -19.51 8.36
N GLU A 140 6.35 -19.00 7.20
CA GLU A 140 5.39 -18.51 6.21
C GLU A 140 4.53 -19.65 5.68
N ALA A 141 3.23 -19.52 5.84
CA ALA A 141 2.29 -20.53 5.37
C ALA A 141 1.03 -19.88 4.82
N GLN A 142 0.58 -20.40 3.69
CA GLN A 142 -0.59 -19.87 3.01
C GLN A 142 -1.86 -20.49 3.59
N LYS A 143 -2.11 -20.16 4.84
CA LYS A 143 -3.27 -20.66 5.59
C LYS A 143 -3.21 -22.16 5.78
N ILE A 144 -2.61 -22.57 6.89
CA ILE A 144 -2.60 -23.96 7.28
C ILE A 144 -4.01 -24.41 7.60
N GLU A 145 -4.41 -25.54 7.05
CA GLU A 145 -5.74 -26.03 7.20
C GLU A 145 -5.90 -26.79 8.51
N TRP A 146 -6.00 -26.03 9.58
CA TRP A 146 -6.21 -26.55 10.93
C TRP A 146 -5.32 -27.76 11.24
N HIS A 147 -4.02 -27.51 11.28
CA HIS A 147 -3.05 -28.55 11.60
C HIS A 147 -1.90 -27.97 12.41
N GLU A 148 -1.51 -28.67 13.47
CA GLU A 148 -0.41 -28.25 14.31
C GLU A 148 0.77 -29.19 14.12
N GLY A 1 -12.34 8.54 -9.87
CA GLY A 1 -12.88 8.68 -8.50
C GLY A 1 -11.95 9.47 -7.61
N ASN A 2 -12.50 10.33 -6.77
CA ASN A 2 -11.70 11.18 -5.91
C ASN A 2 -11.11 10.36 -4.76
N GLY A 3 -11.95 9.94 -3.84
CA GLY A 3 -11.48 9.17 -2.71
C GLY A 3 -11.23 10.04 -1.49
N LYS A 4 -11.72 9.58 -0.35
CA LYS A 4 -11.50 10.27 0.91
C LYS A 4 -10.29 9.66 1.62
N TYR A 5 -10.49 8.47 2.16
CA TYR A 5 -9.41 7.72 2.79
C TYR A 5 -8.33 7.38 1.77
N PHE A 6 -8.77 7.07 0.57
CA PHE A 6 -7.86 6.82 -0.54
C PHE A 6 -7.90 7.98 -1.51
N SER A 7 -7.31 7.81 -2.69
CA SER A 7 -7.34 8.83 -3.71
C SER A 7 -7.16 8.20 -5.09
N LYS A 8 -8.09 8.52 -5.99
CA LYS A 8 -8.07 8.02 -7.36
C LYS A 8 -8.09 6.49 -7.37
N VAL A 9 -9.11 5.92 -6.75
CA VAL A 9 -9.28 4.48 -6.71
C VAL A 9 -10.43 4.06 -7.60
N GLY A 10 -11.64 4.29 -7.12
CA GLY A 10 -12.83 3.88 -7.85
C GLY A 10 -12.94 2.37 -7.90
N SER A 11 -12.84 1.75 -6.71
CA SER A 11 -12.83 0.29 -6.53
C SER A 11 -11.70 -0.41 -7.30
N ALA A 12 -10.96 0.37 -8.06
CA ALA A 12 -9.86 -0.15 -8.87
C ALA A 12 -8.67 -0.54 -7.98
N GLY A 13 -8.28 0.37 -7.11
CA GLY A 13 -7.21 0.09 -6.15
C GLY A 13 -7.54 -1.11 -5.29
N LEU A 14 -8.76 -1.11 -4.75
CA LEU A 14 -9.23 -2.17 -3.87
C LEU A 14 -9.19 -3.53 -4.56
N LYS A 15 -9.66 -3.55 -5.79
CA LYS A 15 -9.72 -4.78 -6.59
C LYS A 15 -8.35 -5.42 -6.75
N GLN A 16 -7.31 -4.62 -6.80
CA GLN A 16 -5.97 -5.17 -6.92
C GLN A 16 -5.59 -5.91 -5.63
N LEU A 17 -6.13 -5.44 -4.51
CA LEU A 17 -6.00 -6.14 -3.24
C LEU A 17 -6.80 -7.42 -3.28
N THR A 18 -8.07 -7.30 -3.66
CA THR A 18 -8.96 -8.44 -3.74
C THR A 18 -8.35 -9.51 -4.62
N ASN A 19 -7.55 -9.06 -5.56
CA ASN A 19 -6.84 -9.95 -6.48
C ASN A 19 -5.71 -10.69 -5.78
N LYS A 20 -4.80 -9.96 -5.15
CA LYS A 20 -3.65 -10.55 -4.48
C LYS A 20 -4.02 -11.22 -3.15
N LEU A 21 -4.99 -10.65 -2.45
CA LEU A 21 -5.42 -11.19 -1.15
C LEU A 21 -6.37 -12.35 -1.35
N ASP A 22 -6.87 -12.45 -2.57
CA ASP A 22 -7.76 -13.51 -2.98
C ASP A 22 -9.10 -13.43 -2.24
N ILE A 23 -9.51 -12.21 -1.93
CA ILE A 23 -10.81 -11.94 -1.37
C ILE A 23 -11.76 -11.51 -2.48
N ASN A 24 -12.99 -11.21 -2.11
CA ASN A 24 -13.98 -10.78 -3.10
C ASN A 24 -13.89 -9.28 -3.28
N GLU A 25 -14.61 -8.75 -4.25
CA GLU A 25 -14.54 -7.33 -4.59
C GLU A 25 -14.86 -6.44 -3.40
N CYS A 26 -14.56 -5.17 -3.58
CA CYS A 26 -14.69 -4.20 -2.50
C CYS A 26 -15.02 -2.80 -3.02
N ALA A 27 -15.92 -2.12 -2.32
CA ALA A 27 -16.36 -0.79 -2.72
C ALA A 27 -15.52 0.31 -2.07
N THR A 28 -15.04 0.06 -0.86
CA THR A 28 -14.25 1.04 -0.12
C THR A 28 -13.13 0.35 0.65
N VAL A 29 -12.29 1.11 1.34
CA VAL A 29 -11.28 0.49 2.19
C VAL A 29 -11.96 -0.28 3.31
N ASP A 30 -13.12 0.21 3.72
CA ASP A 30 -13.92 -0.45 4.74
C ASP A 30 -14.40 -1.80 4.25
N GLU A 31 -14.84 -1.85 2.98
CA GLU A 31 -15.26 -3.10 2.37
C GLU A 31 -14.05 -4.01 2.08
N LEU A 32 -12.92 -3.38 1.78
CA LEU A 32 -11.70 -4.09 1.48
C LEU A 32 -11.17 -4.67 2.77
N VAL A 33 -11.31 -3.87 3.81
CA VAL A 33 -10.96 -4.26 5.15
C VAL A 33 -11.92 -5.32 5.65
N ASP A 34 -13.15 -5.20 5.20
CA ASP A 34 -14.25 -6.08 5.60
C ASP A 34 -13.87 -7.54 5.35
N GLU A 35 -13.35 -7.80 4.16
CA GLU A 35 -12.89 -9.13 3.81
C GLU A 35 -11.64 -9.49 4.57
N ILE A 36 -10.71 -8.57 4.64
CA ILE A 36 -9.44 -8.83 5.32
C ILE A 36 -9.64 -9.25 6.77
N ASN A 37 -10.37 -8.45 7.55
CA ASN A 37 -10.53 -8.76 8.97
C ASN A 37 -11.34 -10.02 9.18
N LYS A 38 -12.05 -10.43 8.15
CA LYS A 38 -12.83 -11.66 8.20
C LYS A 38 -11.94 -12.82 7.78
N SER A 39 -10.92 -12.48 7.00
CA SER A 39 -9.99 -13.46 6.49
C SER A 39 -8.63 -13.31 7.18
N GLY A 40 -8.46 -14.03 8.29
CA GLY A 40 -7.25 -13.88 9.09
C GLY A 40 -5.98 -14.19 8.31
N THR A 41 -6.10 -15.02 7.28
CA THR A 41 -4.97 -15.31 6.40
C THR A 41 -4.58 -14.05 5.63
N VAL A 42 -5.61 -13.36 5.19
CA VAL A 42 -5.49 -12.14 4.43
C VAL A 42 -5.03 -10.99 5.31
N LYS A 43 -5.60 -10.91 6.49
CA LYS A 43 -5.16 -9.95 7.49
C LYS A 43 -3.70 -10.23 7.84
N ARG A 44 -3.36 -11.49 7.83
CA ARG A 44 -2.00 -11.94 8.09
C ARG A 44 -1.07 -11.51 6.96
N LYS A 45 -1.61 -11.46 5.74
CA LYS A 45 -0.86 -10.96 4.59
C LYS A 45 -0.45 -9.53 4.86
N ILE A 46 -1.42 -8.76 5.36
CA ILE A 46 -1.21 -7.38 5.72
C ILE A 46 -0.18 -7.27 6.84
N LYS A 47 -0.42 -8.08 7.85
CA LYS A 47 0.30 -8.04 9.10
C LYS A 47 1.79 -8.24 8.91
N ASN A 48 2.12 -9.26 8.14
CA ASN A 48 3.50 -9.69 8.01
C ASN A 48 4.25 -8.90 6.94
N GLN A 49 3.53 -8.07 6.20
CA GLN A 49 4.13 -7.37 5.08
C GLN A 49 4.07 -5.86 5.28
N SER A 50 4.93 -5.17 4.58
CA SER A 50 4.92 -3.72 4.57
C SER A 50 3.94 -3.26 3.50
N ALA A 51 3.26 -2.15 3.77
CA ALA A 51 2.24 -1.64 2.87
C ALA A 51 2.82 -1.33 1.49
N PHE A 52 4.07 -0.91 1.49
CA PHE A 52 4.81 -0.62 0.28
C PHE A 52 4.96 -1.88 -0.56
N ASP A 53 5.24 -2.99 0.11
CA ASP A 53 5.36 -4.28 -0.55
C ASP A 53 3.98 -4.82 -0.92
N LEU A 54 3.04 -4.69 0.01
CA LEU A 54 1.65 -5.09 -0.19
C LEU A 54 1.06 -4.51 -1.48
N SER A 55 1.20 -3.20 -1.66
CA SER A 55 0.69 -2.54 -2.84
C SER A 55 1.53 -2.93 -4.04
N ARG A 56 2.84 -2.93 -3.85
CA ARG A 56 3.79 -3.33 -4.88
C ARG A 56 3.37 -4.67 -5.50
N GLU A 57 3.03 -5.63 -4.65
CA GLU A 57 2.60 -6.94 -5.10
C GLU A 57 1.33 -6.89 -5.93
N CYS A 58 0.47 -5.92 -5.65
CA CYS A 58 -0.81 -5.83 -6.30
C CYS A 58 -0.67 -5.41 -7.75
N LEU A 59 0.50 -4.88 -8.07
CA LEU A 59 0.83 -4.46 -9.43
C LEU A 59 1.67 -5.50 -10.13
N GLY A 60 2.10 -6.51 -9.38
CA GLY A 60 3.07 -7.46 -9.91
C GLY A 60 4.42 -6.81 -10.04
N TYR A 61 4.63 -5.77 -9.24
CA TYR A 61 5.84 -4.96 -9.31
C TYR A 61 7.06 -5.73 -8.84
N PRO A 62 8.09 -5.80 -9.69
CA PRO A 62 9.37 -6.38 -9.33
C PRO A 62 10.08 -5.48 -8.32
N GLU A 63 10.51 -6.08 -7.22
CA GLU A 63 11.00 -5.36 -6.06
C GLU A 63 12.20 -4.48 -6.40
N ALA A 64 13.06 -4.98 -7.25
CA ALA A 64 14.31 -4.30 -7.58
C ALA A 64 14.04 -3.03 -8.34
N ASP A 65 13.27 -3.17 -9.40
CA ASP A 65 12.98 -2.06 -10.30
C ASP A 65 12.07 -1.08 -9.60
N PHE A 66 11.23 -1.61 -8.71
CA PHE A 66 10.30 -0.80 -7.95
C PHE A 66 11.05 0.05 -6.94
N ILE A 67 11.96 -0.61 -6.23
CA ILE A 67 12.76 0.04 -5.22
C ILE A 67 13.72 1.04 -5.86
N THR A 68 14.21 0.71 -7.05
CA THR A 68 15.03 1.59 -7.82
C THR A 68 14.26 2.84 -8.21
N LEU A 69 13.03 2.65 -8.71
CA LEU A 69 12.19 3.77 -9.07
C LEU A 69 11.99 4.69 -7.89
N VAL A 70 11.52 4.11 -6.78
CA VAL A 70 11.23 4.88 -5.59
C VAL A 70 12.49 5.56 -5.06
N ASN A 71 13.64 4.97 -5.36
CA ASN A 71 14.92 5.52 -4.99
C ASN A 71 15.20 6.79 -5.79
N ASN A 72 14.64 6.85 -6.99
CA ASN A 72 14.87 7.96 -7.90
C ASN A 72 13.75 8.98 -7.84
N MET A 73 12.78 8.78 -6.96
CA MET A 73 11.63 9.65 -6.86
C MET A 73 11.57 10.40 -5.54
N ARG A 74 10.50 11.16 -5.40
CA ARG A 74 10.21 11.93 -4.20
C ARG A 74 8.71 11.93 -3.98
N PHE A 75 8.29 11.75 -2.74
CA PHE A 75 6.87 11.58 -2.48
C PHE A 75 6.36 12.62 -1.51
N LYS A 76 5.11 12.99 -1.70
CA LYS A 76 4.40 13.76 -0.71
C LYS A 76 3.47 12.82 0.03
N ILE A 77 3.83 12.53 1.26
CA ILE A 77 3.04 11.61 2.06
C ILE A 77 2.02 12.40 2.86
N GLU A 78 0.82 11.89 2.89
CA GLU A 78 -0.28 12.55 3.54
C GLU A 78 -0.98 11.54 4.43
N ASN A 79 -0.87 11.72 5.74
CA ASN A 79 -1.46 10.78 6.69
C ASN A 79 -1.01 9.34 6.36
N CYS A 80 0.30 9.21 6.15
CA CYS A 80 0.95 7.92 5.83
C CYS A 80 0.52 7.38 4.45
N LYS A 81 -0.14 8.20 3.67
CA LYS A 81 -0.56 7.80 2.33
C LYS A 81 0.25 8.58 1.30
N VAL A 82 0.47 8.04 0.13
CA VAL A 82 1.07 8.82 -0.93
C VAL A 82 -0.02 9.59 -1.67
N VAL A 83 -0.06 10.89 -1.44
CA VAL A 83 -1.07 11.72 -2.07
C VAL A 83 -0.50 12.28 -3.35
N ASN A 84 0.81 12.47 -3.35
CA ASN A 84 1.52 12.82 -4.56
C ASN A 84 2.84 12.08 -4.65
N PHE A 85 3.18 11.71 -5.87
CA PHE A 85 4.44 11.03 -6.17
C PHE A 85 5.06 11.75 -7.36
N ASN A 86 6.38 11.80 -7.41
CA ASN A 86 7.07 12.37 -8.54
C ASN A 86 8.48 11.85 -8.58
N ILE A 87 9.04 11.77 -9.76
CA ILE A 87 10.37 11.25 -9.91
C ILE A 87 11.38 12.40 -9.98
N GLU A 88 12.53 12.17 -9.39
CA GLU A 88 13.59 13.17 -9.36
C GLU A 88 14.63 12.82 -10.41
N ASN A 89 14.83 11.53 -10.58
CA ASN A 89 15.84 11.02 -11.48
C ASN A 89 15.23 10.02 -12.45
N THR A 90 15.03 10.47 -13.68
CA THR A 90 14.22 9.73 -14.66
C THR A 90 15.07 8.86 -15.59
N ASN A 91 16.31 9.24 -15.77
CA ASN A 91 17.21 8.55 -16.67
C ASN A 91 17.35 7.08 -16.30
N CYS A 92 17.28 6.81 -15.01
CA CYS A 92 17.35 5.46 -14.51
C CYS A 92 16.03 4.70 -14.66
N LEU A 93 14.89 5.41 -14.74
CA LEU A 93 13.64 4.70 -14.95
C LEU A 93 13.51 4.24 -16.39
N ASN A 94 14.38 4.78 -17.23
CA ASN A 94 14.39 4.45 -18.66
C ASN A 94 14.55 2.96 -18.92
N ASN A 95 14.94 2.20 -17.91
CA ASN A 95 14.92 0.75 -18.00
C ASN A 95 13.47 0.29 -18.11
N PRO A 96 13.11 -0.43 -19.17
CA PRO A 96 11.72 -0.80 -19.46
C PRO A 96 10.92 -1.19 -18.23
N SER A 97 11.58 -1.92 -17.33
CA SER A 97 10.94 -2.36 -16.10
C SER A 97 10.52 -1.18 -15.25
N ILE A 98 11.44 -0.23 -15.05
CA ILE A 98 11.16 0.92 -14.21
C ILE A 98 10.06 1.78 -14.80
N GLU A 99 10.12 1.99 -16.11
CA GLU A 99 9.12 2.80 -16.82
C GLU A 99 7.76 2.14 -16.68
N THR A 100 7.76 0.83 -16.75
CA THR A 100 6.58 0.02 -16.57
C THR A 100 5.93 0.31 -15.23
N ILE A 101 6.75 0.30 -14.20
CA ILE A 101 6.32 0.57 -12.87
C ILE A 101 5.90 2.04 -12.73
N TYR A 102 6.69 2.91 -13.32
CA TYR A 102 6.49 4.34 -13.19
C TYR A 102 5.21 4.80 -13.88
N ARG A 103 5.01 4.34 -15.10
CA ARG A 103 3.83 4.72 -15.89
C ARG A 103 2.55 4.31 -15.16
N ASN A 104 2.59 3.14 -14.54
CA ASN A 104 1.42 2.59 -13.87
C ASN A 104 1.50 2.86 -12.38
N PHE A 105 2.42 3.73 -12.00
CA PHE A 105 2.71 3.98 -10.60
C PHE A 105 1.50 4.54 -9.87
N ASN A 106 0.66 5.28 -10.59
CA ASN A 106 -0.53 5.85 -9.98
C ASN A 106 -1.40 4.75 -9.38
N GLN A 107 -1.37 3.58 -10.01
CA GLN A 107 -2.08 2.41 -9.48
C GLN A 107 -1.52 2.03 -8.13
N PHE A 108 -0.20 2.02 -8.01
CA PHE A 108 0.44 1.67 -6.76
C PHE A 108 0.10 2.64 -5.65
N VAL A 109 0.14 3.94 -5.93
CA VAL A 109 -0.19 4.92 -4.91
C VAL A 109 -1.65 4.76 -4.49
N SER A 110 -2.51 4.42 -5.46
CA SER A 110 -3.92 4.16 -5.20
C SER A 110 -4.06 2.99 -4.24
N ILE A 111 -3.47 1.88 -4.65
CA ILE A 111 -3.47 0.65 -3.88
C ILE A 111 -2.80 0.86 -2.52
N PHE A 112 -1.73 1.64 -2.50
CA PHE A 112 -0.99 1.92 -1.28
C PHE A 112 -1.85 2.73 -0.32
N ASN A 113 -2.60 3.69 -0.87
CA ASN A 113 -3.55 4.47 -0.09
C ASN A 113 -4.56 3.54 0.58
N VAL A 114 -4.92 2.48 -0.12
CA VAL A 114 -5.83 1.47 0.38
C VAL A 114 -5.16 0.62 1.45
N VAL A 115 -4.02 0.06 1.09
CA VAL A 115 -3.28 -0.87 1.95
C VAL A 115 -2.95 -0.22 3.28
N THR A 116 -2.47 1.01 3.18
CA THR A 116 -2.11 1.77 4.34
C THR A 116 -3.34 2.07 5.20
N ASP A 117 -4.49 2.24 4.56
CA ASP A 117 -5.71 2.49 5.30
C ASP A 117 -6.11 1.23 6.04
N VAL A 118 -5.89 0.09 5.39
CA VAL A 118 -6.09 -1.20 6.01
C VAL A 118 -5.28 -1.34 7.29
N LYS A 119 -3.98 -1.11 7.20
CA LYS A 119 -3.10 -1.25 8.35
C LYS A 119 -3.46 -0.24 9.44
N LYS A 120 -3.91 0.94 9.03
CA LYS A 120 -4.35 1.96 9.97
C LYS A 120 -5.62 1.55 10.71
N ARG A 121 -6.51 0.83 10.05
CA ARG A 121 -7.75 0.39 10.65
C ARG A 121 -7.53 -0.82 11.56
N LEU A 122 -6.84 -1.82 11.04
CA LEU A 122 -6.71 -3.09 11.74
C LEU A 122 -5.58 -3.07 12.74
N PHE A 123 -4.40 -2.70 12.26
CA PHE A 123 -3.19 -2.83 13.03
C PHE A 123 -2.79 -1.47 13.62
N GLU A 124 -1.67 -0.93 13.12
CA GLU A 124 -1.09 0.32 13.59
C GLU A 124 -0.83 0.31 15.10
N ASN A 125 -0.10 1.34 15.57
CA ASN A 125 0.29 1.47 16.97
C ASN A 125 0.83 0.16 17.53
N ALA A 126 1.46 -0.61 16.66
CA ALA A 126 2.09 -1.88 17.03
C ALA A 126 3.60 -1.74 16.96
N SER A 127 4.00 -0.51 16.72
CA SER A 127 5.40 -0.15 16.64
C SER A 127 5.53 1.30 17.09
N GLY A 128 4.66 1.67 18.00
CA GLY A 128 4.61 3.03 18.51
C GLY A 128 3.52 3.16 19.53
N ASN A 129 3.38 4.36 20.09
CA ASN A 129 2.41 4.62 21.16
C ASN A 129 2.76 3.79 22.39
N GLY A 130 4.05 3.52 22.56
CA GLY A 130 4.52 2.74 23.68
C GLY A 130 5.52 1.68 23.29
N SER A 131 5.57 1.37 22.00
CA SER A 131 6.48 0.34 21.51
C SER A 131 7.89 0.92 21.34
N GLY A 132 8.89 0.06 21.46
CA GLY A 132 10.26 0.50 21.35
C GLY A 132 10.93 0.56 22.70
N GLY A 133 11.51 -0.54 23.11
CA GLY A 133 12.14 -0.61 24.41
C GLY A 133 11.28 -1.37 25.40
N GLY A 134 10.77 -0.67 26.39
CA GLY A 134 9.94 -1.30 27.39
C GLY A 134 10.73 -1.64 28.64
N LEU A 135 10.34 -1.07 29.77
CA LEU A 135 11.06 -1.28 31.01
C LEU A 135 10.95 -2.73 31.48
N ASN A 136 9.71 -3.20 31.59
CA ASN A 136 9.47 -4.56 32.10
C ASN A 136 9.68 -5.58 31.01
N ASP A 137 10.38 -5.15 29.98
CA ASP A 137 10.73 -6.01 28.86
C ASP A 137 12.00 -6.77 29.17
N ILE A 138 12.97 -6.06 29.72
CA ILE A 138 14.23 -6.66 30.10
C ILE A 138 14.19 -7.11 31.55
N PHE A 139 13.43 -6.39 32.35
CA PHE A 139 13.33 -6.65 33.78
C PHE A 139 12.23 -7.66 34.08
N GLU A 140 12.14 -8.68 33.24
CA GLU A 140 11.18 -9.76 33.43
C GLU A 140 11.40 -10.46 34.77
N ALA A 141 10.40 -10.37 35.64
CA ALA A 141 10.46 -11.00 36.95
C ALA A 141 10.02 -12.44 36.85
N GLN A 142 10.66 -13.29 37.64
CA GLN A 142 10.33 -14.69 37.69
C GLN A 142 9.12 -14.91 38.59
N LYS A 143 7.96 -14.53 38.08
CA LYS A 143 6.71 -14.65 38.81
C LYS A 143 6.28 -16.12 38.87
N ILE A 144 6.57 -16.76 39.99
CA ILE A 144 6.24 -18.14 40.19
C ILE A 144 4.82 -18.27 40.70
N GLU A 145 4.06 -19.18 40.09
CA GLU A 145 2.67 -19.36 40.43
C GLU A 145 2.38 -20.81 40.75
N TRP A 146 1.77 -21.00 41.91
CA TRP A 146 1.44 -22.31 42.41
C TRP A 146 0.36 -22.96 41.55
N HIS A 147 0.67 -24.16 41.08
CA HIS A 147 -0.23 -24.88 40.20
C HIS A 147 -1.24 -25.71 40.97
N GLU A 148 -2.43 -25.87 40.40
CA GLU A 148 -3.50 -26.63 41.04
C GLU A 148 -3.28 -28.13 40.85
N GLY A 1 -15.19 14.15 -6.59
CA GLY A 1 -13.87 13.54 -6.85
C GLY A 1 -13.93 12.03 -6.79
N ASN A 2 -12.80 11.40 -6.51
CA ASN A 2 -12.74 9.95 -6.41
C ASN A 2 -11.80 9.53 -5.30
N GLY A 3 -12.30 9.57 -4.07
CA GLY A 3 -11.52 9.18 -2.93
C GLY A 3 -11.34 10.28 -1.93
N LYS A 4 -11.86 10.05 -0.74
CA LYS A 4 -11.70 10.96 0.37
C LYS A 4 -10.42 10.62 1.12
N TYR A 5 -10.43 9.44 1.72
CA TYR A 5 -9.28 8.89 2.39
C TYR A 5 -8.25 8.43 1.36
N PHE A 6 -8.70 7.58 0.45
CA PHE A 6 -7.88 7.15 -0.68
C PHE A 6 -8.00 8.14 -1.82
N SER A 7 -7.39 7.81 -2.96
CA SER A 7 -7.49 8.63 -4.13
C SER A 7 -7.31 7.81 -5.40
N LYS A 8 -8.06 8.17 -6.43
CA LYS A 8 -7.95 7.55 -7.75
C LYS A 8 -8.35 6.08 -7.72
N VAL A 9 -9.09 5.69 -6.68
CA VAL A 9 -9.48 4.31 -6.51
C VAL A 9 -10.79 4.03 -7.23
N GLY A 10 -11.90 4.20 -6.53
CA GLY A 10 -13.20 3.89 -7.09
C GLY A 10 -13.37 2.41 -7.28
N SER A 11 -13.04 1.65 -6.24
CA SER A 11 -13.06 0.18 -6.26
C SER A 11 -11.93 -0.40 -7.11
N ALA A 12 -11.28 0.47 -7.87
CA ALA A 12 -10.21 0.07 -8.77
C ALA A 12 -8.97 -0.36 -8.00
N GLY A 13 -8.55 0.48 -7.07
CA GLY A 13 -7.42 0.13 -6.22
C GLY A 13 -7.74 -1.07 -5.36
N LEU A 14 -8.95 -1.10 -4.82
CA LEU A 14 -9.40 -2.17 -3.95
C LEU A 14 -9.36 -3.52 -4.65
N LYS A 15 -9.82 -3.53 -5.90
CA LYS A 15 -9.84 -4.75 -6.71
C LYS A 15 -8.44 -5.37 -6.83
N GLN A 16 -7.42 -4.54 -6.83
CA GLN A 16 -6.05 -5.02 -6.92
C GLN A 16 -5.68 -5.76 -5.63
N LEU A 17 -6.22 -5.26 -4.52
CA LEU A 17 -6.10 -5.96 -3.25
C LEU A 17 -6.87 -7.26 -3.30
N THR A 18 -8.14 -7.17 -3.67
CA THR A 18 -9.00 -8.34 -3.76
C THR A 18 -8.36 -9.39 -4.66
N ASN A 19 -7.58 -8.91 -5.61
CA ASN A 19 -6.83 -9.76 -6.51
C ASN A 19 -5.72 -10.52 -5.79
N LYS A 20 -4.82 -9.78 -5.14
CA LYS A 20 -3.66 -10.40 -4.49
C LYS A 20 -4.00 -11.01 -3.13
N LEU A 21 -5.06 -10.51 -2.52
CA LEU A 21 -5.50 -11.04 -1.23
C LEU A 21 -6.45 -12.21 -1.45
N ASP A 22 -6.90 -12.32 -2.69
CA ASP A 22 -7.77 -13.41 -3.14
C ASP A 22 -9.09 -13.41 -2.36
N ILE A 23 -9.51 -12.21 -1.99
CA ILE A 23 -10.77 -12.00 -1.31
C ILE A 23 -11.85 -11.67 -2.31
N ASN A 24 -13.05 -11.40 -1.82
CA ASN A 24 -14.15 -10.99 -2.69
C ASN A 24 -14.00 -9.53 -3.05
N GLU A 25 -15.00 -8.99 -3.71
CA GLU A 25 -14.95 -7.61 -4.18
C GLU A 25 -15.19 -6.64 -3.03
N CYS A 26 -14.77 -5.39 -3.22
CA CYS A 26 -14.87 -4.39 -2.17
C CYS A 26 -15.18 -3.00 -2.75
N ALA A 27 -16.04 -2.28 -2.06
CA ALA A 27 -16.48 -0.95 -2.51
C ALA A 27 -15.66 0.17 -1.87
N THR A 28 -15.17 -0.06 -0.66
CA THR A 28 -14.41 0.94 0.07
C THR A 28 -13.23 0.29 0.78
N VAL A 29 -12.44 1.08 1.51
CA VAL A 29 -11.37 0.52 2.32
C VAL A 29 -11.97 -0.29 3.45
N ASP A 30 -13.09 0.16 3.97
CA ASP A 30 -13.80 -0.54 5.02
C ASP A 30 -14.30 -1.89 4.51
N GLU A 31 -14.79 -1.91 3.27
CA GLU A 31 -15.22 -3.16 2.66
C GLU A 31 -14.03 -4.03 2.29
N LEU A 32 -12.93 -3.40 1.94
CA LEU A 32 -11.71 -4.10 1.59
C LEU A 32 -11.12 -4.68 2.86
N VAL A 33 -11.26 -3.89 3.90
CA VAL A 33 -10.87 -4.27 5.24
C VAL A 33 -11.80 -5.36 5.75
N ASP A 34 -13.06 -5.24 5.36
CA ASP A 34 -14.11 -6.16 5.75
C ASP A 34 -13.73 -7.59 5.41
N GLU A 35 -13.24 -7.77 4.20
CA GLU A 35 -12.78 -9.08 3.76
C GLU A 35 -11.53 -9.48 4.49
N ILE A 36 -10.58 -8.56 4.59
CA ILE A 36 -9.30 -8.83 5.23
C ILE A 36 -9.47 -9.30 6.67
N ASN A 37 -10.21 -8.54 7.47
CA ASN A 37 -10.35 -8.89 8.89
C ASN A 37 -11.13 -10.19 9.05
N LYS A 38 -11.84 -10.58 8.00
CA LYS A 38 -12.57 -11.83 7.99
C LYS A 38 -11.68 -12.94 7.44
N SER A 39 -10.64 -12.53 6.73
CA SER A 39 -9.70 -13.46 6.16
C SER A 39 -8.36 -13.34 6.88
N GLY A 40 -8.22 -14.07 7.98
CA GLY A 40 -7.07 -13.92 8.85
C GLY A 40 -5.74 -14.13 8.13
N THR A 41 -5.71 -14.99 7.13
CA THR A 41 -4.51 -15.20 6.34
C THR A 41 -4.14 -13.93 5.59
N VAL A 42 -5.18 -13.28 5.13
CA VAL A 42 -5.08 -12.06 4.37
C VAL A 42 -4.68 -10.90 5.27
N LYS A 43 -5.36 -10.82 6.41
CA LYS A 43 -5.01 -9.86 7.44
C LYS A 43 -3.57 -10.09 7.88
N ARG A 44 -3.19 -11.34 7.88
CA ARG A 44 -1.84 -11.76 8.24
C ARG A 44 -0.83 -11.29 7.20
N LYS A 45 -1.26 -11.15 5.96
CA LYS A 45 -0.39 -10.63 4.95
C LYS A 45 -0.15 -9.15 5.24
N ILE A 46 -1.22 -8.45 5.55
CA ILE A 46 -1.13 -7.04 5.94
C ILE A 46 -0.19 -6.90 7.12
N LYS A 47 -0.40 -7.79 8.06
CA LYS A 47 0.26 -7.81 9.34
C LYS A 47 1.78 -7.92 9.19
N ASN A 48 2.20 -8.88 8.40
CA ASN A 48 3.62 -9.20 8.27
C ASN A 48 4.28 -8.34 7.20
N GLN A 49 3.51 -7.95 6.19
CA GLN A 49 4.05 -7.26 5.04
C GLN A 49 3.99 -5.76 5.23
N SER A 50 4.83 -5.06 4.49
CA SER A 50 4.84 -3.62 4.53
C SER A 50 3.86 -3.09 3.51
N ALA A 51 3.26 -1.94 3.77
CA ALA A 51 2.25 -1.39 2.88
C ALA A 51 2.83 -1.14 1.49
N PHE A 52 4.10 -0.73 1.47
CA PHE A 52 4.85 -0.52 0.25
C PHE A 52 4.86 -1.80 -0.58
N ASP A 53 5.14 -2.90 0.09
CA ASP A 53 5.22 -4.20 -0.57
C ASP A 53 3.81 -4.71 -0.90
N LEU A 54 2.91 -4.54 0.05
CA LEU A 54 1.50 -4.91 -0.09
C LEU A 54 0.89 -4.39 -1.39
N SER A 55 1.07 -3.10 -1.65
CA SER A 55 0.56 -2.49 -2.85
C SER A 55 1.36 -2.96 -4.05
N ARG A 56 2.68 -2.90 -3.91
CA ARG A 56 3.61 -3.35 -4.95
C ARG A 56 3.19 -4.73 -5.51
N GLU A 57 2.85 -5.65 -4.60
CA GLU A 57 2.37 -6.97 -4.96
C GLU A 57 1.18 -6.91 -5.91
N CYS A 58 0.26 -6.00 -5.65
CA CYS A 58 -0.98 -5.91 -6.39
C CYS A 58 -0.73 -5.55 -7.84
N LEU A 59 0.40 -4.90 -8.07
CA LEU A 59 0.79 -4.50 -9.41
C LEU A 59 1.63 -5.56 -10.10
N GLY A 60 2.01 -6.58 -9.34
CA GLY A 60 2.97 -7.54 -9.84
C GLY A 60 4.33 -6.90 -10.02
N TYR A 61 4.55 -5.81 -9.30
CA TYR A 61 5.77 -5.03 -9.42
C TYR A 61 6.98 -5.82 -8.98
N PRO A 62 8.00 -5.87 -9.83
CA PRO A 62 9.29 -6.45 -9.48
C PRO A 62 9.98 -5.59 -8.43
N GLU A 63 10.41 -6.23 -7.35
CA GLU A 63 10.90 -5.53 -6.16
C GLU A 63 12.12 -4.68 -6.44
N ALA A 64 12.98 -5.17 -7.33
CA ALA A 64 14.23 -4.48 -7.64
C ALA A 64 13.97 -3.19 -8.37
N ASP A 65 13.21 -3.29 -9.44
CA ASP A 65 12.94 -2.16 -10.30
C ASP A 65 12.04 -1.18 -9.58
N PHE A 66 11.19 -1.72 -8.72
CA PHE A 66 10.25 -0.91 -7.96
C PHE A 66 11.00 -0.08 -6.93
N ILE A 67 11.87 -0.75 -6.20
CA ILE A 67 12.67 -0.14 -5.17
C ILE A 67 13.65 0.86 -5.76
N THR A 68 14.15 0.54 -6.95
CA THR A 68 15.01 1.42 -7.69
C THR A 68 14.26 2.65 -8.16
N LEU A 69 13.03 2.47 -8.66
CA LEU A 69 12.22 3.61 -9.06
C LEU A 69 12.06 4.58 -7.90
N VAL A 70 11.57 4.05 -6.78
CA VAL A 70 11.30 4.84 -5.61
C VAL A 70 12.59 5.50 -5.10
N ASN A 71 13.72 4.86 -5.43
CA ASN A 71 15.03 5.38 -5.06
C ASN A 71 15.29 6.71 -5.76
N ASN A 72 14.72 6.90 -6.93
CA ASN A 72 14.98 8.09 -7.74
C ASN A 72 13.82 9.08 -7.67
N MET A 73 12.83 8.80 -6.85
CA MET A 73 11.67 9.65 -6.74
C MET A 73 11.59 10.34 -5.40
N ARG A 74 10.53 11.12 -5.23
CA ARG A 74 10.24 11.82 -4.00
C ARG A 74 8.73 11.85 -3.84
N PHE A 75 8.26 11.75 -2.62
CA PHE A 75 6.83 11.57 -2.39
C PHE A 75 6.27 12.60 -1.42
N LYS A 76 5.00 12.89 -1.60
CA LYS A 76 4.26 13.66 -0.63
C LYS A 76 3.34 12.70 0.11
N ILE A 77 3.67 12.42 1.36
CA ILE A 77 2.90 11.47 2.13
C ILE A 77 1.82 12.19 2.93
N GLU A 78 0.65 11.58 2.97
CA GLU A 78 -0.51 12.18 3.59
C GLU A 78 -1.29 11.10 4.30
N ASN A 79 -1.33 11.19 5.63
CA ASN A 79 -1.98 10.15 6.44
C ASN A 79 -1.36 8.79 6.14
N CYS A 80 -0.03 8.79 6.04
CA CYS A 80 0.75 7.58 5.75
C CYS A 80 0.52 7.08 4.32
N LYS A 81 -0.15 7.88 3.51
CA LYS A 81 -0.45 7.51 2.14
C LYS A 81 0.33 8.39 1.18
N VAL A 82 0.54 7.91 -0.03
CA VAL A 82 1.11 8.76 -1.05
C VAL A 82 -0.01 9.55 -1.73
N VAL A 83 -0.06 10.84 -1.43
CA VAL A 83 -1.06 11.70 -2.03
C VAL A 83 -0.49 12.30 -3.29
N ASN A 84 0.83 12.39 -3.30
CA ASN A 84 1.54 12.81 -4.49
C ASN A 84 2.86 12.04 -4.60
N PHE A 85 3.22 11.73 -5.82
CA PHE A 85 4.48 11.06 -6.11
C PHE A 85 5.12 11.77 -7.28
N ASN A 86 6.43 11.80 -7.31
CA ASN A 86 7.14 12.38 -8.43
C ASN A 86 8.54 11.87 -8.46
N ILE A 87 9.08 11.76 -9.65
CA ILE A 87 10.42 11.25 -9.81
C ILE A 87 11.42 12.41 -9.87
N GLU A 88 12.56 12.19 -9.27
CA GLU A 88 13.61 13.18 -9.23
C GLU A 88 14.60 12.90 -10.34
N ASN A 89 14.82 11.61 -10.58
CA ASN A 89 15.72 11.19 -11.65
C ASN A 89 15.06 10.16 -12.54
N THR A 90 14.80 10.54 -13.78
CA THR A 90 14.13 9.67 -14.73
C THR A 90 15.14 8.79 -15.46
N ASN A 91 16.40 9.14 -15.30
CA ASN A 91 17.50 8.43 -15.96
C ASN A 91 17.48 6.96 -15.60
N CYS A 92 17.35 6.66 -14.32
CA CYS A 92 17.34 5.28 -13.88
C CYS A 92 16.07 4.56 -14.28
N LEU A 93 14.97 5.27 -14.48
CA LEU A 93 13.72 4.60 -14.86
C LEU A 93 13.75 4.19 -16.32
N ASN A 94 14.72 4.72 -17.06
CA ASN A 94 14.87 4.42 -18.49
C ASN A 94 14.92 2.92 -18.78
N ASN A 95 15.20 2.12 -17.76
CA ASN A 95 15.12 0.67 -17.90
C ASN A 95 13.65 0.27 -18.05
N PRO A 96 13.28 -0.42 -19.14
CA PRO A 96 11.88 -0.75 -19.47
C PRO A 96 11.07 -1.15 -18.24
N SER A 97 11.69 -1.95 -17.39
CA SER A 97 11.07 -2.42 -16.19
C SER A 97 10.65 -1.28 -15.27
N ILE A 98 11.56 -0.33 -15.06
CA ILE A 98 11.28 0.81 -14.19
C ILE A 98 10.18 1.68 -14.80
N GLU A 99 10.29 1.93 -16.11
CA GLU A 99 9.30 2.76 -16.82
C GLU A 99 7.92 2.15 -16.66
N THR A 100 7.89 0.83 -16.78
CA THR A 100 6.69 0.05 -16.64
C THR A 100 6.04 0.30 -15.28
N ILE A 101 6.85 0.29 -14.23
CA ILE A 101 6.38 0.54 -12.90
C ILE A 101 5.97 2.00 -12.75
N TYR A 102 6.80 2.89 -13.29
CA TYR A 102 6.62 4.32 -13.11
C TYR A 102 5.35 4.82 -13.78
N ARG A 103 5.10 4.35 -14.97
CA ARG A 103 3.95 4.80 -15.74
C ARG A 103 2.65 4.32 -15.11
N ASN A 104 2.67 3.11 -14.57
CA ASN A 104 1.50 2.54 -13.95
C ASN A 104 1.51 2.82 -12.45
N PHE A 105 2.42 3.70 -12.06
CA PHE A 105 2.66 3.99 -10.65
C PHE A 105 1.41 4.56 -9.99
N ASN A 106 0.58 5.24 -10.77
CA ASN A 106 -0.69 5.78 -10.27
C ASN A 106 -1.52 4.68 -9.61
N GLN A 107 -1.41 3.46 -10.15
CA GLN A 107 -2.07 2.31 -9.58
C GLN A 107 -1.52 2.01 -8.20
N PHE A 108 -0.19 1.96 -8.08
CA PHE A 108 0.46 1.63 -6.82
C PHE A 108 0.11 2.64 -5.73
N VAL A 109 0.14 3.93 -6.05
CA VAL A 109 -0.18 4.93 -5.04
C VAL A 109 -1.64 4.78 -4.61
N SER A 110 -2.51 4.47 -5.56
CA SER A 110 -3.92 4.25 -5.28
C SER A 110 -4.10 3.07 -4.33
N ILE A 111 -3.50 1.96 -4.74
CA ILE A 111 -3.51 0.74 -3.95
C ILE A 111 -2.84 0.96 -2.60
N PHE A 112 -1.76 1.72 -2.61
CA PHE A 112 -1.02 2.02 -1.39
C PHE A 112 -1.88 2.83 -0.44
N ASN A 113 -2.63 3.78 -0.99
CA ASN A 113 -3.58 4.57 -0.21
C ASN A 113 -4.58 3.65 0.49
N VAL A 114 -5.01 2.62 -0.23
CA VAL A 114 -5.91 1.62 0.31
C VAL A 114 -5.23 0.80 1.40
N VAL A 115 -4.10 0.22 1.05
CA VAL A 115 -3.34 -0.66 1.93
C VAL A 115 -3.02 0.04 3.24
N THR A 116 -2.58 1.28 3.11
CA THR A 116 -2.27 2.11 4.24
C THR A 116 -3.49 2.28 5.15
N ASP A 117 -4.66 2.45 4.54
CA ASP A 117 -5.86 2.64 5.31
C ASP A 117 -6.22 1.35 6.02
N VAL A 118 -5.95 0.23 5.36
CA VAL A 118 -6.12 -1.08 5.95
C VAL A 118 -5.31 -1.22 7.23
N LYS A 119 -4.01 -0.98 7.14
CA LYS A 119 -3.14 -1.14 8.29
C LYS A 119 -3.53 -0.16 9.39
N LYS A 120 -4.00 1.02 9.01
CA LYS A 120 -4.50 2.00 9.96
C LYS A 120 -5.72 1.50 10.71
N ARG A 121 -6.63 0.86 9.99
CA ARG A 121 -7.90 0.41 10.57
C ARG A 121 -7.74 -0.82 11.47
N LEU A 122 -6.83 -1.70 11.11
CA LEU A 122 -6.74 -2.98 11.80
C LEU A 122 -5.60 -2.99 12.82
N PHE A 123 -4.45 -2.51 12.39
CA PHE A 123 -3.22 -2.70 13.16
C PHE A 123 -2.76 -1.44 13.88
N GLU A 124 -3.19 -0.27 13.41
CA GLU A 124 -2.62 0.98 13.89
C GLU A 124 -3.28 1.43 15.19
N ASN A 125 -4.13 2.44 15.13
CA ASN A 125 -4.79 2.94 16.34
C ASN A 125 -6.24 2.49 16.37
N ALA A 126 -6.76 2.20 15.19
CA ALA A 126 -8.13 1.73 15.05
C ALA A 126 -8.21 0.28 15.51
N SER A 127 -9.31 -0.07 16.17
CA SER A 127 -9.49 -1.39 16.78
C SER A 127 -8.29 -1.78 17.64
N GLY A 128 -7.74 -0.80 18.35
CA GLY A 128 -6.57 -1.03 19.18
C GLY A 128 -6.89 -0.92 20.65
N ASN A 129 -5.89 -0.53 21.43
CA ASN A 129 -6.02 -0.46 22.88
C ASN A 129 -6.31 -1.87 23.43
N GLY A 130 -5.78 -2.87 22.74
CA GLY A 130 -5.99 -4.24 23.14
C GLY A 130 -7.31 -4.80 22.66
N SER A 131 -7.63 -4.57 21.40
CA SER A 131 -8.86 -5.11 20.82
C SER A 131 -8.56 -6.29 19.91
N GLY A 132 -7.45 -6.97 20.18
CA GLY A 132 -7.10 -8.14 19.42
C GLY A 132 -7.74 -9.40 19.97
N GLY A 133 -7.00 -10.50 19.97
CA GLY A 133 -7.51 -11.74 20.53
C GLY A 133 -8.62 -12.32 19.69
N GLY A 134 -8.61 -12.04 18.41
CA GLY A 134 -9.64 -12.55 17.52
C GLY A 134 -9.06 -13.00 16.20
N LEU A 135 -7.82 -13.48 16.25
CA LEU A 135 -7.13 -13.94 15.06
C LEU A 135 -7.63 -15.31 14.64
N ASN A 136 -7.69 -16.22 15.59
CA ASN A 136 -8.09 -17.60 15.31
C ASN A 136 -9.60 -17.72 15.28
N ASP A 137 -10.25 -16.60 15.07
CA ASP A 137 -11.70 -16.52 14.96
C ASP A 137 -12.14 -17.16 13.66
N ILE A 138 -11.36 -16.92 12.63
CA ILE A 138 -11.68 -17.44 11.32
C ILE A 138 -10.99 -18.79 11.09
N PHE A 139 -10.05 -19.12 11.96
CA PHE A 139 -9.23 -20.32 11.79
C PHE A 139 -9.84 -21.53 12.48
N GLU A 140 -11.15 -21.65 12.40
CA GLU A 140 -11.85 -22.79 12.98
C GLU A 140 -11.81 -23.97 12.04
N ALA A 141 -11.74 -25.17 12.61
CA ALA A 141 -11.71 -26.38 11.82
C ALA A 141 -13.14 -26.80 11.47
N GLN A 142 -13.40 -26.90 10.18
CA GLN A 142 -14.68 -27.30 9.69
C GLN A 142 -14.86 -28.81 9.82
N LYS A 143 -14.86 -29.28 11.06
CA LYS A 143 -15.05 -30.68 11.34
C LYS A 143 -16.51 -31.01 11.42
N ILE A 144 -17.08 -31.30 10.27
CA ILE A 144 -18.47 -31.67 10.17
C ILE A 144 -18.64 -33.10 10.67
N GLU A 145 -19.64 -33.31 11.50
CA GLU A 145 -19.87 -34.59 12.10
C GLU A 145 -20.41 -35.59 11.10
N TRP A 146 -19.53 -36.45 10.66
CA TRP A 146 -19.85 -37.49 9.70
C TRP A 146 -20.49 -38.68 10.40
N HIS A 147 -19.88 -39.12 11.49
CA HIS A 147 -20.41 -40.26 12.23
C HIS A 147 -21.66 -39.87 13.01
N GLU A 148 -22.67 -40.71 12.94
CA GLU A 148 -23.91 -40.47 13.65
C GLU A 148 -23.75 -40.80 15.13
N GLY A 1 -13.73 13.87 -6.34
CA GLY A 1 -12.76 12.99 -7.04
C GLY A 1 -13.13 11.54 -6.91
N ASN A 2 -12.28 10.65 -7.43
CA ASN A 2 -12.53 9.22 -7.37
C ASN A 2 -11.97 8.63 -6.07
N GLY A 3 -12.32 9.25 -4.96
CA GLY A 3 -11.85 8.80 -3.68
C GLY A 3 -11.38 9.94 -2.80
N LYS A 4 -11.65 9.83 -1.52
CA LYS A 4 -11.17 10.81 -0.55
C LYS A 4 -10.01 10.24 0.25
N TYR A 5 -10.31 9.21 1.02
CA TYR A 5 -9.30 8.48 1.79
C TYR A 5 -8.34 7.77 0.83
N PHE A 6 -8.87 7.42 -0.32
CA PHE A 6 -8.08 6.88 -1.41
C PHE A 6 -8.16 7.83 -2.61
N SER A 7 -7.64 7.41 -3.76
CA SER A 7 -7.70 8.22 -4.96
C SER A 7 -7.35 7.37 -6.17
N LYS A 8 -7.96 7.67 -7.32
CA LYS A 8 -7.76 6.92 -8.55
C LYS A 8 -8.18 5.46 -8.39
N VAL A 9 -9.07 5.19 -7.45
CA VAL A 9 -9.50 3.82 -7.18
C VAL A 9 -10.78 3.50 -7.94
N GLY A 10 -11.91 3.79 -7.33
CA GLY A 10 -13.18 3.44 -7.92
C GLY A 10 -13.39 1.94 -7.90
N SER A 11 -13.07 1.33 -6.76
CA SER A 11 -13.12 -0.12 -6.57
C SER A 11 -11.98 -0.82 -7.32
N ALA A 12 -11.32 -0.08 -8.19
CA ALA A 12 -10.25 -0.62 -9.03
C ALA A 12 -9.02 -0.96 -8.20
N GLY A 13 -8.58 0.01 -7.39
CA GLY A 13 -7.45 -0.22 -6.51
C GLY A 13 -7.72 -1.34 -5.53
N LEU A 14 -8.93 -1.33 -4.96
CA LEU A 14 -9.36 -2.33 -4.01
C LEU A 14 -9.33 -3.72 -4.64
N LYS A 15 -9.81 -3.80 -5.87
CA LYS A 15 -9.84 -5.05 -6.63
C LYS A 15 -8.43 -5.63 -6.80
N GLN A 16 -7.43 -4.77 -6.91
CA GLN A 16 -6.05 -5.24 -6.97
C GLN A 16 -5.68 -5.96 -5.69
N LEU A 17 -6.19 -5.45 -4.56
CA LEU A 17 -6.04 -6.11 -3.27
C LEU A 17 -6.80 -7.42 -3.27
N THR A 18 -8.09 -7.34 -3.62
CA THR A 18 -8.95 -8.51 -3.65
C THR A 18 -8.34 -9.60 -4.52
N ASN A 19 -7.58 -9.15 -5.49
CA ASN A 19 -6.89 -10.02 -6.43
C ASN A 19 -5.75 -10.77 -5.75
N LYS A 20 -4.84 -10.03 -5.14
CA LYS A 20 -3.67 -10.62 -4.51
C LYS A 20 -3.99 -11.24 -3.15
N LEU A 21 -4.97 -10.70 -2.45
CA LEU A 21 -5.36 -11.20 -1.14
C LEU A 21 -6.31 -12.38 -1.29
N ASP A 22 -6.82 -12.53 -2.51
CA ASP A 22 -7.70 -13.64 -2.88
C ASP A 22 -9.03 -13.54 -2.14
N ILE A 23 -9.42 -12.32 -1.82
CA ILE A 23 -10.72 -12.03 -1.25
C ILE A 23 -11.66 -11.64 -2.39
N ASN A 24 -12.88 -11.29 -2.06
CA ASN A 24 -13.86 -10.93 -3.07
C ASN A 24 -13.91 -9.42 -3.26
N GLU A 25 -14.60 -8.98 -4.29
CA GLU A 25 -14.66 -7.57 -4.67
C GLU A 25 -15.12 -6.67 -3.54
N CYS A 26 -14.60 -5.45 -3.52
CA CYS A 26 -14.89 -4.50 -2.46
C CYS A 26 -15.14 -3.11 -3.02
N ALA A 27 -16.02 -2.36 -2.36
CA ALA A 27 -16.43 -1.03 -2.81
C ALA A 27 -15.59 0.08 -2.19
N THR A 28 -15.19 -0.12 -0.94
CA THR A 28 -14.41 0.88 -0.22
C THR A 28 -13.27 0.23 0.53
N VAL A 29 -12.45 1.03 1.20
CA VAL A 29 -11.38 0.48 2.03
C VAL A 29 -12.00 -0.32 3.18
N ASP A 30 -13.14 0.16 3.66
CA ASP A 30 -13.88 -0.51 4.71
C ASP A 30 -14.40 -1.86 4.22
N GLU A 31 -14.90 -1.91 2.98
CA GLU A 31 -15.35 -3.17 2.39
C GLU A 31 -14.16 -4.08 2.10
N LEU A 32 -13.03 -3.46 1.77
CA LEU A 32 -11.81 -4.18 1.49
C LEU A 32 -11.27 -4.75 2.78
N VAL A 33 -11.49 -3.97 3.84
CA VAL A 33 -11.12 -4.35 5.17
C VAL A 33 -12.06 -5.43 5.68
N ASP A 34 -13.29 -5.34 5.24
CA ASP A 34 -14.36 -6.26 5.60
C ASP A 34 -13.98 -7.70 5.29
N GLU A 35 -13.35 -7.89 4.15
CA GLU A 35 -12.84 -9.20 3.76
C GLU A 35 -11.61 -9.57 4.55
N ILE A 36 -10.68 -8.63 4.64
CA ILE A 36 -9.43 -8.85 5.34
C ILE A 36 -9.64 -9.27 6.78
N ASN A 37 -10.46 -8.54 7.50
CA ASN A 37 -10.70 -8.83 8.91
C ASN A 37 -11.40 -10.16 9.09
N LYS A 38 -11.95 -10.68 8.01
CA LYS A 38 -12.60 -11.98 8.02
C LYS A 38 -11.61 -13.05 7.59
N SER A 39 -10.55 -12.63 6.94
CA SER A 39 -9.54 -13.53 6.44
C SER A 39 -8.21 -13.26 7.16
N GLY A 40 -7.97 -13.99 8.24
CA GLY A 40 -6.81 -13.74 9.07
C GLY A 40 -5.48 -13.88 8.34
N THR A 41 -5.43 -14.76 7.35
CA THR A 41 -4.22 -14.92 6.53
C THR A 41 -3.96 -13.63 5.77
N VAL A 42 -5.04 -13.06 5.31
CA VAL A 42 -5.04 -11.85 4.54
C VAL A 42 -4.71 -10.65 5.42
N LYS A 43 -5.33 -10.62 6.59
CA LYS A 43 -5.02 -9.62 7.60
C LYS A 43 -3.56 -9.76 8.02
N ARG A 44 -3.10 -10.98 8.05
CA ARG A 44 -1.72 -11.29 8.37
C ARG A 44 -0.80 -10.80 7.27
N LYS A 45 -1.30 -10.80 6.04
CA LYS A 45 -0.54 -10.29 4.90
C LYS A 45 -0.28 -8.81 5.13
N ILE A 46 -1.29 -8.12 5.61
CA ILE A 46 -1.19 -6.72 5.95
C ILE A 46 -0.22 -6.52 7.09
N LYS A 47 -0.42 -7.35 8.09
CA LYS A 47 0.27 -7.24 9.35
C LYS A 47 1.77 -7.42 9.21
N ASN A 48 2.15 -8.50 8.55
CA ASN A 48 3.53 -8.92 8.49
C ASN A 48 4.30 -8.19 7.40
N GLN A 49 3.59 -7.65 6.43
CA GLN A 49 4.24 -7.02 5.29
C GLN A 49 4.14 -5.51 5.38
N SER A 50 5.04 -4.85 4.68
CA SER A 50 5.03 -3.41 4.59
C SER A 50 4.02 -2.98 3.54
N ALA A 51 3.35 -1.87 3.79
CA ALA A 51 2.32 -1.37 2.89
C ALA A 51 2.89 -1.10 1.51
N PHE A 52 4.16 -0.73 1.49
CA PHE A 52 4.92 -0.51 0.27
C PHE A 52 4.89 -1.78 -0.59
N ASP A 53 5.22 -2.91 0.02
CA ASP A 53 5.26 -4.18 -0.67
C ASP A 53 3.87 -4.70 -0.95
N LEU A 54 3.00 -4.53 0.03
CA LEU A 54 1.59 -4.88 -0.08
C LEU A 54 0.96 -4.34 -1.37
N SER A 55 1.15 -3.07 -1.64
CA SER A 55 0.64 -2.45 -2.84
C SER A 55 1.46 -2.87 -4.05
N ARG A 56 2.78 -2.85 -3.88
CA ARG A 56 3.72 -3.25 -4.93
C ARG A 56 3.35 -4.63 -5.50
N GLU A 57 2.98 -5.54 -4.60
CA GLU A 57 2.53 -6.87 -4.99
C GLU A 57 1.30 -6.84 -5.89
N CYS A 58 0.41 -5.88 -5.64
CA CYS A 58 -0.87 -5.84 -6.29
C CYS A 58 -0.72 -5.49 -7.76
N LEU A 59 0.40 -4.89 -8.09
CA LEU A 59 0.71 -4.51 -9.47
C LEU A 59 1.49 -5.60 -10.17
N GLY A 60 1.95 -6.58 -9.40
CA GLY A 60 2.89 -7.55 -9.94
C GLY A 60 4.25 -6.91 -10.11
N TYR A 61 4.43 -5.80 -9.42
CA TYR A 61 5.64 -4.99 -9.51
C TYR A 61 6.87 -5.80 -9.12
N PRO A 62 7.87 -5.80 -10.00
CA PRO A 62 9.16 -6.40 -9.71
C PRO A 62 9.85 -5.60 -8.61
N GLU A 63 10.28 -6.30 -7.58
CA GLU A 63 10.76 -5.69 -6.34
C GLU A 63 11.99 -4.83 -6.57
N ALA A 64 12.87 -5.29 -7.44
CA ALA A 64 14.13 -4.61 -7.70
C ALA A 64 13.90 -3.33 -8.46
N ASP A 65 13.12 -3.44 -9.52
CA ASP A 65 12.86 -2.32 -10.41
C ASP A 65 12.00 -1.30 -9.68
N PHE A 66 11.17 -1.81 -8.79
CA PHE A 66 10.27 -0.96 -8.00
C PHE A 66 11.08 -0.15 -7.00
N ILE A 67 11.97 -0.84 -6.31
CA ILE A 67 12.84 -0.22 -5.34
C ILE A 67 13.77 0.77 -6.02
N THR A 68 14.21 0.42 -7.21
CA THR A 68 15.04 1.27 -8.02
C THR A 68 14.30 2.55 -8.38
N LEU A 69 13.05 2.43 -8.80
CA LEU A 69 12.26 3.60 -9.14
C LEU A 69 12.17 4.53 -7.95
N VAL A 70 11.72 3.98 -6.83
CA VAL A 70 11.49 4.75 -5.62
C VAL A 70 12.79 5.39 -5.13
N ASN A 71 13.91 4.77 -5.53
CA ASN A 71 15.24 5.25 -5.17
C ASN A 71 15.50 6.63 -5.79
N ASN A 72 14.87 6.90 -6.92
CA ASN A 72 15.13 8.12 -7.69
C ASN A 72 13.98 9.10 -7.61
N MET A 73 12.98 8.80 -6.79
CA MET A 73 11.81 9.64 -6.69
C MET A 73 11.74 10.36 -5.36
N ARG A 74 10.66 11.13 -5.20
CA ARG A 74 10.36 11.86 -3.99
C ARG A 74 8.85 11.84 -3.81
N PHE A 75 8.39 11.76 -2.58
CA PHE A 75 6.97 11.55 -2.33
C PHE A 75 6.40 12.56 -1.38
N LYS A 76 5.13 12.86 -1.56
CA LYS A 76 4.39 13.61 -0.57
C LYS A 76 3.48 12.67 0.17
N ILE A 77 3.84 12.42 1.40
CA ILE A 77 3.13 11.47 2.21
C ILE A 77 2.11 12.17 3.09
N GLU A 78 0.94 11.58 3.17
CA GLU A 78 -0.19 12.20 3.84
C GLU A 78 -1.01 11.11 4.51
N ASN A 79 -1.02 11.11 5.84
CA ASN A 79 -1.71 10.07 6.61
C ASN A 79 -1.09 8.70 6.30
N CYS A 80 0.24 8.72 6.15
CA CYS A 80 1.02 7.52 5.81
C CYS A 80 0.67 6.99 4.42
N LYS A 81 0.07 7.84 3.61
CA LYS A 81 -0.29 7.49 2.24
C LYS A 81 0.45 8.40 1.27
N VAL A 82 0.63 7.94 0.04
CA VAL A 82 1.21 8.79 -0.98
C VAL A 82 0.11 9.57 -1.69
N VAL A 83 0.05 10.86 -1.42
CA VAL A 83 -0.96 11.72 -2.01
C VAL A 83 -0.37 12.37 -3.24
N ASN A 84 0.95 12.41 -3.27
CA ASN A 84 1.68 12.84 -4.44
C ASN A 84 2.98 12.05 -4.55
N PHE A 85 3.34 11.74 -5.77
CA PHE A 85 4.59 11.06 -6.07
C PHE A 85 5.25 11.79 -7.22
N ASN A 86 6.55 11.80 -7.25
CA ASN A 86 7.26 12.40 -8.37
C ASN A 86 8.67 11.89 -8.40
N ILE A 87 9.24 11.84 -9.57
CA ILE A 87 10.57 11.32 -9.72
C ILE A 87 11.58 12.46 -9.79
N GLU A 88 12.71 12.23 -9.17
CA GLU A 88 13.76 13.22 -9.11
C GLU A 88 14.78 12.94 -10.20
N ASN A 89 14.97 11.66 -10.49
CA ASN A 89 15.85 11.27 -11.59
C ASN A 89 15.18 10.23 -12.48
N THR A 90 14.88 10.62 -13.71
CA THR A 90 14.15 9.77 -14.63
C THR A 90 15.09 8.86 -15.41
N ASN A 91 16.38 9.12 -15.29
CA ASN A 91 17.40 8.36 -16.02
C ASN A 91 17.31 6.88 -15.70
N CYS A 92 17.20 6.58 -14.42
CA CYS A 92 17.20 5.20 -13.97
C CYS A 92 15.90 4.47 -14.33
N LEU A 93 14.82 5.22 -14.52
CA LEU A 93 13.55 4.58 -14.84
C LEU A 93 13.52 4.15 -16.28
N ASN A 94 14.47 4.64 -17.06
CA ASN A 94 14.52 4.32 -18.50
C ASN A 94 14.53 2.82 -18.78
N ASN A 95 14.91 2.02 -17.80
CA ASN A 95 14.79 0.58 -17.93
C ASN A 95 13.31 0.21 -18.07
N PRO A 96 12.92 -0.49 -19.16
CA PRO A 96 11.52 -0.76 -19.47
C PRO A 96 10.68 -1.11 -18.24
N SER A 97 11.27 -1.91 -17.36
CA SER A 97 10.58 -2.33 -16.16
C SER A 97 10.23 -1.13 -15.28
N ILE A 98 11.21 -0.26 -15.06
CA ILE A 98 11.02 0.90 -14.21
C ILE A 98 9.99 1.84 -14.80
N GLU A 99 10.08 2.08 -16.12
CA GLU A 99 9.14 2.96 -16.81
C GLU A 99 7.73 2.41 -16.67
N THR A 100 7.65 1.10 -16.77
CA THR A 100 6.41 0.38 -16.54
C THR A 100 5.87 0.69 -15.16
N ILE A 101 6.69 0.51 -14.16
CA ILE A 101 6.34 0.75 -12.80
C ILE A 101 5.98 2.21 -12.58
N TYR A 102 6.72 3.09 -13.24
CA TYR A 102 6.55 4.51 -13.09
C TYR A 102 5.27 5.02 -13.76
N ARG A 103 5.06 4.61 -15.00
CA ARG A 103 3.86 5.01 -15.74
C ARG A 103 2.61 4.44 -15.08
N ASN A 104 2.77 3.26 -14.52
CA ASN A 104 1.69 2.52 -13.90
C ASN A 104 1.67 2.80 -12.39
N PHE A 105 2.56 3.70 -11.99
CA PHE A 105 2.76 4.01 -10.57
C PHE A 105 1.51 4.58 -9.93
N ASN A 106 0.69 5.24 -10.73
CA ASN A 106 -0.58 5.80 -10.25
C ASN A 106 -1.44 4.72 -9.62
N GLN A 107 -1.32 3.50 -10.12
CA GLN A 107 -2.04 2.38 -9.55
C GLN A 107 -1.47 2.00 -8.18
N PHE A 108 -0.15 2.01 -8.07
CA PHE A 108 0.49 1.66 -6.79
C PHE A 108 0.15 2.65 -5.70
N VAL A 109 0.21 3.95 -5.99
CA VAL A 109 -0.13 4.94 -4.97
C VAL A 109 -1.60 4.80 -4.59
N SER A 110 -2.43 4.45 -5.58
CA SER A 110 -3.85 4.20 -5.35
C SER A 110 -4.03 3.05 -4.37
N ILE A 111 -3.46 1.93 -4.75
CA ILE A 111 -3.48 0.71 -3.94
C ILE A 111 -2.84 0.94 -2.59
N PHE A 112 -1.76 1.72 -2.57
CA PHE A 112 -1.05 2.02 -1.35
C PHE A 112 -1.94 2.81 -0.39
N ASN A 113 -2.66 3.79 -0.95
CA ASN A 113 -3.61 4.57 -0.16
C ASN A 113 -4.67 3.68 0.47
N VAL A 114 -5.00 2.61 -0.23
CA VAL A 114 -5.91 1.59 0.27
C VAL A 114 -5.27 0.77 1.38
N VAL A 115 -4.10 0.25 1.09
CA VAL A 115 -3.37 -0.62 2.00
C VAL A 115 -3.11 0.07 3.32
N THR A 116 -2.64 1.30 3.23
CA THR A 116 -2.37 2.09 4.40
C THR A 116 -3.65 2.34 5.20
N ASP A 117 -4.77 2.49 4.51
CA ASP A 117 -6.05 2.70 5.20
C ASP A 117 -6.40 1.43 5.96
N VAL A 118 -6.19 0.30 5.31
CA VAL A 118 -6.41 -1.00 5.93
C VAL A 118 -5.59 -1.16 7.19
N LYS A 119 -4.28 -0.98 7.06
CA LYS A 119 -3.38 -1.24 8.17
C LYS A 119 -3.72 -0.35 9.36
N LYS A 120 -4.16 0.87 9.09
CA LYS A 120 -4.53 1.79 10.14
C LYS A 120 -5.83 1.42 10.84
N ARG A 121 -6.77 0.82 10.12
CA ARG A 121 -8.05 0.46 10.72
C ARG A 121 -7.92 -0.78 11.60
N LEU A 122 -7.16 -1.75 11.12
CA LEU A 122 -7.01 -3.02 11.80
C LEU A 122 -5.93 -2.94 12.86
N PHE A 123 -4.81 -2.38 12.46
CA PHE A 123 -3.60 -2.39 13.28
C PHE A 123 -3.30 -1.00 13.82
N GLU A 124 -2.93 -0.10 12.91
CA GLU A 124 -2.45 1.23 13.23
C GLU A 124 -1.17 1.19 14.05
N ASN A 125 -0.38 2.26 13.90
CA ASN A 125 0.96 2.37 14.48
C ASN A 125 1.77 1.09 14.30
N ALA A 126 1.53 0.38 13.21
CA ALA A 126 2.22 -0.88 12.94
C ALA A 126 3.53 -0.64 12.24
N SER A 127 3.85 0.64 12.11
CA SER A 127 5.09 1.08 11.51
C SER A 127 5.46 2.44 12.09
N GLY A 128 5.12 2.63 13.36
CA GLY A 128 5.31 3.92 13.98
C GLY A 128 5.55 3.83 15.47
N ASN A 129 4.51 4.15 16.25
CA ASN A 129 4.62 4.26 17.71
C ASN A 129 5.62 5.33 18.10
N GLY A 130 5.79 6.32 17.23
CA GLY A 130 6.78 7.35 17.45
C GLY A 130 7.83 7.35 16.36
N SER A 131 7.85 6.26 15.59
CA SER A 131 8.76 6.12 14.47
C SER A 131 10.21 6.10 14.93
N GLY A 132 10.64 4.95 15.45
CA GLY A 132 12.00 4.80 15.89
C GLY A 132 12.97 4.77 14.72
N GLY A 133 12.49 4.25 13.61
CA GLY A 133 13.29 4.21 12.40
C GLY A 133 13.17 2.90 11.68
N GLY A 134 14.30 2.33 11.30
CA GLY A 134 14.31 1.08 10.56
C GLY A 134 14.96 1.26 9.20
N LEU A 135 14.58 2.32 8.51
CA LEU A 135 15.17 2.66 7.24
C LEU A 135 15.83 4.02 7.38
N ASN A 136 15.63 4.89 6.40
CA ASN A 136 16.29 6.20 6.33
C ASN A 136 17.78 6.12 6.66
N ASP A 137 18.37 4.99 6.31
CA ASP A 137 19.78 4.74 6.58
C ASP A 137 20.67 5.60 5.71
N ILE A 138 20.43 5.54 4.41
CA ILE A 138 21.21 6.33 3.47
C ILE A 138 20.74 7.77 3.47
N PHE A 139 19.69 8.03 4.24
CA PHE A 139 19.04 9.33 4.26
C PHE A 139 19.51 10.16 5.45
N GLU A 140 20.72 9.88 5.91
CA GLU A 140 21.31 10.63 7.01
C GLU A 140 21.76 12.01 6.53
N ALA A 141 21.92 12.92 7.47
CA ALA A 141 22.29 14.29 7.15
C ALA A 141 23.51 14.71 7.93
N GLN A 142 24.25 15.66 7.36
CA GLN A 142 25.42 16.22 8.00
C GLN A 142 24.99 17.20 9.08
N LYS A 143 24.41 16.64 10.12
CA LYS A 143 23.86 17.39 11.22
C LYS A 143 24.24 16.75 12.54
N ILE A 144 24.49 17.57 13.54
CA ILE A 144 24.72 17.07 14.88
C ILE A 144 23.45 16.43 15.40
N GLU A 145 23.56 15.20 15.83
CA GLU A 145 22.41 14.41 16.20
C GLU A 145 22.25 14.37 17.71
N TRP A 146 21.22 13.68 18.14
CA TRP A 146 20.83 13.65 19.53
C TRP A 146 19.83 12.52 19.76
N HIS A 147 19.88 11.93 20.95
CA HIS A 147 19.01 10.78 21.30
C HIS A 147 19.45 9.51 20.58
N GLU A 148 19.20 8.37 21.20
CA GLU A 148 19.56 7.08 20.62
C GLU A 148 18.44 6.57 19.72
N GLY A 1 -16.95 10.26 -6.13
CA GLY A 1 -15.87 10.66 -7.08
C GLY A 1 -14.93 9.50 -7.34
N ASN A 2 -13.62 9.78 -7.30
CA ASN A 2 -12.62 8.75 -7.51
C ASN A 2 -11.99 8.33 -6.19
N GLY A 3 -12.43 8.98 -5.11
CA GLY A 3 -11.94 8.63 -3.81
C GLY A 3 -11.99 9.79 -2.84
N LYS A 4 -12.54 9.54 -1.67
CA LYS A 4 -12.58 10.52 -0.61
C LYS A 4 -11.50 10.24 0.44
N TYR A 5 -11.64 9.11 1.11
CA TYR A 5 -10.63 8.64 2.05
C TYR A 5 -9.38 8.21 1.27
N PHE A 6 -9.60 7.61 0.11
CA PHE A 6 -8.54 7.29 -0.82
C PHE A 6 -8.58 8.26 -1.99
N SER A 7 -7.87 7.94 -3.06
CA SER A 7 -7.88 8.77 -4.25
C SER A 7 -7.38 7.99 -5.45
N LYS A 8 -7.96 8.27 -6.61
CA LYS A 8 -7.58 7.61 -7.87
C LYS A 8 -7.81 6.11 -7.76
N VAL A 9 -8.85 5.74 -7.03
CA VAL A 9 -9.20 4.35 -6.83
C VAL A 9 -10.34 3.95 -7.76
N GLY A 10 -11.55 4.32 -7.37
CA GLY A 10 -12.72 3.93 -8.12
C GLY A 10 -12.95 2.43 -8.02
N SER A 11 -12.71 1.91 -6.81
CA SER A 11 -12.77 0.48 -6.53
C SER A 11 -11.63 -0.29 -7.21
N ALA A 12 -10.86 0.43 -8.04
CA ALA A 12 -9.75 -0.16 -8.77
C ALA A 12 -8.60 -0.49 -7.84
N GLY A 13 -8.24 0.46 -7.00
CA GLY A 13 -7.23 0.23 -5.98
C GLY A 13 -7.60 -0.94 -5.10
N LEU A 14 -8.86 -0.97 -4.67
CA LEU A 14 -9.37 -2.01 -3.80
C LEU A 14 -9.30 -3.38 -4.48
N LYS A 15 -9.76 -3.44 -5.72
CA LYS A 15 -9.80 -4.68 -6.48
C LYS A 15 -8.42 -5.32 -6.59
N GLN A 16 -7.38 -4.51 -6.67
CA GLN A 16 -6.02 -5.04 -6.77
C GLN A 16 -5.65 -5.80 -5.50
N LEU A 17 -6.20 -5.36 -4.37
CA LEU A 17 -6.07 -6.09 -3.13
C LEU A 17 -6.89 -7.35 -3.19
N THR A 18 -8.15 -7.20 -3.57
CA THR A 18 -9.06 -8.34 -3.69
C THR A 18 -8.46 -9.40 -4.60
N ASN A 19 -7.66 -8.92 -5.53
CA ASN A 19 -6.99 -9.77 -6.50
C ASN A 19 -5.88 -10.59 -5.82
N LYS A 20 -4.97 -9.93 -5.15
CA LYS A 20 -3.86 -10.60 -4.51
C LYS A 20 -4.25 -11.30 -3.20
N LEU A 21 -5.19 -10.71 -2.48
CA LEU A 21 -5.64 -11.28 -1.21
C LEU A 21 -6.65 -12.38 -1.46
N ASP A 22 -7.11 -12.43 -2.70
CA ASP A 22 -8.03 -13.46 -3.18
C ASP A 22 -9.38 -13.36 -2.47
N ILE A 23 -9.70 -12.15 -2.05
CA ILE A 23 -11.00 -11.85 -1.48
C ILE A 23 -11.93 -11.37 -2.58
N ASN A 24 -13.15 -11.03 -2.23
CA ASN A 24 -14.12 -10.60 -3.23
C ASN A 24 -14.05 -9.09 -3.42
N GLU A 25 -14.71 -8.60 -4.45
CA GLU A 25 -14.64 -7.19 -4.81
C GLU A 25 -15.11 -6.30 -3.64
N CYS A 26 -14.62 -5.09 -3.61
CA CYS A 26 -14.89 -4.20 -2.48
C CYS A 26 -15.18 -2.78 -2.95
N ALA A 27 -16.10 -2.12 -2.25
CA ALA A 27 -16.53 -0.77 -2.61
C ALA A 27 -15.71 0.31 -1.92
N THR A 28 -15.28 0.04 -0.71
CA THR A 28 -14.51 1.02 0.06
C THR A 28 -13.36 0.35 0.79
N VAL A 29 -12.55 1.12 1.49
CA VAL A 29 -11.49 0.53 2.31
C VAL A 29 -12.11 -0.27 3.44
N ASP A 30 -13.28 0.17 3.89
CA ASP A 30 -14.03 -0.53 4.91
C ASP A 30 -14.52 -1.87 4.40
N GLU A 31 -15.00 -1.90 3.15
CA GLU A 31 -15.42 -3.14 2.53
C GLU A 31 -14.23 -4.02 2.19
N LEU A 32 -13.13 -3.39 1.84
CA LEU A 32 -11.90 -4.09 1.53
C LEU A 32 -11.36 -4.69 2.82
N VAL A 33 -11.57 -3.94 3.89
CA VAL A 33 -11.21 -4.36 5.21
C VAL A 33 -12.15 -5.44 5.71
N ASP A 34 -13.39 -5.35 5.26
CA ASP A 34 -14.46 -6.27 5.64
C ASP A 34 -14.08 -7.70 5.31
N GLU A 35 -13.48 -7.88 4.16
CA GLU A 35 -13.00 -9.19 3.73
C GLU A 35 -11.74 -9.57 4.49
N ILE A 36 -10.82 -8.63 4.62
CA ILE A 36 -9.58 -8.88 5.31
C ILE A 36 -9.80 -9.30 6.76
N ASN A 37 -10.60 -8.56 7.49
CA ASN A 37 -10.83 -8.84 8.91
C ASN A 37 -11.57 -10.16 9.09
N LYS A 38 -12.18 -10.64 8.02
CA LYS A 38 -12.87 -11.91 8.04
C LYS A 38 -11.89 -13.01 7.67
N SER A 39 -10.88 -12.62 6.92
CA SER A 39 -9.88 -13.55 6.43
C SER A 39 -8.56 -13.33 7.15
N GLY A 40 -8.34 -14.07 8.22
CA GLY A 40 -7.17 -13.87 9.05
C GLY A 40 -5.86 -14.09 8.30
N THR A 41 -5.88 -14.94 7.29
CA THR A 41 -4.72 -15.16 6.44
C THR A 41 -4.42 -13.90 5.66
N VAL A 42 -5.48 -13.30 5.20
CA VAL A 42 -5.43 -12.10 4.40
C VAL A 42 -5.02 -10.90 5.26
N LYS A 43 -5.59 -10.82 6.45
CA LYS A 43 -5.16 -9.85 7.43
C LYS A 43 -3.69 -10.09 7.79
N ARG A 44 -3.33 -11.35 7.79
CA ARG A 44 -1.97 -11.76 8.08
C ARG A 44 -1.04 -11.36 6.94
N LYS A 45 -1.58 -11.28 5.73
CA LYS A 45 -0.82 -10.78 4.59
C LYS A 45 -0.44 -9.34 4.88
N ILE A 46 -1.42 -8.60 5.36
CA ILE A 46 -1.24 -7.20 5.74
C ILE A 46 -0.23 -7.10 6.86
N LYS A 47 -0.44 -7.95 7.84
CA LYS A 47 0.29 -7.95 9.08
C LYS A 47 1.77 -8.24 8.86
N ASN A 48 2.02 -9.29 8.10
CA ASN A 48 3.38 -9.81 7.93
C ASN A 48 4.17 -8.94 6.95
N GLN A 49 3.45 -8.23 6.10
CA GLN A 49 4.09 -7.47 5.04
C GLN A 49 4.01 -5.97 5.32
N SER A 50 4.89 -5.24 4.67
CA SER A 50 4.89 -3.80 4.72
C SER A 50 4.02 -3.26 3.58
N ALA A 51 3.26 -2.22 3.91
CA ALA A 51 2.24 -1.66 3.01
C ALA A 51 2.80 -1.29 1.64
N PHE A 52 4.01 -0.79 1.64
CA PHE A 52 4.74 -0.46 0.42
C PHE A 52 4.89 -1.69 -0.45
N ASP A 53 5.31 -2.78 0.18
CA ASP A 53 5.48 -4.05 -0.48
C ASP A 53 4.12 -4.64 -0.85
N LEU A 54 3.17 -4.57 0.08
CA LEU A 54 1.79 -5.01 -0.13
C LEU A 54 1.21 -4.45 -1.42
N SER A 55 1.32 -3.15 -1.58
CA SER A 55 0.76 -2.46 -2.72
C SER A 55 1.56 -2.79 -3.97
N ARG A 56 2.88 -2.71 -3.84
CA ARG A 56 3.80 -3.03 -4.93
C ARG A 56 3.47 -4.40 -5.52
N GLU A 57 3.26 -5.36 -4.63
CA GLU A 57 2.96 -6.73 -5.01
C GLU A 57 1.67 -6.85 -5.81
N CYS A 58 0.72 -5.97 -5.50
CA CYS A 58 -0.58 -5.99 -6.14
C CYS A 58 -0.46 -5.64 -7.62
N LEU A 59 0.66 -5.08 -7.97
CA LEU A 59 0.96 -4.70 -9.34
C LEU A 59 1.80 -5.76 -10.04
N GLY A 60 2.29 -6.72 -9.27
CA GLY A 60 3.29 -7.63 -9.78
C GLY A 60 4.60 -6.91 -10.00
N TYR A 61 4.72 -5.76 -9.35
CA TYR A 61 5.87 -4.88 -9.49
C TYR A 61 7.16 -5.57 -9.10
N PRO A 62 8.13 -5.58 -10.02
CA PRO A 62 9.47 -6.07 -9.73
C PRO A 62 10.07 -5.29 -8.57
N GLU A 63 10.55 -6.02 -7.57
CA GLU A 63 10.91 -5.43 -6.28
C GLU A 63 12.10 -4.50 -6.40
N ALA A 64 13.12 -4.92 -7.14
CA ALA A 64 14.34 -4.15 -7.28
C ALA A 64 14.10 -2.90 -8.08
N ASP A 65 13.37 -3.08 -9.18
CA ASP A 65 13.10 -2.00 -10.10
C ASP A 65 12.18 -1.00 -9.43
N PHE A 66 11.32 -1.50 -8.57
CA PHE A 66 10.39 -0.67 -7.82
C PHE A 66 11.15 0.15 -6.80
N ILE A 67 12.05 -0.52 -6.09
CA ILE A 67 12.87 0.11 -5.08
C ILE A 67 13.79 1.15 -5.72
N THR A 68 14.19 0.88 -6.96
CA THR A 68 14.97 1.81 -7.74
C THR A 68 14.15 3.04 -8.11
N LEU A 69 12.94 2.82 -8.61
CA LEU A 69 12.05 3.92 -8.96
C LEU A 69 11.76 4.79 -7.74
N VAL A 70 11.48 4.16 -6.61
CA VAL A 70 11.22 4.90 -5.40
C VAL A 70 12.47 5.67 -4.97
N ASN A 71 13.62 5.16 -5.40
CA ASN A 71 14.91 5.75 -5.09
C ASN A 71 15.21 6.96 -5.99
N ASN A 72 14.69 6.94 -7.22
CA ASN A 72 14.94 8.03 -8.17
C ASN A 72 13.78 9.00 -8.24
N MET A 73 12.80 8.82 -7.36
CA MET A 73 11.66 9.70 -7.29
C MET A 73 11.54 10.36 -5.94
N ARG A 74 10.50 11.16 -5.83
CA ARG A 74 10.24 11.95 -4.64
C ARG A 74 8.78 11.79 -4.27
N PHE A 75 8.48 11.73 -2.99
CA PHE A 75 7.12 11.45 -2.57
C PHE A 75 6.65 12.43 -1.52
N LYS A 76 5.39 12.79 -1.61
CA LYS A 76 4.74 13.51 -0.56
C LYS A 76 3.79 12.56 0.13
N ILE A 77 4.18 12.16 1.33
CA ILE A 77 3.39 11.21 2.09
C ILE A 77 2.46 11.96 3.01
N GLU A 78 1.22 11.56 2.97
CA GLU A 78 0.17 12.31 3.64
C GLU A 78 -0.65 11.35 4.47
N ASN A 79 -0.58 11.47 5.79
CA ASN A 79 -1.30 10.59 6.68
C ASN A 79 -0.86 9.14 6.44
N CYS A 80 0.45 8.99 6.18
CA CYS A 80 1.08 7.68 5.90
C CYS A 80 0.68 7.15 4.52
N LYS A 81 0.09 8.01 3.70
CA LYS A 81 -0.40 7.60 2.39
C LYS A 81 0.15 8.53 1.32
N VAL A 82 0.76 7.99 0.28
CA VAL A 82 1.30 8.82 -0.80
C VAL A 82 0.19 9.59 -1.49
N VAL A 83 0.20 10.89 -1.28
CA VAL A 83 -0.80 11.77 -1.87
C VAL A 83 -0.25 12.28 -3.19
N ASN A 84 1.06 12.38 -3.24
CA ASN A 84 1.74 12.74 -4.46
C ASN A 84 3.06 12.00 -4.62
N PHE A 85 3.35 11.62 -5.85
CA PHE A 85 4.61 10.97 -6.22
C PHE A 85 5.17 11.71 -7.43
N ASN A 86 6.48 11.87 -7.50
CA ASN A 86 7.07 12.51 -8.66
C ASN A 86 8.54 12.17 -8.75
N ILE A 87 8.95 11.70 -9.90
CA ILE A 87 10.31 11.32 -10.15
C ILE A 87 11.27 12.50 -10.08
N GLU A 88 12.47 12.22 -9.61
CA GLU A 88 13.52 13.21 -9.51
C GLU A 88 14.47 13.03 -10.68
N ASN A 89 14.72 11.77 -11.02
CA ASN A 89 15.59 11.44 -12.15
C ASN A 89 14.97 10.37 -13.03
N THR A 90 14.58 10.77 -14.23
CA THR A 90 13.87 9.90 -15.14
C THR A 90 14.84 8.96 -15.86
N ASN A 91 16.09 9.36 -15.93
CA ASN A 91 17.12 8.56 -16.58
C ASN A 91 17.21 7.19 -15.96
N CYS A 92 17.04 7.14 -14.64
CA CYS A 92 17.13 5.89 -13.91
C CYS A 92 15.93 4.99 -14.15
N LEU A 93 14.80 5.53 -14.60
CA LEU A 93 13.66 4.69 -14.91
C LEU A 93 13.68 4.27 -16.36
N ASN A 94 14.59 4.85 -17.11
CA ASN A 94 14.74 4.54 -18.54
C ASN A 94 14.89 3.04 -18.81
N ASN A 95 15.23 2.27 -17.79
CA ASN A 95 15.16 0.82 -17.87
C ASN A 95 13.70 0.42 -18.00
N PRO A 96 13.34 -0.30 -19.09
CA PRO A 96 11.96 -0.71 -19.39
C PRO A 96 11.21 -1.22 -18.18
N SER A 97 11.94 -1.89 -17.30
CA SER A 97 11.39 -2.43 -16.09
C SER A 97 10.87 -1.31 -15.18
N ILE A 98 11.64 -0.23 -15.06
CA ILE A 98 11.26 0.88 -14.20
C ILE A 98 10.13 1.68 -14.84
N GLU A 99 10.20 1.88 -16.16
CA GLU A 99 9.19 2.65 -16.89
C GLU A 99 7.83 1.99 -16.73
N THR A 100 7.87 0.67 -16.74
CA THR A 100 6.70 -0.14 -16.52
C THR A 100 6.05 0.21 -15.18
N ILE A 101 6.86 0.22 -14.15
CA ILE A 101 6.41 0.53 -12.83
C ILE A 101 5.99 1.98 -12.72
N TYR A 102 6.74 2.85 -13.38
CA TYR A 102 6.54 4.28 -13.30
C TYR A 102 5.23 4.71 -13.96
N ARG A 103 5.01 4.23 -15.17
CA ARG A 103 3.82 4.60 -15.93
C ARG A 103 2.56 4.19 -15.20
N ASN A 104 2.63 3.03 -14.56
CA ASN A 104 1.49 2.45 -13.89
C ASN A 104 1.53 2.77 -12.42
N PHE A 105 2.46 3.63 -12.04
CA PHE A 105 2.72 3.94 -10.63
C PHE A 105 1.48 4.46 -9.94
N ASN A 106 0.60 5.10 -10.69
CA ASN A 106 -0.65 5.61 -10.16
C ASN A 106 -1.44 4.49 -9.49
N GLN A 107 -1.35 3.29 -10.06
CA GLN A 107 -1.99 2.11 -9.51
C GLN A 107 -1.44 1.83 -8.11
N PHE A 108 -0.12 1.87 -7.98
CA PHE A 108 0.52 1.56 -6.71
C PHE A 108 0.13 2.53 -5.61
N VAL A 109 0.17 3.83 -5.89
CA VAL A 109 -0.15 4.81 -4.86
C VAL A 109 -1.63 4.67 -4.47
N SER A 110 -2.48 4.32 -5.44
CA SER A 110 -3.88 4.05 -5.18
C SER A 110 -4.02 2.88 -4.22
N ILE A 111 -3.42 1.77 -4.62
CA ILE A 111 -3.40 0.55 -3.82
C ILE A 111 -2.77 0.82 -2.46
N PHE A 112 -1.71 1.60 -2.44
CA PHE A 112 -1.01 1.93 -1.22
C PHE A 112 -1.88 2.72 -0.28
N ASN A 113 -2.63 3.67 -0.84
CA ASN A 113 -3.58 4.46 -0.07
C ASN A 113 -4.64 3.57 0.56
N VAL A 114 -4.96 2.49 -0.14
CA VAL A 114 -5.89 1.49 0.35
C VAL A 114 -5.25 0.65 1.45
N VAL A 115 -4.10 0.08 1.11
CA VAL A 115 -3.38 -0.83 1.99
C VAL A 115 -3.07 -0.16 3.32
N THR A 116 -2.60 1.06 3.22
CA THR A 116 -2.27 1.85 4.38
C THR A 116 -3.50 2.12 5.23
N ASP A 117 -4.65 2.29 4.60
CA ASP A 117 -5.87 2.52 5.37
C ASP A 117 -6.23 1.24 6.10
N VAL A 118 -6.06 0.11 5.43
CA VAL A 118 -6.29 -1.20 6.03
C VAL A 118 -5.42 -1.39 7.27
N LYS A 119 -4.11 -1.22 7.10
CA LYS A 119 -3.18 -1.44 8.19
C LYS A 119 -3.45 -0.49 9.36
N LYS A 120 -3.91 0.72 9.04
CA LYS A 120 -4.27 1.69 10.07
C LYS A 120 -5.55 1.28 10.81
N ARG A 121 -6.52 0.72 10.11
CA ARG A 121 -7.80 0.38 10.74
C ARG A 121 -7.68 -0.86 11.61
N LEU A 122 -7.02 -1.88 11.09
CA LEU A 122 -6.93 -3.17 11.79
C LEU A 122 -5.84 -3.14 12.83
N PHE A 123 -4.69 -2.66 12.41
CA PHE A 123 -3.48 -2.76 13.21
C PHE A 123 -3.21 -1.44 13.93
N GLU A 124 -2.45 -0.54 13.29
CA GLU A 124 -2.05 0.75 13.84
C GLU A 124 -1.44 0.63 15.24
N ASN A 125 -2.29 0.64 16.26
CA ASN A 125 -1.83 0.57 17.65
C ASN A 125 -1.50 -0.88 18.03
N ALA A 126 -1.77 -1.80 17.12
CA ALA A 126 -1.38 -3.20 17.30
C ALA A 126 0.13 -3.31 17.37
N SER A 127 0.62 -4.08 18.35
CA SER A 127 2.05 -4.18 18.61
C SER A 127 2.64 -2.78 18.76
N GLY A 128 1.90 -1.91 19.43
CA GLY A 128 2.31 -0.53 19.58
C GLY A 128 2.60 -0.18 21.02
N ASN A 129 3.19 -1.12 21.74
CA ASN A 129 3.60 -0.87 23.11
C ASN A 129 4.81 0.05 23.13
N GLY A 130 5.54 0.06 22.02
CA GLY A 130 6.67 0.95 21.88
C GLY A 130 6.23 2.34 21.46
N SER A 131 5.05 2.40 20.84
CA SER A 131 4.44 3.65 20.40
C SER A 131 5.32 4.33 19.36
N GLY A 132 5.17 3.91 18.10
CA GLY A 132 5.95 4.46 17.02
C GLY A 132 5.60 5.91 16.74
N GLY A 133 4.40 6.32 17.14
CA GLY A 133 3.98 7.68 16.94
C GLY A 133 3.37 8.25 18.20
N GLY A 134 4.19 8.41 19.22
CA GLY A 134 3.70 8.91 20.49
C GLY A 134 4.07 10.36 20.73
N LEU A 135 5.24 10.58 21.33
CA LEU A 135 5.66 11.93 21.70
C LEU A 135 6.11 12.73 20.48
N ASN A 136 7.13 12.23 19.79
CA ASN A 136 7.72 12.96 18.68
C ASN A 136 6.83 12.91 17.44
N ASP A 137 5.60 12.53 17.68
CA ASP A 137 4.60 12.50 16.64
C ASP A 137 3.99 13.86 16.51
N ILE A 138 3.88 14.55 17.64
CA ILE A 138 3.32 15.88 17.65
C ILE A 138 4.43 16.91 17.38
N PHE A 139 5.67 16.48 17.54
CA PHE A 139 6.82 17.37 17.38
C PHE A 139 7.49 17.17 16.02
N GLU A 140 6.68 16.97 14.99
CA GLU A 140 7.20 16.80 13.63
C GLU A 140 7.62 18.15 13.06
N ALA A 141 8.91 18.43 13.12
CA ALA A 141 9.45 19.70 12.65
C ALA A 141 10.81 19.51 12.05
N GLN A 142 11.21 20.44 11.20
CA GLN A 142 12.51 20.42 10.57
C GLN A 142 13.54 21.08 11.46
N LYS A 143 13.91 20.38 12.52
CA LYS A 143 14.87 20.87 13.51
C LYS A 143 16.24 21.08 12.88
N ILE A 144 16.80 22.25 13.12
CA ILE A 144 18.09 22.62 12.58
C ILE A 144 19.08 22.87 13.71
N GLU A 145 20.32 22.47 13.51
CA GLU A 145 21.37 22.67 14.47
C GLU A 145 21.83 24.11 14.49
N TRP A 146 21.23 24.88 15.39
CA TRP A 146 21.60 26.28 15.60
C TRP A 146 21.22 27.15 14.41
N HIS A 147 20.40 28.17 14.67
CA HIS A 147 20.02 29.11 13.62
C HIS A 147 20.01 30.53 14.16
N GLU A 148 20.29 31.48 13.30
CA GLU A 148 20.31 32.88 13.67
C GLU A 148 19.05 33.57 13.14
N GLY A 1 -13.66 14.52 -4.31
CA GLY A 1 -14.33 13.29 -4.78
C GLY A 1 -13.33 12.23 -5.20
N ASN A 2 -13.85 11.14 -5.77
CA ASN A 2 -13.02 10.02 -6.29
C ASN A 2 -12.47 9.16 -5.14
N GLY A 3 -12.04 9.81 -4.07
CA GLY A 3 -11.53 9.10 -2.92
C GLY A 3 -11.31 10.02 -1.75
N LYS A 4 -11.71 9.57 -0.57
CA LYS A 4 -11.51 10.35 0.63
C LYS A 4 -10.27 9.84 1.38
N TYR A 5 -10.42 8.68 2.00
CA TYR A 5 -9.29 8.02 2.65
C TYR A 5 -8.24 7.62 1.62
N PHE A 6 -8.70 7.34 0.41
CA PHE A 6 -7.82 7.03 -0.69
C PHE A 6 -7.91 8.11 -1.75
N SER A 7 -7.31 7.86 -2.91
CA SER A 7 -7.35 8.82 -3.99
C SER A 7 -7.22 8.09 -5.33
N LYS A 8 -8.05 8.50 -6.30
CA LYS A 8 -8.05 7.89 -7.63
C LYS A 8 -8.26 6.39 -7.56
N VAL A 9 -9.21 5.97 -6.74
CA VAL A 9 -9.54 4.57 -6.60
C VAL A 9 -10.88 4.28 -7.26
N GLY A 10 -11.95 4.59 -6.55
CA GLY A 10 -13.30 4.31 -7.04
C GLY A 10 -13.53 2.82 -7.17
N SER A 11 -13.11 2.08 -6.13
CA SER A 11 -13.19 0.62 -6.09
C SER A 11 -12.15 -0.04 -7.00
N ALA A 12 -11.54 0.76 -7.86
CA ALA A 12 -10.54 0.26 -8.81
C ALA A 12 -9.30 -0.24 -8.07
N GLY A 13 -8.77 0.61 -7.19
CA GLY A 13 -7.62 0.24 -6.38
C GLY A 13 -7.92 -0.93 -5.47
N LEU A 14 -9.10 -0.89 -4.85
CA LEU A 14 -9.52 -1.93 -3.93
C LEU A 14 -9.53 -3.29 -4.61
N LYS A 15 -10.06 -3.32 -5.82
CA LYS A 15 -10.13 -4.54 -6.60
C LYS A 15 -8.74 -5.14 -6.85
N GLN A 16 -7.73 -4.30 -7.01
CA GLN A 16 -6.36 -4.77 -7.17
C GLN A 16 -5.88 -5.45 -5.89
N LEU A 17 -6.40 -5.02 -4.75
CA LEU A 17 -6.18 -5.72 -3.49
C LEU A 17 -6.90 -7.04 -3.50
N THR A 18 -8.19 -6.98 -3.79
CA THR A 18 -9.03 -8.17 -3.85
C THR A 18 -8.44 -9.19 -4.80
N ASN A 19 -7.70 -8.68 -5.77
CA ASN A 19 -7.00 -9.50 -6.74
C ASN A 19 -5.92 -10.35 -6.05
N LYS A 20 -5.03 -9.70 -5.33
CA LYS A 20 -3.94 -10.39 -4.65
C LYS A 20 -4.38 -11.04 -3.34
N LEU A 21 -5.37 -10.46 -2.69
CA LEU A 21 -5.88 -11.00 -1.42
C LEU A 21 -6.85 -12.13 -1.69
N ASP A 22 -7.26 -12.21 -2.95
CA ASP A 22 -8.17 -13.25 -3.42
C ASP A 22 -9.53 -13.17 -2.72
N ILE A 23 -9.88 -11.96 -2.30
CA ILE A 23 -11.17 -11.71 -1.69
C ILE A 23 -12.11 -11.17 -2.76
N ASN A 24 -13.34 -10.89 -2.36
CA ASN A 24 -14.33 -10.35 -3.29
C ASN A 24 -14.14 -8.86 -3.49
N GLU A 25 -14.79 -8.34 -4.51
CA GLU A 25 -14.65 -6.93 -4.88
C GLU A 25 -15.22 -6.01 -3.82
N CYS A 26 -14.45 -4.98 -3.47
CA CYS A 26 -14.77 -4.12 -2.34
C CYS A 26 -15.13 -2.71 -2.78
N ALA A 27 -15.99 -2.07 -1.99
CA ALA A 27 -16.47 -0.72 -2.31
C ALA A 27 -15.64 0.37 -1.64
N THR A 28 -15.18 0.10 -0.43
CA THR A 28 -14.38 1.07 0.31
C THR A 28 -13.21 0.38 0.99
N VAL A 29 -12.33 1.13 1.66
CA VAL A 29 -11.26 0.49 2.42
C VAL A 29 -11.86 -0.32 3.56
N ASP A 30 -12.97 0.19 4.10
CA ASP A 30 -13.70 -0.48 5.16
C ASP A 30 -14.27 -1.80 4.68
N GLU A 31 -14.76 -1.82 3.43
CA GLU A 31 -15.21 -3.07 2.83
C GLU A 31 -14.04 -3.96 2.48
N LEU A 32 -12.96 -3.35 2.01
CA LEU A 32 -11.76 -4.09 1.64
C LEU A 32 -11.20 -4.70 2.91
N VAL A 33 -11.40 -3.97 3.99
CA VAL A 33 -11.01 -4.40 5.31
C VAL A 33 -11.96 -5.46 5.82
N ASP A 34 -13.22 -5.37 5.41
CA ASP A 34 -14.26 -6.28 5.86
C ASP A 34 -13.86 -7.72 5.62
N GLU A 35 -13.44 -8.00 4.40
CA GLU A 35 -13.02 -9.31 4.04
C GLU A 35 -11.71 -9.69 4.68
N ILE A 36 -10.76 -8.77 4.65
CA ILE A 36 -9.46 -9.01 5.27
C ILE A 36 -9.59 -9.39 6.74
N ASN A 37 -10.26 -8.55 7.52
CA ASN A 37 -10.37 -8.77 8.96
C ASN A 37 -11.11 -10.07 9.26
N LYS A 38 -11.90 -10.52 8.30
CA LYS A 38 -12.65 -11.75 8.46
C LYS A 38 -11.80 -12.94 8.04
N SER A 39 -10.79 -12.67 7.22
CA SER A 39 -9.90 -13.71 6.77
C SER A 39 -8.53 -13.50 7.37
N GLY A 40 -8.28 -14.17 8.50
CA GLY A 40 -7.06 -13.94 9.24
C GLY A 40 -5.80 -14.24 8.45
N THR A 41 -5.92 -15.05 7.41
CA THR A 41 -4.81 -15.36 6.52
C THR A 41 -4.48 -14.15 5.68
N VAL A 42 -5.54 -13.52 5.22
CA VAL A 42 -5.45 -12.34 4.39
C VAL A 42 -4.99 -11.15 5.22
N LYS A 43 -5.56 -11.03 6.42
CA LYS A 43 -5.11 -10.03 7.38
C LYS A 43 -3.66 -10.29 7.75
N ARG A 44 -3.32 -11.55 7.80
CA ARG A 44 -1.96 -11.98 8.11
C ARG A 44 -1.03 -11.65 6.95
N LYS A 45 -1.57 -11.60 5.73
CA LYS A 45 -0.79 -11.17 4.59
C LYS A 45 -0.40 -9.72 4.79
N ILE A 46 -1.36 -8.94 5.27
CA ILE A 46 -1.12 -7.55 5.63
C ILE A 46 -0.07 -7.47 6.72
N LYS A 47 -0.27 -8.30 7.71
CA LYS A 47 0.52 -8.30 8.92
C LYS A 47 1.99 -8.56 8.63
N ASN A 48 2.25 -9.57 7.83
CA ASN A 48 3.61 -10.00 7.54
C ASN A 48 4.28 -9.06 6.56
N GLN A 49 3.47 -8.47 5.70
CA GLN A 49 3.99 -7.69 4.59
C GLN A 49 3.95 -6.20 4.92
N SER A 50 4.80 -5.47 4.24
CA SER A 50 4.82 -4.02 4.38
C SER A 50 3.85 -3.41 3.40
N ALA A 51 3.27 -2.26 3.71
CA ALA A 51 2.27 -1.67 2.84
C ALA A 51 2.86 -1.33 1.47
N PHE A 52 4.07 -0.82 1.49
CA PHE A 52 4.82 -0.48 0.28
C PHE A 52 5.05 -1.74 -0.56
N ASP A 53 5.22 -2.86 0.14
CA ASP A 53 5.36 -4.17 -0.49
C ASP A 53 4.00 -4.67 -0.99
N LEU A 54 3.01 -4.61 -0.09
CA LEU A 54 1.63 -5.03 -0.34
C LEU A 54 1.08 -4.44 -1.62
N SER A 55 1.18 -3.14 -1.76
CA SER A 55 0.67 -2.44 -2.91
C SER A 55 1.49 -2.79 -4.13
N ARG A 56 2.80 -2.79 -3.94
CA ARG A 56 3.76 -3.20 -4.97
C ARG A 56 3.36 -4.54 -5.59
N GLU A 57 3.02 -5.50 -4.73
CA GLU A 57 2.64 -6.83 -5.18
C GLU A 57 1.36 -6.83 -5.98
N CYS A 58 0.49 -5.87 -5.73
CA CYS A 58 -0.81 -5.82 -6.38
C CYS A 58 -0.65 -5.44 -7.85
N LEU A 59 0.51 -4.93 -8.17
CA LEU A 59 0.86 -4.57 -9.54
C LEU A 59 1.74 -5.63 -10.17
N GLY A 60 2.17 -6.58 -9.36
CA GLY A 60 3.20 -7.52 -9.79
C GLY A 60 4.52 -6.81 -9.97
N TYR A 61 4.74 -5.79 -9.17
CA TYR A 61 5.92 -4.95 -9.27
C TYR A 61 7.18 -5.68 -8.83
N PRO A 62 8.17 -5.70 -9.71
CA PRO A 62 9.50 -6.21 -9.38
C PRO A 62 10.10 -5.39 -8.27
N GLU A 63 10.55 -6.05 -7.22
CA GLU A 63 10.91 -5.40 -5.97
C GLU A 63 12.15 -4.53 -6.11
N ALA A 64 13.10 -5.01 -6.89
CA ALA A 64 14.36 -4.33 -7.08
C ALA A 64 14.15 -3.06 -7.90
N ASP A 65 13.41 -3.22 -8.98
CA ASP A 65 13.16 -2.13 -9.90
C ASP A 65 12.25 -1.11 -9.26
N PHE A 66 11.37 -1.61 -8.40
CA PHE A 66 10.43 -0.76 -7.69
C PHE A 66 11.17 0.09 -6.67
N ILE A 67 12.08 -0.55 -5.97
CA ILE A 67 12.91 0.10 -5.00
C ILE A 67 13.84 1.11 -5.68
N THR A 68 14.27 0.75 -6.89
CA THR A 68 15.06 1.61 -7.71
C THR A 68 14.29 2.85 -8.11
N LEU A 69 13.07 2.66 -8.61
CA LEU A 69 12.25 3.80 -9.01
C LEU A 69 12.06 4.76 -7.86
N VAL A 70 11.59 4.23 -6.74
CA VAL A 70 11.31 5.02 -5.57
C VAL A 70 12.57 5.73 -5.08
N ASN A 71 13.72 5.16 -5.42
CA ASN A 71 15.01 5.71 -5.03
C ASN A 71 15.32 7.00 -5.79
N ASN A 72 14.64 7.21 -6.91
CA ASN A 72 14.92 8.36 -7.78
C ASN A 72 13.75 9.33 -7.82
N MET A 73 12.75 9.10 -6.99
CA MET A 73 11.56 9.92 -6.99
C MET A 73 11.45 10.74 -5.71
N ARG A 74 10.35 11.48 -5.64
CA ARG A 74 10.01 12.29 -4.49
C ARG A 74 8.51 12.14 -4.25
N PHE A 75 8.13 12.11 -2.99
CA PHE A 75 6.74 11.81 -2.66
C PHE A 75 6.17 12.83 -1.70
N LYS A 76 4.87 12.97 -1.74
CA LYS A 76 4.15 13.71 -0.74
C LYS A 76 3.23 12.76 -0.01
N ILE A 77 3.55 12.54 1.24
CA ILE A 77 2.81 11.57 2.04
C ILE A 77 1.70 12.28 2.81
N GLU A 78 0.55 11.62 2.87
CA GLU A 78 -0.64 12.19 3.46
C GLU A 78 -1.38 11.09 4.20
N ASN A 79 -1.45 11.19 5.52
CA ASN A 79 -2.11 10.17 6.33
C ASN A 79 -1.41 8.82 6.12
N CYS A 80 -0.07 8.89 6.04
CA CYS A 80 0.79 7.71 5.84
C CYS A 80 0.64 7.13 4.43
N LYS A 81 0.00 7.88 3.55
CA LYS A 81 -0.26 7.42 2.19
C LYS A 81 0.40 8.36 1.18
N VAL A 82 0.64 7.87 -0.02
CA VAL A 82 1.17 8.73 -1.06
C VAL A 82 0.02 9.45 -1.77
N VAL A 83 -0.09 10.74 -1.52
CA VAL A 83 -1.15 11.53 -2.13
C VAL A 83 -0.61 12.16 -3.39
N ASN A 84 0.70 12.32 -3.42
CA ASN A 84 1.39 12.76 -4.61
C ASN A 84 2.73 12.07 -4.76
N PHE A 85 3.07 11.74 -6.00
CA PHE A 85 4.34 11.10 -6.34
C PHE A 85 4.91 11.80 -7.55
N ASN A 86 6.24 11.88 -7.62
CA ASN A 86 6.90 12.41 -8.80
C ASN A 86 8.32 11.93 -8.81
N ILE A 87 8.91 11.87 -9.98
CA ILE A 87 10.26 11.38 -10.10
C ILE A 87 11.24 12.55 -10.19
N GLU A 88 12.40 12.35 -9.60
CA GLU A 88 13.44 13.36 -9.61
C GLU A 88 14.43 13.02 -10.71
N ASN A 89 14.71 11.74 -10.86
CA ASN A 89 15.64 11.29 -11.89
C ASN A 89 15.03 10.19 -12.74
N THR A 90 14.77 10.50 -14.00
CA THR A 90 14.10 9.57 -14.89
C THR A 90 15.10 8.66 -15.59
N ASN A 91 16.36 9.01 -15.52
CA ASN A 91 17.42 8.26 -16.19
C ASN A 91 17.48 6.84 -15.67
N CYS A 92 17.29 6.67 -14.38
CA CYS A 92 17.33 5.35 -13.77
C CYS A 92 16.07 4.54 -14.12
N LEU A 93 14.97 5.21 -14.46
CA LEU A 93 13.78 4.49 -14.88
C LEU A 93 13.88 4.12 -16.34
N ASN A 94 14.91 4.61 -17.02
CA ASN A 94 15.15 4.27 -18.43
C ASN A 94 15.20 2.77 -18.66
N ASN A 95 15.45 2.00 -17.61
CA ASN A 95 15.31 0.55 -17.68
C ASN A 95 13.83 0.22 -17.85
N PRO A 96 13.49 -0.53 -18.91
CA PRO A 96 12.11 -0.92 -19.24
C PRO A 96 11.32 -1.40 -18.04
N SER A 97 12.01 -2.04 -17.11
CA SER A 97 11.40 -2.57 -15.92
C SER A 97 10.86 -1.42 -15.06
N ILE A 98 11.67 -0.38 -14.91
CA ILE A 98 11.31 0.76 -14.07
C ILE A 98 10.20 1.57 -14.72
N GLU A 99 10.31 1.77 -16.04
CA GLU A 99 9.31 2.53 -16.79
C GLU A 99 7.95 1.88 -16.61
N THR A 100 7.97 0.56 -16.63
CA THR A 100 6.80 -0.25 -16.41
C THR A 100 6.14 0.09 -15.08
N ILE A 101 6.95 0.12 -14.04
CA ILE A 101 6.49 0.44 -12.72
C ILE A 101 6.06 1.90 -12.63
N TYR A 102 6.83 2.77 -13.25
CA TYR A 102 6.63 4.19 -13.15
C TYR A 102 5.37 4.64 -13.89
N ARG A 103 5.17 4.11 -15.08
CA ARG A 103 4.02 4.47 -15.90
C ARG A 103 2.72 4.09 -15.19
N ASN A 104 2.74 2.94 -14.55
CA ASN A 104 1.55 2.42 -13.88
C ASN A 104 1.59 2.74 -12.40
N PHE A 105 2.51 3.63 -12.03
CA PHE A 105 2.74 3.95 -10.63
C PHE A 105 1.49 4.51 -9.99
N ASN A 106 0.66 5.17 -10.78
CA ASN A 106 -0.59 5.73 -10.28
C ASN A 106 -1.45 4.64 -9.66
N GLN A 107 -1.35 3.43 -10.19
CA GLN A 107 -2.03 2.29 -9.64
C GLN A 107 -1.49 1.97 -8.25
N PHE A 108 -0.17 1.96 -8.11
CA PHE A 108 0.45 1.63 -6.84
C PHE A 108 0.07 2.61 -5.75
N VAL A 109 0.12 3.91 -6.03
CA VAL A 109 -0.21 4.89 -5.01
C VAL A 109 -1.69 4.75 -4.61
N SER A 110 -2.53 4.42 -5.59
CA SER A 110 -3.95 4.18 -5.34
C SER A 110 -4.10 3.01 -4.36
N ILE A 111 -3.49 1.90 -4.75
CA ILE A 111 -3.47 0.68 -3.95
C ILE A 111 -2.83 0.93 -2.58
N PHE A 112 -1.76 1.71 -2.58
CA PHE A 112 -1.03 1.99 -1.36
C PHE A 112 -1.87 2.78 -0.37
N ASN A 113 -2.62 3.74 -0.89
CA ASN A 113 -3.54 4.53 -0.07
C ASN A 113 -4.54 3.62 0.61
N VAL A 114 -4.92 2.56 -0.09
CA VAL A 114 -5.84 1.56 0.44
C VAL A 114 -5.17 0.68 1.49
N VAL A 115 -4.05 0.10 1.10
CA VAL A 115 -3.30 -0.83 1.96
C VAL A 115 -2.94 -0.16 3.27
N THR A 116 -2.47 1.06 3.15
CA THR A 116 -2.10 1.85 4.30
C THR A 116 -3.30 2.07 5.22
N ASP A 117 -4.48 2.25 4.63
CA ASP A 117 -5.67 2.44 5.45
C ASP A 117 -6.01 1.15 6.17
N VAL A 118 -5.83 0.04 5.46
CA VAL A 118 -6.04 -1.29 6.03
C VAL A 118 -5.17 -1.49 7.27
N LYS A 119 -3.86 -1.31 7.12
CA LYS A 119 -2.94 -1.52 8.22
C LYS A 119 -3.26 -0.57 9.38
N LYS A 120 -3.71 0.64 9.06
CA LYS A 120 -4.08 1.63 10.06
C LYS A 120 -5.35 1.24 10.82
N ARG A 121 -6.24 0.49 10.18
CA ARG A 121 -7.50 0.11 10.81
C ARG A 121 -7.37 -1.14 11.68
N LEU A 122 -6.59 -2.10 11.20
CA LEU A 122 -6.53 -3.41 11.85
C LEU A 122 -5.41 -3.48 12.86
N PHE A 123 -4.25 -3.02 12.44
CA PHE A 123 -3.01 -3.21 13.19
C PHE A 123 -2.69 -1.97 13.99
N GLU A 124 -3.54 -1.00 13.80
CA GLU A 124 -3.48 0.26 14.48
C GLU A 124 -4.91 0.69 14.77
N ASN A 125 -5.09 1.67 15.65
CA ASN A 125 -6.42 2.16 16.01
C ASN A 125 -7.32 1.02 16.46
N ALA A 126 -6.72 -0.01 17.05
CA ALA A 126 -7.45 -1.20 17.45
C ALA A 126 -8.12 -0.99 18.80
N SER A 127 -8.18 0.26 19.18
CA SER A 127 -8.86 0.69 20.39
C SER A 127 -9.41 2.08 20.16
N GLY A 128 -9.79 2.33 18.91
CA GLY A 128 -10.22 3.64 18.49
C GLY A 128 -11.48 4.09 19.19
N ASN A 129 -11.49 5.34 19.64
CA ASN A 129 -12.69 5.94 20.21
C ASN A 129 -13.48 6.61 19.10
N GLY A 130 -12.94 6.51 17.89
CA GLY A 130 -13.55 7.11 16.73
C GLY A 130 -12.63 7.03 15.53
N SER A 131 -12.13 5.84 15.25
CA SER A 131 -11.23 5.63 14.12
C SER A 131 -12.00 5.07 12.92
N GLY A 132 -12.08 5.86 11.86
CA GLY A 132 -12.75 5.42 10.65
C GLY A 132 -13.18 6.58 9.80
N GLY A 133 -14.17 7.33 10.28
CA GLY A 133 -14.62 8.52 9.60
C GLY A 133 -15.93 8.32 8.88
N GLY A 134 -15.89 7.60 7.77
CA GLY A 134 -17.06 7.46 6.95
C GLY A 134 -17.00 8.41 5.77
N LEU A 135 -17.22 7.90 4.59
CA LEU A 135 -17.14 8.70 3.39
C LEU A 135 -18.40 9.55 3.24
N ASN A 136 -19.36 9.08 2.45
CA ASN A 136 -20.70 9.73 2.27
C ASN A 136 -20.61 11.24 2.01
N ASP A 137 -19.48 11.69 1.53
CA ASP A 137 -19.26 13.10 1.24
C ASP A 137 -19.76 13.44 -0.13
N ILE A 138 -19.36 12.64 -1.10
CA ILE A 138 -19.75 12.88 -2.47
C ILE A 138 -21.20 12.43 -2.71
N PHE A 139 -21.76 11.76 -1.71
CA PHE A 139 -23.08 11.15 -1.84
C PHE A 139 -24.16 12.09 -1.34
N GLU A 140 -23.77 13.31 -1.02
CA GLU A 140 -24.71 14.32 -0.58
C GLU A 140 -25.34 15.01 -1.78
N ALA A 141 -26.51 15.63 -1.55
CA ALA A 141 -27.27 16.30 -2.61
C ALA A 141 -27.80 15.31 -3.62
N GLN A 142 -28.63 15.81 -4.51
CA GLN A 142 -29.19 15.04 -5.57
C GLN A 142 -28.17 14.92 -6.71
N LYS A 143 -27.10 14.19 -6.42
CA LYS A 143 -26.03 13.96 -7.36
C LYS A 143 -26.43 12.91 -8.37
N ILE A 144 -26.14 13.20 -9.64
CA ILE A 144 -26.29 12.23 -10.71
C ILE A 144 -25.49 11.00 -10.37
N GLU A 145 -26.07 9.84 -10.64
CA GLU A 145 -25.47 8.57 -10.28
C GLU A 145 -24.08 8.40 -10.89
N TRP A 146 -23.08 8.60 -10.06
CA TRP A 146 -21.68 8.48 -10.45
C TRP A 146 -21.40 7.09 -11.01
N HIS A 147 -21.76 6.07 -10.25
CA HIS A 147 -21.56 4.71 -10.72
C HIS A 147 -22.87 4.14 -11.23
N GLU A 148 -22.80 3.00 -11.90
CA GLU A 148 -23.99 2.35 -12.42
C GLU A 148 -24.66 1.51 -11.34
#